data_5Z2P
#
_entry.id   5Z2P
#
_cell.length_a   90.260
_cell.length_b   90.270
_cell.length_c   167.070
_cell.angle_alpha   83.430
_cell.angle_beta   76.140
_cell.angle_gamma   63.490
#
_symmetry.space_group_name_H-M   'P 1'
#
loop_
_entity.id
_entity.type
_entity.pdbx_description
1 polymer '2-succinyl-5-enolpyruvyl-6-hydroxy-3-cyclohexene-1-carboxylate synthase'
2 non-polymer '(4S)-4-{3-[(4-amino-2-methylpyrimidin-5-yl)methyl]-5-(2-{[(S)-hydroxy(phosphonooxy)phosphoryl]oxy}ethyl)-4-methyl-1,3lambda~5~-thiazol-2-yl}-4-hydroxybutanoic acid'
3 non-polymer 'MANGANESE (II) ION'
4 non-polymer 'FORMIC ACID'
5 non-polymer GLYCEROL
6 water water
#
_entity_poly.entity_id   1
_entity_poly.type   'polypeptide(L)'
_entity_poly.pdbx_seq_one_letter_code
;MSVSAFNRRWAAVILEALTRHGVRHICIAPGSRSTPLTLAAAENSAFIHHTHFDERGLGHLALGLAKVSKQPVAVIVTSG
TAVANLYPALIEAGLTGEKLILLTADRPPELIDCGANQAIRQPGMFASHPTHSISLPRPTQDIPARWLVSTIDHALGTLH
AGGVHINCPFAEPLYGEMDDTGLSWQQRLGDWWQDDKPWLREAPRLESEKQRDWFFWRQKRGVVVAGRMSAEEGKKVALW
AQTLGWPLIGDVLSQTGQPLPCADLWLGNAKATSELQQAQIVVQLGSSLTGKRLLQWQASCEPEEYWIVDDIEGRLDPAH
HRGRRLIANIADWLELHPAEKRQPWCVEIPRLAEQAMQAVIARRDAFGEAQLAHRICDYLPEQGQLFVGNSLVVRLIDAL
SQLPAGYPVYSNKGASGIDGLLSTAAGVQRASGKPTLAIVGDLSALYDLNALALLRQVSAPLVLIVVNNNGGQIFSLLPT
PQSERERFYLMPQNVHFEHAAAMFELKYHRPQNWQELETAFADAWRTPTTTVIEMVVNDTDGAQTLQQLLAQVSHL
;
_entity_poly.pdbx_strand_id   A,B,C,D,E,F,G,H
#
loop_
_chem_comp.id
_chem_comp.type
_chem_comp.name
_chem_comp.formula
FMT non-polymer 'FORMIC ACID' 'C H2 O2'
GOL non-polymer GLYCEROL 'C3 H8 O3'
MN non-polymer 'MANGANESE (II) ION' 'Mn 2'
TD6 non-polymer '(4S)-4-{3-[(4-amino-2-methylpyrimidin-5-yl)methyl]-5-(2-{[(S)-hydroxy(phosphonooxy)phosphoryl]oxy}ethyl)-4-methyl-1,3lambda~5~-thiazol-2-yl}-4-hydroxybutanoic acid' 'C16 H25 N4 O10 P2 S 1'
#
# COMPACT_ATOMS: atom_id res chain seq x y z
N MET A 1 -14.97 39.30 0.45
CA MET A 1 -15.27 38.19 1.35
C MET A 1 -16.43 37.30 0.88
N SER A 2 -16.08 36.20 0.21
CA SER A 2 -17.05 35.22 -0.30
C SER A 2 -17.27 34.12 0.76
N VAL A 3 -18.51 33.98 1.22
CA VAL A 3 -18.83 32.99 2.25
C VAL A 3 -18.55 31.57 1.75
N SER A 4 -18.87 31.31 0.49
CA SER A 4 -18.67 29.99 -0.11
C SER A 4 -17.19 29.59 -0.17
N ALA A 5 -16.33 30.51 -0.58
CA ALA A 5 -14.89 30.26 -0.63
C ALA A 5 -14.28 30.09 0.76
N PHE A 6 -14.69 30.91 1.72
CA PHE A 6 -14.12 30.74 3.05
C PHE A 6 -14.58 29.44 3.70
N ASN A 7 -15.80 29.00 3.44
CA ASN A 7 -16.31 27.74 3.95
C ASN A 7 -15.36 26.63 3.46
N ARG A 8 -14.94 26.77 2.21
CA ARG A 8 -13.99 25.87 1.56
C ARG A 8 -12.59 25.88 2.18
N ARG A 9 -12.07 27.07 2.49
CA ARG A 9 -10.78 27.14 3.10
C ARG A 9 -10.78 26.51 4.50
N TRP A 10 -11.83 26.81 5.27
CA TRP A 10 -12.04 26.23 6.59
C TRP A 10 -12.06 24.71 6.50
N ALA A 11 -12.87 24.19 5.55
CA ALA A 11 -12.93 22.73 5.41
C ALA A 11 -11.58 22.16 4.98
N ALA A 12 -10.86 22.84 4.08
CA ALA A 12 -9.59 22.27 3.64
C ALA A 12 -8.61 22.15 4.80
N VAL A 13 -8.68 23.07 5.76
CA VAL A 13 -7.86 22.90 6.96
C VAL A 13 -8.26 21.63 7.72
N ILE A 14 -9.56 21.42 7.93
CA ILE A 14 -9.98 20.21 8.65
C ILE A 14 -9.43 18.96 7.95
N LEU A 15 -9.72 18.82 6.65
CA LEU A 15 -9.37 17.59 5.95
C LEU A 15 -7.85 17.39 5.89
N GLU A 16 -7.10 18.44 5.52
CA GLU A 16 -5.65 18.31 5.47
C GLU A 16 -5.11 17.91 6.83
N ALA A 17 -5.69 18.46 7.91
CA ALA A 17 -5.27 18.08 9.25
C ALA A 17 -5.48 16.59 9.49
N LEU A 18 -6.57 16.03 8.95
CA LEU A 18 -6.80 14.59 9.11
C LEU A 18 -5.70 13.78 8.45
N THR A 19 -5.19 14.25 7.28
CA THR A 19 -4.13 13.47 6.61
C THR A 19 -2.87 13.29 7.47
N ARG A 20 -2.62 14.17 8.46
CA ARG A 20 -1.42 14.07 9.28
C ARG A 20 -1.52 13.02 10.39
N HIS A 21 -2.70 12.39 10.53
CA HIS A 21 -2.90 11.38 11.56
C HIS A 21 -3.11 9.96 11.01
N GLY A 22 -2.88 9.76 9.72
CA GLY A 22 -3.09 8.46 9.13
C GLY A 22 -4.43 8.24 8.43
N VAL A 23 -5.28 9.25 8.31
CA VAL A 23 -6.53 9.06 7.58
C VAL A 23 -6.21 8.94 6.09
N ARG A 24 -6.44 7.77 5.50
CA ARG A 24 -6.35 7.57 4.04
C ARG A 24 -7.70 7.31 3.39
N HIS A 25 -8.61 6.58 4.05
CA HIS A 25 -9.94 6.31 3.49
C HIS A 25 -10.95 7.32 4.00
N ILE A 26 -11.77 7.82 3.09
CA ILE A 26 -12.86 8.70 3.47
C ILE A 26 -14.12 8.24 2.77
N CYS A 27 -15.19 8.06 3.54
CA CYS A 27 -16.46 7.56 3.04
C CYS A 27 -17.45 8.70 3.01
N ILE A 28 -18.08 8.92 1.85
CA ILE A 28 -18.85 10.13 1.58
C ILE A 28 -20.26 9.75 1.15
N ALA A 29 -21.24 10.34 1.79
CA ALA A 29 -22.62 10.21 1.35
C ALA A 29 -23.04 11.54 0.73
N PRO A 30 -23.98 11.50 -0.21
CA PRO A 30 -24.39 12.71 -0.95
C PRO A 30 -25.13 13.76 -0.12
N GLY A 31 -24.87 15.05 -0.40
CA GLY A 31 -25.59 16.08 0.33
C GLY A 31 -25.22 17.44 -0.18
N SER A 32 -25.98 18.44 0.24
CA SER A 32 -25.75 19.84 -0.13
C SER A 32 -24.99 20.65 0.94
N ARG A 33 -25.40 20.52 2.19
CA ARG A 33 -24.76 21.22 3.31
C ARG A 33 -23.32 20.78 3.54
N SER A 34 -22.97 19.54 3.13
CA SER A 34 -21.64 19.00 3.31
C SER A 34 -20.67 19.40 2.20
N THR A 35 -21.14 20.17 1.20
CA THR A 35 -20.30 20.59 0.07
C THR A 35 -18.91 21.05 0.47
N PRO A 36 -18.72 21.92 1.46
CA PRO A 36 -17.35 22.33 1.80
C PRO A 36 -16.44 21.18 2.18
N LEU A 37 -16.94 20.24 2.99
CA LEU A 37 -16.17 19.06 3.37
C LEU A 37 -15.92 18.17 2.16
N THR A 38 -16.96 17.89 1.38
CA THR A 38 -16.83 16.95 0.29
C THR A 38 -15.88 17.47 -0.79
N LEU A 39 -15.98 18.76 -1.12
CA LEU A 39 -15.05 19.33 -2.09
C LEU A 39 -13.62 19.40 -1.54
N ALA A 40 -13.47 19.78 -0.26
CA ALA A 40 -12.14 19.72 0.31
C ALA A 40 -11.57 18.31 0.19
N ALA A 41 -12.39 17.29 0.44
CA ALA A 41 -11.90 15.91 0.40
C ALA A 41 -11.61 15.47 -1.02
N ALA A 42 -12.49 15.82 -1.97
CA ALA A 42 -12.31 15.42 -3.36
C ALA A 42 -11.05 16.03 -3.96
N GLU A 43 -10.72 17.26 -3.58
CA GLU A 43 -9.51 17.87 -4.14
C GLU A 43 -8.22 17.42 -3.47
N ASN A 44 -8.30 16.68 -2.36
CA ASN A 44 -7.12 16.28 -1.61
C ASN A 44 -6.62 14.92 -2.11
N SER A 45 -5.43 14.90 -2.70
CA SER A 45 -4.86 13.70 -3.29
C SER A 45 -4.45 12.66 -2.26
N ALA A 46 -4.49 12.98 -0.97
CA ALA A 46 -4.13 11.97 0.02
C ALA A 46 -5.21 10.90 0.23
N PHE A 47 -6.45 11.09 -0.23
CA PHE A 47 -7.53 10.23 0.21
C PHE A 47 -7.87 9.18 -0.85
N ILE A 48 -8.31 8.02 -0.38
CA ILE A 48 -9.09 7.10 -1.16
C ILE A 48 -10.54 7.33 -0.79
N HIS A 49 -11.40 7.59 -1.78
CA HIS A 49 -12.79 7.94 -1.55
C HIS A 49 -13.70 6.75 -1.82
N HIS A 50 -14.62 6.50 -0.91
CA HIS A 50 -15.68 5.52 -1.09
C HIS A 50 -17.01 6.26 -1.00
N THR A 51 -17.99 5.81 -1.77
CA THR A 51 -19.31 6.46 -1.75
C THR A 51 -20.48 5.49 -1.62
N HIS A 52 -21.47 5.88 -0.83
CA HIS A 52 -22.66 5.08 -0.63
C HIS A 52 -23.82 6.04 -0.37
N PHE A 53 -25.03 5.59 -0.70
CA PHE A 53 -26.21 6.40 -0.52
C PHE A 53 -26.90 6.18 0.83
N ASP A 54 -26.56 5.12 1.56
CA ASP A 54 -27.23 4.82 2.82
C ASP A 54 -26.22 5.07 3.93
N GLU A 55 -26.50 6.07 4.78
CA GLU A 55 -25.49 6.50 5.72
C GLU A 55 -25.24 5.47 6.81
N ARG A 56 -26.24 4.63 7.12
CA ARG A 56 -25.99 3.54 8.07
C ARG A 56 -25.00 2.54 7.48
N GLY A 57 -25.24 2.09 6.25
CA GLY A 57 -24.25 1.26 5.56
C GLY A 57 -22.93 1.99 5.37
N LEU A 58 -22.99 3.31 5.18
CA LEU A 58 -21.79 4.12 4.98
C LEU A 58 -20.92 4.06 6.24
N GLY A 59 -21.55 4.19 7.40
CA GLY A 59 -20.86 4.04 8.67
C GLY A 59 -20.30 2.64 8.85
N HIS A 60 -21.02 1.61 8.42
CA HIS A 60 -20.46 0.27 8.59
C HIS A 60 -19.32 -0.01 7.61
N LEU A 61 -19.39 0.54 6.39
CA LEU A 61 -18.29 0.43 5.44
C LEU A 61 -17.03 1.05 6.02
N ALA A 62 -17.17 2.25 6.62
CA ALA A 62 -16.03 2.90 7.29
C ALA A 62 -15.51 2.02 8.42
N LEU A 63 -16.41 1.42 9.18
CA LEU A 63 -16.01 0.51 10.26
C LEU A 63 -15.19 -0.68 9.73
N GLY A 64 -15.62 -1.27 8.60
CA GLY A 64 -14.85 -2.40 8.07
C GLY A 64 -13.47 -1.99 7.60
N LEU A 65 -13.37 -0.82 6.93
CA LEU A 65 -12.07 -0.27 6.55
C LEU A 65 -11.15 -0.07 7.77
N ALA A 66 -11.68 0.56 8.82
CA ALA A 66 -10.89 0.84 10.02
C ALA A 66 -10.49 -0.46 10.73
N LYS A 67 -11.43 -1.42 10.80
CA LYS A 67 -11.23 -2.71 11.44
C LYS A 67 -10.07 -3.48 10.80
N VAL A 68 -10.08 -3.52 9.47
CA VAL A 68 -9.03 -4.13 8.64
C VAL A 68 -7.67 -3.39 8.52
N SER A 69 -7.71 -2.06 8.40
CA SER A 69 -6.50 -1.26 8.17
C SER A 69 -5.87 -0.73 9.45
N LYS A 70 -6.63 -0.64 10.54
CA LYS A 70 -6.12 -0.17 11.82
C LYS A 70 -5.74 1.31 11.78
N GLN A 71 -6.20 2.04 10.75
CA GLN A 71 -6.06 3.48 10.62
C GLN A 71 -7.33 4.18 11.09
N PRO A 72 -7.29 5.47 11.38
CA PRO A 72 -8.54 6.24 11.47
C PRO A 72 -9.13 6.40 10.08
N VAL A 73 -10.46 6.29 9.98
CA VAL A 73 -11.17 6.41 8.72
C VAL A 73 -12.16 7.53 8.86
N ALA A 74 -12.21 8.43 7.88
CA ALA A 74 -13.11 9.57 7.99
C ALA A 74 -14.41 9.32 7.25
N VAL A 75 -15.46 9.95 7.76
CA VAL A 75 -16.78 9.88 7.16
C VAL A 75 -17.37 11.29 7.02
N ILE A 76 -17.89 11.61 5.84
CA ILE A 76 -18.52 12.89 5.60
C ILE A 76 -19.99 12.61 5.37
N VAL A 77 -20.85 13.32 6.08
CA VAL A 77 -22.29 13.17 5.96
C VAL A 77 -22.91 14.57 6.00
N THR A 78 -24.06 14.74 5.33
CA THR A 78 -24.77 16.00 5.33
C THR A 78 -25.59 16.11 6.61
N SER A 79 -26.25 17.25 6.83
CA SER A 79 -26.97 17.47 8.09
C SER A 79 -28.29 16.70 8.13
N GLY A 80 -28.82 16.53 9.34
CA GLY A 80 -30.14 15.90 9.45
C GLY A 80 -30.08 14.43 9.82
N THR A 81 -31.10 13.63 9.42
CA THR A 81 -31.13 12.22 9.80
C THR A 81 -29.99 11.41 9.20
N ALA A 82 -29.33 11.90 8.16
CA ALA A 82 -28.10 11.27 7.70
C ALA A 82 -27.11 11.15 8.84
N VAL A 83 -26.99 12.20 9.67
CA VAL A 83 -26.11 12.10 10.83
C VAL A 83 -26.58 10.98 11.77
N ALA A 84 -27.89 10.89 11.97
CA ALA A 84 -28.44 9.91 12.89
C ALA A 84 -28.10 8.49 12.47
N ASN A 85 -28.12 8.26 11.17
CA ASN A 85 -27.85 6.93 10.64
C ASN A 85 -26.44 6.43 10.94
N LEU A 86 -25.52 7.33 11.36
CA LEU A 86 -24.18 6.92 11.74
C LEU A 86 -24.09 6.26 13.11
N TYR A 87 -25.18 6.30 13.91
CA TYR A 87 -25.15 5.85 15.27
C TYR A 87 -24.75 4.41 15.48
N PRO A 88 -25.30 3.47 14.73
CA PRO A 88 -24.91 2.07 14.96
C PRO A 88 -23.42 1.78 14.80
N ALA A 89 -22.82 2.20 13.69
CA ALA A 89 -21.38 1.96 13.51
C ALA A 89 -20.54 2.70 14.57
N LEU A 90 -20.99 3.89 14.99
CA LEU A 90 -20.29 4.63 16.03
C LEU A 90 -20.32 3.87 17.36
N ILE A 91 -21.46 3.25 17.66
CA ILE A 91 -21.65 2.47 18.87
C ILE A 91 -20.71 1.29 18.92
N GLU A 92 -20.71 0.54 17.82
CA GLU A 92 -19.82 -0.60 17.64
C GLU A 92 -18.36 -0.16 17.66
N ALA A 93 -18.03 0.97 17.02
CA ALA A 93 -16.65 1.43 17.07
C ALA A 93 -16.23 1.76 18.49
N GLY A 94 -17.13 2.35 19.27
CA GLY A 94 -16.80 2.62 20.65
C GLY A 94 -16.58 1.38 21.47
N LEU A 95 -17.19 0.24 21.08
CA LEU A 95 -17.01 -0.98 21.85
C LEU A 95 -15.75 -1.76 21.45
N THR A 96 -15.40 -1.78 20.17
CA THR A 96 -14.27 -2.58 19.72
C THR A 96 -13.04 -1.76 19.34
N GLY A 97 -13.12 -0.44 19.29
CA GLY A 97 -11.93 0.38 19.18
C GLY A 97 -11.64 1.02 17.84
N GLU A 98 -12.35 0.69 16.75
CA GLU A 98 -12.10 1.33 15.46
C GLU A 98 -12.17 2.85 15.58
N LYS A 99 -11.27 3.54 14.89
CA LYS A 99 -11.20 5.00 14.91
C LYS A 99 -11.99 5.56 13.73
N LEU A 100 -13.23 5.94 13.97
CA LEU A 100 -14.07 6.57 12.97
C LEU A 100 -14.12 8.06 13.24
N ILE A 101 -13.78 8.86 12.24
CA ILE A 101 -13.84 10.31 12.37
C ILE A 101 -15.08 10.79 11.63
N LEU A 102 -16.10 11.19 12.38
CA LEU A 102 -17.38 11.57 11.79
C LEU A 102 -17.40 13.08 11.58
N LEU A 103 -17.30 13.49 10.32
CA LEU A 103 -17.47 14.87 9.88
C LEU A 103 -18.93 15.05 9.44
N THR A 104 -19.74 15.64 10.31
CA THR A 104 -21.18 15.80 10.10
C THR A 104 -21.44 17.28 9.78
N ALA A 105 -21.79 17.58 8.54
CA ALA A 105 -22.09 18.96 8.20
C ALA A 105 -23.34 19.42 8.95
N ASP A 106 -23.41 20.71 9.26
CA ASP A 106 -24.53 21.26 10.01
C ASP A 106 -24.94 22.60 9.45
N ARG A 107 -26.22 22.93 9.68
CA ARG A 107 -26.70 24.29 9.51
C ARG A 107 -25.98 25.22 10.50
N PRO A 108 -25.89 26.51 10.20
CA PRO A 108 -25.31 27.46 11.16
C PRO A 108 -26.25 27.65 12.33
N PRO A 109 -25.77 28.23 13.45
CA PRO A 109 -26.63 28.32 14.64
C PRO A 109 -27.88 29.15 14.42
N GLU A 110 -27.85 30.13 13.50
CA GLU A 110 -29.04 30.97 13.23
C GLU A 110 -30.17 30.20 12.58
N LEU A 111 -29.97 28.93 12.19
CA LEU A 111 -31.00 28.14 11.53
C LEU A 111 -31.39 26.89 12.31
N ILE A 112 -31.00 26.79 13.58
CA ILE A 112 -31.42 25.68 14.45
C ILE A 112 -32.63 26.13 15.26
N ASP A 113 -33.57 25.20 15.50
CA ASP A 113 -34.77 25.41 16.32
C ASP A 113 -35.64 26.56 15.80
N CYS A 114 -35.77 26.67 14.48
CA CYS A 114 -36.66 27.70 13.93
C CYS A 114 -37.41 27.21 12.69
N GLY A 115 -37.59 25.91 12.53
CA GLY A 115 -38.37 25.37 11.43
C GLY A 115 -37.70 25.34 10.07
N ALA A 116 -36.40 25.59 10.00
CA ALA A 116 -35.68 25.49 8.73
C ALA A 116 -35.62 24.04 8.25
N ASN A 117 -35.50 23.87 6.96
CA ASN A 117 -35.41 22.54 6.38
C ASN A 117 -34.16 21.76 6.76
N GLN A 118 -34.31 20.49 7.06
CA GLN A 118 -33.19 19.60 7.30
C GLN A 118 -32.19 20.18 8.36
N ALA A 119 -32.72 20.85 9.34
CA ALA A 119 -31.93 21.40 10.43
C ALA A 119 -32.38 20.77 11.73
N ILE A 120 -31.45 20.11 12.44
CA ILE A 120 -31.74 19.48 13.72
C ILE A 120 -30.62 19.84 14.69
N ARG A 121 -30.84 19.50 15.97
CA ARG A 121 -29.85 19.71 17.01
C ARG A 121 -28.83 18.56 16.99
N GLN A 122 -27.62 18.85 16.53
CA GLN A 122 -26.58 17.85 16.27
C GLN A 122 -25.47 17.81 17.33
N PRO A 123 -25.00 18.92 17.91
CA PRO A 123 -24.00 18.77 18.97
C PRO A 123 -24.53 17.88 20.07
N GLY A 124 -23.70 16.94 20.53
CA GLY A 124 -24.11 16.02 21.59
C GLY A 124 -25.09 14.93 21.19
N MET A 125 -25.45 14.83 19.91
CA MET A 125 -26.53 13.92 19.59
C MET A 125 -26.14 12.45 19.75
N PHE A 126 -24.86 12.12 19.82
CA PHE A 126 -24.47 10.73 20.05
C PHE A 126 -24.16 10.44 21.52
N ALA A 127 -24.54 11.33 22.42
CA ALA A 127 -24.41 11.13 23.87
C ALA A 127 -22.96 10.75 24.17
N SER A 128 -22.70 9.70 24.96
CA SER A 128 -21.35 9.40 25.42
C SER A 128 -20.62 8.36 24.57
N HIS A 129 -21.16 8.02 23.42
CA HIS A 129 -20.58 6.97 22.59
C HIS A 129 -19.34 7.41 21.80
N PRO A 130 -19.23 8.66 21.31
CA PRO A 130 -17.93 9.11 20.77
C PRO A 130 -16.90 9.18 21.89
N THR A 131 -15.66 8.82 21.56
CA THR A 131 -14.55 9.07 22.47
C THR A 131 -14.32 10.55 22.70
N HIS A 132 -14.34 11.35 21.63
CA HIS A 132 -14.24 12.80 21.71
C HIS A 132 -15.35 13.39 20.86
N SER A 133 -15.87 14.53 21.30
CA SER A 133 -16.87 15.30 20.57
C SER A 133 -16.37 16.73 20.41
N ILE A 134 -16.38 17.20 19.17
CA ILE A 134 -15.99 18.58 18.84
C ILE A 134 -17.20 19.24 18.18
N SER A 135 -17.67 20.35 18.75
CA SER A 135 -18.68 21.18 18.11
C SER A 135 -17.98 22.41 17.55
N LEU A 136 -17.69 22.39 16.25
CA LEU A 136 -17.00 23.53 15.67
C LEU A 136 -17.93 24.75 15.66
N PRO A 137 -17.41 25.94 15.85
CA PRO A 137 -18.24 27.15 15.77
C PRO A 137 -18.51 27.57 14.33
N ARG A 138 -19.38 28.54 14.20
CA ARG A 138 -19.68 29.10 12.90
C ARG A 138 -18.38 29.60 12.26
N PRO A 139 -18.06 29.18 11.03
CA PRO A 139 -16.77 29.55 10.43
C PRO A 139 -16.62 31.07 10.36
N THR A 140 -15.44 31.54 10.74
CA THR A 140 -15.14 32.96 10.64
C THR A 140 -13.63 33.16 10.64
N GLN A 141 -13.18 34.16 9.88
CA GLN A 141 -11.78 34.50 9.85
C GLN A 141 -11.29 35.12 11.17
N ASP A 142 -12.19 35.55 12.09
CA ASP A 142 -11.80 36.06 13.42
C ASP A 142 -11.27 34.99 14.35
N ILE A 143 -11.46 33.72 14.00
CA ILE A 143 -10.84 32.59 14.68
C ILE A 143 -9.69 32.10 13.81
N PRO A 144 -8.46 32.06 14.32
CA PRO A 144 -7.33 31.74 13.44
C PRO A 144 -7.29 30.27 13.08
N ALA A 145 -6.73 30.01 11.89
CA ALA A 145 -6.61 28.64 11.39
C ALA A 145 -5.85 27.74 12.38
N ARG A 146 -4.91 28.30 13.13
CA ARG A 146 -4.13 27.51 14.07
C ARG A 146 -5.00 26.96 15.20
N TRP A 147 -6.07 27.66 15.56
CA TRP A 147 -7.01 27.08 16.52
C TRP A 147 -7.69 25.85 15.95
N LEU A 148 -8.16 25.93 14.70
CA LEU A 148 -8.91 24.83 14.11
C LEU A 148 -8.02 23.59 13.98
N VAL A 149 -6.82 23.76 13.42
CA VAL A 149 -5.92 22.62 13.28
C VAL A 149 -5.53 22.09 14.66
N SER A 150 -5.34 22.98 15.66
CA SER A 150 -5.00 22.49 16.98
C SER A 150 -6.13 21.67 17.60
N THR A 151 -7.38 22.10 17.39
CA THR A 151 -8.53 21.37 17.92
C THR A 151 -8.63 19.96 17.30
N ILE A 152 -8.45 19.87 16.01
CA ILE A 152 -8.46 18.62 15.33
C ILE A 152 -7.30 17.73 15.78
N ASP A 153 -6.15 18.36 15.94
CA ASP A 153 -4.92 17.64 16.33
C ASP A 153 -5.02 17.10 17.75
N HIS A 154 -5.63 17.85 18.67
CA HIS A 154 -5.87 17.32 20.00
C HIS A 154 -6.79 16.12 19.93
N ALA A 155 -7.87 16.22 19.13
CA ALA A 155 -8.84 15.13 19.07
C ALA A 155 -8.23 13.85 18.52
N LEU A 156 -7.48 13.95 17.41
CA LEU A 156 -6.91 12.75 16.82
C LEU A 156 -5.67 12.27 17.56
N GLY A 157 -4.87 13.20 18.08
CA GLY A 157 -3.64 12.80 18.73
C GLY A 157 -3.87 11.99 19.99
N THR A 158 -4.87 12.35 20.80
CA THR A 158 -5.16 11.71 22.08
C THR A 158 -6.13 10.55 21.98
N LEU A 159 -6.51 10.17 20.76
CA LEU A 159 -7.50 9.12 20.56
C LEU A 159 -6.83 7.76 20.72
N HIS A 160 -7.11 7.07 21.82
CA HIS A 160 -6.65 5.71 21.96
C HIS A 160 -7.50 4.75 21.14
N ALA A 161 -8.79 5.03 21.00
CA ALA A 161 -9.74 4.10 20.37
C ALA A 161 -11.14 4.69 20.23
N GLY A 162 -11.93 4.22 19.28
CA GLY A 162 -13.29 4.69 19.18
C GLY A 162 -13.43 5.88 18.28
N GLY A 163 -14.66 6.40 18.23
CA GLY A 163 -15.02 7.41 17.28
C GLY A 163 -14.88 8.84 17.78
N VAL A 164 -14.81 9.76 16.81
CA VAL A 164 -14.78 11.19 17.07
C VAL A 164 -15.94 11.82 16.33
N HIS A 165 -16.75 12.59 17.03
CA HIS A 165 -17.80 13.34 16.39
C HIS A 165 -17.29 14.76 16.16
N ILE A 166 -17.19 15.18 14.89
CA ILE A 166 -16.81 16.56 14.53
C ILE A 166 -17.99 17.22 13.80
N ASN A 167 -18.76 18.02 14.54
CA ASN A 167 -19.90 18.70 13.95
C ASN A 167 -19.40 19.98 13.28
N CYS A 168 -19.70 20.16 11.98
CA CYS A 168 -19.16 21.23 11.16
C CYS A 168 -20.28 22.12 10.58
N PRO A 169 -20.66 23.19 11.26
CA PRO A 169 -21.65 24.10 10.64
C PRO A 169 -21.06 24.94 9.50
N PHE A 170 -21.90 25.17 8.48
CA PHE A 170 -21.57 26.05 7.36
C PHE A 170 -22.79 26.89 6.99
N ALA A 171 -22.60 28.19 6.79
CA ALA A 171 -23.68 29.02 6.29
C ALA A 171 -23.64 29.07 4.76
N GLU A 172 -24.80 29.30 4.16
CA GLU A 172 -24.88 29.54 2.73
C GLU A 172 -24.41 30.95 2.46
N PRO A 173 -24.01 31.23 1.21
CA PRO A 173 -23.99 30.34 0.04
C PRO A 173 -22.94 29.22 0.11
N LEU A 174 -23.28 28.05 -0.42
CA LEU A 174 -22.34 26.93 -0.43
C LEU A 174 -21.64 26.75 -1.76
N TYR A 175 -22.21 27.27 -2.84
CA TYR A 175 -21.69 27.11 -4.18
C TYR A 175 -21.18 28.46 -4.69
N GLY A 176 -20.34 28.42 -5.70
CA GLY A 176 -19.72 29.63 -6.21
C GLY A 176 -18.26 29.39 -6.49
N GLU A 177 -17.69 30.21 -7.36
CA GLU A 177 -16.29 30.05 -7.70
C GLU A 177 -15.40 30.40 -6.52
N MET A 178 -14.26 29.72 -6.44
CA MET A 178 -13.23 30.03 -5.45
C MET A 178 -12.57 31.36 -5.81
N ASP A 179 -12.64 32.32 -4.90
CA ASP A 179 -11.75 33.48 -4.98
C ASP A 179 -10.71 33.36 -3.87
N ASP A 180 -9.94 34.43 -3.67
CA ASP A 180 -8.87 34.42 -2.69
C ASP A 180 -9.37 34.54 -1.24
N THR A 181 -10.68 34.63 -1.00
CA THR A 181 -11.18 34.78 0.36
C THR A 181 -10.65 33.64 1.24
N GLY A 182 -10.04 34.01 2.36
CA GLY A 182 -9.49 33.03 3.28
C GLY A 182 -8.09 32.56 2.97
N LEU A 183 -7.48 33.02 1.87
CA LEU A 183 -6.15 32.53 1.49
C LEU A 183 -5.06 32.97 2.49
N SER A 184 -4.99 34.26 2.81
CA SER A 184 -4.00 34.69 3.79
C SER A 184 -4.29 34.08 5.16
N TRP A 185 -5.57 33.90 5.50
CA TRP A 185 -5.95 33.20 6.72
C TRP A 185 -5.35 31.80 6.76
N GLN A 186 -5.48 31.07 5.66
CA GLN A 186 -4.81 29.78 5.55
C GLN A 186 -3.30 29.90 5.64
N GLN A 187 -2.72 30.91 4.96
CA GLN A 187 -1.26 31.01 4.86
C GLN A 187 -0.61 31.34 6.19
N ARG A 188 -1.38 31.81 7.18
CA ARG A 188 -0.87 31.92 8.54
C ARG A 188 -0.32 30.59 9.08
N LEU A 189 -0.62 29.46 8.46
CA LEU A 189 -0.04 28.21 8.93
C LEU A 189 1.31 27.95 8.29
N GLY A 190 1.78 28.83 7.40
CA GLY A 190 3.15 28.75 6.92
C GLY A 190 3.42 27.46 6.18
N ASP A 191 4.63 26.88 6.43
CA ASP A 191 4.97 25.69 5.67
C ASP A 191 4.38 24.41 6.27
N TRP A 192 3.52 24.52 7.28
CA TRP A 192 2.75 23.36 7.70
C TRP A 192 2.00 22.73 6.52
N TRP A 193 1.62 23.55 5.51
CA TRP A 193 0.93 23.04 4.34
C TRP A 193 1.79 22.04 3.57
N GLN A 194 3.12 22.18 3.63
CA GLN A 194 4.03 21.25 2.96
C GLN A 194 4.62 20.19 3.89
N ASP A 195 4.20 20.12 5.15
CA ASP A 195 4.76 19.20 6.13
C ASP A 195 3.96 17.87 6.14
N ASP A 196 4.47 16.89 6.88
CA ASP A 196 3.76 15.63 7.06
C ASP A 196 3.35 15.39 8.51
N LYS A 197 3.46 16.37 9.37
CA LYS A 197 3.26 16.17 10.79
C LYS A 197 2.09 17.03 11.28
N PRO A 198 1.46 16.65 12.39
CA PRO A 198 0.44 17.53 13.00
C PRO A 198 1.01 18.91 13.29
N TRP A 199 0.13 19.91 13.27
CA TRP A 199 0.48 21.24 13.78
C TRP A 199 0.84 21.16 15.26
N LEU A 200 -0.02 20.55 16.05
CA LEU A 200 0.25 20.32 17.47
C LEU A 200 0.35 18.81 17.69
N ARG A 201 1.45 18.33 18.18
CA ARG A 201 1.61 16.94 18.50
C ARG A 201 1.34 16.72 20.00
N GLU A 202 0.30 15.96 20.23
CA GLU A 202 -0.15 15.58 21.54
C GLU A 202 -0.51 14.11 21.34
N ALA A 203 0.39 13.21 21.71
CA ALA A 203 0.23 11.79 21.44
C ALA A 203 0.63 10.98 22.67
N PRO A 204 -0.09 11.13 23.77
CA PRO A 204 0.23 10.30 24.94
C PRO A 204 -0.26 8.88 24.71
N ARG A 205 0.53 7.93 25.19
CA ARG A 205 0.25 6.50 25.11
C ARG A 205 -0.38 6.08 26.43
N LEU A 206 -1.37 5.19 26.35
CA LEU A 206 -2.10 4.65 27.49
C LEU A 206 -1.77 3.17 27.58
N GLU A 207 -1.09 2.77 28.67
CA GLU A 207 -0.51 1.43 28.80
C GLU A 207 -0.46 1.06 30.27
N SER A 208 -1.00 -0.10 30.63
CA SER A 208 -0.72 -0.61 31.96
C SER A 208 0.77 -0.95 32.07
N GLU A 209 1.29 -0.92 33.32
CA GLU A 209 2.68 -1.27 33.55
C GLU A 209 2.84 -2.78 33.51
N LYS A 210 4.10 -3.17 33.25
CA LYS A 210 4.53 -4.55 33.45
C LYS A 210 4.10 -5.08 34.81
N GLN A 211 3.53 -6.30 34.84
CA GLN A 211 3.16 -6.94 36.11
C GLN A 211 4.40 -7.62 36.70
N ARG A 212 4.92 -7.08 37.81
CA ARG A 212 6.21 -7.52 38.35
C ARG A 212 6.16 -8.85 39.07
N ASP A 213 4.99 -9.37 39.42
CA ASP A 213 4.89 -10.69 40.04
C ASP A 213 4.46 -11.77 39.03
N TRP A 214 4.55 -11.46 37.74
CA TRP A 214 4.17 -12.43 36.72
C TRP A 214 4.98 -13.70 36.86
N PHE A 215 6.25 -13.58 37.20
CA PHE A 215 7.11 -14.74 37.30
C PHE A 215 6.70 -15.66 38.45
N PHE A 216 6.03 -15.11 39.47
CA PHE A 216 5.42 -15.95 40.49
C PHE A 216 4.17 -16.62 39.93
N TRP A 217 3.29 -15.83 39.30
CA TRP A 217 1.99 -16.36 38.88
C TRP A 217 2.10 -17.35 37.71
N ARG A 218 3.12 -17.22 36.88
CA ARG A 218 3.19 -18.13 35.74
C ARG A 218 3.58 -19.54 36.17
N GLN A 219 3.99 -19.77 37.42
CA GLN A 219 4.29 -21.12 37.89
C GLN A 219 3.07 -21.86 38.40
N LYS A 220 1.93 -21.16 38.52
CA LYS A 220 0.67 -21.71 39.02
C LYS A 220 -0.06 -22.53 37.94
N ARG A 221 -1.16 -23.16 38.35
CA ARG A 221 -2.09 -23.83 37.42
C ARG A 221 -3.03 -22.78 36.81
N GLY A 222 -2.72 -22.34 35.59
CA GLY A 222 -3.48 -21.31 34.91
C GLY A 222 -4.27 -21.80 33.71
N VAL A 223 -5.17 -20.94 33.25
CA VAL A 223 -5.91 -21.16 32.01
C VAL A 223 -5.73 -19.94 31.14
N VAL A 224 -5.54 -20.14 29.83
CA VAL A 224 -5.50 -19.04 28.89
C VAL A 224 -6.82 -19.02 28.14
N VAL A 225 -7.52 -17.88 28.19
CA VAL A 225 -8.72 -17.67 27.41
C VAL A 225 -8.42 -16.65 26.34
N ALA A 226 -8.61 -17.03 25.09
CA ALA A 226 -8.22 -16.20 23.95
C ALA A 226 -9.47 -15.69 23.27
N GLY A 227 -9.70 -14.38 23.34
CA GLY A 227 -10.82 -13.72 22.68
C GLY A 227 -10.42 -13.11 21.34
N ARG A 228 -11.13 -12.04 20.98
CA ARG A 228 -10.83 -11.39 19.73
C ARG A 228 -9.46 -10.75 19.80
N MET A 229 -8.67 -10.97 18.75
CA MET A 229 -7.34 -10.40 18.64
C MET A 229 -6.92 -10.51 17.17
N SER A 230 -5.77 -9.94 16.84
CA SER A 230 -5.26 -10.03 15.47
C SER A 230 -4.75 -11.43 15.20
N ALA A 231 -4.61 -11.73 13.90
CA ALA A 231 -4.18 -13.07 13.48
C ALA A 231 -2.81 -13.41 14.04
N GLU A 232 -1.87 -12.45 13.94
CA GLU A 232 -0.51 -12.67 14.41
C GLU A 232 -0.48 -12.87 15.93
N GLU A 233 -1.31 -12.09 16.64
CA GLU A 233 -1.48 -12.29 18.07
C GLU A 233 -2.04 -13.67 18.37
N GLY A 234 -2.97 -14.17 17.54
CA GLY A 234 -3.48 -15.52 17.73
C GLY A 234 -2.37 -16.55 17.73
N LYS A 235 -1.46 -16.46 16.75
CA LYS A 235 -0.32 -17.37 16.73
C LYS A 235 0.57 -17.21 17.97
N LYS A 236 0.87 -15.98 18.36
CA LYS A 236 1.75 -15.80 19.51
C LYS A 236 1.13 -16.33 20.79
N VAL A 237 -0.18 -16.12 20.96
CA VAL A 237 -0.88 -16.65 22.14
C VAL A 237 -0.89 -18.17 22.14
N ALA A 238 -1.07 -18.80 20.97
CA ALA A 238 -0.99 -20.26 20.93
C ALA A 238 0.37 -20.76 21.41
N LEU A 239 1.46 -20.21 20.85
CA LEU A 239 2.77 -20.72 21.24
C LEU A 239 3.03 -20.45 22.72
N TRP A 240 2.58 -19.29 23.21
CA TRP A 240 2.78 -18.87 24.60
C TRP A 240 2.06 -19.83 25.57
N ALA A 241 0.77 -20.10 25.31
CA ALA A 241 0.03 -20.99 26.19
C ALA A 241 0.63 -22.40 26.16
N GLN A 242 1.04 -22.86 24.97
CA GLN A 242 1.70 -24.17 24.90
C GLN A 242 2.96 -24.21 25.76
N THR A 243 3.80 -23.18 25.68
CA THR A 243 5.00 -23.16 26.49
C THR A 243 4.66 -23.18 27.98
N LEU A 244 3.63 -22.42 28.39
CA LEU A 244 3.21 -22.42 29.80
C LEU A 244 2.72 -23.79 30.30
N GLY A 245 2.30 -24.67 29.40
CA GLY A 245 1.65 -25.88 29.84
C GLY A 245 0.23 -25.65 30.31
N TRP A 246 -0.39 -24.57 29.89
CA TRP A 246 -1.74 -24.27 30.34
C TRP A 246 -2.74 -24.57 29.24
N PRO A 247 -3.92 -25.08 29.55
CA PRO A 247 -4.94 -25.26 28.50
C PRO A 247 -5.32 -23.90 27.94
N LEU A 248 -5.49 -23.85 26.61
CA LEU A 248 -5.85 -22.66 25.86
C LEU A 248 -7.28 -22.87 25.37
N ILE A 249 -8.21 -22.08 25.88
CA ILE A 249 -9.59 -22.06 25.37
C ILE A 249 -9.66 -20.95 24.32
N GLY A 250 -9.80 -21.33 23.05
CA GLY A 250 -9.68 -20.41 21.94
C GLY A 250 -11.01 -20.09 21.29
N ASP A 251 -11.29 -18.81 21.17
CA ASP A 251 -12.53 -18.36 20.56
C ASP A 251 -12.42 -18.41 19.03
N VAL A 252 -13.57 -18.43 18.37
CA VAL A 252 -13.59 -18.38 16.90
C VAL A 252 -12.83 -17.16 16.41
N LEU A 253 -12.81 -16.12 17.21
CA LEU A 253 -12.18 -14.88 16.87
C LEU A 253 -10.68 -14.75 17.22
N SER A 254 -10.18 -15.70 18.00
CA SER A 254 -8.79 -15.69 18.43
C SER A 254 -7.72 -15.90 17.35
N GLN A 255 -8.01 -16.80 16.42
CA GLN A 255 -7.11 -17.22 15.37
C GLN A 255 -5.85 -17.95 15.96
N THR A 256 -6.10 -18.68 17.04
CA THR A 256 -5.14 -19.44 17.76
C THR A 256 -4.93 -20.84 17.24
N GLY A 257 -5.83 -21.29 16.42
CA GLY A 257 -5.87 -22.63 15.93
C GLY A 257 -6.72 -23.54 16.83
N GLN A 258 -7.20 -23.02 17.94
CA GLN A 258 -8.09 -23.73 18.86
C GLN A 258 -7.59 -25.14 19.14
N PRO A 259 -6.45 -25.29 19.81
CA PRO A 259 -5.92 -26.64 20.08
C PRO A 259 -6.83 -27.51 20.93
N LEU A 260 -7.80 -26.93 21.64
CA LEU A 260 -8.80 -27.70 22.38
C LEU A 260 -10.16 -27.41 21.78
N PRO A 261 -10.42 -27.90 20.56
CA PRO A 261 -11.61 -27.46 19.82
C PRO A 261 -12.89 -27.93 20.49
N CYS A 262 -13.99 -27.29 20.04
CA CYS A 262 -15.33 -27.59 20.51
C CYS A 262 -15.48 -27.31 21.99
N ALA A 263 -14.85 -26.22 22.47
CA ALA A 263 -14.98 -25.85 23.87
C ALA A 263 -16.43 -25.61 24.26
N ASP A 264 -17.26 -25.08 23.35
CA ASP A 264 -18.67 -24.89 23.70
C ASP A 264 -19.39 -26.22 23.96
N LEU A 265 -18.82 -27.35 23.52
CA LEU A 265 -19.34 -28.66 23.87
C LEU A 265 -18.65 -29.25 25.09
N TRP A 266 -17.32 -29.32 25.10
CA TRP A 266 -16.70 -30.05 26.19
C TRP A 266 -16.73 -29.28 27.50
N LEU A 267 -16.95 -27.95 27.48
CA LEU A 267 -17.19 -27.22 28.74
C LEU A 267 -18.55 -27.55 29.35
N GLY A 268 -19.40 -28.31 28.66
CA GLY A 268 -20.61 -28.81 29.25
C GLY A 268 -20.44 -30.10 30.01
N ASN A 269 -19.25 -30.70 29.98
CA ASN A 269 -19.00 -31.97 30.66
C ASN A 269 -18.39 -31.74 32.05
N ALA A 270 -18.95 -32.40 33.07
CA ALA A 270 -18.52 -32.17 34.45
C ALA A 270 -17.05 -32.55 34.68
N LYS A 271 -16.50 -33.51 33.92
CA LYS A 271 -15.08 -33.82 34.06
C LYS A 271 -14.21 -32.61 33.75
N ALA A 272 -14.62 -31.82 32.76
CA ALA A 272 -13.85 -30.63 32.39
C ALA A 272 -13.99 -29.52 33.42
N THR A 273 -15.23 -29.20 33.82
CA THR A 273 -15.44 -28.15 34.81
C THR A 273 -14.70 -28.48 36.10
N SER A 274 -14.74 -29.76 36.47
CA SER A 274 -14.06 -30.22 37.68
C SER A 274 -12.55 -30.07 37.58
N GLU A 275 -11.96 -30.46 36.43
CA GLU A 275 -10.52 -30.22 36.23
C GLU A 275 -10.16 -28.73 36.25
N LEU A 276 -11.02 -27.89 35.72
CA LEU A 276 -10.85 -26.45 35.65
C LEU A 276 -10.92 -25.73 36.99
N GLN A 277 -11.57 -26.37 37.94
CA GLN A 277 -11.66 -25.88 39.30
C GLN A 277 -10.28 -25.70 40.03
N GLN A 278 -9.27 -26.45 39.62
CA GLN A 278 -7.93 -26.36 40.07
C GLN A 278 -7.15 -25.14 39.54
N ALA A 279 -7.72 -24.36 38.63
CA ALA A 279 -6.98 -23.24 38.08
C ALA A 279 -6.86 -22.16 39.14
N GLN A 280 -5.65 -21.70 39.39
CA GLN A 280 -5.45 -20.64 40.35
C GLN A 280 -5.45 -19.25 39.72
N ILE A 281 -5.24 -19.19 38.40
CA ILE A 281 -5.27 -17.92 37.67
C ILE A 281 -5.84 -18.20 36.28
N VAL A 282 -6.60 -17.25 35.77
CA VAL A 282 -7.03 -17.21 34.38
C VAL A 282 -6.45 -15.94 33.77
N VAL A 283 -5.70 -16.10 32.69
CA VAL A 283 -5.24 -14.95 31.91
C VAL A 283 -6.06 -14.98 30.65
N GLN A 284 -6.95 -13.99 30.49
CA GLN A 284 -7.75 -13.85 29.28
C GLN A 284 -7.09 -12.77 28.41
N LEU A 285 -6.85 -13.12 27.15
CA LEU A 285 -6.29 -12.18 26.18
C LEU A 285 -7.42 -11.90 25.20
N GLY A 286 -7.74 -10.63 24.98
CA GLY A 286 -8.83 -10.29 24.10
C GLY A 286 -10.18 -10.53 24.76
N SER A 287 -11.25 -10.17 24.05
CA SER A 287 -12.56 -10.15 24.72
C SER A 287 -13.66 -10.49 23.71
N SER A 288 -14.91 -10.17 24.08
CA SER A 288 -16.13 -10.52 23.32
C SER A 288 -16.24 -12.03 23.06
N LEU A 289 -16.23 -12.81 24.14
CA LEU A 289 -16.31 -14.26 24.01
C LEU A 289 -17.66 -14.70 23.46
N THR A 290 -17.63 -15.75 22.64
CA THR A 290 -18.78 -16.15 21.83
C THR A 290 -19.62 -17.25 22.50
N GLY A 291 -18.99 -18.33 22.95
CA GLY A 291 -19.76 -19.52 23.32
C GLY A 291 -20.49 -19.36 24.66
N LYS A 292 -21.68 -19.96 24.74
CA LYS A 292 -22.49 -19.91 25.96
C LYS A 292 -21.84 -20.71 27.10
N ARG A 293 -21.30 -21.89 26.79
CA ARG A 293 -20.66 -22.67 27.85
C ARG A 293 -19.38 -21.99 28.36
N LEU A 294 -18.64 -21.30 27.50
CA LEU A 294 -17.49 -20.55 27.97
C LEU A 294 -17.92 -19.33 28.78
N LEU A 295 -18.99 -18.65 28.39
CA LEU A 295 -19.44 -17.51 29.20
C LEU A 295 -19.92 -17.97 30.57
N GLN A 296 -20.62 -19.12 30.63
CA GLN A 296 -21.08 -19.65 31.92
C GLN A 296 -19.90 -20.12 32.77
N TRP A 297 -18.90 -20.76 32.16
CA TRP A 297 -17.74 -21.17 32.93
C TRP A 297 -16.97 -19.96 33.46
N GLN A 298 -16.79 -18.94 32.63
CA GLN A 298 -16.13 -17.76 33.16
C GLN A 298 -16.92 -17.18 34.34
N ALA A 299 -18.25 -17.10 34.20
CA ALA A 299 -19.04 -16.49 35.27
C ALA A 299 -19.00 -17.31 36.55
N SER A 300 -18.79 -18.62 36.46
CA SER A 300 -18.81 -19.43 37.68
C SER A 300 -17.41 -19.73 38.24
N CYS A 301 -16.33 -19.56 37.48
CA CYS A 301 -15.03 -19.98 37.96
C CYS A 301 -14.55 -19.03 39.06
N GLU A 302 -13.74 -19.56 39.99
CA GLU A 302 -13.27 -18.81 41.15
C GLU A 302 -11.76 -18.98 41.32
N PRO A 303 -10.96 -18.53 40.35
CA PRO A 303 -9.51 -18.52 40.56
C PRO A 303 -9.12 -17.44 41.56
N GLU A 304 -7.89 -17.53 42.08
CA GLU A 304 -7.42 -16.48 42.98
C GLU A 304 -7.36 -15.14 42.26
N GLU A 305 -6.93 -15.12 41.00
CA GLU A 305 -6.92 -13.87 40.24
C GLU A 305 -7.43 -14.08 38.81
N TYR A 306 -8.15 -13.10 38.30
CA TYR A 306 -8.63 -13.12 36.93
C TYR A 306 -8.05 -11.90 36.22
N TRP A 307 -7.25 -12.13 35.17
CA TRP A 307 -6.63 -11.06 34.41
C TRP A 307 -7.24 -10.98 33.02
N ILE A 308 -7.56 -9.77 32.54
CA ILE A 308 -7.92 -9.55 31.13
C ILE A 308 -6.95 -8.56 30.50
N VAL A 309 -6.27 -9.01 29.42
CA VAL A 309 -5.31 -8.21 28.69
C VAL A 309 -5.91 -7.82 27.35
N ASP A 310 -6.00 -6.51 27.10
CA ASP A 310 -6.52 -6.08 25.80
C ASP A 310 -6.15 -4.62 25.61
N ASP A 311 -6.27 -4.15 24.42
CA ASP A 311 -5.90 -2.80 24.13
C ASP A 311 -7.05 -1.87 24.13
N ILE A 312 -8.18 -2.34 24.66
CA ILE A 312 -9.40 -1.55 24.72
C ILE A 312 -9.65 -1.19 26.17
N GLU A 313 -9.96 0.07 26.45
CA GLU A 313 -10.13 0.45 27.85
C GLU A 313 -11.37 -0.17 28.53
N GLY A 314 -11.39 -0.08 29.87
CA GLY A 314 -12.58 -0.41 30.64
C GLY A 314 -12.65 -1.85 31.12
N ARG A 315 -13.65 -2.10 31.96
CA ARG A 315 -13.91 -3.44 32.44
C ARG A 315 -14.38 -4.29 31.28
N LEU A 316 -13.92 -5.53 31.25
CA LEU A 316 -14.25 -6.50 30.22
C LEU A 316 -14.70 -7.84 30.80
N ASP A 317 -14.79 -7.97 32.12
CA ASP A 317 -15.22 -9.19 32.78
C ASP A 317 -16.67 -9.03 33.27
N PRO A 318 -17.64 -9.61 32.58
CA PRO A 318 -19.03 -9.39 33.01
C PRO A 318 -19.40 -10.14 34.31
N ALA A 319 -18.51 -10.98 34.84
CA ALA A 319 -18.68 -11.60 36.16
C ALA A 319 -17.94 -10.88 37.28
N HIS A 320 -17.14 -9.84 36.97
CA HIS A 320 -16.54 -8.95 37.97
C HIS A 320 -15.61 -9.67 38.94
N HIS A 321 -14.74 -10.53 38.42
CA HIS A 321 -13.82 -11.27 39.27
C HIS A 321 -12.81 -10.35 39.93
N ARG A 322 -12.33 -10.79 41.08
CA ARG A 322 -11.13 -10.20 41.67
C ARG A 322 -9.98 -10.45 40.70
N GLY A 323 -9.18 -9.40 40.44
CA GLY A 323 -8.12 -9.53 39.48
C GLY A 323 -7.60 -8.25 38.88
N ARG A 324 -7.28 -8.30 37.58
CA ARG A 324 -6.57 -7.24 36.90
C ARG A 324 -7.15 -7.01 35.52
N ARG A 325 -7.17 -5.75 35.10
CA ARG A 325 -7.56 -5.29 33.82
C ARG A 325 -6.37 -4.50 33.25
N LEU A 326 -5.74 -5.07 32.24
CA LEU A 326 -4.45 -4.60 31.75
C LEU A 326 -4.60 -4.09 30.33
N ILE A 327 -4.29 -2.81 30.14
CA ILE A 327 -4.44 -2.16 28.84
C ILE A 327 -3.10 -2.30 28.13
N ALA A 328 -3.08 -3.05 27.03
CA ALA A 328 -1.82 -3.27 26.34
C ALA A 328 -2.10 -3.89 24.97
N ASN A 329 -1.23 -3.60 24.01
CA ASN A 329 -1.15 -4.42 22.82
C ASN A 329 -0.78 -5.85 23.23
N ILE A 330 -1.58 -6.83 22.76
CA ILE A 330 -1.44 -8.20 23.23
C ILE A 330 -0.05 -8.77 22.92
N ALA A 331 0.47 -8.51 21.71
CA ALA A 331 1.80 -8.99 21.36
C ALA A 331 2.88 -8.37 22.24
N ASP A 332 2.81 -7.04 22.43
CA ASP A 332 3.74 -6.39 23.37
C ASP A 332 3.60 -6.99 24.76
N TRP A 333 2.36 -7.24 25.21
CA TRP A 333 2.19 -7.75 26.55
C TRP A 333 2.84 -9.13 26.71
N LEU A 334 2.70 -9.99 25.71
CA LEU A 334 3.33 -11.29 25.83
C LEU A 334 4.84 -11.16 25.86
N GLU A 335 5.40 -10.19 25.11
CA GLU A 335 6.85 -9.99 25.19
C GLU A 335 7.28 -9.53 26.58
N LEU A 336 6.47 -8.70 27.25
CA LEU A 336 6.80 -8.27 28.60
C LEU A 336 6.51 -9.33 29.65
N HIS A 337 5.68 -10.32 29.34
CA HIS A 337 5.30 -11.39 30.26
C HIS A 337 5.54 -12.73 29.59
N PRO A 338 6.80 -13.09 29.38
CA PRO A 338 7.10 -14.28 28.59
C PRO A 338 6.81 -15.56 29.35
N ALA A 339 6.63 -16.63 28.57
CA ALA A 339 6.40 -17.96 29.10
C ALA A 339 7.72 -18.68 29.35
N GLU A 340 7.79 -19.43 30.43
CA GLU A 340 8.85 -20.40 30.65
C GLU A 340 8.29 -21.81 30.50
N LYS A 341 9.03 -22.66 29.79
CA LYS A 341 8.57 -24.02 29.52
C LYS A 341 8.22 -24.73 30.83
N ARG A 342 7.00 -25.28 30.90
CA ARG A 342 6.53 -26.00 32.08
C ARG A 342 5.67 -27.20 31.68
N GLN A 343 5.66 -28.20 32.54
CA GLN A 343 4.92 -29.42 32.29
C GLN A 343 3.40 -29.17 32.31
N PRO A 344 2.66 -29.58 31.28
CA PRO A 344 1.20 -29.35 31.26
C PRO A 344 0.51 -29.97 32.46
N TRP A 345 -0.51 -29.29 32.98
CA TRP A 345 -1.18 -29.83 34.15
C TRP A 345 -2.55 -30.45 33.88
N CYS A 346 -3.14 -30.23 32.71
CA CYS A 346 -4.42 -30.85 32.37
C CYS A 346 -4.23 -32.21 31.77
N VAL A 347 -4.96 -33.19 32.30
CA VAL A 347 -4.95 -34.54 31.80
C VAL A 347 -6.27 -34.92 31.14
N GLU A 348 -7.40 -34.55 31.74
CA GLU A 348 -8.67 -35.01 31.19
C GLU A 348 -9.15 -34.17 29.99
N ILE A 349 -8.88 -32.86 30.00
CA ILE A 349 -9.50 -31.98 29.01
C ILE A 349 -9.09 -32.29 27.57
N PRO A 350 -7.80 -32.48 27.25
CA PRO A 350 -7.46 -32.80 25.85
C PRO A 350 -8.20 -33.99 25.25
N ARG A 351 -8.32 -35.09 26.00
CA ARG A 351 -9.06 -36.26 25.50
C ARG A 351 -10.51 -35.90 25.24
N LEU A 352 -11.09 -35.13 26.15
CA LEU A 352 -12.48 -34.72 26.04
C LEU A 352 -12.70 -33.87 24.78
N ALA A 353 -11.74 -33.00 24.48
CA ALA A 353 -11.87 -32.12 23.31
C ALA A 353 -11.76 -32.93 22.02
N GLU A 354 -10.82 -33.88 21.98
CA GLU A 354 -10.73 -34.79 20.84
C GLU A 354 -12.03 -35.57 20.65
N GLN A 355 -12.62 -36.06 21.74
CA GLN A 355 -13.87 -36.79 21.62
C GLN A 355 -15.02 -35.90 21.14
N ALA A 356 -15.05 -34.63 21.60
CA ALA A 356 -16.10 -33.74 21.13
C ALA A 356 -15.98 -33.51 19.63
N MET A 357 -14.75 -33.26 19.17
CA MET A 357 -14.51 -33.04 17.75
C MET A 357 -14.89 -34.30 16.97
N GLN A 358 -14.57 -35.47 17.51
CA GLN A 358 -14.93 -36.72 16.85
C GLN A 358 -16.45 -36.91 16.77
N ALA A 359 -17.17 -36.50 17.82
CA ALA A 359 -18.63 -36.53 17.77
C ALA A 359 -19.18 -35.59 16.70
N VAL A 360 -18.57 -34.41 16.52
CA VAL A 360 -19.06 -33.53 15.47
C VAL A 360 -18.77 -34.12 14.10
N ILE A 361 -17.59 -34.70 13.94
CA ILE A 361 -17.22 -35.30 12.66
C ILE A 361 -18.17 -36.42 12.29
N ALA A 362 -18.65 -37.18 13.28
CA ALA A 362 -19.62 -38.23 12.96
C ALA A 362 -20.89 -37.68 12.32
N ARG A 363 -21.13 -36.37 12.39
CA ARG A 363 -22.38 -35.79 11.93
C ARG A 363 -22.21 -34.79 10.79
N ARG A 364 -21.10 -34.87 10.05
CA ARG A 364 -20.73 -33.92 9.01
C ARG A 364 -21.48 -34.10 7.69
N ASP A 365 -22.29 -35.16 7.53
CA ASP A 365 -22.81 -35.48 6.18
C ASP A 365 -24.07 -34.71 5.81
N ALA A 366 -25.00 -34.53 6.73
CA ALA A 366 -26.24 -33.84 6.40
C ALA A 366 -25.92 -32.46 5.85
N PHE A 367 -26.70 -32.03 4.85
CA PHE A 367 -26.49 -30.74 4.19
C PHE A 367 -27.18 -29.61 4.97
N GLY A 368 -26.60 -29.27 6.14
CA GLY A 368 -27.24 -28.34 7.05
C GLY A 368 -26.27 -27.25 7.49
N GLU A 369 -26.81 -26.27 8.24
CA GLU A 369 -25.98 -25.14 8.65
C GLU A 369 -24.99 -25.53 9.73
N ALA A 370 -25.36 -26.45 10.63
CA ALA A 370 -24.39 -26.97 11.60
C ALA A 370 -23.20 -27.61 10.89
N GLN A 371 -23.47 -28.40 9.84
CA GLN A 371 -22.39 -29.05 9.10
C GLN A 371 -21.59 -28.05 8.28
N LEU A 372 -22.25 -27.05 7.70
CA LEU A 372 -21.50 -26.01 7.00
C LEU A 372 -20.55 -25.31 7.96
N ALA A 373 -21.02 -24.97 9.15
CA ALA A 373 -20.14 -24.40 10.16
C ALA A 373 -18.97 -25.33 10.45
N HIS A 374 -19.26 -26.62 10.65
CA HIS A 374 -18.18 -27.56 10.96
C HIS A 374 -17.17 -27.71 9.82
N ARG A 375 -17.63 -27.68 8.58
CA ARG A 375 -16.78 -27.88 7.40
C ARG A 375 -16.24 -26.57 6.81
N ILE A 376 -16.48 -25.44 7.46
CA ILE A 376 -16.20 -24.14 6.83
C ILE A 376 -14.72 -23.99 6.50
N CYS A 377 -13.84 -24.63 7.25
CA CYS A 377 -12.40 -24.53 6.99
C CYS A 377 -12.07 -25.01 5.58
N ASP A 378 -12.85 -25.96 5.06
CA ASP A 378 -12.64 -26.49 3.70
C ASP A 378 -12.90 -25.46 2.59
N TYR A 379 -13.55 -24.33 2.88
CA TYR A 379 -13.88 -23.34 1.86
C TYR A 379 -13.17 -22.02 2.05
N LEU A 380 -12.29 -21.90 3.05
CA LEU A 380 -11.62 -20.63 3.26
C LEU A 380 -10.76 -20.31 2.03
N PRO A 381 -10.86 -19.10 1.48
CA PRO A 381 -10.00 -18.74 0.36
C PRO A 381 -8.54 -18.70 0.77
N GLU A 382 -7.67 -19.22 -0.11
CA GLU A 382 -6.23 -19.19 0.14
C GLU A 382 -5.73 -17.75 0.30
N GLN A 383 -4.94 -17.53 1.35
CA GLN A 383 -4.41 -16.20 1.69
C GLN A 383 -5.53 -15.15 1.83
N GLY A 384 -6.69 -15.58 2.32
CA GLY A 384 -7.82 -14.69 2.42
C GLY A 384 -8.20 -14.35 3.85
N GLN A 385 -9.45 -13.99 4.03
CA GLN A 385 -9.99 -13.65 5.35
C GLN A 385 -11.43 -14.10 5.44
N LEU A 386 -11.88 -14.30 6.67
CA LEU A 386 -13.25 -14.70 6.99
C LEU A 386 -13.93 -13.56 7.74
N PHE A 387 -15.13 -13.19 7.32
CA PHE A 387 -16.00 -12.30 8.07
C PHE A 387 -17.22 -13.10 8.50
N VAL A 388 -17.42 -13.19 9.81
CA VAL A 388 -18.48 -14.04 10.35
C VAL A 388 -19.59 -13.16 10.88
N GLY A 389 -20.81 -13.42 10.44
CA GLY A 389 -21.97 -12.72 10.93
C GLY A 389 -22.34 -13.07 12.38
N ASN A 390 -23.45 -12.49 12.83
CA ASN A 390 -23.88 -12.67 14.20
C ASN A 390 -25.01 -13.72 14.27
N SER A 391 -25.57 -13.89 15.46
CA SER A 391 -26.59 -14.92 15.73
C SER A 391 -26.01 -16.33 15.58
N LEU A 392 -26.69 -17.26 14.89
CA LEU A 392 -26.26 -18.65 14.99
C LEU A 392 -24.94 -18.91 14.27
N VAL A 393 -24.65 -18.25 13.17
CA VAL A 393 -23.47 -18.72 12.45
C VAL A 393 -22.20 -18.61 13.29
N VAL A 394 -22.02 -17.51 14.01
CA VAL A 394 -20.78 -17.38 14.78
C VAL A 394 -20.77 -18.40 15.91
N ARG A 395 -21.94 -18.71 16.44
CA ARG A 395 -22.06 -19.70 17.51
C ARG A 395 -21.71 -21.11 17.01
N LEU A 396 -22.29 -21.51 15.87
CA LEU A 396 -22.04 -22.82 15.30
C LEU A 396 -20.58 -22.96 14.86
N ILE A 397 -20.02 -21.96 14.20
CA ILE A 397 -18.60 -22.05 13.84
C ILE A 397 -17.75 -22.15 15.10
N ASP A 398 -18.12 -21.39 16.13
CA ASP A 398 -17.35 -21.43 17.37
C ASP A 398 -17.40 -22.81 18.01
N ALA A 399 -18.56 -23.46 17.98
CA ALA A 399 -18.73 -24.72 18.69
C ALA A 399 -18.23 -25.92 17.90
N LEU A 400 -18.30 -25.90 16.56
CA LEU A 400 -18.22 -27.12 15.76
C LEU A 400 -17.01 -27.18 14.83
N SER A 401 -16.29 -26.09 14.66
CA SER A 401 -15.17 -26.00 13.73
C SER A 401 -13.88 -25.73 14.51
N GLN A 402 -12.76 -26.01 13.86
CA GLN A 402 -11.44 -25.68 14.38
C GLN A 402 -10.73 -24.83 13.31
N LEU A 403 -10.76 -23.48 13.47
CA LEU A 403 -10.20 -22.62 12.42
C LEU A 403 -8.68 -22.56 12.54
N PRO A 404 -7.97 -22.49 11.42
CA PRO A 404 -6.51 -22.57 11.48
C PRO A 404 -5.88 -21.34 12.11
N ALA A 405 -4.76 -21.55 12.79
CA ALA A 405 -4.06 -20.46 13.45
C ALA A 405 -3.61 -19.39 12.45
N GLY A 406 -3.78 -18.12 12.84
CA GLY A 406 -3.31 -17.03 12.03
C GLY A 406 -4.12 -16.74 10.78
N TYR A 407 -5.20 -17.48 10.52
CA TYR A 407 -6.09 -17.12 9.42
C TYR A 407 -7.02 -16.02 9.91
N PRO A 408 -7.03 -14.86 9.27
CA PRO A 408 -7.71 -13.69 9.83
C PRO A 408 -9.23 -13.83 9.88
N VAL A 409 -9.79 -13.53 11.04
CA VAL A 409 -11.24 -13.53 11.24
C VAL A 409 -11.68 -12.15 11.70
N TYR A 410 -12.76 -11.66 11.10
CA TYR A 410 -13.35 -10.38 11.47
C TYR A 410 -14.82 -10.56 11.81
N SER A 411 -15.36 -9.61 12.57
CA SER A 411 -16.72 -9.73 13.07
C SER A 411 -17.18 -8.36 13.59
N ASN A 412 -18.48 -8.25 13.82
CA ASN A 412 -19.08 -7.10 14.51
C ASN A 412 -19.64 -7.57 15.85
N LYS A 413 -18.73 -7.98 16.69
CA LYS A 413 -19.06 -8.51 17.96
C LYS A 413 -19.00 -7.61 19.17
N GLY A 414 -18.79 -6.32 19.00
CA GLY A 414 -18.92 -5.38 20.10
C GLY A 414 -20.34 -5.44 20.65
N ALA A 415 -21.29 -4.94 19.88
CA ALA A 415 -22.70 -5.01 20.26
C ALA A 415 -23.45 -6.11 19.51
N SER A 416 -22.80 -6.81 18.58
CA SER A 416 -23.40 -7.95 17.90
C SER A 416 -24.68 -7.55 17.15
N GLY A 417 -24.69 -6.35 16.58
CA GLY A 417 -25.80 -5.95 15.74
C GLY A 417 -25.83 -6.74 14.43
N ILE A 418 -27.04 -7.00 13.95
CA ILE A 418 -27.22 -7.62 12.64
C ILE A 418 -27.53 -6.58 11.57
N ASP A 419 -27.38 -5.31 11.92
CA ASP A 419 -27.73 -4.20 11.01
C ASP A 419 -26.72 -3.67 10.00
N GLY A 420 -25.46 -4.09 10.07
CA GLY A 420 -24.49 -3.59 9.12
C GLY A 420 -23.47 -4.57 8.63
N LEU A 421 -23.86 -5.85 8.47
CA LEU A 421 -22.87 -6.90 8.22
C LEU A 421 -22.37 -6.92 6.77
N LEU A 422 -23.25 -6.71 5.77
CA LEU A 422 -22.76 -6.75 4.39
C LEU A 422 -21.86 -5.56 4.08
N SER A 423 -22.27 -4.35 4.51
CA SER A 423 -21.44 -3.18 4.25
C SER A 423 -20.14 -3.23 5.03
N THR A 424 -20.16 -3.77 6.27
CA THR A 424 -18.91 -3.96 6.99
C THR A 424 -17.99 -4.90 6.24
N ALA A 425 -18.55 -6.02 5.75
CA ALA A 425 -17.76 -6.98 4.99
C ALA A 425 -17.14 -6.33 3.77
N ALA A 426 -17.89 -5.45 3.09
CA ALA A 426 -17.37 -4.71 1.94
C ALA A 426 -16.16 -3.83 2.33
N GLY A 427 -16.22 -3.17 3.50
CA GLY A 427 -15.05 -2.43 3.98
C GLY A 427 -13.86 -3.33 4.31
N VAL A 428 -14.12 -4.48 4.98
CA VAL A 428 -13.06 -5.44 5.28
C VAL A 428 -12.30 -5.83 4.02
N GLN A 429 -13.06 -6.19 2.99
CA GLN A 429 -12.45 -6.60 1.75
C GLN A 429 -11.69 -5.45 1.11
N ARG A 430 -12.28 -4.25 1.07
CA ARG A 430 -11.59 -3.19 0.35
C ARG A 430 -10.31 -2.78 1.05
N ALA A 431 -10.30 -2.77 2.39
CA ALA A 431 -9.10 -2.37 3.11
C ALA A 431 -7.96 -3.34 2.84
N SER A 432 -8.23 -4.65 2.87
CA SER A 432 -7.09 -5.56 2.72
C SER A 432 -6.78 -5.93 1.26
N GLY A 433 -7.75 -5.86 0.35
CA GLY A 433 -7.52 -6.40 -0.97
C GLY A 433 -7.48 -7.91 -1.07
N LYS A 434 -7.84 -8.67 0.01
CA LYS A 434 -7.74 -10.11 0.01
C LYS A 434 -9.08 -10.75 -0.38
N PRO A 435 -9.07 -11.95 -0.97
CA PRO A 435 -10.34 -12.67 -1.13
C PRO A 435 -10.98 -12.91 0.22
N THR A 436 -12.30 -12.76 0.25
CA THR A 436 -13.03 -12.70 1.50
C THR A 436 -14.22 -13.62 1.43
N LEU A 437 -14.42 -14.39 2.51
CA LEU A 437 -15.62 -15.21 2.73
C LEU A 437 -16.42 -14.60 3.87
N ALA A 438 -17.65 -14.15 3.59
CA ALA A 438 -18.53 -13.52 4.58
C ALA A 438 -19.78 -14.38 4.74
N ILE A 439 -20.06 -14.77 5.97
CA ILE A 439 -21.20 -15.64 6.22
C ILE A 439 -22.22 -14.92 7.06
N VAL A 440 -23.47 -14.94 6.60
CA VAL A 440 -24.51 -14.25 7.36
C VAL A 440 -25.83 -15.04 7.30
N GLY A 441 -26.76 -14.74 8.25
CA GLY A 441 -28.10 -15.32 8.16
C GLY A 441 -29.04 -14.49 7.27
N ASP A 442 -30.24 -15.03 7.03
CA ASP A 442 -31.17 -14.40 6.11
C ASP A 442 -31.70 -13.07 6.64
N LEU A 443 -32.08 -13.00 7.92
CA LEU A 443 -32.51 -11.71 8.47
C LEU A 443 -31.37 -10.70 8.41
N SER A 444 -30.14 -11.13 8.68
CA SER A 444 -28.98 -10.25 8.53
C SER A 444 -28.80 -9.78 7.08
N ALA A 445 -29.03 -10.68 6.10
CA ALA A 445 -28.86 -10.25 4.70
C ALA A 445 -29.95 -9.25 4.29
N LEU A 446 -31.19 -9.46 4.76
CA LEU A 446 -32.29 -8.54 4.50
C LEU A 446 -32.06 -7.18 5.16
N TYR A 447 -31.54 -7.18 6.38
CA TYR A 447 -31.33 -5.95 7.12
C TYR A 447 -30.46 -4.96 6.32
N ASP A 448 -29.35 -5.44 5.78
CA ASP A 448 -28.39 -4.62 5.05
C ASP A 448 -28.47 -4.94 3.56
N LEU A 449 -29.69 -5.15 3.07
CA LEU A 449 -29.81 -5.61 1.69
C LEU A 449 -29.18 -4.64 0.70
N ASN A 450 -29.40 -3.33 0.86
CA ASN A 450 -28.88 -2.40 -0.15
C ASN A 450 -27.35 -2.30 -0.16
N ALA A 451 -26.67 -2.89 0.84
CA ALA A 451 -25.22 -2.96 0.78
C ALA A 451 -24.75 -3.86 -0.35
N LEU A 452 -25.64 -4.64 -0.96
CA LEU A 452 -25.28 -5.34 -2.18
C LEU A 452 -24.76 -4.39 -3.25
N ALA A 453 -25.24 -3.14 -3.25
CA ALA A 453 -24.70 -2.17 -4.20
C ALA A 453 -23.18 -2.01 -4.00
N LEU A 454 -22.73 -1.90 -2.75
CA LEU A 454 -21.31 -1.76 -2.47
C LEU A 454 -20.56 -3.00 -2.92
N LEU A 455 -21.19 -4.15 -2.80
CA LEU A 455 -20.44 -5.36 -3.12
C LEU A 455 -20.22 -5.52 -4.62
N ARG A 456 -20.71 -4.59 -5.42
CA ARG A 456 -20.33 -4.65 -6.83
C ARG A 456 -18.92 -4.14 -7.09
N GLN A 457 -18.26 -3.60 -6.08
CA GLN A 457 -16.91 -3.07 -6.23
C GLN A 457 -16.07 -3.68 -5.12
N VAL A 458 -15.39 -4.77 -5.48
CA VAL A 458 -14.45 -5.46 -4.60
C VAL A 458 -13.16 -5.66 -5.40
N SER A 459 -12.01 -5.65 -4.72
CA SER A 459 -10.74 -5.76 -5.41
C SER A 459 -10.29 -7.21 -5.54
N ALA A 460 -11.08 -8.13 -5.00
CA ALA A 460 -10.77 -9.56 -5.01
C ALA A 460 -12.08 -10.30 -4.82
N PRO A 461 -12.14 -11.59 -5.14
CA PRO A 461 -13.40 -12.31 -4.98
C PRO A 461 -13.90 -12.27 -3.54
N LEU A 462 -15.19 -11.98 -3.39
CA LEU A 462 -15.87 -12.03 -2.10
C LEU A 462 -17.06 -12.98 -2.28
N VAL A 463 -17.09 -14.03 -1.47
CA VAL A 463 -18.25 -14.91 -1.44
C VAL A 463 -19.09 -14.53 -0.22
N LEU A 464 -20.37 -14.22 -0.47
CA LEU A 464 -21.33 -13.95 0.59
C LEU A 464 -22.21 -15.19 0.70
N ILE A 465 -22.09 -15.93 1.77
CA ILE A 465 -22.95 -17.01 1.99
C ILE A 465 -24.09 -16.57 2.90
N VAL A 466 -25.31 -16.77 2.45
CA VAL A 466 -26.53 -16.47 3.21
C VAL A 466 -27.14 -17.81 3.59
N VAL A 467 -27.12 -18.11 4.88
CA VAL A 467 -27.80 -19.29 5.43
C VAL A 467 -29.27 -18.92 5.59
N ASN A 468 -30.12 -19.47 4.73
CA ASN A 468 -31.54 -19.12 4.76
C ASN A 468 -32.28 -20.24 5.50
N ASN A 469 -32.51 -20.02 6.80
CA ASN A 469 -33.25 -20.95 7.64
C ASN A 469 -34.63 -20.38 8.00
N ASN A 470 -35.08 -19.39 7.23
CA ASN A 470 -36.40 -18.79 7.30
C ASN A 470 -36.70 -18.22 8.70
N GLY A 471 -35.97 -17.16 9.02
CA GLY A 471 -36.16 -16.43 10.25
C GLY A 471 -34.89 -16.41 11.10
N GLY A 472 -35.03 -15.82 12.29
CA GLY A 472 -33.94 -15.76 13.24
C GLY A 472 -33.93 -17.02 14.10
N GLN A 473 -33.34 -18.10 13.60
CA GLN A 473 -33.49 -19.39 14.30
C GLN A 473 -32.64 -19.47 15.57
N ILE A 474 -31.87 -18.44 15.91
CA ILE A 474 -31.32 -18.35 17.27
C ILE A 474 -32.44 -18.45 18.31
N PHE A 475 -33.64 -17.96 17.98
CA PHE A 475 -34.75 -18.04 18.90
C PHE A 475 -35.44 -19.40 18.87
N SER A 476 -34.98 -20.33 18.03
CA SER A 476 -35.30 -21.75 18.22
C SER A 476 -34.31 -22.44 19.14
N LEU A 477 -33.14 -21.84 19.33
CA LEU A 477 -32.16 -22.37 20.26
C LEU A 477 -32.45 -21.90 21.67
N LEU A 478 -32.74 -20.61 21.84
CA LEU A 478 -33.17 -20.14 23.15
C LEU A 478 -34.56 -20.67 23.47
N PRO A 479 -34.90 -20.81 24.86
CA PRO A 479 -36.20 -21.33 25.31
C PRO A 479 -37.32 -20.29 25.24
N THR A 480 -37.55 -19.76 24.03
CA THR A 480 -38.65 -18.84 23.78
C THR A 480 -39.98 -19.60 23.85
N PRO A 481 -41.07 -18.91 24.23
CA PRO A 481 -42.37 -19.60 24.27
C PRO A 481 -42.90 -19.97 22.89
N GLN A 482 -43.47 -21.18 22.79
CA GLN A 482 -43.84 -21.76 21.50
C GLN A 482 -44.97 -20.98 20.81
N SER A 483 -45.95 -20.51 21.56
CA SER A 483 -47.09 -19.87 20.91
C SER A 483 -46.71 -18.54 20.27
N GLU A 484 -45.79 -17.78 20.87
CA GLU A 484 -45.38 -16.47 20.33
C GLU A 484 -44.15 -16.54 19.43
N ARG A 485 -43.49 -17.69 19.34
CA ARG A 485 -42.15 -17.78 18.77
C ARG A 485 -42.11 -17.30 17.31
N GLU A 486 -43.00 -17.84 16.47
CA GLU A 486 -42.87 -17.57 15.05
C GLU A 486 -43.16 -16.12 14.72
N ARG A 487 -44.27 -15.58 15.25
CA ARG A 487 -44.65 -14.22 14.91
C ARG A 487 -43.76 -13.18 15.56
N PHE A 488 -43.37 -13.37 16.82
CA PHE A 488 -42.70 -12.29 17.54
C PHE A 488 -41.20 -12.50 17.72
N TYR A 489 -40.66 -13.66 17.36
CA TYR A 489 -39.24 -13.95 17.55
C TYR A 489 -38.60 -14.37 16.24
N LEU A 490 -39.04 -15.49 15.66
CA LEU A 490 -38.41 -15.95 14.43
C LEU A 490 -38.62 -14.96 13.28
N MET A 491 -39.86 -14.51 13.11
CA MET A 491 -40.23 -13.63 12.01
C MET A 491 -39.73 -14.11 10.64
N PRO A 492 -40.19 -15.28 10.19
CA PRO A 492 -39.81 -15.73 8.85
C PRO A 492 -40.34 -14.75 7.81
N GLN A 493 -39.49 -14.44 6.83
CA GLN A 493 -39.86 -13.54 5.76
C GLN A 493 -40.14 -14.24 4.43
N ASN A 494 -39.87 -15.55 4.33
CA ASN A 494 -40.22 -16.36 3.16
C ASN A 494 -39.75 -15.70 1.85
N VAL A 495 -38.42 -15.56 1.74
CA VAL A 495 -37.80 -14.94 0.57
C VAL A 495 -36.64 -15.81 0.11
N HIS A 496 -36.23 -15.62 -1.14
CA HIS A 496 -34.93 -16.09 -1.57
C HIS A 496 -34.16 -14.88 -2.05
N PHE A 497 -32.86 -15.09 -2.33
CA PHE A 497 -31.96 -13.99 -2.62
C PHE A 497 -31.47 -14.02 -4.05
N GLU A 498 -32.03 -14.87 -4.89
CA GLU A 498 -31.67 -14.87 -6.31
C GLU A 498 -31.96 -13.52 -6.98
N HIS A 499 -33.14 -12.95 -6.73
CA HIS A 499 -33.50 -11.70 -7.37
C HIS A 499 -32.71 -10.53 -6.82
N ALA A 500 -32.35 -10.58 -5.53
CA ALA A 500 -31.49 -9.55 -4.97
C ALA A 500 -30.16 -9.53 -5.70
N ALA A 501 -29.57 -10.72 -5.90
CA ALA A 501 -28.31 -10.85 -6.65
C ALA A 501 -28.45 -10.35 -8.09
N ALA A 502 -29.53 -10.72 -8.79
CA ALA A 502 -29.73 -10.25 -10.16
C ALA A 502 -29.88 -8.73 -10.20
N MET A 503 -30.52 -8.15 -9.18
CA MET A 503 -30.73 -6.71 -9.19
C MET A 503 -29.41 -5.94 -9.26
N PHE A 504 -28.40 -6.41 -8.56
CA PHE A 504 -27.11 -5.75 -8.53
C PHE A 504 -26.09 -6.46 -9.40
N GLU A 505 -26.56 -7.36 -10.27
CA GLU A 505 -25.73 -8.04 -11.27
C GLU A 505 -24.60 -8.82 -10.62
N LEU A 506 -24.92 -9.52 -9.52
CA LEU A 506 -23.99 -10.38 -8.82
C LEU A 506 -24.27 -11.83 -9.20
N LYS A 507 -23.22 -12.62 -9.39
CA LYS A 507 -23.43 -14.05 -9.58
C LYS A 507 -24.08 -14.64 -8.34
N TYR A 508 -24.91 -15.65 -8.58
CA TYR A 508 -25.74 -16.31 -7.59
C TYR A 508 -25.69 -17.81 -7.79
N HIS A 509 -25.60 -18.55 -6.69
CA HIS A 509 -25.72 -19.99 -6.67
C HIS A 509 -26.58 -20.38 -5.49
N ARG A 510 -27.42 -21.40 -5.67
CA ARG A 510 -28.16 -21.99 -4.57
C ARG A 510 -27.88 -23.49 -4.58
N PRO A 511 -26.78 -23.90 -3.96
CA PRO A 511 -26.39 -25.32 -4.05
C PRO A 511 -27.30 -26.19 -3.20
N GLN A 512 -27.52 -27.44 -3.67
CA GLN A 512 -28.47 -28.33 -3.00
C GLN A 512 -27.81 -29.50 -2.26
N ASN A 513 -26.51 -29.70 -2.45
CA ASN A 513 -25.73 -30.77 -1.85
C ASN A 513 -24.29 -30.30 -1.80
N TRP A 514 -23.42 -31.14 -1.22
CA TRP A 514 -22.02 -30.72 -1.01
C TRP A 514 -21.27 -30.53 -2.32
N GLN A 515 -21.52 -31.38 -3.33
CA GLN A 515 -20.82 -31.23 -4.61
C GLN A 515 -21.14 -29.89 -5.28
N GLU A 516 -22.43 -29.50 -5.29
CA GLU A 516 -22.82 -28.23 -5.87
C GLU A 516 -22.26 -27.06 -5.10
N LEU A 517 -22.13 -27.17 -3.76
CA LEU A 517 -21.56 -26.07 -3.00
C LEU A 517 -20.07 -25.89 -3.33
N GLU A 518 -19.35 -27.02 -3.42
CA GLU A 518 -17.95 -27.00 -3.85
C GLU A 518 -17.79 -26.41 -5.25
N THR A 519 -18.68 -26.78 -6.17
CA THR A 519 -18.67 -26.16 -7.49
C THR A 519 -18.88 -24.66 -7.38
N ALA A 520 -19.86 -24.24 -6.56
CA ALA A 520 -20.17 -22.83 -6.41
C ALA A 520 -18.96 -22.04 -5.94
N PHE A 521 -18.26 -22.56 -4.94
CA PHE A 521 -17.05 -21.90 -4.44
C PHE A 521 -15.96 -21.83 -5.50
N ALA A 522 -15.67 -22.97 -6.17
CA ALA A 522 -14.62 -22.99 -7.18
C ALA A 522 -14.89 -22.00 -8.30
N ASP A 523 -16.16 -21.85 -8.69
CA ASP A 523 -16.50 -20.80 -9.66
C ASP A 523 -16.28 -19.42 -9.07
N ALA A 524 -16.73 -19.23 -7.83
CA ALA A 524 -16.77 -17.90 -7.26
C ALA A 524 -15.37 -17.30 -7.08
N TRP A 525 -14.37 -18.13 -6.78
CA TRP A 525 -13.05 -17.54 -6.53
C TRP A 525 -12.33 -17.12 -7.82
N ARG A 526 -12.95 -17.26 -8.99
CA ARG A 526 -12.25 -17.06 -10.26
C ARG A 526 -12.05 -15.61 -10.66
N THR A 527 -12.81 -14.65 -10.12
CA THR A 527 -12.78 -13.27 -10.58
C THR A 527 -12.92 -12.31 -9.40
N PRO A 528 -12.39 -11.10 -9.55
CA PRO A 528 -12.58 -10.09 -8.50
C PRO A 528 -14.01 -9.56 -8.46
N THR A 529 -14.99 -10.43 -8.12
CA THR A 529 -16.39 -10.03 -8.04
C THR A 529 -17.01 -10.68 -6.81
N THR A 530 -18.20 -10.22 -6.46
CA THR A 530 -18.98 -10.79 -5.37
C THR A 530 -19.88 -11.87 -5.95
N THR A 531 -19.87 -13.03 -5.30
CA THR A 531 -20.82 -14.10 -5.59
C THR A 531 -21.71 -14.34 -4.39
N VAL A 532 -23.01 -14.42 -4.62
CA VAL A 532 -23.95 -14.75 -3.55
C VAL A 532 -24.23 -16.25 -3.61
N ILE A 533 -23.96 -16.94 -2.50
CA ILE A 533 -24.25 -18.36 -2.38
C ILE A 533 -25.33 -18.51 -1.31
N GLU A 534 -26.53 -18.91 -1.74
CA GLU A 534 -27.63 -19.08 -0.80
C GLU A 534 -27.75 -20.54 -0.41
N MET A 535 -27.61 -20.82 0.89
CA MET A 535 -27.80 -22.18 1.40
C MET A 535 -29.17 -22.29 2.08
N VAL A 536 -30.12 -22.94 1.43
CA VAL A 536 -31.44 -23.10 2.00
C VAL A 536 -31.42 -24.36 2.84
N VAL A 537 -31.77 -24.21 4.14
CA VAL A 537 -31.73 -25.29 5.10
C VAL A 537 -33.06 -25.30 5.88
N ASN A 538 -33.35 -26.44 6.50
CA ASN A 538 -34.57 -26.56 7.30
C ASN A 538 -34.42 -25.74 8.56
N ASP A 539 -35.51 -25.04 8.92
CA ASP A 539 -35.46 -23.97 9.91
C ASP A 539 -34.64 -24.35 11.16
N THR A 540 -35.05 -25.39 11.88
CA THR A 540 -34.52 -25.64 13.21
C THR A 540 -33.45 -26.72 13.25
N ASP A 541 -33.00 -27.25 12.11
CA ASP A 541 -32.03 -28.35 12.17
C ASP A 541 -30.72 -27.93 12.84
N GLY A 542 -30.24 -26.72 12.56
CA GLY A 542 -28.97 -26.31 13.17
C GLY A 542 -29.06 -26.21 14.68
N ALA A 543 -30.10 -25.54 15.19
CA ALA A 543 -30.21 -25.38 16.64
C ALA A 543 -30.34 -26.73 17.32
N GLN A 544 -31.17 -27.62 16.75
CA GLN A 544 -31.37 -28.95 17.30
C GLN A 544 -30.09 -29.78 17.28
N THR A 545 -29.36 -29.75 16.15
CA THR A 545 -28.09 -30.46 16.12
C THR A 545 -27.12 -29.95 17.18
N LEU A 546 -27.07 -28.63 17.40
CA LEU A 546 -26.16 -28.12 18.41
C LEU A 546 -26.54 -28.60 19.80
N GLN A 547 -27.84 -28.53 20.12
CA GLN A 547 -28.34 -29.07 21.40
C GLN A 547 -28.01 -30.56 21.57
N GLN A 548 -28.23 -31.37 20.53
CA GLN A 548 -27.97 -32.80 20.61
C GLN A 548 -26.49 -33.06 20.84
N LEU A 549 -25.62 -32.28 20.17
CA LEU A 549 -24.19 -32.47 20.37
C LEU A 549 -23.79 -32.06 21.78
N LEU A 550 -24.44 -31.03 22.34
CA LEU A 550 -24.18 -30.62 23.71
C LEU A 550 -24.50 -31.75 24.68
N ALA A 551 -25.69 -32.36 24.55
CA ALA A 551 -26.06 -33.47 25.44
C ALA A 551 -25.11 -34.66 25.25
N GLN A 552 -24.85 -35.03 23.99
CA GLN A 552 -23.97 -36.17 23.71
C GLN A 552 -22.60 -35.97 24.37
N VAL A 553 -22.00 -34.81 24.17
CA VAL A 553 -20.67 -34.56 24.71
C VAL A 553 -20.72 -34.40 26.24
N SER A 554 -21.81 -33.88 26.78
CA SER A 554 -21.89 -33.76 28.23
C SER A 554 -21.95 -35.11 28.91
N HIS A 555 -22.34 -36.18 28.19
CA HIS A 555 -22.32 -37.51 28.80
C HIS A 555 -21.07 -38.34 28.54
N LEU A 556 -20.02 -37.77 27.94
CA LEU A 556 -18.80 -38.54 27.69
C LEU A 556 -18.05 -38.86 29.01
N MET B 1 -38.53 -16.03 44.90
CA MET B 1 -39.40 -15.48 43.87
C MET B 1 -38.79 -15.58 42.45
N SER B 2 -39.65 -15.72 41.43
CA SER B 2 -39.22 -15.90 40.03
C SER B 2 -38.98 -14.56 39.35
N VAL B 3 -37.72 -14.29 38.98
CA VAL B 3 -37.34 -13.05 38.31
C VAL B 3 -38.02 -12.93 36.94
N SER B 4 -38.14 -14.04 36.20
CA SER B 4 -38.72 -13.95 34.87
C SER B 4 -40.20 -13.59 34.93
N ALA B 5 -40.92 -14.18 35.90
CA ALA B 5 -42.33 -13.85 36.09
C ALA B 5 -42.49 -12.39 36.53
N PHE B 6 -41.65 -11.91 37.45
CA PHE B 6 -41.83 -10.53 37.87
C PHE B 6 -41.49 -9.56 36.74
N ASN B 7 -40.44 -9.85 35.96
CA ASN B 7 -40.15 -9.07 34.76
C ASN B 7 -41.40 -8.90 33.90
N ARG B 8 -42.14 -10.01 33.69
CA ARG B 8 -43.34 -9.86 32.85
C ARG B 8 -44.47 -9.12 33.57
N ARG B 9 -44.51 -9.12 34.90
CA ARG B 9 -45.50 -8.31 35.62
C ARG B 9 -45.24 -6.81 35.52
N TRP B 10 -43.98 -6.43 35.70
CA TRP B 10 -43.53 -5.06 35.51
C TRP B 10 -43.89 -4.57 34.10
N ALA B 11 -43.52 -5.37 33.08
CA ALA B 11 -43.82 -5.01 31.70
C ALA B 11 -45.32 -4.92 31.44
N ALA B 12 -46.11 -5.82 32.04
CA ALA B 12 -47.56 -5.77 31.82
C ALA B 12 -48.18 -4.50 32.38
N VAL B 13 -47.67 -4.00 33.52
CA VAL B 13 -48.10 -2.68 33.98
C VAL B 13 -47.76 -1.62 32.95
N ILE B 14 -46.54 -1.68 32.36
CA ILE B 14 -46.14 -0.68 31.37
C ILE B 14 -47.13 -0.65 30.18
N LEU B 15 -47.30 -1.82 29.54
CA LEU B 15 -48.10 -1.90 28.31
C LEU B 15 -49.57 -1.56 28.57
N GLU B 16 -50.15 -2.13 29.62
CA GLU B 16 -51.54 -1.83 29.95
C GLU B 16 -51.72 -0.34 30.23
N ALA B 17 -50.74 0.30 30.90
CA ALA B 17 -50.82 1.73 31.12
C ALA B 17 -50.85 2.51 29.81
N LEU B 18 -50.11 2.05 28.80
CA LEU B 18 -50.13 2.73 27.51
C LEU B 18 -51.52 2.71 26.88
N THR B 19 -52.27 1.61 27.07
CA THR B 19 -53.63 1.57 26.49
C THR B 19 -54.52 2.71 27.02
N ARG B 20 -54.22 3.27 28.18
CA ARG B 20 -55.05 4.34 28.72
C ARG B 20 -54.78 5.70 28.07
N HIS B 21 -53.80 5.80 27.17
CA HIS B 21 -53.53 7.07 26.51
C HIS B 21 -53.73 6.98 24.99
N GLY B 22 -54.50 6.01 24.50
CA GLY B 22 -54.78 5.94 23.09
C GLY B 22 -53.82 5.08 22.27
N VAL B 23 -52.86 4.41 22.90
CA VAL B 23 -51.95 3.54 22.15
C VAL B 23 -52.73 2.33 21.67
N ARG B 24 -52.82 2.18 20.36
CA ARG B 24 -53.49 1.08 19.68
C ARG B 24 -52.52 0.24 18.84
N HIS B 25 -51.56 0.85 18.20
CA HIS B 25 -50.61 0.12 17.37
C HIS B 25 -49.32 -0.05 18.14
N ILE B 26 -48.78 -1.25 18.08
CA ILE B 26 -47.48 -1.54 18.67
C ILE B 26 -46.64 -2.21 17.59
N CYS B 27 -45.44 -1.66 17.34
CA CYS B 27 -44.49 -2.17 16.36
C CYS B 27 -43.35 -2.84 17.11
N ILE B 28 -43.08 -4.09 16.75
CA ILE B 28 -42.21 -4.98 17.50
C ILE B 28 -41.11 -5.51 16.58
N ALA B 29 -39.87 -5.38 17.03
CA ALA B 29 -38.74 -6.02 16.36
C ALA B 29 -38.28 -7.21 17.19
N PRO B 30 -37.64 -8.21 16.56
CA PRO B 30 -37.28 -9.43 17.30
C PRO B 30 -36.11 -9.23 18.25
N GLY B 31 -36.14 -9.98 19.36
CA GLY B 31 -35.05 -9.90 20.31
C GLY B 31 -35.30 -10.78 21.53
N SER B 32 -34.26 -10.92 22.35
CA SER B 32 -34.38 -11.72 23.55
C SER B 32 -34.60 -10.87 24.80
N ARG B 33 -33.78 -9.83 24.98
CA ARG B 33 -33.90 -8.93 26.13
C ARG B 33 -35.26 -8.24 26.17
N SER B 34 -35.91 -8.11 25.02
CA SER B 34 -37.22 -7.48 24.91
C SER B 34 -38.38 -8.41 25.27
N THR B 35 -38.09 -9.67 25.61
CA THR B 35 -39.12 -10.66 25.94
C THR B 35 -40.19 -10.16 26.91
N PRO B 36 -39.86 -9.59 28.07
CA PRO B 36 -40.94 -9.12 28.97
C PRO B 36 -41.90 -8.15 28.30
N LEU B 37 -41.36 -7.19 27.52
CA LEU B 37 -42.22 -6.27 26.78
C LEU B 37 -43.01 -7.00 25.70
N THR B 38 -42.32 -7.78 24.88
CA THR B 38 -42.97 -8.39 23.73
C THR B 38 -44.10 -9.33 24.17
N LEU B 39 -43.84 -10.17 25.17
CA LEU B 39 -44.90 -11.06 25.65
C LEU B 39 -46.01 -10.27 26.34
N ALA B 40 -45.67 -9.23 27.11
CA ALA B 40 -46.74 -8.40 27.68
C ALA B 40 -47.64 -7.83 26.60
N ALA B 41 -47.06 -7.38 25.48
CA ALA B 41 -47.82 -6.77 24.39
C ALA B 41 -48.61 -7.81 23.62
N ALA B 42 -48.01 -8.99 23.42
CA ALA B 42 -48.64 -10.06 22.65
C ALA B 42 -49.88 -10.59 23.35
N GLU B 43 -49.89 -10.62 24.68
CA GLU B 43 -51.03 -11.07 25.50
C GLU B 43 -52.13 -10.02 25.66
N ASN B 44 -51.89 -8.77 25.25
CA ASN B 44 -52.84 -7.70 25.49
C ASN B 44 -53.70 -7.49 24.24
N SER B 45 -55.00 -7.76 24.38
CA SER B 45 -55.98 -7.70 23.29
C SER B 45 -56.26 -6.29 22.80
N ALA B 46 -55.80 -5.27 23.53
CA ALA B 46 -56.06 -3.90 23.10
C ALA B 46 -55.23 -3.48 21.88
N PHE B 47 -54.20 -4.24 21.51
CA PHE B 47 -53.22 -3.79 20.54
C PHE B 47 -53.38 -4.47 19.18
N ILE B 48 -53.07 -3.71 18.12
CA ILE B 48 -52.71 -4.25 16.81
C ILE B 48 -51.18 -4.28 16.71
N HIS B 49 -50.61 -5.43 16.36
CA HIS B 49 -49.17 -5.65 16.39
C HIS B 49 -48.60 -5.67 14.97
N HIS B 50 -47.52 -4.93 14.75
CA HIS B 50 -46.79 -4.98 13.49
C HIS B 50 -45.37 -5.46 13.80
N THR B 51 -44.78 -6.22 12.90
CA THR B 51 -43.44 -6.72 13.12
C THR B 51 -42.58 -6.31 11.93
N HIS B 52 -41.29 -6.18 12.19
CA HIS B 52 -40.33 -5.99 11.12
C HIS B 52 -38.95 -6.31 11.68
N PHE B 53 -38.04 -6.68 10.79
CA PHE B 53 -36.70 -7.11 11.19
C PHE B 53 -35.68 -5.99 11.21
N ASP B 54 -35.97 -4.88 10.55
CA ASP B 54 -35.05 -3.76 10.51
C ASP B 54 -35.65 -2.74 11.45
N GLU B 55 -34.88 -2.28 12.42
CA GLU B 55 -35.45 -1.34 13.37
C GLU B 55 -35.54 0.09 12.83
N ARG B 56 -34.69 0.49 11.89
CA ARG B 56 -34.87 1.80 11.29
C ARG B 56 -36.20 1.91 10.56
N GLY B 57 -36.46 0.95 9.68
CA GLY B 57 -37.76 0.88 9.01
C GLY B 57 -38.89 0.68 9.98
N LEU B 58 -38.64 -0.04 11.07
CA LEU B 58 -39.66 -0.30 12.10
C LEU B 58 -40.11 1.00 12.74
N GLY B 59 -39.15 1.86 13.09
CA GLY B 59 -39.47 3.18 13.58
C GLY B 59 -40.23 4.04 12.57
N HIS B 60 -39.83 3.97 11.27
CA HIS B 60 -40.59 4.80 10.31
C HIS B 60 -42.00 4.27 10.08
N LEU B 61 -42.19 2.96 10.16
CA LEU B 61 -43.53 2.38 10.06
C LEU B 61 -44.41 2.92 11.19
N ALA B 62 -43.88 2.92 12.42
CA ALA B 62 -44.62 3.53 13.53
C ALA B 62 -44.88 5.00 13.27
N LEU B 63 -43.92 5.68 12.66
CA LEU B 63 -44.09 7.09 12.30
C LEU B 63 -45.26 7.29 11.31
N GLY B 64 -45.37 6.47 10.29
CA GLY B 64 -46.50 6.59 9.38
C GLY B 64 -47.82 6.26 10.06
N LEU B 65 -47.81 5.22 10.92
CA LEU B 65 -49.01 4.89 11.69
C LEU B 65 -49.48 6.07 12.53
N ALA B 66 -48.56 6.70 13.27
CA ALA B 66 -48.91 7.84 14.11
C ALA B 66 -49.30 9.04 13.26
N LYS B 67 -48.60 9.22 12.15
CA LYS B 67 -48.84 10.34 11.25
C LYS B 67 -50.29 10.35 10.78
N VAL B 68 -50.83 9.18 10.41
CA VAL B 68 -52.20 9.14 9.92
C VAL B 68 -53.20 9.10 11.08
N SER B 69 -52.95 8.25 12.06
CA SER B 69 -53.95 8.01 13.09
C SER B 69 -54.00 9.12 14.12
N LYS B 70 -52.96 9.95 14.21
CA LYS B 70 -52.87 11.07 15.15
C LYS B 70 -53.00 10.61 16.61
N GLN B 71 -52.55 9.40 16.88
CA GLN B 71 -52.50 8.77 18.20
C GLN B 71 -51.06 8.47 18.53
N PRO B 72 -50.72 8.26 19.81
CA PRO B 72 -49.38 7.74 20.14
C PRO B 72 -49.25 6.30 19.67
N VAL B 73 -48.08 5.96 19.14
CA VAL B 73 -47.81 4.62 18.63
C VAL B 73 -46.57 4.10 19.33
N ALA B 74 -46.64 2.86 19.83
CA ALA B 74 -45.55 2.30 20.61
C ALA B 74 -44.63 1.44 19.75
N VAL B 75 -43.37 1.38 20.16
CA VAL B 75 -42.33 0.60 19.50
C VAL B 75 -41.58 -0.21 20.55
N ILE B 76 -41.39 -1.50 20.30
CA ILE B 76 -40.61 -2.37 21.17
C ILE B 76 -39.41 -2.88 20.40
N VAL B 77 -38.23 -2.70 21.00
CA VAL B 77 -36.94 -3.06 20.44
C VAL B 77 -36.08 -3.68 21.53
N THR B 78 -35.14 -4.53 21.11
CA THR B 78 -34.22 -5.17 22.03
C THR B 78 -33.03 -4.24 22.32
N SER B 79 -32.12 -4.67 23.20
CA SER B 79 -31.02 -3.78 23.57
C SER B 79 -29.97 -3.76 22.45
N GLY B 80 -29.12 -2.72 22.47
CA GLY B 80 -28.00 -2.61 21.54
C GLY B 80 -28.18 -1.62 20.39
N THR B 81 -27.56 -1.89 19.24
CA THR B 81 -27.69 -1.01 18.08
C THR B 81 -29.10 -0.99 17.50
N ALA B 82 -29.94 -1.97 17.84
CA ALA B 82 -31.36 -1.90 17.49
C ALA B 82 -31.99 -0.61 17.99
N VAL B 83 -31.65 -0.21 19.21
CA VAL B 83 -32.17 1.04 19.76
C VAL B 83 -31.66 2.25 18.96
N ALA B 84 -30.39 2.23 18.61
CA ALA B 84 -29.85 3.36 17.84
C ALA B 84 -30.53 3.48 16.48
N ASN B 85 -30.95 2.36 15.89
CA ASN B 85 -31.64 2.45 14.60
C ASN B 85 -32.97 3.21 14.66
N LEU B 86 -33.51 3.46 15.85
CA LEU B 86 -34.74 4.24 15.97
C LEU B 86 -34.51 5.74 15.85
N TYR B 87 -33.23 6.20 15.84
CA TYR B 87 -32.96 7.64 15.93
C TYR B 87 -33.61 8.44 14.82
N PRO B 88 -33.49 8.08 13.53
CA PRO B 88 -34.07 8.94 12.49
C PRO B 88 -35.55 9.17 12.67
N ALA B 89 -36.34 8.10 12.86
CA ALA B 89 -37.78 8.29 13.00
C ALA B 89 -38.08 9.15 14.22
N LEU B 90 -37.33 8.97 15.29
CA LEU B 90 -37.56 9.75 16.51
C LEU B 90 -37.30 11.24 16.27
N ILE B 91 -36.22 11.56 15.53
CA ILE B 91 -35.87 12.94 15.17
C ILE B 91 -37.00 13.56 14.34
N GLU B 92 -37.43 12.85 13.29
CA GLU B 92 -38.51 13.36 12.47
C GLU B 92 -39.77 13.59 13.32
N ALA B 93 -40.11 12.64 14.20
CA ALA B 93 -41.27 12.83 15.06
C ALA B 93 -41.10 14.04 15.97
N GLY B 94 -39.89 14.24 16.49
CA GLY B 94 -39.65 15.42 17.31
C GLY B 94 -39.84 16.72 16.54
N LEU B 95 -39.68 16.67 15.21
CA LEU B 95 -39.90 17.87 14.40
C LEU B 95 -41.33 18.05 13.91
N THR B 96 -42.06 16.98 13.53
CA THR B 96 -43.39 17.15 12.97
C THR B 96 -44.53 16.80 13.94
N GLY B 97 -44.22 16.22 15.09
CA GLY B 97 -45.17 16.10 16.18
C GLY B 97 -45.72 14.71 16.46
N GLU B 98 -45.47 13.72 15.59
CA GLU B 98 -45.93 12.34 15.85
C GLU B 98 -45.45 11.89 17.24
N LYS B 99 -46.33 11.20 17.97
CA LYS B 99 -46.03 10.73 19.32
C LYS B 99 -45.63 9.26 19.23
N LEU B 100 -44.32 8.99 19.27
CA LEU B 100 -43.78 7.64 19.26
C LEU B 100 -43.29 7.27 20.65
N ILE B 101 -43.78 6.17 21.20
CA ILE B 101 -43.37 5.73 22.51
C ILE B 101 -42.39 4.59 22.30
N LEU B 102 -41.10 4.88 22.51
CA LEU B 102 -40.02 3.92 22.27
C LEU B 102 -39.74 3.17 23.57
N LEU B 103 -40.16 1.90 23.62
CA LEU B 103 -39.88 0.99 24.74
C LEU B 103 -38.63 0.20 24.39
N THR B 104 -37.48 0.59 24.95
CA THR B 104 -36.19 0.00 24.58
C THR B 104 -35.70 -0.89 25.72
N ALA B 105 -35.73 -2.21 25.51
CA ALA B 105 -35.20 -3.12 26.53
C ALA B 105 -33.72 -2.87 26.76
N ASP B 106 -33.26 -3.13 27.98
CA ASP B 106 -31.86 -2.90 28.31
C ASP B 106 -31.37 -4.01 29.17
N ARG B 107 -30.07 -4.27 29.13
CA ARG B 107 -29.44 -5.06 30.17
C ARG B 107 -29.58 -4.40 31.52
N PRO B 108 -29.45 -5.14 32.61
CA PRO B 108 -29.51 -4.61 33.99
C PRO B 108 -28.28 -3.73 34.32
N PRO B 109 -28.33 -2.84 35.32
CA PRO B 109 -27.16 -1.95 35.53
C PRO B 109 -25.86 -2.68 35.79
N GLU B 110 -25.88 -3.83 36.47
CA GLU B 110 -24.66 -4.58 36.75
C GLU B 110 -24.00 -5.15 35.49
N LEU B 111 -24.60 -4.99 34.31
CA LEU B 111 -24.06 -5.54 33.07
C LEU B 111 -23.76 -4.46 32.03
N ILE B 112 -23.69 -3.18 32.45
CA ILE B 112 -23.28 -2.06 31.59
C ILE B 112 -21.79 -1.77 31.83
N ASP B 113 -21.05 -1.47 30.76
CA ASP B 113 -19.62 -1.09 30.80
C ASP B 113 -18.70 -2.17 31.37
N CYS B 114 -18.99 -3.46 31.08
CA CYS B 114 -18.11 -4.51 31.57
C CYS B 114 -17.89 -5.61 30.55
N GLY B 115 -18.05 -5.31 29.26
CA GLY B 115 -17.82 -6.31 28.24
C GLY B 115 -18.93 -7.32 28.05
N ALA B 116 -20.11 -7.11 28.63
CA ALA B 116 -21.23 -8.00 28.36
C ALA B 116 -21.69 -7.86 26.90
N ASN B 117 -22.21 -8.92 26.37
CA ASN B 117 -22.68 -8.94 25.03
C ASN B 117 -23.92 -8.10 24.77
N GLN B 118 -23.90 -7.34 23.67
CA GLN B 118 -25.07 -6.57 23.23
C GLN B 118 -25.57 -5.68 24.36
N ALA B 119 -24.65 -5.13 25.12
CA ALA B 119 -24.95 -4.21 26.21
C ALA B 119 -24.28 -2.89 25.90
N ILE B 120 -25.07 -1.81 25.82
CA ILE B 120 -24.53 -0.47 25.61
C ILE B 120 -25.21 0.49 26.58
N ARG B 121 -24.66 1.69 26.65
CA ARG B 121 -25.18 2.74 27.49
C ARG B 121 -26.36 3.39 26.78
N GLN B 122 -27.54 3.15 27.31
CA GLN B 122 -28.77 3.52 26.65
C GLN B 122 -29.51 4.73 27.23
N PRO B 123 -29.54 4.92 28.57
CA PRO B 123 -30.16 6.16 29.08
C PRO B 123 -29.53 7.38 28.44
N GLY B 124 -30.39 8.28 27.95
CA GLY B 124 -29.97 9.52 27.35
C GLY B 124 -29.38 9.42 25.96
N MET B 125 -29.35 8.25 25.34
CA MET B 125 -28.60 8.17 24.10
C MET B 125 -29.26 8.92 22.94
N PHE B 126 -30.53 9.35 23.06
CA PHE B 126 -31.16 10.16 22.03
C PHE B 126 -31.06 11.66 22.34
N ALA B 127 -30.21 12.05 23.31
CA ALA B 127 -29.88 13.44 23.68
C ALA B 127 -31.20 14.17 23.91
N SER B 128 -31.42 15.34 23.29
CA SER B 128 -32.57 16.19 23.54
C SER B 128 -33.70 15.97 22.55
N HIS B 129 -33.62 14.93 21.73
CA HIS B 129 -34.59 14.69 20.67
C HIS B 129 -35.89 14.11 21.17
N PRO B 130 -35.90 13.28 22.22
CA PRO B 130 -37.18 12.93 22.83
C PRO B 130 -37.83 14.11 23.53
N THR B 131 -39.16 14.20 23.46
CA THR B 131 -39.89 15.16 24.30
C THR B 131 -39.77 14.82 25.79
N HIS B 132 -39.90 13.53 26.17
CA HIS B 132 -39.63 13.04 27.52
C HIS B 132 -38.69 11.85 27.48
N SER B 133 -37.84 11.71 28.48
CA SER B 133 -37.00 10.52 28.60
C SER B 133 -37.23 9.92 29.97
N ILE B 134 -37.50 8.62 30.02
CA ILE B 134 -37.62 7.91 31.29
C ILE B 134 -36.64 6.74 31.31
N SER B 135 -35.77 6.72 32.31
CA SER B 135 -34.90 5.57 32.50
C SER B 135 -35.47 4.80 33.68
N LEU B 136 -36.22 3.74 33.37
CA LEU B 136 -36.80 2.96 34.43
C LEU B 136 -35.68 2.28 35.24
N PRO B 137 -35.88 2.12 36.54
CA PRO B 137 -34.90 1.40 37.36
C PRO B 137 -35.01 -0.11 37.16
N ARG B 138 -34.02 -0.80 37.70
CA ARG B 138 -34.01 -2.24 37.70
C ARG B 138 -35.30 -2.73 38.36
N PRO B 139 -36.05 -3.62 37.72
CA PRO B 139 -37.33 -4.06 38.30
C PRO B 139 -37.17 -4.64 39.70
N THR B 140 -38.05 -4.23 40.61
CA THR B 140 -38.07 -4.75 41.98
C THR B 140 -39.43 -4.50 42.60
N GLN B 141 -39.87 -5.45 43.45
CA GLN B 141 -41.11 -5.28 44.18
C GLN B 141 -41.00 -4.22 45.27
N ASP B 142 -39.79 -3.74 45.60
CA ASP B 142 -39.66 -2.64 46.56
C ASP B 142 -40.08 -1.29 45.98
N ILE B 143 -40.27 -1.18 44.68
CA ILE B 143 -40.86 0.02 44.09
C ILE B 143 -42.30 -0.33 43.74
N PRO B 144 -43.28 0.40 44.27
CA PRO B 144 -44.68 -0.03 44.07
C PRO B 144 -45.14 0.22 42.65
N ALA B 145 -46.11 -0.58 42.24
CA ALA B 145 -46.67 -0.44 40.90
C ALA B 145 -47.27 0.94 40.67
N ARG B 146 -47.79 1.60 41.71
CA ARG B 146 -48.41 2.91 41.51
C ARG B 146 -47.39 3.96 41.08
N TRP B 147 -46.13 3.82 41.51
CA TRP B 147 -45.06 4.68 40.99
C TRP B 147 -44.83 4.43 39.51
N LEU B 148 -44.81 3.15 39.11
CA LEU B 148 -44.50 2.82 37.72
C LEU B 148 -45.57 3.36 36.78
N VAL B 149 -46.84 3.08 37.11
CA VAL B 149 -47.92 3.60 36.28
C VAL B 149 -47.96 5.12 36.31
N SER B 150 -47.68 5.74 37.48
CA SER B 150 -47.72 7.20 37.55
C SER B 150 -46.65 7.82 36.66
N THR B 151 -45.47 7.20 36.62
CA THR B 151 -44.41 7.73 35.77
C THR B 151 -44.82 7.69 34.31
N ILE B 152 -45.35 6.55 33.85
CA ILE B 152 -45.78 6.49 32.46
C ILE B 152 -46.93 7.44 32.19
N ASP B 153 -47.86 7.55 33.15
CA ASP B 153 -49.01 8.44 33.00
C ASP B 153 -48.57 9.89 32.91
N HIS B 154 -47.56 10.27 33.68
CA HIS B 154 -47.02 11.61 33.56
C HIS B 154 -46.43 11.84 32.17
N ALA B 155 -45.61 10.90 31.68
CA ALA B 155 -44.96 11.11 30.38
C ALA B 155 -45.98 11.23 29.25
N LEU B 156 -46.98 10.34 29.20
CA LEU B 156 -47.96 10.35 28.12
C LEU B 156 -49.02 11.44 28.30
N GLY B 157 -49.41 11.73 29.55
CA GLY B 157 -50.42 12.74 29.77
C GLY B 157 -49.95 14.14 29.41
N THR B 158 -48.69 14.47 29.72
CA THR B 158 -48.16 15.79 29.39
C THR B 158 -47.50 15.86 28.02
N LEU B 159 -47.62 14.79 27.23
CA LEU B 159 -46.99 14.74 25.91
C LEU B 159 -47.82 15.54 24.92
N HIS B 160 -47.31 16.72 24.53
CA HIS B 160 -47.99 17.55 23.53
C HIS B 160 -47.72 17.03 22.11
N ALA B 161 -46.46 16.69 21.82
CA ALA B 161 -46.01 16.21 20.51
C ALA B 161 -44.64 15.60 20.70
N GLY B 162 -44.23 14.74 19.74
CA GLY B 162 -42.91 14.17 19.74
C GLY B 162 -42.80 12.83 20.44
N GLY B 163 -41.57 12.34 20.53
CA GLY B 163 -41.34 11.01 21.01
C GLY B 163 -41.11 10.90 22.50
N VAL B 164 -41.36 9.68 23.01
CA VAL B 164 -41.08 9.33 24.39
C VAL B 164 -40.10 8.13 24.39
N HIS B 165 -38.95 8.33 25.03
CA HIS B 165 -37.96 7.28 25.21
C HIS B 165 -38.14 6.67 26.59
N ILE B 166 -38.52 5.39 26.63
CA ILE B 166 -38.72 4.66 27.86
C ILE B 166 -37.73 3.48 27.86
N ASN B 167 -36.62 3.62 28.60
CA ASN B 167 -35.61 2.58 28.69
C ASN B 167 -35.99 1.60 29.80
N CYS B 168 -36.10 0.31 29.45
CA CYS B 168 -36.61 -0.72 30.35
C CYS B 168 -35.55 -1.80 30.56
N PRO B 169 -34.71 -1.69 31.58
CA PRO B 169 -33.80 -2.79 31.88
C PRO B 169 -34.52 -3.98 32.50
N PHE B 170 -34.04 -5.18 32.16
CA PHE B 170 -34.53 -6.45 32.71
C PHE B 170 -33.33 -7.36 32.96
N ALA B 171 -33.30 -7.97 34.13
CA ALA B 171 -32.28 -8.96 34.45
C ALA B 171 -32.74 -10.35 34.06
N GLU B 172 -31.79 -11.21 33.75
CA GLU B 172 -32.05 -12.62 33.56
C GLU B 172 -32.43 -13.29 34.88
N PRO B 173 -33.11 -14.45 34.82
CA PRO B 173 -33.64 -15.14 33.64
C PRO B 173 -34.85 -14.44 33.02
N LEU B 174 -34.96 -14.58 31.69
CA LEU B 174 -36.09 -13.99 30.98
C LEU B 174 -37.16 -15.00 30.63
N TYR B 175 -36.81 -16.29 30.59
CA TYR B 175 -37.72 -17.34 30.17
C TYR B 175 -38.14 -18.19 31.37
N GLY B 176 -39.23 -18.91 31.21
CA GLY B 176 -39.74 -19.68 32.31
C GLY B 176 -41.25 -19.53 32.44
N GLU B 177 -41.92 -20.52 33.03
CA GLU B 177 -43.37 -20.44 33.17
C GLU B 177 -43.74 -19.32 34.15
N MET B 178 -44.91 -18.70 33.91
CA MET B 178 -45.47 -17.71 34.82
C MET B 178 -45.95 -18.36 36.11
N ASP B 179 -45.40 -17.94 37.24
CA ASP B 179 -46.01 -18.21 38.53
C ASP B 179 -46.58 -16.93 39.17
N ASP B 180 -47.04 -17.05 40.42
CA ASP B 180 -47.68 -15.96 41.16
C ASP B 180 -46.71 -14.83 41.59
N THR B 181 -45.43 -14.87 41.20
CA THR B 181 -44.52 -13.77 41.57
C THR B 181 -44.99 -12.45 40.97
N GLY B 182 -45.18 -11.46 41.82
CA GLY B 182 -45.60 -10.15 41.40
C GLY B 182 -47.10 -9.95 41.30
N LEU B 183 -47.90 -11.00 41.51
CA LEU B 183 -49.35 -10.87 41.39
C LEU B 183 -49.91 -9.90 42.43
N SER B 184 -49.60 -10.09 43.73
CA SER B 184 -50.13 -9.18 44.74
C SER B 184 -49.63 -7.74 44.56
N TRP B 185 -48.37 -7.61 44.12
CA TRP B 185 -47.79 -6.31 43.77
C TRP B 185 -48.63 -5.59 42.70
N GLN B 186 -49.01 -6.32 41.64
CA GLN B 186 -49.95 -5.82 40.62
C GLN B 186 -51.32 -5.49 41.20
N GLN B 187 -51.83 -6.32 42.11
CA GLN B 187 -53.18 -6.12 42.60
C GLN B 187 -53.28 -4.90 43.49
N ARG B 188 -52.16 -4.38 44.01
CA ARG B 188 -52.20 -3.08 44.71
C ARG B 188 -52.80 -1.94 43.88
N LEU B 189 -52.97 -2.12 42.56
CA LEU B 189 -53.67 -1.13 41.76
C LEU B 189 -55.19 -1.34 41.74
N GLY B 190 -55.70 -2.38 42.40
CA GLY B 190 -57.15 -2.51 42.55
C GLY B 190 -57.83 -2.63 41.20
N ASP B 191 -58.98 -1.98 41.07
CA ASP B 191 -59.73 -2.07 39.82
C ASP B 191 -59.26 -1.08 38.77
N TRP B 192 -58.11 -0.43 38.98
CA TRP B 192 -57.47 0.24 37.86
C TRP B 192 -57.27 -0.71 36.68
N TRP B 193 -57.06 -2.00 36.96
CA TRP B 193 -56.85 -2.96 35.88
C TRP B 193 -58.04 -3.04 34.94
N GLN B 194 -59.26 -2.75 35.43
CA GLN B 194 -60.47 -2.81 34.61
C GLN B 194 -60.89 -1.45 34.09
N ASP B 195 -60.14 -0.42 34.38
CA ASP B 195 -60.53 0.94 34.04
C ASP B 195 -60.02 1.35 32.63
N ASP B 196 -60.56 2.45 32.13
CA ASP B 196 -60.10 2.98 30.86
C ASP B 196 -59.32 4.28 31.03
N LYS B 197 -59.24 4.79 32.26
CA LYS B 197 -58.53 6.01 32.65
C LYS B 197 -57.11 5.71 33.04
N PRO B 198 -56.24 6.71 32.95
CA PRO B 198 -54.92 6.58 33.56
C PRO B 198 -55.05 6.47 35.08
N TRP B 199 -54.05 5.84 35.70
CA TRP B 199 -53.94 5.89 37.16
C TRP B 199 -53.87 7.34 37.63
N LEU B 200 -52.98 8.16 37.02
CA LEU B 200 -52.89 9.58 37.30
C LEU B 200 -53.24 10.34 36.03
N ARG B 201 -54.29 11.16 36.11
CA ARG B 201 -54.70 12.00 35.00
C ARG B 201 -54.03 13.34 35.14
N GLU B 202 -53.11 13.63 34.22
CA GLU B 202 -52.35 14.87 34.18
C GLU B 202 -52.29 15.25 32.72
N ALA B 203 -53.21 16.10 32.28
CA ALA B 203 -53.37 16.42 30.86
C ALA B 203 -53.59 17.92 30.66
N PRO B 204 -52.60 18.75 30.99
CA PRO B 204 -52.77 20.19 30.76
C PRO B 204 -52.64 20.47 29.28
N ARG B 205 -53.48 21.39 28.81
CA ARG B 205 -53.51 21.76 27.40
C ARG B 205 -52.64 22.98 27.19
N LEU B 206 -51.89 22.97 26.10
CA LEU B 206 -51.00 24.06 25.76
C LEU B 206 -51.61 24.78 24.55
N GLU B 207 -51.98 26.04 24.74
CA GLU B 207 -52.66 26.77 23.68
C GLU B 207 -52.46 28.27 23.85
N SER B 208 -52.18 28.93 22.73
CA SER B 208 -52.15 30.39 22.72
C SER B 208 -53.57 30.92 22.91
N GLU B 209 -53.65 32.12 23.47
CA GLU B 209 -54.95 32.75 23.70
C GLU B 209 -55.45 33.45 22.44
N LYS B 210 -56.75 33.74 22.42
CA LYS B 210 -57.34 34.54 21.36
C LYS B 210 -56.60 35.86 21.24
N GLN B 211 -56.31 36.24 20.00
CA GLN B 211 -55.65 37.52 19.74
C GLN B 211 -56.71 38.62 19.69
N ARG B 212 -56.69 39.51 20.68
CA ARG B 212 -57.74 40.50 20.85
C ARG B 212 -57.67 41.65 19.86
N ASP B 213 -56.60 41.78 19.08
CA ASP B 213 -56.56 42.77 18.03
C ASP B 213 -56.76 42.14 16.64
N TRP B 214 -57.31 40.91 16.59
CA TRP B 214 -57.54 40.25 15.30
C TRP B 214 -58.53 41.05 14.45
N PHE B 215 -59.54 41.65 15.08
CA PHE B 215 -60.49 42.50 14.37
C PHE B 215 -59.82 43.69 13.71
N PHE B 216 -58.70 44.18 14.25
CA PHE B 216 -57.92 45.22 13.59
C PHE B 216 -57.12 44.65 12.41
N TRP B 217 -56.41 43.52 12.63
CA TRP B 217 -55.47 43.03 11.61
C TRP B 217 -56.19 42.37 10.43
N ARG B 218 -57.37 41.83 10.62
CA ARG B 218 -58.02 41.19 9.48
C ARG B 218 -58.55 42.18 8.44
N GLN B 219 -58.54 43.46 8.75
CA GLN B 219 -58.88 44.46 7.76
C GLN B 219 -57.63 45.00 6.99
N LYS B 220 -56.41 44.57 7.30
CA LYS B 220 -55.25 45.07 6.60
C LYS B 220 -55.07 44.27 5.31
N ARG B 221 -54.07 44.62 4.52
CA ARG B 221 -53.79 43.81 3.35
C ARG B 221 -52.94 42.64 3.81
N GLY B 222 -53.55 41.45 3.86
CA GLY B 222 -52.86 40.28 4.34
C GLY B 222 -52.55 39.24 3.28
N VAL B 223 -51.66 38.32 3.62
CA VAL B 223 -51.32 37.15 2.81
C VAL B 223 -51.45 35.93 3.69
N VAL B 224 -52.04 34.86 3.12
CA VAL B 224 -52.13 33.59 3.80
C VAL B 224 -51.13 32.65 3.13
N VAL B 225 -50.22 32.10 3.92
CA VAL B 225 -49.30 31.06 3.46
C VAL B 225 -49.73 29.79 4.17
N ALA B 226 -50.03 28.74 3.41
CA ALA B 226 -50.54 27.50 3.98
C ALA B 226 -49.50 26.39 3.81
N GLY B 227 -48.92 25.94 4.92
CA GLY B 227 -47.99 24.79 4.98
C GLY B 227 -48.66 23.48 5.39
N ARG B 228 -47.91 22.60 6.04
CA ARG B 228 -48.45 21.28 6.37
C ARG B 228 -49.57 21.39 7.40
N MET B 229 -50.68 20.72 7.12
CA MET B 229 -51.85 20.66 7.97
C MET B 229 -52.65 19.46 7.48
N SER B 230 -53.75 19.16 8.18
CA SER B 230 -54.65 18.08 7.81
C SER B 230 -55.55 18.50 6.62
N ALA B 231 -56.18 17.51 6.02
CA ALA B 231 -57.00 17.77 4.84
C ALA B 231 -58.19 18.69 5.16
N GLU B 232 -58.91 18.41 6.26
CA GLU B 232 -59.97 19.30 6.74
C GLU B 232 -59.45 20.71 6.95
N GLU B 233 -58.27 20.83 7.57
CA GLU B 233 -57.67 22.14 7.79
C GLU B 233 -57.39 22.86 6.48
N GLY B 234 -56.90 22.14 5.46
CA GLY B 234 -56.66 22.75 4.17
C GLY B 234 -57.92 23.38 3.58
N LYS B 235 -59.03 22.64 3.56
CA LYS B 235 -60.27 23.25 3.01
C LYS B 235 -60.71 24.46 3.84
N LYS B 236 -60.66 24.35 5.17
CA LYS B 236 -61.11 25.49 5.98
C LYS B 236 -60.23 26.71 5.75
N VAL B 237 -58.92 26.51 5.59
CA VAL B 237 -58.02 27.64 5.29
C VAL B 237 -58.34 28.24 3.92
N ALA B 238 -58.64 27.41 2.92
CA ALA B 238 -59.01 27.93 1.61
C ALA B 238 -60.23 28.84 1.72
N LEU B 239 -61.31 28.38 2.37
CA LEU B 239 -62.50 29.21 2.48
C LEU B 239 -62.21 30.47 3.31
N TRP B 240 -61.41 30.34 4.36
CA TRP B 240 -61.08 31.49 5.22
C TRP B 240 -60.32 32.57 4.46
N ALA B 241 -59.25 32.19 3.75
CA ALA B 241 -58.48 33.15 2.96
C ALA B 241 -59.30 33.75 1.84
N GLN B 242 -60.13 32.95 1.17
CA GLN B 242 -61.02 33.51 0.15
C GLN B 242 -61.96 34.54 0.76
N THR B 243 -62.61 34.22 1.90
CA THR B 243 -63.51 35.18 2.54
C THR B 243 -62.78 36.47 2.92
N LEU B 244 -61.57 36.36 3.47
CA LEU B 244 -60.76 37.53 3.74
C LEU B 244 -60.42 38.32 2.49
N GLY B 245 -60.45 37.69 1.32
CA GLY B 245 -59.95 38.37 0.15
C GLY B 245 -58.44 38.45 0.10
N TRP B 246 -57.76 37.58 0.82
CA TRP B 246 -56.30 37.55 0.88
C TRP B 246 -55.75 36.47 -0.06
N PRO B 247 -54.66 36.75 -0.77
CA PRO B 247 -54.07 35.72 -1.60
C PRO B 247 -53.60 34.55 -0.75
N LEU B 248 -53.80 33.36 -1.28
CA LEU B 248 -53.45 32.12 -0.60
C LEU B 248 -52.34 31.46 -1.40
N ILE B 249 -51.15 31.42 -0.81
CA ILE B 249 -50.00 30.69 -1.32
C ILE B 249 -50.03 29.33 -0.64
N GLY B 250 -50.36 28.29 -1.41
CA GLY B 250 -50.65 26.98 -0.85
C GLY B 250 -49.55 25.98 -1.19
N ASP B 251 -49.03 25.34 -0.14
CA ASP B 251 -47.98 24.35 -0.30
C ASP B 251 -48.59 23.04 -0.83
N VAL B 252 -47.72 22.19 -1.39
CA VAL B 252 -48.15 20.86 -1.83
C VAL B 252 -48.80 20.09 -0.68
N LEU B 253 -48.34 20.34 0.54
CA LEU B 253 -48.82 19.63 1.75
C LEU B 253 -50.05 20.26 2.39
N SER B 254 -50.58 21.35 1.85
CA SER B 254 -51.60 22.11 2.57
C SER B 254 -53.02 21.59 2.33
N GLN B 255 -53.28 21.02 1.22
CA GLN B 255 -54.56 20.51 0.87
C GLN B 255 -55.62 21.62 0.79
N THR B 256 -55.15 22.80 0.45
CA THR B 256 -56.01 23.94 0.25
C THR B 256 -56.65 23.96 -1.13
N GLY B 257 -56.17 23.14 -2.07
CA GLY B 257 -56.56 23.26 -3.44
C GLY B 257 -55.71 24.21 -4.24
N GLN B 258 -54.78 24.89 -3.59
CA GLN B 258 -53.80 25.75 -4.25
C GLN B 258 -54.45 26.66 -5.30
N PRO B 259 -55.35 27.55 -4.88
CA PRO B 259 -56.03 28.43 -5.83
C PRO B 259 -55.11 29.37 -6.60
N LEU B 260 -53.85 29.56 -6.16
CA LEU B 260 -52.83 30.29 -6.92
C LEU B 260 -51.65 29.36 -7.21
N PRO B 261 -51.85 28.37 -8.07
CA PRO B 261 -50.85 27.31 -8.26
C PRO B 261 -49.56 27.82 -8.88
N CYS B 262 -48.54 26.96 -8.80
CA CYS B 262 -47.22 27.21 -9.38
C CYS B 262 -46.55 28.42 -8.74
N ALA B 263 -46.74 28.58 -7.43
CA ALA B 263 -46.08 29.67 -6.70
C ALA B 263 -44.56 29.59 -6.80
N ASP B 264 -44.00 28.38 -6.88
CA ASP B 264 -42.56 28.29 -7.02
C ASP B 264 -42.08 28.93 -8.31
N LEU B 265 -42.99 29.10 -9.27
CA LEU B 265 -42.65 29.83 -10.49
C LEU B 265 -43.04 31.30 -10.43
N TRP B 266 -44.30 31.59 -10.13
CA TRP B 266 -44.71 32.99 -10.27
C TRP B 266 -44.15 33.87 -9.17
N LEU B 267 -43.73 33.29 -8.04
CA LEU B 267 -43.00 34.08 -7.07
C LEU B 267 -41.60 34.45 -7.53
N GLY B 268 -41.14 33.94 -8.67
CA GLY B 268 -39.90 34.40 -9.28
C GLY B 268 -40.07 35.64 -10.14
N ASN B 269 -41.31 36.10 -10.33
CA ASN B 269 -41.63 37.24 -11.19
C ASN B 269 -41.68 38.52 -10.36
N ALA B 270 -41.00 39.56 -10.85
CA ALA B 270 -40.88 40.81 -10.10
C ALA B 270 -42.22 41.49 -9.88
N LYS B 271 -43.18 41.29 -10.79
CA LYS B 271 -44.51 41.87 -10.59
C LYS B 271 -45.17 41.29 -9.34
N ALA B 272 -44.95 39.99 -9.07
CA ALA B 272 -45.57 39.37 -7.90
C ALA B 272 -44.94 39.86 -6.60
N THR B 273 -43.61 39.83 -6.54
CA THR B 273 -42.95 40.29 -5.31
C THR B 273 -43.24 41.77 -5.05
N SER B 274 -43.31 42.57 -6.11
CA SER B 274 -43.66 43.98 -5.95
C SER B 274 -45.07 44.14 -5.42
N GLU B 275 -46.03 43.36 -5.95
CA GLU B 275 -47.38 43.45 -5.39
C GLU B 275 -47.38 43.00 -3.92
N LEU B 276 -46.66 41.92 -3.60
CA LEU B 276 -46.62 41.41 -2.23
C LEU B 276 -45.86 42.33 -1.29
N GLN B 277 -45.08 43.29 -1.80
CA GLN B 277 -44.54 44.30 -0.93
C GLN B 277 -45.61 45.14 -0.23
N GLN B 278 -46.87 45.12 -0.69
CA GLN B 278 -47.90 45.92 -0.03
C GLN B 278 -48.53 45.24 1.20
N ALA B 279 -48.23 43.96 1.45
CA ALA B 279 -48.90 43.20 2.50
C ALA B 279 -48.52 43.71 3.89
N GLN B 280 -49.49 44.04 4.67
CA GLN B 280 -49.25 44.48 6.00
C GLN B 280 -49.06 43.36 7.04
N ILE B 281 -49.68 42.23 6.82
CA ILE B 281 -49.59 41.10 7.74
C ILE B 281 -49.49 39.85 6.88
N VAL B 282 -48.69 38.89 7.33
CA VAL B 282 -48.68 37.55 6.75
C VAL B 282 -49.17 36.63 7.86
N VAL B 283 -50.22 35.85 7.57
CA VAL B 283 -50.68 34.80 8.47
C VAL B 283 -50.33 33.48 7.82
N GLN B 284 -49.36 32.77 8.39
CA GLN B 284 -49.00 31.45 7.92
C GLN B 284 -49.63 30.41 8.83
N LEU B 285 -50.25 29.39 8.24
CA LEU B 285 -50.85 28.29 8.98
C LEU B 285 -50.02 27.08 8.58
N GLY B 286 -49.53 26.31 9.55
CA GLY B 286 -48.69 25.17 9.20
C GLY B 286 -47.26 25.58 8.89
N SER B 287 -46.43 24.58 8.59
CA SER B 287 -45.00 24.85 8.42
C SER B 287 -44.39 23.86 7.43
N SER B 288 -43.06 23.74 7.46
CA SER B 288 -42.29 22.93 6.49
C SER B 288 -42.64 23.34 5.07
N LEU B 289 -42.46 24.63 4.76
CA LEU B 289 -42.71 25.10 3.42
C LEU B 289 -41.70 24.47 2.47
N THR B 290 -42.17 24.15 1.26
CA THR B 290 -41.38 23.33 0.33
C THR B 290 -40.62 24.15 -0.70
N GLY B 291 -41.27 25.11 -1.35
CA GLY B 291 -40.70 25.73 -2.52
C GLY B 291 -39.58 26.72 -2.22
N LYS B 292 -38.58 26.71 -3.10
CA LYS B 292 -37.43 27.61 -3.00
C LYS B 292 -37.84 29.08 -3.16
N ARG B 293 -38.66 29.39 -4.18
CA ARG B 293 -39.12 30.77 -4.37
C ARG B 293 -39.96 31.25 -3.19
N LEU B 294 -40.74 30.36 -2.57
CA LEU B 294 -41.52 30.75 -1.41
C LEU B 294 -40.63 30.99 -0.20
N LEU B 295 -39.62 30.20 -0.01
CA LEU B 295 -38.70 30.44 1.09
C LEU B 295 -37.93 31.74 0.94
N GLN B 296 -37.45 32.03 -0.25
CA GLN B 296 -36.78 33.26 -0.51
C GLN B 296 -37.73 34.45 -0.31
N TRP B 297 -38.98 34.32 -0.74
CA TRP B 297 -39.89 35.45 -0.49
C TRP B 297 -40.19 35.62 0.99
N GLN B 298 -40.48 34.53 1.69
CA GLN B 298 -40.69 34.63 3.14
C GLN B 298 -39.47 35.27 3.78
N ALA B 299 -38.27 34.90 3.33
CA ALA B 299 -37.03 35.45 3.87
C ALA B 299 -36.86 36.94 3.54
N SER B 300 -37.38 37.42 2.41
CA SER B 300 -37.18 38.82 2.03
C SER B 300 -38.36 39.74 2.38
N CYS B 301 -39.54 39.21 2.70
CA CYS B 301 -40.69 40.07 2.91
C CYS B 301 -40.58 40.80 4.25
N GLU B 302 -41.17 42.00 4.30
CA GLU B 302 -41.12 42.84 5.50
C GLU B 302 -42.50 43.39 5.82
N PRO B 303 -43.46 42.52 6.16
CA PRO B 303 -44.74 43.03 6.67
C PRO B 303 -44.53 43.55 8.08
N GLU B 304 -45.50 44.34 8.56
CA GLU B 304 -45.43 44.83 9.93
C GLU B 304 -45.47 43.68 10.92
N GLU B 305 -46.30 42.69 10.65
CA GLU B 305 -46.36 41.51 11.50
C GLU B 305 -46.41 40.24 10.66
N TYR B 306 -45.72 39.22 11.15
CA TYR B 306 -45.71 37.87 10.57
C TYR B 306 -46.15 36.92 11.69
N TRP B 307 -47.27 36.23 11.47
CA TRP B 307 -47.85 35.27 12.41
C TRP B 307 -47.69 33.85 11.87
N ILE B 308 -47.32 32.92 12.74
CA ILE B 308 -47.36 31.49 12.38
C ILE B 308 -48.26 30.76 13.38
N VAL B 309 -49.30 30.13 12.85
CA VAL B 309 -50.26 29.36 13.62
C VAL B 309 -50.01 27.89 13.34
N ASP B 310 -49.76 27.11 14.40
CA ASP B 310 -49.54 25.67 14.25
C ASP B 310 -49.71 25.00 15.60
N ASP B 311 -49.93 23.69 15.60
CA ASP B 311 -50.08 23.01 16.89
C ASP B 311 -48.78 22.42 17.42
N ILE B 312 -47.67 22.59 16.73
CA ILE B 312 -46.35 22.24 17.23
C ILE B 312 -45.71 23.46 17.89
N GLU B 313 -44.82 23.22 18.85
CA GLU B 313 -44.16 24.26 19.63
C GLU B 313 -42.91 24.81 18.95
N GLY B 314 -42.43 25.94 19.47
CA GLY B 314 -41.16 26.47 19.03
C GLY B 314 -41.28 27.49 17.90
N ARG B 315 -40.15 28.05 17.59
CA ARG B 315 -40.02 28.93 16.45
C ARG B 315 -40.14 28.19 15.12
N LEU B 316 -40.87 28.78 14.22
CA LEU B 316 -41.09 28.14 12.92
C LEU B 316 -40.78 29.04 11.73
N ASP B 317 -40.35 30.29 11.97
CA ASP B 317 -40.03 31.26 10.94
C ASP B 317 -38.52 31.37 10.86
N PRO B 318 -37.87 30.73 9.88
CA PRO B 318 -36.40 30.78 9.79
C PRO B 318 -35.84 32.11 9.34
N ALA B 319 -36.69 33.11 9.05
CA ALA B 319 -36.21 34.47 8.78
C ALA B 319 -36.41 35.40 9.99
N HIS B 320 -37.05 34.92 11.06
CA HIS B 320 -37.10 35.59 12.36
C HIS B 320 -37.79 36.97 12.28
N HIS B 321 -38.94 37.01 11.61
CA HIS B 321 -39.71 38.25 11.47
C HIS B 321 -40.25 38.71 12.81
N ARG B 322 -40.46 40.01 12.92
CA ARG B 322 -41.26 40.57 13.99
C ARG B 322 -42.68 40.09 13.85
N GLY B 323 -43.26 39.61 14.94
CA GLY B 323 -44.58 39.02 14.83
C GLY B 323 -44.96 38.10 15.96
N ARG B 324 -45.70 37.02 15.63
CA ARG B 324 -46.31 36.16 16.64
C ARG B 324 -46.18 34.71 16.22
N ARG B 325 -46.01 33.84 17.18
CA ARG B 325 -46.00 32.42 17.03
C ARG B 325 -47.13 31.93 17.95
N LEU B 326 -48.14 31.36 17.35
CA LEU B 326 -49.40 31.01 18.00
C LEU B 326 -49.55 29.49 17.98
N ILE B 327 -49.63 28.89 19.18
CA ILE B 327 -49.72 27.45 19.32
C ILE B 327 -51.20 27.11 19.41
N ALA B 328 -51.72 26.39 18.43
CA ALA B 328 -53.13 26.05 18.37
C ALA B 328 -53.38 25.00 17.31
N ASN B 329 -54.43 24.19 17.51
CA ASN B 329 -55.05 23.48 16.41
C ASN B 329 -55.56 24.51 15.41
N ILE B 330 -55.20 24.32 14.14
CA ILE B 330 -55.49 25.31 13.12
C ILE B 330 -57.01 25.49 12.96
N ALA B 331 -57.80 24.42 12.97
CA ALA B 331 -59.24 24.59 12.83
C ALA B 331 -59.81 25.38 14.01
N ASP B 332 -59.41 25.00 15.24
CA ASP B 332 -59.79 25.80 16.40
C ASP B 332 -59.36 27.25 16.25
N TRP B 333 -58.14 27.47 15.77
CA TRP B 333 -57.64 28.83 15.65
C TRP B 333 -58.47 29.63 14.67
N LEU B 334 -58.87 29.02 13.54
CA LEU B 334 -59.69 29.74 12.58
C LEU B 334 -61.04 30.07 13.19
N GLU B 335 -61.52 29.19 14.04
CA GLU B 335 -62.84 29.45 14.61
C GLU B 335 -62.80 30.64 15.56
N LEU B 336 -61.69 30.77 16.28
CA LEU B 336 -61.46 31.84 17.25
C LEU B 336 -61.08 33.16 16.57
N HIS B 337 -60.61 33.11 15.33
CA HIS B 337 -60.24 34.29 14.55
C HIS B 337 -60.95 34.19 13.20
N PRO B 338 -62.27 34.36 13.19
CA PRO B 338 -63.04 34.15 11.96
C PRO B 338 -62.75 35.23 10.94
N ALA B 339 -63.09 34.92 9.70
CA ALA B 339 -62.94 35.86 8.61
C ALA B 339 -64.10 36.86 8.61
N GLU B 340 -63.89 37.99 7.94
CA GLU B 340 -64.99 38.83 7.48
C GLU B 340 -64.88 39.00 5.98
N LYS B 341 -66.03 39.01 5.30
CA LYS B 341 -66.01 39.13 3.85
C LYS B 341 -65.44 40.48 3.45
N ARG B 342 -64.33 40.46 2.71
CA ARG B 342 -63.65 41.66 2.26
C ARG B 342 -63.23 41.51 0.81
N GLN B 343 -63.08 42.66 0.16
CA GLN B 343 -62.69 42.72 -1.24
C GLN B 343 -61.24 42.25 -1.43
N PRO B 344 -60.96 41.44 -2.46
CA PRO B 344 -59.55 41.06 -2.73
C PRO B 344 -58.72 42.28 -3.09
N TRP B 345 -57.48 42.30 -2.62
CA TRP B 345 -56.63 43.43 -2.89
C TRP B 345 -55.53 43.16 -3.91
N CYS B 346 -55.27 41.90 -4.28
CA CYS B 346 -54.29 41.55 -5.31
C CYS B 346 -54.92 41.47 -6.70
N VAL B 347 -54.32 42.14 -7.68
CA VAL B 347 -54.78 42.11 -9.06
C VAL B 347 -53.80 41.39 -9.99
N GLU B 348 -52.50 41.59 -9.79
CA GLU B 348 -51.52 41.04 -10.75
C GLU B 348 -51.26 39.55 -10.51
N ILE B 349 -51.28 39.13 -9.25
CA ILE B 349 -50.87 37.77 -8.91
C ILE B 349 -51.80 36.72 -9.49
N PRO B 350 -53.15 36.84 -9.41
CA PRO B 350 -54.02 35.83 -10.07
C PRO B 350 -53.75 35.66 -11.57
N ARG B 351 -53.58 36.79 -12.28
CA ARG B 351 -53.27 36.72 -13.72
C ARG B 351 -51.95 36.00 -13.93
N LEU B 352 -50.99 36.31 -13.07
CA LEU B 352 -49.68 35.70 -13.10
C LEU B 352 -49.71 34.19 -12.84
N ALA B 353 -50.53 33.75 -11.88
CA ALA B 353 -50.61 32.33 -11.58
C ALA B 353 -51.25 31.58 -12.74
N GLU B 354 -52.32 32.14 -13.32
CA GLU B 354 -52.90 31.52 -14.49
C GLU B 354 -51.87 31.37 -15.61
N GLN B 355 -51.06 32.41 -15.84
CA GLN B 355 -50.04 32.32 -16.90
C GLN B 355 -48.99 31.26 -16.61
N ALA B 356 -48.53 31.17 -15.35
CA ALA B 356 -47.54 30.15 -15.00
C ALA B 356 -48.09 28.75 -15.24
N MET B 357 -49.32 28.52 -14.76
CA MET B 357 -49.96 27.21 -14.94
C MET B 357 -50.10 26.88 -16.44
N GLN B 358 -50.47 27.86 -17.27
CA GLN B 358 -50.56 27.59 -18.71
C GLN B 358 -49.19 27.26 -19.31
N ALA B 359 -48.13 27.94 -18.84
CA ALA B 359 -46.78 27.62 -19.30
C ALA B 359 -46.39 26.17 -18.95
N VAL B 360 -46.83 25.70 -17.78
CA VAL B 360 -46.64 24.29 -17.43
C VAL B 360 -47.50 23.40 -18.29
N ILE B 361 -48.74 23.81 -18.54
CA ILE B 361 -49.63 22.98 -19.32
C ILE B 361 -49.05 22.72 -20.71
N ALA B 362 -48.43 23.74 -21.31
CA ALA B 362 -47.90 23.63 -22.67
C ALA B 362 -46.87 22.52 -22.82
N ARG B 363 -46.32 22.02 -21.70
CA ARG B 363 -45.19 21.09 -21.72
C ARG B 363 -45.57 19.74 -21.14
N ARG B 364 -46.88 19.45 -21.08
CA ARG B 364 -47.37 18.29 -20.35
C ARG B 364 -47.13 16.98 -21.07
N ASP B 365 -46.71 17.00 -22.34
CA ASP B 365 -46.74 15.83 -23.21
C ASP B 365 -45.54 14.92 -23.01
N ALA B 366 -44.35 15.48 -22.81
CA ALA B 366 -43.14 14.66 -22.68
C ALA B 366 -43.31 13.65 -21.55
N PHE B 367 -42.76 12.45 -21.76
CA PHE B 367 -42.85 11.37 -20.77
C PHE B 367 -41.71 11.52 -19.74
N GLY B 368 -41.88 12.52 -18.87
CA GLY B 368 -40.83 12.87 -17.93
C GLY B 368 -41.33 13.05 -16.49
N GLU B 369 -40.36 13.23 -15.58
CA GLU B 369 -40.73 13.38 -14.18
C GLU B 369 -41.35 14.74 -13.91
N ALA B 370 -40.92 15.80 -14.63
CA ALA B 370 -41.61 17.07 -14.52
C ALA B 370 -43.09 16.91 -14.90
N GLN B 371 -43.35 16.23 -16.02
CA GLN B 371 -44.72 16.05 -16.49
C GLN B 371 -45.53 15.11 -15.60
N LEU B 372 -44.91 14.01 -15.12
CA LEU B 372 -45.62 13.15 -14.18
C LEU B 372 -46.05 13.95 -12.96
N ALA B 373 -45.16 14.77 -12.42
CA ALA B 373 -45.52 15.62 -11.27
C ALA B 373 -46.67 16.55 -11.61
N HIS B 374 -46.62 17.19 -12.78
CA HIS B 374 -47.67 18.13 -13.16
C HIS B 374 -49.03 17.43 -13.31
N ARG B 375 -49.03 16.19 -13.82
CA ARG B 375 -50.24 15.43 -14.11
C ARG B 375 -50.69 14.52 -12.97
N ILE B 376 -50.06 14.60 -11.79
CA ILE B 376 -50.31 13.61 -10.74
C ILE B 376 -51.76 13.72 -10.21
N CYS B 377 -52.37 14.89 -10.29
CA CYS B 377 -53.76 15.01 -9.84
C CYS B 377 -54.70 14.13 -10.64
N ASP B 378 -54.39 13.84 -11.90
CA ASP B 378 -55.19 12.91 -12.71
C ASP B 378 -55.06 11.45 -12.30
N TYR B 379 -54.11 11.11 -11.42
CA TYR B 379 -53.87 9.73 -11.04
C TYR B 379 -54.15 9.42 -9.58
N LEU B 380 -54.67 10.36 -8.82
CA LEU B 380 -54.93 10.10 -7.41
C LEU B 380 -56.02 9.03 -7.26
N PRO B 381 -55.81 8.00 -6.44
CA PRO B 381 -56.87 7.02 -6.22
C PRO B 381 -58.05 7.68 -5.53
N GLU B 382 -59.25 7.35 -6.01
CA GLU B 382 -60.47 7.89 -5.43
C GLU B 382 -60.58 7.52 -3.96
N GLN B 383 -60.91 8.51 -3.13
CA GLN B 383 -60.99 8.35 -1.67
C GLN B 383 -59.68 7.78 -1.12
N GLY B 384 -58.57 8.17 -1.72
CA GLY B 384 -57.29 7.64 -1.29
C GLY B 384 -56.48 8.71 -0.61
N GLN B 385 -55.16 8.54 -0.67
CA GLN B 385 -54.20 9.47 -0.11
C GLN B 385 -52.93 9.41 -0.94
N LEU B 386 -52.16 10.48 -0.83
CA LEU B 386 -50.90 10.63 -1.53
C LEU B 386 -49.78 10.71 -0.51
N PHE B 387 -48.72 9.93 -0.72
CA PHE B 387 -47.47 10.06 0.03
C PHE B 387 -46.38 10.52 -0.94
N VAL B 388 -45.79 11.69 -0.67
CA VAL B 388 -44.80 12.31 -1.56
C VAL B 388 -43.44 12.16 -0.92
N GLY B 389 -42.51 11.54 -1.64
CA GLY B 389 -41.15 11.41 -1.18
C GLY B 389 -40.45 12.75 -1.20
N ASN B 390 -39.17 12.74 -0.86
CA ASN B 390 -38.40 13.97 -0.77
C ASN B 390 -37.55 14.17 -2.03
N SER B 391 -36.67 15.15 -2.00
CA SER B 391 -35.85 15.56 -3.15
C SER B 391 -36.73 16.15 -4.26
N LEU B 392 -36.57 15.72 -5.53
CA LEU B 392 -37.23 16.45 -6.62
C LEU B 392 -38.74 16.22 -6.65
N VAL B 393 -39.19 15.04 -6.26
CA VAL B 393 -40.61 14.69 -6.39
C VAL B 393 -41.56 15.63 -5.68
N VAL B 394 -41.20 16.06 -4.47
CA VAL B 394 -42.07 16.99 -3.74
C VAL B 394 -41.97 18.41 -4.30
N ARG B 395 -40.77 18.79 -4.78
CA ARG B 395 -40.60 20.12 -5.38
C ARG B 395 -41.30 20.24 -6.73
N LEU B 396 -41.18 19.22 -7.58
CA LEU B 396 -41.84 19.26 -8.88
C LEU B 396 -43.36 19.24 -8.71
N ILE B 397 -43.89 18.38 -7.84
CA ILE B 397 -45.33 18.44 -7.60
C ILE B 397 -45.71 19.82 -7.04
N ASP B 398 -44.90 20.33 -6.10
CA ASP B 398 -45.23 21.60 -5.47
C ASP B 398 -45.24 22.74 -6.48
N ALA B 399 -44.27 22.74 -7.39
CA ALA B 399 -44.11 23.83 -8.36
C ALA B 399 -45.07 23.71 -9.54
N LEU B 400 -45.44 22.50 -9.93
CA LEU B 400 -46.03 22.29 -11.23
C LEU B 400 -47.45 21.74 -11.23
N SER B 401 -47.95 21.24 -10.09
CA SER B 401 -49.27 20.62 -10.04
C SER B 401 -50.18 21.43 -9.14
N GLN B 402 -51.48 21.18 -9.27
CA GLN B 402 -52.52 21.77 -8.42
C GLN B 402 -53.29 20.61 -7.78
N LEU B 403 -52.99 20.31 -6.51
CA LEU B 403 -53.63 19.16 -5.89
C LEU B 403 -55.01 19.57 -5.37
N PRO B 404 -56.00 18.65 -5.40
CA PRO B 404 -57.37 19.06 -5.00
C PRO B 404 -57.49 19.31 -3.51
N ALA B 405 -58.32 20.30 -3.16
CA ALA B 405 -58.50 20.68 -1.77
C ALA B 405 -59.03 19.50 -0.94
N GLY B 406 -58.48 19.33 0.25
CA GLY B 406 -58.97 18.24 1.09
C GLY B 406 -58.55 16.85 0.69
N TYR B 407 -57.71 16.70 -0.36
CA TYR B 407 -57.17 15.37 -0.65
C TYR B 407 -55.93 15.13 0.20
N PRO B 408 -55.94 14.10 1.06
CA PRO B 408 -54.88 13.95 2.07
C PRO B 408 -53.51 13.69 1.42
N VAL B 409 -52.52 14.49 1.83
CA VAL B 409 -51.13 14.36 1.39
C VAL B 409 -50.29 14.11 2.64
N TYR B 410 -49.41 13.11 2.60
CA TYR B 410 -48.52 12.81 3.70
C TYR B 410 -47.08 12.81 3.19
N SER B 411 -46.16 13.02 4.11
CA SER B 411 -44.76 13.21 3.76
C SER B 411 -43.92 13.10 5.02
N ASN B 412 -42.61 13.03 4.83
CA ASN B 412 -41.63 13.14 5.91
C ASN B 412 -40.81 14.41 5.71
N LYS B 413 -41.43 15.57 5.90
CA LYS B 413 -40.70 16.81 5.69
C LYS B 413 -40.28 17.49 6.99
N GLY B 414 -40.26 16.77 8.10
CA GLY B 414 -39.62 17.31 9.28
C GLY B 414 -38.16 17.59 8.99
N ALA B 415 -37.38 16.53 8.80
CA ALA B 415 -35.98 16.62 8.43
C ALA B 415 -35.72 16.29 6.97
N SER B 416 -36.74 15.92 6.19
CA SER B 416 -36.59 15.60 4.76
C SER B 416 -35.59 14.47 4.54
N GLY B 417 -35.56 13.49 5.43
CA GLY B 417 -34.72 12.35 5.22
C GLY B 417 -35.21 11.51 4.05
N ILE B 418 -34.26 10.92 3.32
CA ILE B 418 -34.61 9.97 2.29
C ILE B 418 -34.49 8.55 2.81
N ASP B 419 -34.43 8.37 4.13
CA ASP B 419 -34.04 7.09 4.70
C ASP B 419 -35.21 6.20 5.15
N GLY B 420 -36.44 6.72 5.21
CA GLY B 420 -37.53 5.85 5.63
C GLY B 420 -38.85 5.99 4.90
N LEU B 421 -38.79 6.29 3.61
CA LEU B 421 -40.01 6.70 2.91
C LEU B 421 -40.90 5.49 2.61
N LEU B 422 -40.31 4.34 2.25
CA LEU B 422 -41.17 3.20 1.94
C LEU B 422 -41.85 2.64 3.19
N SER B 423 -41.11 2.50 4.29
CA SER B 423 -41.75 2.00 5.51
C SER B 423 -42.74 3.01 6.07
N THR B 424 -42.45 4.30 5.96
CA THR B 424 -43.44 5.31 6.36
C THR B 424 -44.71 5.18 5.55
N ALA B 425 -44.59 5.02 4.22
CA ALA B 425 -45.77 4.86 3.37
C ALA B 425 -46.57 3.61 3.75
N ALA B 426 -45.88 2.51 4.10
CA ALA B 426 -46.58 1.31 4.59
C ALA B 426 -47.39 1.61 5.85
N GLY B 427 -46.82 2.39 6.77
CA GLY B 427 -47.57 2.79 7.96
C GLY B 427 -48.75 3.70 7.65
N VAL B 428 -48.54 4.68 6.76
CA VAL B 428 -49.64 5.55 6.34
C VAL B 428 -50.81 4.71 5.80
N GLN B 429 -50.49 3.75 4.93
CA GLN B 429 -51.52 2.89 4.36
C GLN B 429 -52.21 2.05 5.43
N ARG B 430 -51.44 1.42 6.33
CA ARG B 430 -52.08 0.51 7.29
C ARG B 430 -52.96 1.27 8.28
N ALA B 431 -52.54 2.48 8.66
CA ALA B 431 -53.32 3.26 9.61
C ALA B 431 -54.66 3.67 9.00
N SER B 432 -54.67 4.15 7.76
CA SER B 432 -55.98 4.60 7.28
C SER B 432 -56.81 3.49 6.63
N GLY B 433 -56.16 2.47 6.08
CA GLY B 433 -56.83 1.49 5.25
C GLY B 433 -57.20 2.00 3.88
N LYS B 434 -56.77 3.13 3.52
CA LYS B 434 -57.22 3.70 2.26
C LYS B 434 -56.26 3.30 1.14
N PRO B 435 -56.74 3.26 -0.12
CA PRO B 435 -55.80 3.16 -1.25
C PRO B 435 -54.84 4.33 -1.24
N THR B 436 -53.58 4.06 -1.63
CA THR B 436 -52.46 4.97 -1.46
C THR B 436 -51.59 5.05 -2.69
N LEU B 437 -51.23 6.26 -3.07
CA LEU B 437 -50.24 6.48 -4.12
C LEU B 437 -49.00 7.07 -3.48
N ALA B 438 -47.87 6.37 -3.57
CA ALA B 438 -46.61 6.84 -3.01
C ALA B 438 -45.59 7.03 -4.13
N ILE B 439 -44.91 8.17 -4.15
CA ILE B 439 -43.97 8.50 -5.22
C ILE B 439 -42.62 8.83 -4.59
N VAL B 440 -41.57 8.12 -5.00
CA VAL B 440 -40.25 8.32 -4.42
C VAL B 440 -39.18 8.31 -5.51
N GLY B 441 -37.99 8.84 -5.18
CA GLY B 441 -36.86 8.72 -6.09
C GLY B 441 -36.12 7.39 -5.97
N ASP B 442 -35.23 7.15 -6.93
CA ASP B 442 -34.57 5.85 -6.99
C ASP B 442 -33.65 5.63 -5.80
N LEU B 443 -32.88 6.66 -5.42
CA LEU B 443 -32.01 6.54 -4.26
C LEU B 443 -32.85 6.38 -3.00
N SER B 444 -33.99 7.07 -2.93
CA SER B 444 -34.87 6.90 -1.79
C SER B 444 -35.36 5.46 -1.71
N ALA B 445 -35.68 4.84 -2.85
CA ALA B 445 -36.17 3.46 -2.87
C ALA B 445 -35.07 2.49 -2.49
N LEU B 446 -33.83 2.75 -2.95
CA LEU B 446 -32.70 1.90 -2.55
C LEU B 446 -32.45 1.99 -1.05
N TYR B 447 -32.52 3.20 -0.48
CA TYR B 447 -32.22 3.42 0.93
C TYR B 447 -33.08 2.51 1.81
N ASP B 448 -34.38 2.44 1.53
CA ASP B 448 -35.34 1.68 2.30
C ASP B 448 -35.79 0.43 1.53
N LEU B 449 -34.85 -0.21 0.81
CA LEU B 449 -35.24 -1.26 -0.14
C LEU B 449 -35.94 -2.43 0.57
N ASN B 450 -35.42 -2.86 1.74
CA ASN B 450 -36.00 -4.01 2.44
C ASN B 450 -37.37 -3.71 3.01
N ALA B 451 -37.80 -2.45 2.99
CA ALA B 451 -39.17 -2.13 3.38
C ALA B 451 -40.18 -2.71 2.40
N LEU B 452 -39.74 -3.13 1.21
CA LEU B 452 -40.68 -3.83 0.34
C LEU B 452 -41.30 -5.05 1.04
N ALA B 453 -40.59 -5.63 2.02
CA ALA B 453 -41.19 -6.72 2.79
C ALA B 453 -42.48 -6.26 3.45
N LEU B 454 -42.48 -5.06 4.05
CA LEU B 454 -43.68 -4.54 4.67
C LEU B 454 -44.78 -4.36 3.65
N LEU B 455 -44.41 -3.93 2.44
CA LEU B 455 -45.43 -3.61 1.46
C LEU B 455 -46.08 -4.86 0.91
N ARG B 456 -45.69 -6.03 1.42
CA ARG B 456 -46.34 -7.26 1.04
C ARG B 456 -47.71 -7.37 1.75
N GLN B 457 -47.93 -6.52 2.75
CA GLN B 457 -49.16 -6.55 3.55
C GLN B 457 -49.75 -5.15 3.69
N VAL B 458 -50.69 -4.86 2.81
CA VAL B 458 -51.47 -3.63 2.85
C VAL B 458 -52.94 -4.05 2.77
N SER B 459 -53.82 -3.26 3.38
CA SER B 459 -55.25 -3.53 3.41
C SER B 459 -56.00 -2.93 2.24
N ALA B 460 -55.31 -2.25 1.34
CA ALA B 460 -55.89 -1.64 0.15
C ALA B 460 -54.77 -1.46 -0.85
N PRO B 461 -55.08 -1.24 -2.13
CA PRO B 461 -54.01 -1.11 -3.13
C PRO B 461 -53.06 0.04 -2.81
N LEU B 462 -51.77 -0.25 -2.95
CA LEU B 462 -50.76 0.79 -2.84
C LEU B 462 -49.99 0.76 -4.14
N VAL B 463 -49.90 1.91 -4.81
CA VAL B 463 -49.04 2.06 -5.98
C VAL B 463 -47.80 2.80 -5.51
N LEU B 464 -46.62 2.18 -5.72
CA LEU B 464 -45.35 2.82 -5.43
C LEU B 464 -44.72 3.17 -6.78
N ILE B 465 -44.67 4.46 -7.10
CA ILE B 465 -43.92 4.90 -8.26
C ILE B 465 -42.51 5.19 -7.82
N VAL B 466 -41.54 4.58 -8.50
CA VAL B 466 -40.12 4.90 -8.32
C VAL B 466 -39.67 5.64 -9.56
N VAL B 467 -39.38 6.93 -9.39
CA VAL B 467 -38.84 7.74 -10.48
C VAL B 467 -37.34 7.48 -10.54
N ASN B 468 -36.89 6.78 -11.57
CA ASN B 468 -35.48 6.42 -11.72
C ASN B 468 -34.85 7.34 -12.74
N ASN B 469 -34.15 8.36 -12.24
CA ASN B 469 -33.36 9.26 -13.05
C ASN B 469 -31.86 9.06 -12.82
N ASN B 470 -31.50 7.89 -12.26
CA ASN B 470 -30.13 7.41 -12.07
C ASN B 470 -29.28 8.38 -11.22
N GLY B 471 -29.65 8.47 -9.97
CA GLY B 471 -28.94 9.26 -8.99
C GLY B 471 -29.83 10.29 -8.33
N GLY B 472 -29.22 11.09 -7.46
CA GLY B 472 -29.96 12.15 -6.79
C GLY B 472 -29.99 13.42 -7.62
N GLN B 473 -30.92 13.56 -8.58
CA GLN B 473 -30.86 14.66 -9.54
C GLN B 473 -31.22 16.02 -8.94
N ILE B 474 -31.60 16.09 -7.66
CA ILE B 474 -31.64 17.39 -7.02
C ILE B 474 -30.30 18.10 -7.19
N PHE B 475 -29.21 17.33 -7.26
CA PHE B 475 -27.90 17.92 -7.41
C PHE B 475 -27.55 18.27 -8.86
N SER B 476 -28.42 17.96 -9.81
CA SER B 476 -28.40 18.62 -11.11
C SER B 476 -29.22 19.90 -11.13
N LEU B 477 -30.14 20.07 -10.16
CA LEU B 477 -30.90 21.31 -10.09
C LEU B 477 -30.08 22.40 -9.38
N LEU B 478 -29.45 22.05 -8.27
CA LEU B 478 -28.53 22.93 -7.57
C LEU B 478 -27.25 23.15 -8.38
N PRO B 479 -26.57 24.33 -8.19
CA PRO B 479 -25.32 24.62 -8.92
C PRO B 479 -24.10 23.92 -8.33
N THR B 480 -24.17 22.58 -8.22
CA THR B 480 -23.02 21.79 -7.78
C THR B 480 -21.91 21.86 -8.83
N PRO B 481 -20.64 21.76 -8.43
CA PRO B 481 -19.56 21.83 -9.41
C PRO B 481 -19.59 20.64 -10.35
N GLN B 482 -19.35 20.90 -11.64
CA GLN B 482 -19.56 19.87 -12.65
C GLN B 482 -18.58 18.71 -12.50
N SER B 483 -17.31 18.98 -12.16
CA SER B 483 -16.30 17.92 -12.16
C SER B 483 -16.55 16.87 -11.07
N GLU B 484 -17.05 17.29 -9.91
CA GLU B 484 -17.28 16.38 -8.80
C GLU B 484 -18.70 15.86 -8.75
N ARG B 485 -19.59 16.38 -9.61
CA ARG B 485 -21.03 16.22 -9.45
C ARG B 485 -21.45 14.76 -9.46
N GLU B 486 -21.02 14.00 -10.47
CA GLU B 486 -21.48 12.63 -10.62
C GLU B 486 -20.98 11.71 -9.50
N ARG B 487 -19.68 11.76 -9.22
CA ARG B 487 -19.12 10.83 -8.24
C ARG B 487 -19.57 11.16 -6.83
N PHE B 488 -19.55 12.45 -6.47
CA PHE B 488 -19.71 12.87 -5.07
C PHE B 488 -21.08 13.47 -4.74
N TYR B 489 -21.94 13.71 -5.75
CA TYR B 489 -23.27 14.29 -5.54
C TYR B 489 -24.35 13.37 -6.11
N LEU B 490 -24.38 13.13 -7.43
CA LEU B 490 -25.46 12.34 -8.05
C LEU B 490 -25.42 10.89 -7.61
N MET B 491 -24.22 10.30 -7.65
CA MET B 491 -24.00 8.90 -7.26
C MET B 491 -24.89 7.87 -7.97
N PRO B 492 -24.99 7.93 -9.30
CA PRO B 492 -25.88 6.99 -9.99
C PRO B 492 -25.53 5.58 -9.57
N GLN B 493 -26.55 4.76 -9.34
CA GLN B 493 -26.38 3.38 -8.95
C GLN B 493 -26.69 2.41 -10.07
N ASN B 494 -27.22 2.90 -11.20
CA ASN B 494 -27.41 2.12 -12.43
C ASN B 494 -28.13 0.80 -12.14
N VAL B 495 -29.35 0.91 -11.62
CA VAL B 495 -30.13 -0.27 -11.28
C VAL B 495 -31.55 -0.08 -11.80
N HIS B 496 -32.29 -1.19 -11.86
CA HIS B 496 -33.72 -1.15 -12.01
C HIS B 496 -34.33 -1.92 -10.85
N PHE B 497 -35.66 -1.88 -10.74
CA PHE B 497 -36.33 -2.45 -9.56
C PHE B 497 -37.24 -3.63 -9.90
N GLU B 498 -37.13 -4.18 -11.11
CA GLU B 498 -37.94 -5.33 -11.45
C GLU B 498 -37.60 -6.51 -10.54
N HIS B 499 -36.30 -6.74 -10.32
CA HIS B 499 -35.90 -7.84 -9.44
C HIS B 499 -36.23 -7.55 -7.99
N ALA B 500 -36.19 -6.29 -7.52
CA ALA B 500 -36.64 -6.02 -6.15
C ALA B 500 -38.08 -6.45 -5.98
N ALA B 501 -38.93 -5.99 -6.89
CA ALA B 501 -40.33 -6.31 -6.77
C ALA B 501 -40.53 -7.82 -6.84
N ALA B 502 -39.79 -8.48 -7.75
CA ALA B 502 -39.92 -9.93 -7.91
C ALA B 502 -39.50 -10.66 -6.63
N MET B 503 -38.45 -10.17 -5.97
CA MET B 503 -38.01 -10.79 -4.74
C MET B 503 -39.11 -10.80 -3.70
N PHE B 504 -39.91 -9.74 -3.66
CA PHE B 504 -40.97 -9.69 -2.67
C PHE B 504 -42.34 -9.96 -3.28
N GLU B 505 -42.38 -10.55 -4.47
CA GLU B 505 -43.63 -11.04 -5.07
C GLU B 505 -44.67 -9.92 -5.19
N LEU B 506 -44.19 -8.75 -5.59
CA LEU B 506 -45.04 -7.60 -5.91
C LEU B 506 -45.18 -7.49 -7.42
N LYS B 507 -46.38 -7.14 -7.88
CA LYS B 507 -46.51 -6.86 -9.30
C LYS B 507 -45.58 -5.70 -9.69
N TYR B 508 -45.08 -5.73 -10.92
CA TYR B 508 -44.13 -4.74 -11.38
C TYR B 508 -44.50 -4.26 -12.77
N HIS B 509 -44.39 -2.95 -13.01
CA HIS B 509 -44.54 -2.40 -14.36
C HIS B 509 -43.46 -1.38 -14.62
N ARG B 510 -43.01 -1.35 -15.88
CA ARG B 510 -42.04 -0.38 -16.37
C ARG B 510 -42.63 0.29 -17.61
N PRO B 511 -43.60 1.19 -17.43
CA PRO B 511 -44.26 1.79 -18.60
C PRO B 511 -43.30 2.64 -19.42
N GLN B 512 -43.53 2.66 -20.74
CA GLN B 512 -42.70 3.46 -21.63
C GLN B 512 -43.41 4.70 -22.14
N ASN B 513 -44.70 4.84 -21.90
CA ASN B 513 -45.45 6.00 -22.37
C ASN B 513 -46.67 6.17 -21.49
N TRP B 514 -47.45 7.24 -21.75
CA TRP B 514 -48.57 7.57 -20.89
C TRP B 514 -49.64 6.47 -20.88
N GLN B 515 -49.86 5.89 -22.04
CA GLN B 515 -50.83 4.85 -22.19
C GLN B 515 -50.45 3.60 -21.36
N GLU B 516 -49.19 3.20 -21.34
CA GLU B 516 -48.76 2.07 -20.53
C GLU B 516 -48.85 2.41 -19.06
N LEU B 517 -48.57 3.67 -18.69
CA LEU B 517 -48.68 4.05 -17.28
C LEU B 517 -50.13 3.99 -16.79
N GLU B 518 -51.07 4.53 -17.57
CA GLU B 518 -52.48 4.46 -17.19
C GLU B 518 -53.00 3.01 -17.18
N THR B 519 -52.50 2.16 -18.07
CA THR B 519 -52.82 0.73 -17.97
C THR B 519 -52.31 0.15 -16.67
N ALA B 520 -51.08 0.50 -16.29
CA ALA B 520 -50.52 0.02 -15.03
C ALA B 520 -51.39 0.45 -13.86
N PHE B 521 -51.77 1.73 -13.82
CA PHE B 521 -52.60 2.25 -12.73
C PHE B 521 -53.96 1.54 -12.67
N ALA B 522 -54.63 1.41 -13.83
CA ALA B 522 -55.94 0.77 -13.85
C ALA B 522 -55.86 -0.65 -13.31
N ASP B 523 -54.80 -1.40 -13.67
CA ASP B 523 -54.62 -2.73 -13.11
C ASP B 523 -54.38 -2.69 -11.61
N ALA B 524 -53.51 -1.77 -11.16
CA ALA B 524 -53.06 -1.81 -9.77
C ALA B 524 -54.20 -1.52 -8.80
N TRP B 525 -55.12 -0.63 -9.17
CA TRP B 525 -56.16 -0.31 -8.17
C TRP B 525 -57.16 -1.42 -8.01
N ARG B 526 -56.97 -2.59 -8.61
CA ARG B 526 -57.97 -3.65 -8.56
C ARG B 526 -57.85 -4.57 -7.36
N THR B 527 -56.71 -4.64 -6.68
CA THR B 527 -56.54 -5.63 -5.60
C THR B 527 -55.85 -4.97 -4.42
N PRO B 528 -56.08 -5.50 -3.17
CA PRO B 528 -55.37 -4.97 -1.96
C PRO B 528 -53.90 -5.42 -1.87
N THR B 529 -53.07 -4.98 -2.81
CA THR B 529 -51.67 -5.37 -2.86
C THR B 529 -50.83 -4.16 -3.27
N THR B 530 -49.51 -4.26 -3.12
CA THR B 530 -48.61 -3.22 -3.61
C THR B 530 -48.16 -3.50 -5.04
N THR B 531 -48.28 -2.50 -5.92
CA THR B 531 -47.74 -2.57 -7.28
C THR B 531 -46.60 -1.56 -7.40
N VAL B 532 -45.46 -2.02 -7.92
CA VAL B 532 -44.29 -1.17 -8.14
C VAL B 532 -44.27 -0.74 -9.60
N ILE B 533 -44.31 0.58 -9.83
CA ILE B 533 -44.27 1.17 -11.15
C ILE B 533 -42.98 1.94 -11.26
N GLU B 534 -42.06 1.47 -12.09
CA GLU B 534 -40.79 2.12 -12.26
C GLU B 534 -40.88 3.02 -13.49
N MET B 535 -40.68 4.31 -13.29
CA MET B 535 -40.66 5.25 -14.40
C MET B 535 -39.22 5.64 -14.66
N VAL B 536 -38.65 5.10 -15.74
CA VAL B 536 -37.29 5.41 -16.14
C VAL B 536 -37.36 6.66 -17.02
N VAL B 537 -36.59 7.67 -16.64
CA VAL B 537 -36.55 8.96 -17.29
C VAL B 537 -35.09 9.33 -17.50
N ASN B 538 -34.86 10.29 -18.39
CA ASN B 538 -33.49 10.74 -18.62
C ASN B 538 -33.05 11.56 -17.42
N ASP B 539 -31.78 11.38 -17.03
CA ASP B 539 -31.31 11.89 -15.74
C ASP B 539 -31.75 13.33 -15.47
N THR B 540 -31.34 14.28 -16.32
CA THR B 540 -31.44 15.71 -16.01
C THR B 540 -32.65 16.43 -16.61
N ASP B 541 -33.58 15.73 -17.27
CA ASP B 541 -34.72 16.41 -17.92
C ASP B 541 -35.63 17.12 -16.92
N GLY B 542 -35.90 16.50 -15.78
CA GLY B 542 -36.80 17.13 -14.82
C GLY B 542 -36.23 18.45 -14.30
N ALA B 543 -34.96 18.44 -13.91
CA ALA B 543 -34.31 19.62 -13.34
C ALA B 543 -34.24 20.77 -14.36
N GLN B 544 -33.89 20.44 -15.61
CA GLN B 544 -33.84 21.44 -16.67
C GLN B 544 -35.23 21.99 -16.97
N THR B 545 -36.24 21.14 -17.08
CA THR B 545 -37.59 21.63 -17.34
C THR B 545 -38.02 22.62 -16.26
N LEU B 546 -37.71 22.30 -15.00
CA LEU B 546 -38.06 23.22 -13.94
C LEU B 546 -37.31 24.54 -14.10
N GLN B 547 -36.02 24.48 -14.47
CA GLN B 547 -35.23 25.71 -14.58
C GLN B 547 -35.75 26.59 -15.71
N GLN B 548 -36.13 25.98 -16.83
CA GLN B 548 -36.67 26.72 -17.98
C GLN B 548 -38.03 27.33 -17.64
N LEU B 549 -38.88 26.58 -16.93
CA LEU B 549 -40.17 27.15 -16.55
C LEU B 549 -39.99 28.31 -15.58
N LEU B 550 -38.97 28.24 -14.72
CA LEU B 550 -38.66 29.39 -13.87
C LEU B 550 -38.27 30.62 -14.70
N ALA B 551 -37.32 30.45 -15.64
CA ALA B 551 -36.90 31.60 -16.45
C ALA B 551 -38.07 32.17 -17.24
N GLN B 552 -38.79 31.29 -17.94
CA GLN B 552 -39.93 31.72 -18.76
C GLN B 552 -40.93 32.49 -17.91
N VAL B 553 -41.28 31.96 -16.74
CA VAL B 553 -42.27 32.64 -15.91
C VAL B 553 -41.70 33.94 -15.32
N SER B 554 -40.37 34.00 -15.12
CA SER B 554 -39.75 35.23 -14.60
C SER B 554 -39.88 36.38 -15.57
N HIS B 555 -39.98 36.08 -16.87
CA HIS B 555 -40.04 37.14 -17.86
C HIS B 555 -41.41 37.57 -18.27
N LEU B 556 -42.47 37.05 -17.67
CA LEU B 556 -43.84 37.40 -18.10
C LEU B 556 -44.20 38.81 -17.66
N MET C 1 -4.06 3.85 -41.71
CA MET C 1 -3.03 3.24 -40.84
C MET C 1 -1.93 4.21 -40.40
N SER C 2 -2.04 4.74 -39.19
CA SER C 2 -1.05 5.64 -38.62
C SER C 2 0.01 4.82 -37.86
N VAL C 3 1.26 4.91 -38.30
CA VAL C 3 2.31 4.12 -37.65
C VAL C 3 2.49 4.53 -36.19
N SER C 4 2.38 5.83 -35.88
CA SER C 4 2.61 6.28 -34.52
C SER C 4 1.54 5.75 -33.56
N ALA C 5 0.27 5.78 -34.01
CA ALA C 5 -0.80 5.24 -33.19
C ALA C 5 -0.63 3.73 -32.97
N PHE C 6 -0.28 2.96 -34.02
CA PHE C 6 -0.13 1.53 -33.79
C PHE C 6 1.07 1.23 -32.92
N ASN C 7 2.18 1.96 -33.08
CA ASN C 7 3.30 1.84 -32.15
C ASN C 7 2.81 1.92 -30.72
N ARG C 8 1.93 2.91 -30.45
CA ARG C 8 1.45 3.08 -29.09
C ARG C 8 0.46 2.02 -28.65
N ARG C 9 -0.31 1.43 -29.57
CA ARG C 9 -1.20 0.35 -29.17
C ARG C 9 -0.40 -0.90 -28.84
N TRP C 10 0.63 -1.17 -29.65
CA TRP C 10 1.57 -2.25 -29.41
C TRP C 10 2.19 -2.11 -28.03
N ALA C 11 2.67 -0.89 -27.71
CA ALA C 11 3.26 -0.64 -26.40
C ALA C 11 2.23 -0.79 -25.28
N ALA C 12 1.02 -0.28 -25.48
CA ALA C 12 0.01 -0.36 -24.42
C ALA C 12 -0.32 -1.80 -24.06
N VAL C 13 -0.33 -2.70 -25.06
CA VAL C 13 -0.48 -4.12 -24.75
C VAL C 13 0.66 -4.60 -23.86
N ILE C 14 1.91 -4.24 -24.22
CA ILE C 14 3.05 -4.67 -23.39
C ILE C 14 2.92 -4.19 -21.93
N LEU C 15 2.68 -2.89 -21.73
CA LEU C 15 2.62 -2.35 -20.38
C LEU C 15 1.46 -2.94 -19.59
N GLU C 16 0.27 -2.99 -20.21
CA GLU C 16 -0.88 -3.53 -19.50
C GLU C 16 -0.59 -4.97 -19.08
N ALA C 17 0.09 -5.73 -19.95
CA ALA C 17 0.45 -7.10 -19.63
C ALA C 17 1.32 -7.16 -18.38
N LEU C 18 2.25 -6.22 -18.23
CA LEU C 18 3.10 -6.23 -17.04
C LEU C 18 2.29 -6.00 -15.75
N THR C 19 1.24 -5.16 -15.80
CA THR C 19 0.46 -4.96 -14.57
C THR C 19 -0.18 -6.25 -14.04
N ARG C 20 -0.41 -7.26 -14.89
CA ARG C 20 -1.02 -8.50 -14.42
C ARG C 20 -0.04 -9.39 -13.69
N HIS C 21 1.26 -9.04 -13.66
CA HIS C 21 2.25 -9.83 -12.95
C HIS C 21 2.86 -9.07 -11.79
N GLY C 22 2.15 -8.06 -11.28
CA GLY C 22 2.59 -7.37 -10.10
C GLY C 22 3.48 -6.17 -10.33
N VAL C 23 3.73 -5.81 -11.58
CA VAL C 23 4.54 -4.62 -11.79
C VAL C 23 3.74 -3.37 -11.39
N ARG C 24 4.19 -2.69 -10.34
CA ARG C 24 3.69 -1.38 -9.90
C ARG C 24 4.61 -0.22 -10.22
N HIS C 25 5.90 -0.39 -10.00
CA HIS C 25 6.86 0.69 -10.15
C HIS C 25 7.48 0.61 -11.53
N ILE C 26 7.58 1.75 -12.20
CA ILE C 26 8.25 1.81 -13.48
C ILE C 26 9.21 3.00 -13.47
N CYS C 27 10.45 2.76 -13.86
CA CYS C 27 11.50 3.77 -13.87
C CYS C 27 11.82 4.18 -15.30
N ILE C 28 11.75 5.47 -15.59
CA ILE C 28 11.80 5.99 -16.95
C ILE C 28 12.93 6.99 -17.05
N ALA C 29 13.79 6.79 -18.07
CA ALA C 29 14.88 7.75 -18.48
C ALA C 29 14.37 8.47 -19.74
N PRO C 30 14.93 9.68 -19.94
CA PRO C 30 14.39 10.42 -21.08
C PRO C 30 14.82 9.88 -22.48
N GLY C 31 13.97 10.00 -23.41
CA GLY C 31 14.30 9.51 -24.82
C GLY C 31 13.19 9.83 -25.79
N SER C 32 13.53 9.67 -27.03
CA SER C 32 12.56 9.80 -28.11
C SER C 32 12.08 8.46 -28.68
N ARG C 33 13.00 7.54 -29.00
CA ARG C 33 12.59 6.23 -29.51
C ARG C 33 11.72 5.47 -28.52
N SER C 34 11.80 5.81 -27.24
CA SER C 34 11.00 5.15 -26.21
C SER C 34 9.60 5.72 -26.08
N THR C 35 9.26 6.72 -26.86
CA THR C 35 7.95 7.38 -26.77
C THR C 35 6.76 6.45 -26.67
N PRO C 36 6.61 5.41 -27.53
CA PRO C 36 5.43 4.54 -27.37
C PRO C 36 5.37 3.87 -26.00
N LEU C 37 6.52 3.38 -25.50
CA LEU C 37 6.55 2.76 -24.17
C LEU C 37 6.27 3.79 -23.08
N THR C 38 6.94 4.94 -23.14
CA THR C 38 6.80 5.94 -22.08
C THR C 38 5.38 6.50 -22.02
N LEU C 39 4.77 6.82 -23.17
CA LEU C 39 3.39 7.31 -23.19
C LEU C 39 2.40 6.23 -22.76
N ALA C 40 2.60 4.98 -23.21
CA ALA C 40 1.75 3.90 -22.67
C ALA C 40 1.88 3.78 -21.15
N ALA C 41 3.09 3.97 -20.61
CA ALA C 41 3.23 3.84 -19.15
C ALA C 41 2.59 5.02 -18.44
N ALA C 42 2.74 6.22 -19.01
CA ALA C 42 2.18 7.42 -18.38
C ALA C 42 0.67 7.37 -18.36
N GLU C 43 0.06 6.83 -19.41
CA GLU C 43 -1.40 6.79 -19.43
C GLU C 43 -1.99 5.67 -18.57
N ASN C 44 -1.16 4.76 -18.07
CA ASN C 44 -1.65 3.61 -17.33
C ASN C 44 -1.65 3.91 -15.83
N SER C 45 -2.85 3.94 -15.24
CA SER C 45 -3.10 4.30 -13.84
C SER C 45 -2.56 3.29 -12.84
N ALA C 46 -2.12 2.12 -13.28
CA ALA C 46 -1.60 1.11 -12.35
C ALA C 46 -0.20 1.44 -11.84
N PHE C 47 0.52 2.36 -12.48
CA PHE C 47 1.94 2.48 -12.23
C PHE C 47 2.25 3.62 -11.27
N ILE C 48 3.26 3.41 -10.46
CA ILE C 48 3.99 4.49 -9.81
C ILE C 48 5.22 4.76 -10.67
N HIS C 49 5.42 6.01 -11.10
CA HIS C 49 6.50 6.38 -12.02
C HIS C 49 7.64 7.08 -11.29
N HIS C 50 8.87 6.64 -11.58
CA HIS C 50 10.10 7.27 -11.12
C HIS C 50 10.91 7.65 -12.34
N THR C 51 11.61 8.78 -12.28
CA THR C 51 12.39 9.27 -13.41
C THR C 51 13.80 9.61 -12.95
N HIS C 52 14.75 9.51 -13.88
CA HIS C 52 16.14 9.89 -13.63
C HIS C 52 16.84 10.08 -14.96
N PHE C 53 17.87 10.92 -14.98
CA PHE C 53 18.54 11.24 -16.25
C PHE C 53 19.70 10.30 -16.54
N ASP C 54 20.17 9.52 -15.55
CA ASP C 54 21.32 8.63 -15.71
C ASP C 54 20.77 7.22 -15.65
N GLU C 55 20.88 6.46 -16.74
CA GLU C 55 20.28 5.15 -16.82
C GLU C 55 20.97 4.14 -15.91
N ARG C 56 22.24 4.33 -15.59
CA ARG C 56 22.89 3.43 -14.63
C ARG C 56 22.28 3.61 -13.24
N GLY C 57 22.12 4.86 -12.79
CA GLY C 57 21.43 5.12 -11.55
C GLY C 57 19.98 4.69 -11.62
N LEU C 58 19.38 4.84 -12.80
CA LEU C 58 17.99 4.47 -13.02
C LEU C 58 17.84 2.95 -12.81
N GLY C 59 18.79 2.19 -13.36
CA GLY C 59 18.82 0.77 -13.15
C GLY C 59 19.00 0.39 -11.69
N HIS C 60 19.84 1.14 -10.96
CA HIS C 60 20.01 0.80 -9.55
C HIS C 60 18.81 1.24 -8.69
N LEU C 61 18.14 2.32 -9.06
CA LEU C 61 16.91 2.69 -8.36
C LEU C 61 15.88 1.59 -8.52
N ALA C 62 15.73 1.07 -9.75
CA ALA C 62 14.83 -0.07 -9.97
C ALA C 62 15.24 -1.27 -9.15
N LEU C 63 16.56 -1.54 -9.06
CA LEU C 63 17.03 -2.63 -8.21
C LEU C 63 16.63 -2.44 -6.75
N GLY C 64 16.76 -1.22 -6.22
CA GLY C 64 16.37 -0.97 -4.83
C GLY C 64 14.88 -1.14 -4.60
N LEU C 65 14.05 -0.62 -5.52
CA LEU C 65 12.62 -0.83 -5.42
C LEU C 65 12.27 -2.32 -5.40
N ALA C 66 12.84 -3.10 -6.34
CA ALA C 66 12.51 -4.52 -6.39
C ALA C 66 13.02 -5.24 -5.14
N LYS C 67 14.21 -4.88 -4.69
CA LYS C 67 14.84 -5.48 -3.53
C LYS C 67 13.96 -5.36 -2.31
N VAL C 68 13.37 -4.19 -2.09
CA VAL C 68 12.55 -4.00 -0.90
C VAL C 68 11.15 -4.55 -1.12
N SER C 69 10.53 -4.24 -2.25
CA SER C 69 9.13 -4.62 -2.41
C SER C 69 8.93 -6.09 -2.80
N LYS C 70 9.93 -6.74 -3.29
CA LYS C 70 9.82 -8.09 -3.75
C LYS C 70 8.81 -8.34 -4.88
N GLN C 71 8.57 -7.35 -5.70
CA GLN C 71 7.72 -7.45 -6.88
C GLN C 71 8.58 -7.16 -8.11
N PRO C 72 8.17 -7.59 -9.30
CA PRO C 72 8.92 -7.19 -10.49
C PRO C 72 8.76 -5.70 -10.71
N VAL C 73 9.84 -5.06 -11.13
CA VAL C 73 9.89 -3.62 -11.34
C VAL C 73 10.29 -3.39 -12.78
N ALA C 74 9.60 -2.50 -13.46
CA ALA C 74 9.88 -2.28 -14.88
C ALA C 74 10.76 -1.06 -15.07
N VAL C 75 11.52 -1.08 -16.17
CA VAL C 75 12.45 -0.03 -16.59
C VAL C 75 12.17 0.30 -18.05
N ILE C 76 12.09 1.59 -18.38
CA ILE C 76 11.93 2.05 -19.76
C ILE C 76 13.14 2.93 -20.09
N VAL C 77 13.79 2.59 -21.21
CA VAL C 77 14.99 3.31 -21.65
C VAL C 77 14.92 3.50 -23.16
N THR C 78 15.61 4.53 -23.66
CA THR C 78 15.67 4.75 -25.10
C THR C 78 16.76 3.88 -25.72
N SER C 79 16.90 3.93 -27.04
CA SER C 79 17.89 3.10 -27.72
C SER C 79 19.30 3.67 -27.49
N GLY C 80 20.30 2.84 -27.74
CA GLY C 80 21.70 3.29 -27.68
C GLY C 80 22.44 2.96 -26.40
N THR C 81 23.42 3.79 -26.05
CA THR C 81 24.19 3.55 -24.82
C THR C 81 23.33 3.65 -23.56
N ALA C 82 22.16 4.27 -23.63
CA ALA C 82 21.24 4.20 -22.51
C ALA C 82 20.97 2.75 -22.12
N VAL C 83 20.78 1.88 -23.11
CA VAL C 83 20.55 0.49 -22.79
C VAL C 83 21.79 -0.09 -22.13
N ALA C 84 22.97 0.23 -22.65
CA ALA C 84 24.17 -0.37 -22.11
C ALA C 84 24.35 -0.01 -20.65
N ASN C 85 23.87 1.18 -20.24
CA ASN C 85 24.00 1.62 -18.86
C ASN C 85 23.19 0.80 -17.87
N LEU C 86 22.24 0.00 -18.35
CA LEU C 86 21.47 -0.87 -17.47
C LEU C 86 22.26 -2.12 -17.05
N TYR C 87 23.40 -2.38 -17.70
CA TYR C 87 24.10 -3.65 -17.46
C TYR C 87 24.43 -3.88 -15.97
N PRO C 88 24.99 -2.92 -15.23
CA PRO C 88 25.38 -3.22 -13.84
C PRO C 88 24.25 -3.71 -12.98
N ALA C 89 23.16 -2.94 -12.94
CA ALA C 89 22.03 -3.32 -12.11
C ALA C 89 21.45 -4.65 -12.56
N LEU C 90 21.49 -4.90 -13.87
CA LEU C 90 21.02 -6.19 -14.38
C LEU C 90 21.90 -7.33 -13.88
N ILE C 91 23.22 -7.14 -13.89
CA ILE C 91 24.13 -8.18 -13.45
C ILE C 91 23.84 -8.55 -12.00
N GLU C 92 23.81 -7.55 -11.14
CA GLU C 92 23.52 -7.74 -9.73
C GLU C 92 22.17 -8.41 -9.54
N ALA C 93 21.18 -8.02 -10.35
CA ALA C 93 19.85 -8.64 -10.23
C ALA C 93 19.90 -10.13 -10.57
N GLY C 94 20.76 -10.52 -11.52
CA GLY C 94 20.94 -11.94 -11.80
C GLY C 94 21.59 -12.71 -10.65
N LEU C 95 22.36 -12.01 -9.80
CA LEU C 95 23.06 -12.68 -8.68
C LEU C 95 22.22 -12.76 -7.41
N THR C 96 21.40 -11.73 -7.11
CA THR C 96 20.61 -11.73 -5.89
C THR C 96 19.12 -11.96 -6.10
N GLY C 97 18.64 -11.93 -7.34
CA GLY C 97 17.30 -12.45 -7.67
C GLY C 97 16.18 -11.44 -7.94
N GLU C 98 16.38 -10.14 -7.68
CA GLU C 98 15.38 -9.12 -7.97
C GLU C 98 14.92 -9.23 -9.43
N LYS C 99 13.64 -9.00 -9.64
CA LYS C 99 13.05 -9.10 -10.97
C LYS C 99 12.98 -7.71 -11.62
N LEU C 100 13.96 -7.39 -12.49
CA LEU C 100 13.94 -6.17 -13.28
C LEU C 100 13.48 -6.48 -14.70
N ILE C 101 12.47 -5.78 -15.18
CA ILE C 101 11.98 -5.97 -16.55
C ILE C 101 12.49 -4.81 -17.38
N LEU C 102 13.46 -5.04 -18.27
CA LEU C 102 14.06 -3.93 -19.02
C LEU C 102 13.35 -3.82 -20.38
N LEU C 103 12.60 -2.74 -20.56
CA LEU C 103 12.00 -2.39 -21.83
C LEU C 103 12.92 -1.39 -22.55
N THR C 104 13.70 -1.91 -23.48
CA THR C 104 14.72 -1.10 -24.16
C THR C 104 14.21 -0.81 -25.56
N ALA C 105 13.81 0.44 -25.79
CA ALA C 105 13.36 0.80 -27.12
C ALA C 105 14.51 0.67 -28.12
N ASP C 106 14.15 0.38 -29.36
CA ASP C 106 15.15 0.10 -30.37
C ASP C 106 14.75 0.77 -31.69
N ARG C 107 15.77 1.04 -32.51
CA ARG C 107 15.55 1.30 -33.91
C ARG C 107 14.93 0.08 -34.57
N PRO C 108 14.17 0.25 -35.63
CA PRO C 108 13.63 -0.87 -36.38
C PRO C 108 14.73 -1.56 -37.17
N PRO C 109 14.49 -2.78 -37.65
CA PRO C 109 15.58 -3.52 -38.34
C PRO C 109 16.15 -2.81 -39.55
N GLU C 110 15.36 -2.02 -40.28
CA GLU C 110 15.89 -1.35 -41.47
C GLU C 110 16.94 -0.31 -41.13
N LEU C 111 17.14 0.00 -39.84
CA LEU C 111 18.08 1.06 -39.46
C LEU C 111 19.23 0.55 -38.59
N ILE C 112 19.45 -0.75 -38.53
CA ILE C 112 20.57 -1.31 -37.78
C ILE C 112 21.70 -1.57 -38.75
N ASP C 113 22.93 -1.33 -38.30
CA ASP C 113 24.14 -1.59 -39.10
C ASP C 113 24.17 -0.81 -40.42
N CYS C 114 23.70 0.45 -40.39
CA CYS C 114 23.76 1.26 -41.60
C CYS C 114 24.10 2.73 -41.32
N GLY C 115 24.73 3.01 -40.16
CA GLY C 115 25.17 4.34 -39.81
C GLY C 115 24.11 5.31 -39.33
N ALA C 116 22.91 4.84 -39.02
CA ALA C 116 21.87 5.69 -38.46
C ALA C 116 22.30 6.21 -37.09
N ASN C 117 21.73 7.30 -36.69
CA ASN C 117 22.02 7.83 -35.39
C ASN C 117 21.43 7.08 -34.23
N GLN C 118 22.30 6.79 -33.26
CA GLN C 118 21.86 6.20 -31.99
C GLN C 118 21.19 4.84 -32.20
N ALA C 119 21.72 4.11 -33.18
CA ALA C 119 21.25 2.77 -33.52
C ALA C 119 22.39 1.79 -33.30
N ILE C 120 22.18 0.81 -32.44
CA ILE C 120 23.17 -0.18 -32.14
C ILE C 120 22.48 -1.53 -32.15
N ARG C 121 23.29 -2.58 -32.12
CA ARG C 121 22.79 -3.95 -32.05
C ARG C 121 22.41 -4.25 -30.61
N GLN C 122 21.09 -4.34 -30.34
CA GLN C 122 20.61 -4.49 -28.97
C GLN C 122 20.15 -5.89 -28.61
N PRO C 123 19.54 -6.67 -29.51
CA PRO C 123 19.26 -8.08 -29.17
C PRO C 123 20.51 -8.77 -28.66
N GLY C 124 20.39 -9.51 -27.56
CA GLY C 124 21.54 -10.24 -27.05
C GLY C 124 22.63 -9.42 -26.41
N MET C 125 22.46 -8.11 -26.26
CA MET C 125 23.61 -7.33 -25.83
C MET C 125 23.96 -7.60 -24.37
N PHE C 126 23.08 -8.19 -23.58
CA PHE C 126 23.41 -8.51 -22.19
C PHE C 126 23.85 -9.94 -22.01
N ALA C 127 24.17 -10.64 -23.11
CA ALA C 127 24.72 -12.01 -23.08
C ALA C 127 23.79 -12.87 -22.22
N SER C 128 24.36 -13.75 -21.41
CA SER C 128 23.58 -14.61 -20.54
C SER C 128 22.82 -13.94 -19.38
N HIS C 129 23.34 -12.80 -18.92
CA HIS C 129 22.89 -12.22 -17.64
C HIS C 129 21.39 -12.14 -17.41
N PRO C 130 20.61 -11.67 -18.37
CA PRO C 130 19.16 -11.72 -18.15
C PRO C 130 18.69 -13.16 -17.95
N THR C 131 17.69 -13.34 -17.09
CA THR C 131 17.00 -14.63 -16.99
C THR C 131 16.28 -14.99 -18.28
N HIS C 132 15.73 -14.02 -18.93
CA HIS C 132 15.08 -14.17 -20.18
C HIS C 132 15.38 -13.04 -21.08
N SER C 133 15.40 -13.32 -22.33
CA SER C 133 15.63 -12.31 -23.35
C SER C 133 14.51 -12.45 -24.38
N ILE C 134 13.82 -11.36 -24.66
CA ILE C 134 12.79 -11.29 -25.70
C ILE C 134 13.23 -10.20 -26.66
N SER C 135 13.42 -10.57 -27.93
CA SER C 135 13.66 -9.62 -29.02
C SER C 135 12.37 -9.55 -29.81
N LEU C 136 11.57 -8.52 -29.54
CA LEU C 136 10.27 -8.35 -30.18
C LEU C 136 10.47 -8.02 -31.67
N PRO C 137 9.58 -8.50 -32.52
CA PRO C 137 9.66 -8.14 -33.94
C PRO C 137 9.18 -6.71 -34.18
N ARG C 138 9.42 -6.24 -35.39
CA ARG C 138 8.95 -4.93 -35.82
C ARG C 138 7.42 -4.90 -35.69
N PRO C 139 6.86 -3.86 -35.07
CA PRO C 139 5.39 -3.87 -34.84
C PRO C 139 4.58 -3.98 -36.13
N THR C 140 3.58 -4.86 -36.11
CA THR C 140 2.71 -5.03 -37.29
C THR C 140 1.39 -5.67 -36.86
N GLN C 141 0.30 -5.20 -37.46
CA GLN C 141 -1.01 -5.79 -37.19
C GLN C 141 -1.13 -7.20 -37.74
N ASP C 142 -0.20 -7.64 -38.60
CA ASP C 142 -0.18 -9.01 -39.10
C ASP C 142 0.29 -10.00 -38.06
N ILE C 143 0.83 -9.56 -36.94
CA ILE C 143 1.12 -10.42 -35.80
C ILE C 143 0.03 -10.13 -34.75
N PRO C 144 -0.71 -11.12 -34.29
CA PRO C 144 -1.85 -10.81 -33.44
C PRO C 144 -1.38 -10.42 -32.04
N ALA C 145 -2.18 -9.56 -31.40
CA ALA C 145 -1.90 -9.06 -30.05
C ALA C 145 -1.79 -10.20 -29.05
N ARG C 146 -2.57 -11.27 -29.26
CA ARG C 146 -2.51 -12.39 -28.32
C ARG C 146 -1.16 -13.09 -28.36
N TRP C 147 -0.43 -13.00 -29.47
CA TRP C 147 0.96 -13.47 -29.50
C TRP C 147 1.86 -12.63 -28.59
N LEU C 148 1.70 -11.30 -28.66
CA LEU C 148 2.53 -10.36 -27.90
C LEU C 148 2.28 -10.49 -26.40
N VAL C 149 1.00 -10.52 -25.99
CA VAL C 149 0.69 -10.73 -24.58
C VAL C 149 1.13 -12.11 -24.12
N SER C 150 1.00 -13.13 -24.99
CA SER C 150 1.44 -14.47 -24.59
C SER C 150 2.95 -14.55 -24.38
N THR C 151 3.70 -13.86 -25.23
CA THR C 151 5.15 -13.81 -25.10
C THR C 151 5.56 -13.15 -23.78
N ILE C 152 4.95 -11.99 -23.47
CA ILE C 152 5.27 -11.31 -22.22
C ILE C 152 4.85 -12.18 -21.03
N ASP C 153 3.69 -12.83 -21.12
CA ASP C 153 3.17 -13.64 -20.01
C ASP C 153 4.06 -14.83 -19.73
N HIS C 154 4.59 -15.45 -20.78
CA HIS C 154 5.54 -16.54 -20.61
C HIS C 154 6.76 -16.07 -19.87
N ALA C 155 7.31 -14.93 -20.32
CA ALA C 155 8.54 -14.43 -19.71
C ALA C 155 8.32 -14.09 -18.23
N LEU C 156 7.20 -13.45 -17.89
CA LEU C 156 7.02 -13.03 -16.52
C LEU C 156 6.57 -14.19 -15.65
N GLY C 157 5.75 -15.07 -16.22
CA GLY C 157 5.20 -16.17 -15.44
C GLY C 157 6.27 -17.16 -15.02
N THR C 158 7.23 -17.44 -15.90
CA THR C 158 8.29 -18.39 -15.63
C THR C 158 9.51 -17.77 -14.97
N LEU C 159 9.46 -16.50 -14.59
CA LEU C 159 10.59 -15.81 -13.99
C LEU C 159 10.69 -16.17 -12.52
N HIS C 160 11.62 -17.06 -12.17
CA HIS C 160 11.84 -17.37 -10.75
C HIS C 160 12.59 -16.23 -10.04
N ALA C 161 13.60 -15.66 -10.69
CA ALA C 161 14.44 -14.58 -10.17
C ALA C 161 15.24 -13.99 -11.31
N GLY C 162 15.73 -12.75 -11.10
CA GLY C 162 16.58 -12.09 -12.06
C GLY C 162 15.83 -11.23 -13.06
N GLY C 163 16.61 -10.70 -14.02
CA GLY C 163 16.11 -9.74 -14.98
C GLY C 163 15.60 -10.36 -16.29
N VAL C 164 14.76 -9.58 -16.96
CA VAL C 164 14.20 -9.90 -18.26
C VAL C 164 14.56 -8.74 -19.16
N HIS C 165 15.19 -9.02 -20.28
CA HIS C 165 15.46 -8.02 -21.30
C HIS C 165 14.40 -8.14 -22.39
N ILE C 166 13.61 -7.09 -22.58
CA ILE C 166 12.59 -7.05 -23.63
C ILE C 166 12.96 -5.89 -24.56
N ASN C 167 13.54 -6.22 -25.70
CA ASN C 167 13.95 -5.24 -26.67
C ASN C 167 12.76 -4.88 -27.55
N CYS C 168 12.45 -3.56 -27.66
CA CYS C 168 11.26 -3.07 -28.36
C CYS C 168 11.59 -2.15 -29.53
N PRO C 169 11.69 -2.69 -30.74
CA PRO C 169 11.86 -1.82 -31.92
C PRO C 169 10.58 -1.08 -32.28
N PHE C 170 10.74 0.17 -32.69
CA PHE C 170 9.63 0.99 -33.17
C PHE C 170 10.15 1.81 -34.34
N ALA C 171 9.40 1.81 -35.44
CA ALA C 171 9.78 2.67 -36.55
C ALA C 171 9.10 4.01 -36.41
N GLU C 172 9.73 5.03 -36.98
CA GLU C 172 9.15 6.37 -37.05
C GLU C 172 8.00 6.35 -38.09
N PRO C 173 7.05 7.30 -38.01
CA PRO C 173 6.95 8.39 -37.05
C PRO C 173 6.52 7.91 -35.66
N LEU C 174 7.04 8.58 -34.64
CA LEU C 174 6.71 8.25 -33.26
C LEU C 174 5.68 9.19 -32.66
N TYR C 175 5.53 10.37 -33.25
CA TYR C 175 4.64 11.41 -32.75
C TYR C 175 3.46 11.60 -33.69
N GLY C 176 2.40 12.17 -33.15
CA GLY C 176 1.16 12.33 -33.88
C GLY C 176 -0.03 11.97 -33.01
N GLU C 177 -1.19 12.49 -33.40
CA GLU C 177 -2.40 12.23 -32.64
C GLU C 177 -2.77 10.76 -32.71
N MET C 178 -3.41 10.28 -31.65
CA MET C 178 -4.03 8.96 -31.65
C MET C 178 -5.26 8.96 -32.54
N ASP C 179 -5.25 8.12 -33.59
CA ASP C 179 -6.48 7.76 -34.26
C ASP C 179 -6.80 6.32 -33.85
N ASP C 180 -7.70 5.67 -34.58
CA ASP C 180 -8.15 4.34 -34.19
C ASP C 180 -7.39 3.23 -34.91
N THR C 181 -6.31 3.55 -35.62
CA THR C 181 -5.38 2.53 -36.06
C THR C 181 -5.03 1.60 -34.89
N GLY C 182 -5.22 0.30 -35.10
CA GLY C 182 -4.87 -0.68 -34.07
C GLY C 182 -5.91 -0.95 -33.00
N LEU C 183 -7.04 -0.23 -33.01
CA LEU C 183 -8.06 -0.44 -31.99
C LEU C 183 -8.70 -1.82 -32.14
N SER C 184 -9.17 -2.16 -33.34
CA SER C 184 -9.77 -3.48 -33.52
C SER C 184 -8.74 -4.58 -33.26
N TRP C 185 -7.50 -4.32 -33.64
CA TRP C 185 -6.41 -5.23 -33.30
C TRP C 185 -6.33 -5.42 -31.78
N GLN C 186 -6.35 -4.35 -31.00
CA GLN C 186 -6.35 -4.53 -29.55
C GLN C 186 -7.60 -5.28 -29.07
N GLN C 187 -8.75 -5.01 -29.68
CA GLN C 187 -10.02 -5.57 -29.24
C GLN C 187 -10.13 -7.07 -29.47
N ARG C 188 -9.15 -7.62 -30.17
CA ARG C 188 -9.14 -9.05 -30.38
C ARG C 188 -9.09 -9.65 -28.97
N LEU C 189 -8.39 -8.98 -28.06
CA LEU C 189 -8.22 -9.51 -26.70
C LEU C 189 -9.50 -9.46 -25.87
N GLY C 190 -10.60 -8.88 -26.37
CA GLY C 190 -11.87 -9.01 -25.66
C GLY C 190 -11.83 -8.40 -24.27
N ASP C 191 -12.48 -9.08 -23.31
CA ASP C 191 -12.57 -8.52 -21.97
C ASP C 191 -11.35 -8.85 -21.11
N TRP C 192 -10.28 -9.39 -21.69
CA TRP C 192 -8.99 -9.40 -20.99
C TRP C 192 -8.60 -7.98 -20.56
N TRP C 193 -9.01 -6.96 -21.32
CA TRP C 193 -8.68 -5.58 -20.96
C TRP C 193 -9.27 -5.18 -19.62
N GLN C 194 -10.39 -5.80 -19.22
CA GLN C 194 -11.05 -5.49 -17.94
C GLN C 194 -10.74 -6.48 -16.83
N ASP C 195 -9.88 -7.46 -17.09
CA ASP C 195 -9.54 -8.54 -16.18
C ASP C 195 -8.33 -8.12 -15.33
N ASP C 196 -8.00 -8.93 -14.33
CA ASP C 196 -6.80 -8.73 -13.52
C ASP C 196 -5.76 -9.83 -13.67
N LYS C 197 -5.90 -10.72 -14.66
CA LYS C 197 -5.05 -11.90 -14.75
C LYS C 197 -4.27 -11.91 -16.07
N PRO C 198 -3.17 -12.66 -16.14
CA PRO C 198 -2.47 -12.83 -17.42
C PRO C 198 -3.38 -13.47 -18.48
N TRP C 199 -3.11 -13.15 -19.75
CA TRP C 199 -3.74 -13.86 -20.86
C TRP C 199 -3.41 -15.33 -20.84
N LEU C 200 -2.13 -15.64 -20.68
CA LEU C 200 -1.67 -17.01 -20.56
C LEU C 200 -1.09 -17.14 -19.17
N ARG C 201 -1.66 -18.03 -18.36
CA ARG C 201 -1.14 -18.29 -17.03
C ARG C 201 -0.21 -19.48 -17.12
N GLU C 202 1.09 -19.23 -16.93
CA GLU C 202 2.14 -20.27 -16.96
C GLU C 202 3.01 -19.92 -15.77
N ALA C 203 2.76 -20.54 -14.63
CA ALA C 203 3.40 -20.14 -13.38
C ALA C 203 3.89 -21.34 -12.58
N PRO C 204 4.80 -22.13 -13.14
CA PRO C 204 5.33 -23.28 -12.39
C PRO C 204 6.30 -22.83 -11.31
N ARG C 205 6.28 -23.55 -10.20
CA ARG C 205 7.11 -23.26 -9.04
C ARG C 205 8.36 -24.13 -9.06
N LEU C 206 9.48 -23.54 -8.69
CA LEU C 206 10.74 -24.25 -8.62
C LEU C 206 11.12 -24.37 -7.14
N GLU C 207 11.18 -25.61 -6.65
CA GLU C 207 11.51 -25.81 -5.24
C GLU C 207 12.06 -27.22 -5.05
N SER C 208 13.08 -27.31 -4.20
CA SER C 208 13.56 -28.61 -3.77
C SER C 208 12.49 -29.26 -2.89
N GLU C 209 12.50 -30.60 -2.85
CA GLU C 209 11.58 -31.30 -1.97
C GLU C 209 12.16 -31.31 -0.57
N LYS C 210 11.28 -31.52 0.42
CA LYS C 210 11.75 -31.69 1.80
C LYS C 210 12.73 -32.85 1.88
N GLN C 211 13.78 -32.68 2.69
CA GLN C 211 14.81 -33.70 2.91
C GLN C 211 14.30 -34.67 3.97
N ARG C 212 14.02 -35.90 3.54
CA ARG C 212 13.34 -36.83 4.42
C ARG C 212 14.27 -37.36 5.52
N ASP C 213 15.58 -37.17 5.39
CA ASP C 213 16.54 -37.59 6.39
C ASP C 213 16.96 -36.43 7.30
N TRP C 214 16.23 -35.31 7.25
CA TRP C 214 16.53 -34.19 8.13
C TRP C 214 16.45 -34.61 9.60
N PHE C 215 15.48 -35.48 9.92
CA PHE C 215 15.26 -35.92 11.29
C PHE C 215 16.43 -36.74 11.83
N PHE C 216 17.19 -37.40 10.93
CA PHE C 216 18.45 -37.99 11.35
C PHE C 216 19.50 -36.90 11.56
N TRP C 217 19.64 -36.00 10.57
CA TRP C 217 20.78 -35.08 10.58
C TRP C 217 20.66 -34.04 11.67
N ARG C 218 19.43 -33.69 12.05
CA ARG C 218 19.27 -32.68 13.07
C ARG C 218 19.68 -33.17 14.45
N GLN C 219 20.02 -34.46 14.61
CA GLN C 219 20.53 -34.87 15.90
C GLN C 219 22.04 -34.75 15.99
N LYS C 220 22.70 -34.57 14.87
CA LYS C 220 24.16 -34.56 14.84
C LYS C 220 24.65 -33.19 15.30
N ARG C 221 25.97 -33.05 15.42
CA ARG C 221 26.56 -31.77 15.86
C ARG C 221 26.64 -30.84 14.65
N GLY C 222 25.74 -29.88 14.55
CA GLY C 222 25.66 -28.98 13.42
C GLY C 222 26.03 -27.53 13.69
N VAL C 223 26.26 -26.82 12.58
CA VAL C 223 26.52 -25.39 12.57
C VAL C 223 25.49 -24.73 11.65
N VAL C 224 24.92 -23.62 12.10
CA VAL C 224 24.01 -22.85 11.26
C VAL C 224 24.77 -21.60 10.80
N VAL C 225 24.87 -21.42 9.49
CA VAL C 225 25.46 -20.21 8.92
C VAL C 225 24.33 -19.41 8.28
N ALA C 226 24.15 -18.19 8.74
CA ALA C 226 23.04 -17.34 8.27
C ALA C 226 23.64 -16.22 7.43
N GLY C 227 23.34 -16.25 6.13
CA GLY C 227 23.71 -15.23 5.16
C GLY C 227 22.60 -14.23 4.92
N ARG C 228 22.53 -13.70 3.69
CA ARG C 228 21.53 -12.69 3.38
C ARG C 228 20.14 -13.34 3.31
N MET C 229 19.18 -12.74 4.00
CA MET C 229 17.79 -13.23 4.03
C MET C 229 16.93 -12.06 4.49
N SER C 230 15.61 -12.26 4.51
CA SER C 230 14.72 -11.21 4.95
C SER C 230 14.74 -11.11 6.47
N ALA C 231 14.24 -9.98 6.98
CA ALA C 231 14.29 -9.70 8.41
C ALA C 231 13.53 -10.76 9.22
N GLU C 232 12.33 -11.12 8.76
CA GLU C 232 11.57 -12.16 9.43
C GLU C 232 12.31 -13.49 9.41
N GLU C 233 12.86 -13.86 8.25
CA GLU C 233 13.65 -15.09 8.19
C GLU C 233 14.78 -15.05 9.19
N GLY C 234 15.42 -13.89 9.38
CA GLY C 234 16.46 -13.79 10.40
C GLY C 234 15.98 -14.17 11.79
N LYS C 235 14.82 -13.63 12.19
CA LYS C 235 14.27 -13.99 13.51
C LYS C 235 13.98 -15.49 13.62
N LYS C 236 13.36 -16.07 12.58
CA LYS C 236 13.00 -17.48 12.62
C LYS C 236 14.23 -18.38 12.67
N VAL C 237 15.26 -18.06 11.90
CA VAL C 237 16.45 -18.91 11.96
C VAL C 237 17.14 -18.74 13.31
N ALA C 238 17.16 -17.55 13.89
CA ALA C 238 17.71 -17.42 15.25
C ALA C 238 17.02 -18.40 16.20
N LEU C 239 15.67 -18.38 16.21
CA LEU C 239 14.96 -19.27 17.15
C LEU C 239 15.20 -20.75 16.83
N TRP C 240 15.30 -21.08 15.54
CA TRP C 240 15.50 -22.45 15.09
C TRP C 240 16.87 -22.98 15.53
N ALA C 241 17.93 -22.21 15.29
CA ALA C 241 19.27 -22.64 15.70
C ALA C 241 19.37 -22.77 17.21
N GLN C 242 18.78 -21.82 17.93
CA GLN C 242 18.78 -21.92 19.38
C GLN C 242 18.08 -23.20 19.83
N THR C 243 16.92 -23.52 19.22
CA THR C 243 16.23 -24.76 19.56
C THR C 243 17.12 -25.97 19.29
N LEU C 244 17.80 -25.96 18.15
CA LEU C 244 18.68 -27.07 17.79
C LEU C 244 19.84 -27.28 18.76
N GLY C 245 20.21 -26.24 19.51
CA GLY C 245 21.43 -26.27 20.31
C GLY C 245 22.67 -26.12 19.46
N TRP C 246 22.50 -25.55 18.15
CA TRP C 246 23.62 -25.41 17.24
C TRP C 246 24.15 -23.99 17.32
N PRO C 247 25.47 -23.81 17.21
CA PRO C 247 26.00 -22.46 17.15
C PRO C 247 25.55 -21.83 15.83
N LEU C 248 25.13 -20.57 15.93
CA LEU C 248 24.65 -19.77 14.82
C LEU C 248 25.70 -18.69 14.53
N ILE C 249 26.33 -18.80 13.36
CA ILE C 249 27.22 -17.76 12.85
C ILE C 249 26.40 -16.87 11.93
N GLY C 250 26.15 -15.64 12.37
CA GLY C 250 25.23 -14.73 11.70
C GLY C 250 25.97 -13.59 11.00
N ASP C 251 25.63 -13.41 9.72
CA ASP C 251 26.21 -12.36 8.90
C ASP C 251 25.55 -11.01 9.20
N VAL C 252 26.23 -9.93 8.79
CA VAL C 252 25.63 -8.60 8.93
C VAL C 252 24.29 -8.54 8.20
N LEU C 253 24.15 -9.30 7.12
CA LEU C 253 22.93 -9.27 6.31
C LEU C 253 21.84 -10.22 6.80
N SER C 254 22.04 -10.95 7.91
CA SER C 254 21.11 -12.01 8.29
C SER C 254 19.95 -11.53 9.15
N GLN C 255 20.16 -10.51 9.92
CA GLN C 255 19.15 -9.96 10.77
C GLN C 255 18.64 -11.03 11.78
N THR C 256 19.55 -11.95 12.13
CA THR C 256 19.32 -12.98 13.14
C THR C 256 19.55 -12.47 14.55
N GLY C 257 20.13 -11.27 14.70
CA GLY C 257 20.57 -10.79 15.98
C GLY C 257 21.98 -11.18 16.35
N GLN C 258 22.63 -12.02 15.53
CA GLN C 258 24.02 -12.41 15.73
C GLN C 258 24.30 -12.77 17.18
N PRO C 259 23.69 -13.87 17.70
CA PRO C 259 23.94 -14.26 19.09
C PRO C 259 25.39 -14.64 19.42
N LEU C 260 26.26 -14.89 18.43
CA LEU C 260 27.70 -15.07 18.68
C LEU C 260 28.45 -13.98 17.92
N PRO C 261 28.36 -12.74 18.38
CA PRO C 261 28.86 -11.60 17.57
C PRO C 261 30.38 -11.64 17.38
N CYS C 262 30.82 -10.81 16.44
CA CYS C 262 32.25 -10.62 16.14
C CYS C 262 32.88 -11.91 15.65
N ALA C 263 32.14 -12.69 14.85
CA ALA C 263 32.69 -13.93 14.31
C ALA C 263 33.93 -13.68 13.46
N ASP C 264 34.01 -12.55 12.76
CA ASP C 264 35.19 -12.29 11.94
C ASP C 264 36.45 -12.20 12.77
N LEU C 265 36.31 -11.99 14.07
CA LEU C 265 37.43 -12.00 15.00
C LEU C 265 37.62 -13.37 15.64
N TRP C 266 36.55 -13.90 16.27
CA TRP C 266 36.74 -15.10 17.08
C TRP C 266 36.93 -16.33 16.23
N LEU C 267 36.50 -16.30 14.97
CA LEU C 267 36.90 -17.39 14.09
C LEU C 267 38.38 -17.38 13.76
N GLY C 268 39.12 -16.34 14.18
CA GLY C 268 40.57 -16.37 14.08
C GLY C 268 41.27 -17.07 15.22
N ASN C 269 40.53 -17.48 16.23
CA ASN C 269 41.10 -18.12 17.41
C ASN C 269 41.08 -19.63 17.20
N ALA C 270 42.22 -20.28 17.47
CA ALA C 270 42.36 -21.71 17.20
C ALA C 270 41.41 -22.55 18.06
N LYS C 271 41.05 -22.09 19.26
CA LYS C 271 40.09 -22.81 20.08
C LYS C 271 38.76 -22.96 19.37
N ALA C 272 38.35 -21.90 18.64
CA ALA C 272 37.08 -21.92 17.94
C ALA C 272 37.11 -22.85 16.74
N THR C 273 38.13 -22.74 15.88
CA THR C 273 38.22 -23.62 14.72
C THR C 273 38.28 -25.07 15.16
N SER C 274 39.00 -25.32 16.26
CA SER C 274 39.16 -26.67 16.79
C SER C 274 37.83 -27.22 17.30
N GLU C 275 37.06 -26.43 18.05
CA GLU C 275 35.74 -26.90 18.46
C GLU C 275 34.83 -27.13 17.25
N LEU C 276 34.86 -26.23 16.26
CA LEU C 276 33.99 -26.45 15.11
C LEU C 276 34.47 -27.60 14.25
N GLN C 277 35.68 -28.10 14.47
CA GLN C 277 36.07 -29.25 13.69
C GLN C 277 35.24 -30.49 14.02
N GLN C 278 34.49 -30.49 15.11
CA GLN C 278 33.64 -31.65 15.38
C GLN C 278 32.24 -31.51 14.78
N ALA C 279 31.98 -30.49 13.95
CA ALA C 279 30.67 -30.37 13.34
C ALA C 279 30.50 -31.41 12.23
N GLN C 280 29.45 -32.18 12.30
CA GLN C 280 29.09 -33.17 11.33
C GLN C 280 28.33 -32.63 10.10
N ILE C 281 27.58 -31.57 10.28
CA ILE C 281 26.80 -30.97 9.21
C ILE C 281 26.86 -29.45 9.37
N VAL C 282 26.84 -28.77 8.23
CA VAL C 282 26.79 -27.32 8.21
C VAL C 282 25.57 -26.94 7.38
N VAL C 283 24.63 -26.23 7.98
CA VAL C 283 23.45 -25.75 7.30
C VAL C 283 23.57 -24.24 7.20
N GLN C 284 23.72 -23.78 5.97
CA GLN C 284 23.83 -22.37 5.67
C GLN C 284 22.56 -21.92 4.96
N LEU C 285 21.91 -20.93 5.55
CA LEU C 285 20.70 -20.37 5.04
C LEU C 285 21.09 -19.02 4.50
N GLY C 286 20.78 -18.76 3.26
CA GLY C 286 21.24 -17.53 2.62
C GLY C 286 22.67 -17.64 2.15
N SER C 287 23.14 -16.56 1.52
CA SER C 287 24.44 -16.60 0.88
C SER C 287 25.08 -15.22 0.94
N SER C 288 26.11 -15.03 0.11
CA SER C 288 26.89 -13.80 0.05
C SER C 288 27.43 -13.44 1.44
N LEU C 289 28.19 -14.39 2.01
CA LEU C 289 28.80 -14.20 3.31
C LEU C 289 29.85 -13.09 3.22
N THR C 290 29.98 -12.30 4.29
CA THR C 290 30.74 -11.05 4.26
C THR C 290 32.18 -11.18 4.79
N GLY C 291 32.36 -11.81 5.94
CA GLY C 291 33.63 -11.75 6.65
C GLY C 291 34.70 -12.66 6.06
N LYS C 292 35.95 -12.24 6.22
CA LYS C 292 37.05 -12.99 5.64
C LYS C 292 37.32 -14.28 6.44
N ARG C 293 37.28 -14.17 7.77
CA ARG C 293 37.50 -15.31 8.62
C ARG C 293 36.44 -16.38 8.37
N LEU C 294 35.21 -15.95 8.17
CA LEU C 294 34.10 -16.89 7.93
C LEU C 294 34.21 -17.54 6.56
N LEU C 295 34.64 -16.79 5.54
CA LEU C 295 34.87 -17.40 4.23
C LEU C 295 36.02 -18.40 4.29
N GLN C 296 37.06 -18.11 5.09
CA GLN C 296 38.18 -19.03 5.23
C GLN C 296 37.80 -20.30 6.00
N TRP C 297 37.00 -20.15 7.06
CA TRP C 297 36.55 -21.34 7.77
C TRP C 297 35.57 -22.15 6.91
N GLN C 298 34.74 -21.49 6.15
CA GLN C 298 33.86 -22.19 5.27
C GLN C 298 34.69 -22.96 4.26
N ALA C 299 35.74 -22.34 3.76
CA ALA C 299 36.55 -23.03 2.76
C ALA C 299 37.28 -24.24 3.33
N SER C 300 37.69 -24.20 4.60
CA SER C 300 38.52 -25.28 5.11
C SER C 300 37.74 -26.36 5.87
N CYS C 301 36.50 -26.09 6.23
CA CYS C 301 35.80 -27.07 7.04
C CYS C 301 35.44 -28.29 6.21
N GLU C 302 35.39 -29.44 6.87
CA GLU C 302 35.17 -30.74 6.23
C GLU C 302 34.12 -31.51 7.02
N PRO C 303 32.89 -31.00 7.07
CA PRO C 303 31.81 -31.80 7.63
C PRO C 303 31.41 -32.88 6.65
N GLU C 304 30.67 -33.87 7.16
CA GLU C 304 30.17 -34.93 6.31
C GLU C 304 29.24 -34.37 5.22
N GLU C 305 28.37 -33.43 5.57
CA GLU C 305 27.52 -32.77 4.58
C GLU C 305 27.46 -31.25 4.76
N TYR C 306 27.40 -30.54 3.63
CA TYR C 306 27.24 -29.09 3.60
C TYR C 306 25.98 -28.76 2.82
N TRP C 307 24.98 -28.15 3.48
CA TRP C 307 23.73 -27.78 2.83
C TRP C 307 23.66 -26.27 2.73
N ILE C 308 23.24 -25.76 1.57
CA ILE C 308 22.94 -24.34 1.43
C ILE C 308 21.50 -24.21 1.00
N VAL C 309 20.70 -23.53 1.82
CA VAL C 309 19.27 -23.33 1.57
C VAL C 309 19.08 -21.87 1.18
N ASP C 310 18.53 -21.64 -0.01
CA ASP C 310 18.25 -20.28 -0.46
C ASP C 310 17.24 -20.38 -1.59
N ASP C 311 16.53 -19.28 -1.88
CA ASP C 311 15.56 -19.30 -2.97
C ASP C 311 16.15 -18.75 -4.27
N ILE C 312 17.48 -18.65 -4.35
CA ILE C 312 18.24 -18.36 -5.55
C ILE C 312 18.70 -19.70 -6.13
N GLU C 313 18.81 -19.77 -7.47
CA GLU C 313 19.27 -20.96 -8.16
C GLU C 313 20.79 -21.00 -8.28
N GLY C 314 21.32 -22.19 -8.54
CA GLY C 314 22.73 -22.37 -8.79
C GLY C 314 23.52 -22.72 -7.54
N ARG C 315 24.77 -23.11 -7.77
CA ARG C 315 25.72 -23.40 -6.71
C ARG C 315 26.08 -22.13 -5.97
N LEU C 316 26.19 -22.21 -4.63
CA LEU C 316 26.48 -21.06 -3.77
C LEU C 316 27.61 -21.30 -2.78
N ASP C 317 28.24 -22.47 -2.82
CA ASP C 317 29.38 -22.85 -2.01
C ASP C 317 30.63 -22.69 -2.85
N PRO C 318 31.42 -21.63 -2.68
CA PRO C 318 32.60 -21.47 -3.54
C PRO C 318 33.73 -22.44 -3.19
N ALA C 319 33.60 -23.26 -2.14
CA ALA C 319 34.57 -24.30 -1.84
C ALA C 319 34.11 -25.68 -2.31
N HIS C 320 32.93 -25.78 -2.92
CA HIS C 320 32.50 -27.00 -3.60
C HIS C 320 32.45 -28.22 -2.66
N HIS C 321 31.84 -28.04 -1.49
CA HIS C 321 31.67 -29.15 -0.56
C HIS C 321 30.75 -30.24 -1.11
N ARG C 322 30.98 -31.47 -0.63
CA ARG C 322 30.02 -32.54 -0.78
C ARG C 322 28.77 -32.18 -0.01
N GLY C 323 27.60 -32.30 -0.64
CA GLY C 323 26.43 -31.88 0.10
C GLY C 323 25.21 -31.53 -0.72
N ARG C 324 24.44 -30.53 -0.29
CA ARG C 324 23.13 -30.27 -0.86
C ARG C 324 22.93 -28.78 -1.14
N ARG C 325 22.28 -28.51 -2.26
CA ARG C 325 21.91 -27.16 -2.68
C ARG C 325 20.39 -27.16 -2.80
N LEU C 326 19.72 -26.50 -1.85
CA LEU C 326 18.28 -26.62 -1.68
C LEU C 326 17.62 -25.29 -2.02
N ILE C 327 16.75 -25.34 -3.04
CA ILE C 327 16.05 -24.17 -3.54
C ILE C 327 14.71 -24.11 -2.85
N ALA C 328 14.49 -23.05 -2.07
CA ALA C 328 13.27 -22.89 -1.30
C ALA C 328 13.26 -21.51 -0.68
N ASN C 329 12.08 -21.08 -0.26
CA ASN C 329 11.92 -19.89 0.56
C ASN C 329 12.47 -20.39 1.92
N ILE C 330 13.28 -19.59 2.58
CA ILE C 330 13.94 -20.04 3.81
C ILE C 330 12.91 -20.31 4.92
N ALA C 331 11.91 -19.44 5.07
CA ALA C 331 10.89 -19.61 6.10
C ALA C 331 10.07 -20.89 5.87
N ASP C 332 9.65 -21.12 4.61
CA ASP C 332 8.99 -22.37 4.25
C ASP C 332 9.89 -23.58 4.53
N TRP C 333 11.18 -23.46 4.22
CA TRP C 333 12.09 -24.58 4.42
C TRP C 333 12.22 -24.95 5.89
N LEU C 334 12.30 -23.94 6.76
CA LEU C 334 12.37 -24.21 8.20
C LEU C 334 11.09 -24.85 8.72
N GLU C 335 9.94 -24.46 8.16
CA GLU C 335 8.69 -25.13 8.51
C GLU C 335 8.70 -26.60 8.08
N LEU C 336 9.32 -26.93 6.94
CA LEU C 336 9.43 -28.33 6.52
C LEU C 336 10.55 -29.08 7.26
N HIS C 337 11.49 -28.35 7.85
CA HIS C 337 12.62 -28.94 8.55
C HIS C 337 12.72 -28.36 9.95
N PRO C 338 11.75 -28.67 10.81
CA PRO C 338 11.70 -28.04 12.14
C PRO C 338 12.79 -28.56 13.06
N ALA C 339 13.07 -27.73 14.06
CA ALA C 339 14.02 -28.04 15.12
C ALA C 339 13.29 -28.74 16.27
N GLU C 340 14.03 -29.67 16.90
CA GLU C 340 13.62 -30.43 18.08
C GLU C 340 14.58 -29.94 19.17
N LYS C 341 14.06 -29.65 20.37
CA LYS C 341 14.90 -29.07 21.41
C LYS C 341 16.01 -30.04 21.79
N ARG C 342 17.23 -29.54 21.85
CA ARG C 342 18.38 -30.38 22.14
C ARG C 342 19.45 -29.54 22.84
N GLN C 343 20.23 -30.21 23.68
CA GLN C 343 21.25 -29.57 24.48
C GLN C 343 22.33 -28.97 23.57
N PRO C 344 22.71 -27.71 23.77
CA PRO C 344 23.86 -27.16 23.04
C PRO C 344 25.08 -28.06 23.19
N TRP C 345 25.88 -28.14 22.12
CA TRP C 345 27.11 -28.92 22.12
C TRP C 345 28.39 -28.08 22.13
N CYS C 346 28.33 -26.77 21.86
CA CYS C 346 29.52 -25.94 21.93
C CYS C 346 29.68 -25.32 23.30
N VAL C 347 30.89 -25.42 23.85
CA VAL C 347 31.21 -24.89 25.16
C VAL C 347 32.14 -23.68 25.08
N GLU C 348 33.18 -23.75 24.25
CA GLU C 348 34.19 -22.69 24.25
C GLU C 348 33.73 -21.46 23.46
N ILE C 349 32.99 -21.67 22.37
CA ILE C 349 32.71 -20.57 21.44
C ILE C 349 31.90 -19.45 22.06
N PRO C 350 30.82 -19.69 22.83
CA PRO C 350 30.11 -18.55 23.44
C PRO C 350 31.00 -17.65 24.27
N ARG C 351 31.89 -18.23 25.09
CA ARG C 351 32.77 -17.43 25.93
C ARG C 351 33.70 -16.58 25.08
N LEU C 352 34.23 -17.14 23.99
CA LEU C 352 35.18 -16.41 23.16
C LEU C 352 34.48 -15.29 22.37
N ALA C 353 33.20 -15.47 22.02
CA ALA C 353 32.46 -14.38 21.38
C ALA C 353 32.19 -13.25 22.37
N GLU C 354 31.89 -13.59 23.63
CA GLU C 354 31.75 -12.57 24.68
C GLU C 354 33.04 -11.77 24.83
N GLN C 355 34.13 -12.47 24.88
CA GLN C 355 35.44 -11.88 25.01
C GLN C 355 35.81 -11.00 23.83
N ALA C 356 35.49 -11.45 22.63
CA ALA C 356 35.73 -10.67 21.43
C ALA C 356 34.92 -9.38 21.43
N MET C 357 33.63 -9.46 21.75
CA MET C 357 32.84 -8.22 21.77
C MET C 357 33.38 -7.24 22.82
N GLN C 358 33.77 -7.74 24.00
CA GLN C 358 34.33 -6.86 25.02
C GLN C 358 35.65 -6.21 24.59
N ALA C 359 36.52 -6.93 23.85
CA ALA C 359 37.70 -6.29 23.26
C ALA C 359 37.29 -5.16 22.32
N VAL C 360 36.19 -5.32 21.59
CA VAL C 360 35.75 -4.19 20.78
C VAL C 360 35.22 -3.05 21.66
N ILE C 361 34.38 -3.36 22.67
CA ILE C 361 33.82 -2.32 23.56
C ILE C 361 34.92 -1.53 24.23
N ALA C 362 36.03 -2.19 24.54
CA ALA C 362 37.18 -1.53 25.13
C ALA C 362 37.75 -0.43 24.22
N ARG C 363 37.43 -0.45 22.93
CA ARG C 363 38.04 0.47 21.99
C ARG C 363 37.02 1.39 21.34
N ARG C 364 35.84 1.54 21.94
CA ARG C 364 34.73 2.27 21.33
C ARG C 364 34.92 3.78 21.34
N ASP C 365 35.96 4.33 21.97
CA ASP C 365 36.01 5.77 22.20
C ASP C 365 36.56 6.59 21.04
N ALA C 366 37.63 6.14 20.40
CA ALA C 366 38.22 6.93 19.33
C ALA C 366 37.17 7.23 18.27
N PHE C 367 37.20 8.44 17.71
CA PHE C 367 36.21 8.89 16.74
C PHE C 367 36.63 8.40 15.36
N GLY C 368 36.38 7.12 15.10
CA GLY C 368 36.85 6.48 13.90
C GLY C 368 35.77 5.65 13.23
N GLU C 369 36.11 5.12 12.04
CA GLU C 369 35.15 4.31 11.28
C GLU C 369 34.96 2.93 11.92
N ALA C 370 36.00 2.34 12.52
CA ALA C 370 35.80 1.11 13.29
C ALA C 370 34.80 1.33 14.42
N GLN C 371 34.98 2.44 15.14
CA GLN C 371 34.09 2.72 16.27
C GLN C 371 32.69 3.07 15.79
N LEU C 372 32.56 3.83 14.70
CA LEU C 372 31.23 4.10 14.13
C LEU C 372 30.54 2.79 13.73
N ALA C 373 31.26 1.84 13.16
CA ALA C 373 30.67 0.57 12.79
C ALA C 373 30.15 -0.23 14.00
N HIS C 374 30.97 -0.30 15.00
CA HIS C 374 30.66 -0.97 16.21
C HIS C 374 29.51 -0.30 16.96
N ARG C 375 29.38 1.02 16.84
CA ARG C 375 28.33 1.74 17.54
C ARG C 375 27.10 2.00 16.70
N ILE C 376 27.03 1.43 15.49
CA ILE C 376 26.03 1.88 14.53
C ILE C 376 24.59 1.63 14.99
N CYS C 377 24.36 0.59 15.81
CA CYS C 377 23.00 0.32 16.27
C CYS C 377 22.46 1.48 17.11
N ASP C 378 23.33 2.25 17.77
CA ASP C 378 22.86 3.40 18.53
C ASP C 378 22.27 4.48 17.64
N TYR C 379 22.44 4.38 16.32
CA TYR C 379 21.92 5.39 15.42
C TYR C 379 20.86 4.87 14.47
N LEU C 380 20.50 3.60 14.58
CA LEU C 380 19.48 3.04 13.71
C LEU C 380 18.16 3.78 13.93
N PRO C 381 17.51 4.24 12.85
CA PRO C 381 16.20 4.89 13.03
C PRO C 381 15.14 3.90 13.50
N GLU C 382 14.30 4.34 14.44
CA GLU C 382 13.23 3.50 14.93
C GLU C 382 12.28 3.14 13.79
N GLN C 383 11.95 1.84 13.68
CA GLN C 383 11.10 1.29 12.61
C GLN C 383 11.64 1.61 11.22
N GLY C 384 12.97 1.66 11.09
CA GLY C 384 13.57 1.97 9.82
C GLY C 384 14.27 0.78 9.19
N GLN C 385 15.28 1.06 8.39
CA GLN C 385 16.06 0.04 7.71
C GLN C 385 17.45 0.61 7.51
N LEU C 386 18.40 -0.31 7.35
CA LEU C 386 19.79 0.00 7.12
C LEU C 386 20.19 -0.48 5.73
N PHE C 387 20.82 0.42 4.97
CA PHE C 387 21.49 0.08 3.72
C PHE C 387 22.98 0.23 3.97
N VAL C 388 23.72 -0.87 3.84
CA VAL C 388 25.16 -0.87 4.11
C VAL C 388 25.86 -0.94 2.76
N GLY C 389 26.75 0.01 2.50
CA GLY C 389 27.55 0.03 1.30
C GLY C 389 28.57 -1.09 1.30
N ASN C 390 29.44 -1.07 0.29
CA ASN C 390 30.40 -2.14 0.15
C ASN C 390 31.77 -1.67 0.66
N SER C 391 32.80 -2.49 0.43
CA SER C 391 34.19 -2.24 0.90
C SER C 391 34.23 -2.27 2.43
N LEU C 392 34.91 -1.31 3.10
CA LEU C 392 35.19 -1.48 4.53
C LEU C 392 33.94 -1.37 5.38
N VAL C 393 32.97 -0.55 5.01
CA VAL C 393 31.88 -0.32 5.97
C VAL C 393 31.19 -1.62 6.34
N VAL C 394 30.88 -2.45 5.33
CA VAL C 394 30.15 -3.69 5.58
C VAL C 394 31.00 -4.70 6.33
N ARG C 395 32.32 -4.71 6.10
CA ARG C 395 33.21 -5.60 6.82
C ARG C 395 33.36 -5.17 8.28
N LEU C 396 33.49 -3.87 8.53
CA LEU C 396 33.63 -3.39 9.90
C LEU C 396 32.34 -3.63 10.70
N ILE C 397 31.18 -3.33 10.11
CA ILE C 397 29.91 -3.62 10.78
C ILE C 397 29.74 -5.11 11.01
N ASP C 398 30.08 -5.94 10.02
CA ASP C 398 29.98 -7.37 10.22
C ASP C 398 30.91 -7.84 11.34
N ALA C 399 32.11 -7.29 11.42
CA ALA C 399 33.10 -7.76 12.39
C ALA C 399 32.90 -7.21 13.80
N LEU C 400 32.37 -5.99 13.96
CA LEU C 400 32.45 -5.27 15.24
C LEU C 400 31.11 -4.93 15.86
N SER C 401 29.99 -5.14 15.16
CA SER C 401 28.68 -4.70 15.63
C SER C 401 27.77 -5.92 15.82
N GLN C 402 26.75 -5.73 16.66
CA GLN C 402 25.74 -6.76 16.87
C GLN C 402 24.41 -6.10 16.53
N LEU C 403 23.92 -6.38 15.34
CA LEU C 403 22.72 -5.73 14.88
C LEU C 403 21.51 -6.45 15.46
N PRO C 404 20.43 -5.73 15.73
CA PRO C 404 19.27 -6.37 16.37
C PRO C 404 18.58 -7.32 15.41
N ALA C 405 18.05 -8.40 15.97
CA ALA C 405 17.32 -9.38 15.16
C ALA C 405 16.11 -8.71 14.51
N GLY C 406 15.87 -9.03 13.24
CA GLY C 406 14.71 -8.53 12.55
C GLY C 406 14.76 -7.07 12.13
N TYR C 407 15.85 -6.37 12.40
CA TYR C 407 16.00 -5.03 11.90
C TYR C 407 16.48 -5.11 10.45
N PRO C 408 15.73 -4.58 9.49
CA PRO C 408 16.02 -4.86 8.08
C PRO C 408 17.31 -4.21 7.57
N VAL C 409 18.15 -5.03 6.95
CA VAL C 409 19.41 -4.61 6.35
C VAL C 409 19.35 -4.90 4.85
N TYR C 410 19.79 -3.94 4.04
CA TYR C 410 19.84 -4.15 2.59
C TYR C 410 21.24 -3.84 2.07
N SER C 411 21.55 -4.36 0.88
CA SER C 411 22.90 -4.22 0.34
C SER C 411 22.89 -4.58 -1.14
N ASN C 412 24.00 -4.26 -1.82
CA ASN C 412 24.33 -4.70 -3.18
C ASN C 412 25.56 -5.59 -3.11
N LYS C 413 25.39 -6.81 -2.59
CA LYS C 413 26.51 -7.72 -2.41
C LYS C 413 26.41 -8.96 -3.31
N GLY C 414 25.51 -8.98 -4.28
CA GLY C 414 25.64 -10.00 -5.31
C GLY C 414 27.03 -9.94 -5.91
N ALA C 415 27.32 -8.84 -6.61
CA ALA C 415 28.64 -8.58 -7.17
C ALA C 415 29.44 -7.51 -6.42
N SER C 416 28.87 -6.91 -5.38
CA SER C 416 29.61 -5.96 -4.53
C SER C 416 30.16 -4.75 -5.30
N GLY C 417 29.46 -4.28 -6.32
CA GLY C 417 29.88 -3.06 -6.97
C GLY C 417 29.70 -1.85 -6.09
N ILE C 418 30.60 -0.88 -6.26
CA ILE C 418 30.46 0.41 -5.62
C ILE C 418 29.84 1.42 -6.58
N ASP C 419 29.16 0.94 -7.63
CA ASP C 419 28.82 1.84 -8.73
C ASP C 419 27.38 2.33 -8.69
N GLY C 420 26.52 1.76 -7.83
CA GLY C 420 25.14 2.20 -7.75
C GLY C 420 24.55 2.25 -6.34
N LEU C 421 25.35 2.62 -5.33
CA LEU C 421 24.88 2.47 -3.95
C LEU C 421 23.87 3.55 -3.53
N LEU C 422 24.09 4.81 -3.94
CA LEU C 422 23.18 5.88 -3.57
C LEU C 422 21.81 5.75 -4.26
N SER C 423 21.82 5.39 -5.54
CA SER C 423 20.55 5.23 -6.23
C SER C 423 19.80 3.99 -5.74
N THR C 424 20.53 2.91 -5.42
CA THR C 424 19.91 1.74 -4.79
C THR C 424 19.26 2.12 -3.45
N ALA C 425 19.97 2.90 -2.63
CA ALA C 425 19.39 3.33 -1.35
C ALA C 425 18.12 4.15 -1.57
N ALA C 426 18.12 5.00 -2.61
CA ALA C 426 16.92 5.79 -2.94
C ALA C 426 15.73 4.88 -3.26
N GLY C 427 15.95 3.82 -4.04
CA GLY C 427 14.87 2.88 -4.31
C GLY C 427 14.41 2.10 -3.08
N VAL C 428 15.35 1.65 -2.25
CA VAL C 428 15.04 0.96 -0.98
C VAL C 428 14.08 1.78 -0.14
N GLN C 429 14.40 3.03 0.09
CA GLN C 429 13.59 3.95 0.83
C GLN C 429 12.25 4.23 0.16
N ARG C 430 12.21 4.43 -1.15
CA ARG C 430 10.90 4.75 -1.73
C ARG C 430 9.98 3.54 -1.72
N ALA C 431 10.52 2.34 -1.91
CA ALA C 431 9.66 1.17 -1.91
C ALA C 431 9.02 0.98 -0.53
N SER C 432 9.81 1.09 0.54
CA SER C 432 9.21 0.79 1.85
C SER C 432 8.53 1.99 2.52
N GLY C 433 8.92 3.22 2.19
CA GLY C 433 8.44 4.40 2.90
C GLY C 433 9.03 4.63 4.28
N LYS C 434 10.09 3.79 4.74
CA LYS C 434 10.65 3.84 6.09
C LYS C 434 11.85 4.78 6.18
N PRO C 435 12.08 5.36 7.36
CA PRO C 435 13.33 6.07 7.58
C PRO C 435 14.51 5.12 7.33
N THR C 436 15.57 5.65 6.73
CA THR C 436 16.64 4.84 6.19
C THR C 436 18.00 5.36 6.60
N LEU C 437 18.86 4.45 7.05
CA LEU C 437 20.25 4.80 7.32
C LEU C 437 21.08 4.11 6.25
N ALA C 438 21.77 4.89 5.42
CA ALA C 438 22.63 4.38 4.36
C ALA C 438 24.06 4.78 4.67
N ILE C 439 24.98 3.82 4.61
CA ILE C 439 26.37 4.06 4.97
C ILE C 439 27.25 3.64 3.81
N VAL C 440 28.05 4.56 3.29
CA VAL C 440 28.91 4.29 2.14
C VAL C 440 30.25 4.97 2.36
N GLY C 441 31.28 4.53 1.59
CA GLY C 441 32.55 5.20 1.57
C GLY C 441 32.61 6.35 0.55
N ASP C 442 33.72 7.10 0.61
CA ASP C 442 33.84 8.31 -0.21
C ASP C 442 33.94 7.98 -1.70
N LEU C 443 34.70 6.95 -2.08
CA LEU C 443 34.75 6.60 -3.51
C LEU C 443 33.39 6.10 -3.99
N SER C 444 32.67 5.36 -3.15
CA SER C 444 31.30 4.97 -3.49
C SER C 444 30.40 6.19 -3.64
N ALA C 445 30.56 7.19 -2.78
CA ALA C 445 29.70 8.37 -2.89
C ALA C 445 30.03 9.17 -4.15
N LEU C 446 31.32 9.27 -4.51
CA LEU C 446 31.71 9.94 -5.75
C LEU C 446 31.18 9.19 -6.98
N TYR C 447 31.25 7.86 -6.95
CA TYR C 447 30.83 7.04 -8.08
C TYR C 447 29.40 7.36 -8.51
N ASP C 448 28.47 7.41 -7.55
CA ASP C 448 27.05 7.61 -7.83
C ASP C 448 26.63 9.01 -7.40
N LEU C 449 27.53 9.99 -7.59
CA LEU C 449 27.32 11.32 -7.05
C LEU C 449 26.04 11.95 -7.58
N ASN C 450 25.78 11.80 -8.88
CA ASN C 450 24.58 12.44 -9.38
C ASN C 450 23.29 11.79 -8.84
N ALA C 451 23.38 10.63 -8.16
CA ALA C 451 22.17 10.09 -7.54
C ALA C 451 21.69 10.94 -6.37
N LEU C 452 22.50 11.90 -5.90
CA LEU C 452 21.98 12.87 -4.96
C LEU C 452 20.74 13.58 -5.52
N ALA C 453 20.63 13.67 -6.85
CA ALA C 453 19.42 14.24 -7.45
C ALA C 453 18.18 13.45 -7.06
N LEU C 454 18.28 12.12 -7.05
CA LEU C 454 17.15 11.32 -6.58
C LEU C 454 16.92 11.51 -5.09
N LEU C 455 17.97 11.77 -4.32
CA LEU C 455 17.74 11.80 -2.89
C LEU C 455 17.02 13.06 -2.46
N ARG C 456 16.74 13.98 -3.39
CA ARG C 456 15.89 15.10 -3.02
C ARG C 456 14.43 14.71 -2.89
N GLN C 457 14.04 13.48 -3.27
CA GLN C 457 12.65 13.02 -3.11
C GLN C 457 12.62 11.69 -2.37
N VAL C 458 12.40 11.78 -1.05
CA VAL C 458 12.25 10.62 -0.19
C VAL C 458 10.98 10.85 0.62
N SER C 459 10.29 9.77 0.96
CA SER C 459 9.04 9.82 1.73
C SER C 459 9.26 9.74 3.24
N ALA C 460 10.50 9.62 3.69
CA ALA C 460 10.85 9.53 5.10
C ALA C 460 12.29 9.98 5.23
N PRO C 461 12.74 10.36 6.42
CA PRO C 461 14.12 10.82 6.55
C PRO C 461 15.10 9.74 6.10
N LEU C 462 16.05 10.13 5.26
CA LEU C 462 17.14 9.28 4.86
C LEU C 462 18.42 9.98 5.29
N VAL C 463 19.23 9.28 6.10
CA VAL C 463 20.57 9.77 6.43
C VAL C 463 21.58 9.00 5.60
N LEU C 464 22.37 9.73 4.86
CA LEU C 464 23.46 9.16 4.09
C LEU C 464 24.73 9.55 4.82
N ILE C 465 25.35 8.57 5.46
CA ILE C 465 26.68 8.74 6.03
C ILE C 465 27.69 8.39 4.96
N VAL C 466 28.61 9.33 4.72
CA VAL C 466 29.77 9.09 3.87
C VAL C 466 30.98 9.01 4.81
N VAL C 467 31.59 7.83 4.90
CA VAL C 467 32.84 7.68 5.62
C VAL C 467 33.96 8.08 4.68
N ASN C 468 34.57 9.21 4.97
CA ASN C 468 35.61 9.78 4.17
C ASN C 468 36.97 9.57 4.77
N ASN C 469 37.60 8.55 4.27
CA ASN C 469 38.91 8.17 4.64
C ASN C 469 39.92 8.45 3.53
N ASN C 470 39.48 9.18 2.52
CA ASN C 470 40.33 9.65 1.42
C ASN C 470 40.96 8.48 0.64
N GLY C 471 40.10 7.77 -0.08
CA GLY C 471 40.52 6.72 -0.98
C GLY C 471 39.85 5.41 -0.64
N GLY C 472 40.20 4.38 -1.40
CA GLY C 472 39.65 3.05 -1.16
C GLY C 472 40.48 2.33 -0.12
N GLN C 473 40.19 2.59 1.15
CA GLN C 473 41.07 2.10 2.20
C GLN C 473 40.94 0.60 2.47
N ILE C 474 40.03 -0.12 1.80
CA ILE C 474 40.12 -1.57 1.80
C ILE C 474 41.50 -1.99 1.35
N PHE C 475 42.11 -1.21 0.46
CA PHE C 475 43.42 -1.57 -0.04
C PHE C 475 44.54 -1.19 0.92
N SER C 476 44.22 -0.54 2.04
CA SER C 476 45.14 -0.49 3.17
C SER C 476 45.00 -1.70 4.09
N LEU C 477 43.89 -2.43 3.98
CA LEU C 477 43.68 -3.64 4.75
C LEU C 477 44.33 -4.84 4.05
N LEU C 478 44.08 -5.00 2.73
CA LEU C 478 44.75 -6.02 1.92
C LEU C 478 46.25 -5.70 1.81
N PRO C 479 47.13 -6.78 1.63
CA PRO C 479 48.60 -6.57 1.52
C PRO C 479 49.04 -6.08 0.15
N THR C 480 48.47 -4.95 -0.27
CA THR C 480 48.88 -4.30 -1.51
C THR C 480 50.32 -3.79 -1.36
N PRO C 481 51.07 -3.73 -2.47
CA PRO C 481 52.45 -3.24 -2.40
C PRO C 481 52.51 -1.75 -2.11
N GLN C 482 53.47 -1.38 -1.25
CA GLN C 482 53.49 -0.03 -0.70
C GLN C 482 53.78 1.01 -1.77
N SER C 483 54.70 0.73 -2.70
CA SER C 483 55.10 1.79 -3.62
C SER C 483 53.97 2.20 -4.56
N GLU C 484 53.14 1.24 -5.02
CA GLU C 484 52.07 1.55 -5.97
C GLU C 484 50.74 1.86 -5.29
N ARG C 485 50.63 1.64 -3.98
CA ARG C 485 49.33 1.61 -3.30
C ARG C 485 48.53 2.89 -3.49
N GLU C 486 49.13 4.05 -3.22
CA GLU C 486 48.36 5.30 -3.26
C GLU C 486 47.86 5.62 -4.68
N ARG C 487 48.75 5.53 -5.68
CA ARG C 487 48.36 5.93 -7.03
C ARG C 487 47.43 4.93 -7.68
N PHE C 488 47.69 3.63 -7.51
CA PHE C 488 46.96 2.63 -8.31
C PHE C 488 45.92 1.85 -7.53
N TYR C 489 45.83 2.02 -6.21
CA TYR C 489 44.86 1.30 -5.41
C TYR C 489 43.97 2.26 -4.61
N LEU C 490 44.52 3.01 -3.66
CA LEU C 490 43.70 3.87 -2.82
C LEU C 490 43.00 4.93 -3.67
N MET C 491 43.76 5.58 -4.54
CA MET C 491 43.30 6.71 -5.33
C MET C 491 42.57 7.76 -4.49
N PRO C 492 43.24 8.39 -3.54
CA PRO C 492 42.59 9.48 -2.81
C PRO C 492 42.22 10.59 -3.79
N GLN C 493 41.01 11.04 -3.65
CA GLN C 493 40.50 12.11 -4.43
C GLN C 493 40.58 13.47 -3.75
N ASN C 494 40.82 13.53 -2.45
CA ASN C 494 40.97 14.77 -1.68
C ASN C 494 39.79 15.73 -1.90
N VAL C 495 38.60 15.26 -1.54
CA VAL C 495 37.39 16.04 -1.70
C VAL C 495 36.61 15.97 -0.39
N HIS C 496 35.68 16.88 -0.24
CA HIS C 496 34.62 16.81 0.76
C HIS C 496 33.28 16.85 0.06
N PHE C 497 32.22 16.65 0.84
CA PHE C 497 30.89 16.51 0.27
C PHE C 497 29.95 17.64 0.68
N GLU C 498 30.49 18.71 1.25
CA GLU C 498 29.65 19.85 1.60
C GLU C 498 29.05 20.46 0.34
N HIS C 499 29.85 20.62 -0.71
CA HIS C 499 29.37 21.27 -1.92
C HIS C 499 28.45 20.38 -2.73
N ALA C 500 28.62 19.05 -2.69
CA ALA C 500 27.66 18.17 -3.33
C ALA C 500 26.26 18.31 -2.71
N ALA C 501 26.20 18.25 -1.38
CA ALA C 501 24.94 18.45 -0.70
C ALA C 501 24.36 19.83 -1.00
N ALA C 502 25.19 20.89 -0.96
CA ALA C 502 24.66 22.22 -1.24
C ALA C 502 24.08 22.29 -2.65
N MET C 503 24.75 21.65 -3.62
CA MET C 503 24.25 21.67 -4.99
C MET C 503 22.87 21.06 -5.10
N PHE C 504 22.59 20.01 -4.31
CA PHE C 504 21.26 19.41 -4.42
C PHE C 504 20.32 19.80 -3.29
N GLU C 505 20.68 20.84 -2.52
CA GLU C 505 19.85 21.38 -1.43
C GLU C 505 19.49 20.31 -0.40
N LEU C 506 20.48 19.49 -0.05
CA LEU C 506 20.40 18.51 1.03
C LEU C 506 21.07 19.08 2.26
N LYS C 507 20.46 18.84 3.42
CA LYS C 507 21.08 19.21 4.69
C LYS C 507 22.41 18.46 4.83
N TYR C 508 23.37 19.11 5.49
CA TYR C 508 24.72 18.60 5.60
C TYR C 508 25.25 18.80 7.01
N HIS C 509 25.94 17.79 7.55
CA HIS C 509 26.66 17.91 8.81
C HIS C 509 28.02 17.25 8.65
N ARG C 510 29.01 17.83 9.33
CA ARG C 510 30.37 17.32 9.32
C ARG C 510 30.85 17.23 10.76
N PRO C 511 30.33 16.26 11.49
CA PRO C 511 30.66 16.06 12.91
C PRO C 511 32.12 15.72 13.19
N GLN C 512 32.64 16.27 14.28
CA GLN C 512 34.02 16.04 14.71
C GLN C 512 34.17 15.24 16.00
N ASN C 513 33.08 14.89 16.69
CA ASN C 513 33.13 14.09 17.90
C ASN C 513 31.77 13.42 18.03
N TRP C 514 31.62 12.57 19.05
CA TRP C 514 30.38 11.79 19.19
C TRP C 514 29.18 12.66 19.48
N GLN C 515 29.33 13.69 20.33
CA GLN C 515 28.18 14.51 20.67
C GLN C 515 27.61 15.20 19.43
N GLU C 516 28.48 15.73 18.58
CA GLU C 516 28.06 16.39 17.35
C GLU C 516 27.42 15.41 16.38
N LEU C 517 27.88 14.15 16.38
CA LEU C 517 27.25 13.14 15.52
C LEU C 517 25.84 12.80 16.02
N GLU C 518 25.65 12.76 17.34
CA GLU C 518 24.32 12.51 17.88
C GLU C 518 23.38 13.70 17.63
N THR C 519 23.89 14.93 17.76
CA THR C 519 23.14 16.11 17.35
C THR C 519 22.76 16.01 15.87
N ALA C 520 23.73 15.65 15.02
CA ALA C 520 23.47 15.58 13.59
C ALA C 520 22.36 14.58 13.27
N PHE C 521 22.42 13.38 13.86
CA PHE C 521 21.36 12.39 13.64
C PHE C 521 20.02 12.85 14.18
N ALA C 522 20.01 13.37 15.42
CA ALA C 522 18.75 13.84 16.02
C ALA C 522 18.10 14.89 15.13
N ASP C 523 18.94 15.74 14.51
CA ASP C 523 18.50 16.74 13.54
C ASP C 523 17.94 16.08 12.29
N ALA C 524 18.63 15.09 11.78
CA ALA C 524 18.28 14.54 10.47
C ALA C 524 16.97 13.73 10.50
N TRP C 525 16.65 13.06 11.60
CA TRP C 525 15.44 12.23 11.59
C TRP C 525 14.14 13.05 11.67
N ARG C 526 14.20 14.39 11.63
CA ARG C 526 13.05 15.24 11.94
C ARG C 526 12.10 15.49 10.76
N THR C 527 12.57 15.36 9.53
CA THR C 527 11.82 15.80 8.36
C THR C 527 11.98 14.71 7.32
N PRO C 528 11.03 14.57 6.42
CA PRO C 528 11.16 13.54 5.34
C PRO C 528 12.12 13.99 4.24
N THR C 529 13.38 14.15 4.60
CA THR C 529 14.38 14.59 3.62
C THR C 529 15.64 13.77 3.80
N THR C 530 16.55 13.96 2.85
CA THR C 530 17.87 13.37 2.92
C THR C 530 18.85 14.34 3.59
N THR C 531 19.57 13.86 4.59
CA THR C 531 20.67 14.58 5.20
C THR C 531 21.96 13.85 4.91
N VAL C 532 22.98 14.57 4.46
CA VAL C 532 24.30 14.02 4.25
C VAL C 532 25.12 14.33 5.50
N ILE C 533 25.65 13.28 6.13
CA ILE C 533 26.55 13.39 7.27
C ILE C 533 27.89 12.86 6.79
N GLU C 534 28.89 13.71 6.69
CA GLU C 534 30.21 13.29 6.28
C GLU C 534 31.06 13.10 7.53
N MET C 535 31.55 11.88 7.73
CA MET C 535 32.48 11.59 8.82
C MET C 535 33.89 11.46 8.25
N VAL C 536 34.71 12.49 8.51
CA VAL C 536 36.09 12.50 8.06
C VAL C 536 36.96 11.88 9.14
N VAL C 537 37.73 10.85 8.74
CA VAL C 537 38.56 10.06 9.65
C VAL C 537 39.93 9.87 9.01
N ASN C 538 40.89 9.44 9.84
CA ASN C 538 42.23 9.21 9.32
C ASN C 538 42.22 7.96 8.47
N ASP C 539 42.93 8.05 7.33
CA ASP C 539 42.83 7.09 6.24
C ASP C 539 42.88 5.63 6.70
N THR C 540 43.96 5.24 7.40
CA THR C 540 44.22 3.84 7.69
C THR C 540 43.83 3.38 9.10
N ASP C 541 43.21 4.25 9.93
CA ASP C 541 42.87 3.84 11.30
C ASP C 541 41.89 2.67 11.33
N GLY C 542 40.90 2.66 10.43
CA GLY C 542 39.89 1.60 10.45
C GLY C 542 40.47 0.23 10.16
N ALA C 543 41.26 0.14 9.08
CA ALA C 543 41.90 -1.13 8.75
C ALA C 543 42.85 -1.56 9.85
N GLN C 544 43.58 -0.60 10.40
CA GLN C 544 44.46 -0.89 11.50
C GLN C 544 43.77 -1.36 12.76
N THR C 545 42.69 -0.72 13.18
CA THR C 545 41.95 -1.19 14.33
C THR C 545 41.42 -2.61 14.08
N LEU C 546 40.98 -2.89 12.85
CA LEU C 546 40.48 -4.24 12.58
C LEU C 546 41.60 -5.29 12.68
N GLN C 547 42.78 -4.98 12.13
CA GLN C 547 43.91 -5.92 12.22
C GLN C 547 44.31 -6.19 13.67
N GLN C 548 44.38 -5.12 14.48
CA GLN C 548 44.76 -5.24 15.89
C GLN C 548 43.75 -6.05 16.67
N LEU C 549 42.46 -5.81 16.39
CA LEU C 549 41.46 -6.57 17.09
C LEU C 549 41.50 -8.04 16.68
N LEU C 550 41.82 -8.32 15.42
CA LEU C 550 41.99 -9.71 15.02
C LEU C 550 43.14 -10.35 15.79
N ALA C 551 44.29 -9.66 15.84
CA ALA C 551 45.44 -10.20 16.55
C ALA C 551 45.11 -10.45 18.02
N GLN C 552 44.52 -9.44 18.68
CA GLN C 552 44.19 -9.56 20.10
C GLN C 552 43.22 -10.72 20.34
N VAL C 553 42.15 -10.83 19.53
CA VAL C 553 41.19 -11.90 19.75
C VAL C 553 41.82 -13.26 19.46
N SER C 554 42.76 -13.34 18.52
CA SER C 554 43.38 -14.62 18.22
C SER C 554 44.23 -15.17 19.37
N HIS C 555 44.70 -14.32 20.30
CA HIS C 555 45.50 -14.79 21.42
C HIS C 555 44.69 -15.01 22.71
N LEU C 556 43.38 -14.90 22.66
CA LEU C 556 42.51 -15.06 23.83
C LEU C 556 42.48 -16.49 24.37
N MET D 1 57.15 -22.92 -7.10
CA MET D 1 56.17 -22.29 -8.00
C MET D 1 55.18 -21.32 -7.28
N SER D 2 55.46 -20.02 -7.38
CA SER D 2 54.63 -18.98 -6.77
C SER D 2 53.55 -18.55 -7.75
N VAL D 3 52.29 -18.75 -7.36
CA VAL D 3 51.17 -18.39 -8.24
C VAL D 3 51.13 -16.88 -8.48
N SER D 4 51.44 -16.08 -7.45
CA SER D 4 51.36 -14.63 -7.58
C SER D 4 52.43 -14.09 -8.54
N ALA D 5 53.66 -14.59 -8.40
CA ALA D 5 54.73 -14.17 -9.31
C ALA D 5 54.42 -14.56 -10.74
N PHE D 6 53.91 -15.77 -10.96
CA PHE D 6 53.62 -16.15 -12.33
C PHE D 6 52.46 -15.34 -12.90
N ASN D 7 51.40 -15.06 -12.11
CA ASN D 7 50.36 -14.16 -12.55
C ASN D 7 50.97 -12.88 -13.13
N ARG D 8 51.93 -12.32 -12.42
CA ARG D 8 52.51 -11.09 -12.91
C ARG D 8 53.48 -11.28 -14.09
N ARG D 9 54.07 -12.46 -14.25
CA ARG D 9 54.89 -12.68 -15.45
C ARG D 9 54.01 -12.79 -16.70
N TRP D 10 52.92 -13.55 -16.57
CA TRP D 10 51.88 -13.66 -17.60
C TRP D 10 51.36 -12.27 -17.99
N ALA D 11 50.97 -11.48 -16.98
CA ALA D 11 50.45 -10.14 -17.25
C ALA D 11 51.51 -9.26 -17.92
N ALA D 12 52.78 -9.40 -17.49
CA ALA D 12 53.84 -8.59 -18.06
C ALA D 12 54.03 -8.89 -19.55
N VAL D 13 53.82 -10.15 -19.95
CA VAL D 13 53.85 -10.47 -21.38
C VAL D 13 52.71 -9.75 -22.11
N ILE D 14 51.50 -9.77 -21.55
CA ILE D 14 50.39 -9.05 -22.19
C ILE D 14 50.71 -7.56 -22.37
N LEU D 15 51.13 -6.90 -21.30
CA LEU D 15 51.34 -5.45 -21.35
C LEU D 15 52.45 -5.09 -22.33
N GLU D 16 53.59 -5.80 -22.24
CA GLU D 16 54.69 -5.53 -23.15
C GLU D 16 54.28 -5.75 -24.59
N ALA D 17 53.48 -6.80 -24.85
CA ALA D 17 53.00 -7.05 -26.20
C ALA D 17 52.24 -5.84 -26.71
N LEU D 18 51.43 -5.23 -25.83
CA LEU D 18 50.70 -4.04 -26.28
C LEU D 18 51.63 -2.90 -26.69
N THR D 19 52.78 -2.72 -26.02
CA THR D 19 53.68 -1.64 -26.48
C THR D 19 54.13 -1.82 -27.94
N ARG D 20 54.13 -3.04 -28.49
CA ARG D 20 54.55 -3.21 -29.87
C ARG D 20 53.48 -2.76 -30.86
N HIS D 21 52.28 -2.42 -30.42
CA HIS D 21 51.24 -2.02 -31.34
C HIS D 21 50.79 -0.57 -31.15
N GLY D 22 51.62 0.26 -30.54
CA GLY D 22 51.27 1.66 -30.40
C GLY D 22 50.54 2.05 -29.13
N VAL D 23 50.35 1.12 -28.19
CA VAL D 23 49.69 1.52 -26.95
C VAL D 23 50.67 2.35 -26.14
N ARG D 24 50.33 3.60 -25.91
CA ARG D 24 51.07 4.55 -25.09
C ARG D 24 50.34 4.95 -23.83
N HIS D 25 49.01 5.13 -23.89
CA HIS D 25 48.19 5.51 -22.76
C HIS D 25 47.45 4.30 -22.22
N ILE D 26 47.46 4.15 -20.89
CA ILE D 26 46.69 3.10 -20.24
C ILE D 26 45.88 3.72 -19.10
N CYS D 27 44.59 3.40 -19.07
CA CYS D 27 43.67 3.90 -18.07
C CYS D 27 43.32 2.79 -17.08
N ILE D 28 43.51 3.07 -15.79
CA ILE D 28 43.46 2.07 -14.73
C ILE D 28 42.47 2.50 -13.67
N ALA D 29 41.55 1.61 -13.34
CA ALA D 29 40.66 1.78 -12.20
C ALA D 29 41.09 0.84 -11.05
N PRO D 30 40.73 1.17 -9.81
CA PRO D 30 41.25 0.40 -8.68
C PRO D 30 40.58 -0.95 -8.53
N GLY D 31 41.33 -1.88 -7.96
CA GLY D 31 40.78 -3.20 -7.72
C GLY D 31 41.86 -4.10 -7.18
N SER D 32 41.42 -5.28 -6.75
CA SER D 32 42.32 -6.32 -6.27
C SER D 32 42.60 -7.38 -7.31
N ARG D 33 41.55 -7.90 -7.95
CA ARG D 33 41.73 -8.95 -8.96
C ARG D 33 42.59 -8.46 -10.11
N SER D 34 42.61 -7.16 -10.39
CA SER D 34 43.41 -6.63 -11.49
C SER D 34 44.89 -6.42 -11.16
N THR D 35 45.30 -6.69 -9.91
CA THR D 35 46.67 -6.55 -9.47
C THR D 35 47.73 -7.03 -10.46
N PRO D 36 47.66 -8.22 -11.07
CA PRO D 36 48.71 -8.61 -12.01
C PRO D 36 48.84 -7.64 -13.18
N LEU D 37 47.71 -7.22 -13.76
CA LEU D 37 47.79 -6.27 -14.86
C LEU D 37 48.32 -4.93 -14.37
N THR D 38 47.75 -4.42 -13.29
CA THR D 38 48.09 -3.08 -12.84
C THR D 38 49.55 -2.98 -12.46
N LEU D 39 50.06 -3.96 -11.70
CA LEU D 39 51.47 -3.89 -11.38
C LEU D 39 52.32 -4.04 -12.61
N ALA D 40 51.95 -4.96 -13.52
CA ALA D 40 52.73 -5.07 -14.76
C ALA D 40 52.71 -3.75 -15.52
N ALA D 41 51.56 -3.05 -15.51
CA ALA D 41 51.46 -1.79 -16.21
C ALA D 41 52.25 -0.73 -15.48
N ALA D 42 52.21 -0.78 -14.15
CA ALA D 42 52.87 0.26 -13.38
C ALA D 42 54.39 0.20 -13.54
N GLU D 43 54.95 -1.01 -13.67
CA GLU D 43 56.41 -1.17 -13.82
C GLU D 43 56.92 -0.88 -15.22
N ASN D 44 56.05 -0.75 -16.23
CA ASN D 44 56.49 -0.64 -17.63
C ASN D 44 56.62 0.84 -18.00
N SER D 45 57.85 1.27 -18.30
CA SER D 45 58.20 2.66 -18.57
C SER D 45 57.64 3.18 -19.87
N ALA D 46 57.09 2.31 -20.71
CA ALA D 46 56.55 2.76 -21.99
C ALA D 46 55.22 3.48 -21.86
N PHE D 47 54.54 3.41 -20.71
CA PHE D 47 53.15 3.86 -20.61
C PHE D 47 53.04 5.22 -19.89
N ILE D 48 52.04 6.00 -20.31
CA ILE D 48 51.49 7.07 -19.48
C ILE D 48 50.22 6.52 -18.85
N HIS D 49 50.13 6.62 -17.52
CA HIS D 49 49.02 6.02 -16.77
C HIS D 49 48.00 7.07 -16.34
N HIS D 50 46.72 6.77 -16.55
CA HIS D 50 45.65 7.62 -16.07
C HIS D 50 44.80 6.80 -15.12
N THR D 51 44.29 7.43 -14.06
CA THR D 51 43.48 6.70 -13.10
C THR D 51 42.14 7.42 -12.94
N HIS D 52 41.11 6.64 -12.60
CA HIS D 52 39.79 7.17 -12.27
C HIS D 52 39.01 6.13 -11.50
N PHE D 53 38.07 6.60 -10.66
CA PHE D 53 37.36 5.69 -9.76
C PHE D 53 36.07 5.16 -10.34
N ASP D 54 35.52 5.78 -11.38
CA ASP D 54 34.28 5.37 -12.02
C ASP D 54 34.68 4.79 -13.35
N GLU D 55 34.41 3.51 -13.56
CA GLU D 55 34.91 2.83 -14.76
C GLU D 55 34.18 3.28 -16.03
N ARG D 56 32.94 3.74 -15.93
CA ARG D 56 32.28 4.30 -17.10
C ARG D 56 33.03 5.55 -17.58
N GLY D 57 33.39 6.42 -16.63
CA GLY D 57 34.20 7.58 -16.96
C GLY D 57 35.58 7.21 -17.45
N LEU D 58 36.20 6.20 -16.84
CA LEU D 58 37.50 5.72 -17.28
C LEU D 58 37.48 5.31 -18.74
N GLY D 59 36.48 4.51 -19.11
CA GLY D 59 36.32 4.10 -20.49
C GLY D 59 36.13 5.26 -21.44
N HIS D 60 35.35 6.28 -21.03
CA HIS D 60 35.22 7.44 -21.93
C HIS D 60 36.49 8.27 -21.99
N LEU D 61 37.24 8.35 -20.89
CA LEU D 61 38.53 9.03 -20.93
C LEU D 61 39.46 8.36 -21.92
N ALA D 62 39.50 7.01 -21.90
CA ALA D 62 40.28 6.26 -22.87
C ALA D 62 39.81 6.55 -24.29
N LEU D 63 38.49 6.67 -24.47
CA LEU D 63 37.92 7.00 -25.77
C LEU D 63 38.40 8.36 -26.27
N GLY D 64 38.45 9.37 -25.40
CA GLY D 64 38.96 10.65 -25.85
C GLY D 64 40.43 10.58 -26.23
N LEU D 65 41.24 9.88 -25.41
CA LEU D 65 42.66 9.69 -25.71
C LEU D 65 42.88 9.04 -27.08
N ALA D 66 42.13 7.96 -27.37
CA ALA D 66 42.26 7.28 -28.66
C ALA D 66 41.75 8.17 -29.79
N LYS D 67 40.66 8.89 -29.53
CA LYS D 67 40.03 9.72 -30.55
C LYS D 67 40.99 10.76 -31.07
N VAL D 68 41.73 11.41 -30.17
CA VAL D 68 42.69 12.42 -30.63
C VAL D 68 43.99 11.76 -31.10
N SER D 69 44.49 10.78 -30.34
CA SER D 69 45.84 10.28 -30.65
C SER D 69 45.89 9.34 -31.85
N LYS D 70 44.77 8.72 -32.17
CA LYS D 70 44.70 7.79 -33.27
C LYS D 70 45.43 6.50 -32.92
N GLN D 71 45.71 6.29 -31.62
CA GLN D 71 46.42 5.06 -31.26
C GLN D 71 45.50 4.13 -30.45
N PRO D 72 45.76 2.83 -30.44
CA PRO D 72 45.05 1.98 -29.47
C PRO D 72 45.40 2.42 -28.06
N VAL D 73 44.38 2.48 -27.19
CA VAL D 73 44.51 2.88 -25.79
C VAL D 73 44.00 1.75 -24.92
N ALA D 74 44.77 1.41 -23.88
CA ALA D 74 44.42 0.26 -23.05
C ALA D 74 43.69 0.70 -21.77
N VAL D 75 42.86 -0.20 -21.27
CA VAL D 75 42.07 0.07 -20.07
C VAL D 75 42.21 -1.15 -19.18
N ILE D 76 42.48 -0.95 -17.90
CA ILE D 76 42.55 -2.08 -16.96
C ILE D 76 41.44 -1.91 -15.95
N VAL D 77 40.69 -2.97 -15.74
CA VAL D 77 39.58 -2.94 -14.81
C VAL D 77 39.56 -4.23 -14.00
N THR D 78 39.07 -4.18 -12.76
CA THR D 78 38.95 -5.40 -11.98
C THR D 78 37.68 -6.14 -12.37
N SER D 79 37.48 -7.32 -11.79
CA SER D 79 36.33 -8.14 -12.17
C SER D 79 35.03 -7.56 -11.58
N GLY D 80 33.91 -8.03 -12.14
CA GLY D 80 32.60 -7.67 -11.62
C GLY D 80 31.92 -6.59 -12.42
N THR D 81 31.07 -5.77 -11.79
CA THR D 81 30.34 -4.72 -12.50
C THR D 81 31.26 -3.62 -13.05
N ALA D 82 32.50 -3.52 -12.57
CA ALA D 82 33.44 -2.59 -13.19
C ALA D 82 33.59 -2.87 -14.69
N VAL D 83 33.67 -4.15 -15.08
CA VAL D 83 33.78 -4.50 -16.49
C VAL D 83 32.54 -4.02 -17.25
N ALA D 84 31.36 -4.22 -16.68
CA ALA D 84 30.12 -3.85 -17.36
C ALA D 84 30.06 -2.35 -17.58
N ASN D 85 30.64 -1.57 -16.66
CA ASN D 85 30.65 -0.12 -16.83
C ASN D 85 31.45 0.34 -18.06
N LEU D 86 32.25 -0.54 -18.65
CA LEU D 86 32.97 -0.23 -19.89
C LEU D 86 32.09 -0.30 -21.14
N TYR D 87 30.85 -0.79 -21.05
CA TYR D 87 30.06 -1.02 -22.25
C TYR D 87 29.83 0.24 -23.10
N PRO D 88 29.40 1.37 -22.53
CA PRO D 88 29.08 2.53 -23.41
C PRO D 88 30.25 2.99 -24.26
N ALA D 89 31.41 3.22 -23.65
CA ALA D 89 32.56 3.66 -24.43
C ALA D 89 32.94 2.61 -25.46
N LEU D 90 32.79 1.34 -25.11
CA LEU D 90 33.10 0.26 -26.04
C LEU D 90 32.20 0.31 -27.27
N ILE D 91 30.91 0.54 -27.04
CA ILE D 91 29.93 0.65 -28.14
C ILE D 91 30.26 1.84 -29.03
N GLU D 92 30.49 3.00 -28.41
CA GLU D 92 30.85 4.18 -29.19
C GLU D 92 32.14 3.95 -30.01
N ALA D 93 33.13 3.28 -29.42
CA ALA D 93 34.34 2.93 -30.16
C ALA D 93 34.04 2.00 -31.34
N GLY D 94 33.17 1.03 -31.14
CA GLY D 94 32.80 0.18 -32.25
C GLY D 94 32.09 0.92 -33.36
N LEU D 95 31.43 2.03 -33.03
CA LEU D 95 30.78 2.78 -34.09
C LEU D 95 31.70 3.78 -34.76
N THR D 96 32.58 4.48 -34.04
CA THR D 96 33.40 5.52 -34.68
C THR D 96 34.84 5.11 -34.91
N GLY D 97 35.27 3.98 -34.39
CA GLY D 97 36.51 3.36 -34.82
C GLY D 97 37.66 3.44 -33.85
N GLU D 98 37.55 4.23 -32.77
CA GLU D 98 38.61 4.26 -31.76
C GLU D 98 38.98 2.84 -31.35
N LYS D 99 40.28 2.61 -31.17
CA LYS D 99 40.82 1.30 -30.78
C LYS D 99 41.03 1.29 -29.28
N LEU D 100 40.09 0.69 -28.54
CA LEU D 100 40.21 0.54 -27.10
C LEU D 100 40.51 -0.91 -26.78
N ILE D 101 41.58 -1.16 -26.04
CA ILE D 101 41.97 -2.51 -25.66
C ILE D 101 41.58 -2.69 -24.21
N LEU D 102 40.51 -3.47 -23.95
CA LEU D 102 39.95 -3.66 -22.60
C LEU D 102 40.59 -4.89 -21.96
N LEU D 103 41.45 -4.66 -20.98
CA LEU D 103 42.04 -5.71 -20.14
C LEU D 103 41.19 -5.79 -18.88
N THR D 104 40.24 -6.74 -18.87
CA THR D 104 39.28 -6.88 -17.76
C THR D 104 39.66 -8.11 -16.95
N ALA D 105 40.17 -7.87 -15.75
CA ALA D 105 40.54 -8.97 -14.86
C ALA D 105 39.31 -9.79 -14.49
N ASP D 106 39.51 -11.10 -14.25
CA ASP D 106 38.41 -12.01 -13.92
C ASP D 106 38.87 -13.00 -12.85
N ARG D 107 37.90 -13.55 -12.12
CA ARG D 107 38.13 -14.74 -11.31
C ARG D 107 38.50 -15.92 -12.21
N PRO D 108 39.25 -16.88 -11.66
CA PRO D 108 39.59 -18.11 -12.41
C PRO D 108 38.35 -18.97 -12.61
N PRO D 109 38.38 -19.94 -13.54
CA PRO D 109 37.14 -20.64 -13.89
C PRO D 109 36.51 -21.39 -12.72
N GLU D 110 37.31 -21.91 -11.76
CA GLU D 110 36.77 -22.64 -10.62
C GLU D 110 35.93 -21.79 -9.68
N LEU D 111 35.89 -20.47 -9.90
CA LEU D 111 35.16 -19.56 -9.02
C LEU D 111 34.03 -18.84 -9.75
N ILE D 112 33.64 -19.31 -10.93
CA ILE D 112 32.49 -18.74 -11.63
C ILE D 112 31.22 -19.55 -11.30
N ASP D 113 30.12 -18.84 -11.11
CA ASP D 113 28.80 -19.46 -10.89
C ASP D 113 28.80 -20.42 -9.70
N CYS D 114 29.41 -19.99 -8.59
CA CYS D 114 29.38 -20.78 -7.37
C CYS D 114 29.23 -19.89 -6.16
N GLY D 115 28.71 -18.68 -6.34
CA GLY D 115 28.47 -17.74 -5.25
C GLY D 115 29.68 -16.99 -4.71
N ALA D 116 30.83 -17.05 -5.40
CA ALA D 116 32.00 -16.30 -4.97
C ALA D 116 31.77 -14.80 -5.09
N ASN D 117 32.43 -14.03 -4.25
CA ASN D 117 32.37 -12.59 -4.22
C ASN D 117 32.91 -11.89 -5.50
N GLN D 118 32.13 -10.97 -6.06
CA GLN D 118 32.53 -10.21 -7.20
C GLN D 118 32.96 -11.03 -8.43
N ALA D 119 32.28 -12.12 -8.61
CA ALA D 119 32.60 -13.00 -9.71
C ALA D 119 31.36 -13.12 -10.57
N ILE D 120 31.49 -12.78 -11.85
CA ILE D 120 30.40 -12.86 -12.81
C ILE D 120 30.91 -13.56 -14.06
N ARG D 121 29.99 -13.87 -14.95
CA ARG D 121 30.34 -14.47 -16.23
C ARG D 121 30.79 -13.34 -17.16
N GLN D 122 32.08 -13.34 -17.50
CA GLN D 122 32.67 -12.23 -18.26
C GLN D 122 32.97 -12.52 -19.73
N PRO D 123 33.45 -13.72 -20.11
CA PRO D 123 33.66 -13.99 -21.53
C PRO D 123 32.37 -13.77 -22.31
N GLY D 124 32.47 -13.05 -23.43
CA GLY D 124 31.32 -12.79 -24.28
C GLY D 124 30.33 -11.75 -23.78
N MET D 125 30.61 -11.08 -22.66
CA MET D 125 29.58 -10.20 -22.09
C MET D 125 29.31 -8.94 -22.90
N PHE D 126 30.18 -8.59 -23.84
CA PHE D 126 29.92 -7.45 -24.69
C PHE D 126 29.37 -7.88 -26.04
N ALA D 127 28.92 -9.14 -26.14
CA ALA D 127 28.20 -9.66 -27.30
C ALA D 127 29.06 -9.36 -28.52
N SER D 128 28.51 -8.75 -29.57
CA SER D 128 29.18 -8.51 -30.83
C SER D 128 29.76 -7.11 -30.92
N HIS D 129 29.79 -6.40 -29.82
CA HIS D 129 30.28 -5.02 -29.89
C HIS D 129 31.81 -4.89 -29.98
N PRO D 130 32.62 -5.74 -29.33
CA PRO D 130 34.07 -5.71 -29.60
C PRO D 130 34.37 -6.17 -31.01
N THR D 131 35.39 -5.59 -31.62
CA THR D 131 35.88 -6.15 -32.88
C THR D 131 36.48 -7.55 -32.68
N HIS D 132 37.31 -7.73 -31.66
CA HIS D 132 37.85 -9.03 -31.31
C HIS D 132 37.58 -9.27 -29.84
N SER D 133 37.33 -10.52 -29.50
CA SER D 133 37.15 -10.93 -28.12
C SER D 133 38.07 -12.10 -27.85
N ILE D 134 38.89 -11.96 -26.82
CA ILE D 134 39.84 -12.99 -26.44
C ILE D 134 39.47 -13.41 -25.04
N SER D 135 39.20 -14.70 -24.83
CA SER D 135 39.02 -15.22 -23.46
C SER D 135 40.28 -15.99 -23.07
N LEU D 136 41.19 -15.33 -22.38
CA LEU D 136 42.44 -15.95 -22.04
C LEU D 136 42.16 -17.11 -21.08
N PRO D 137 42.96 -18.17 -21.17
CA PRO D 137 42.80 -19.31 -20.27
C PRO D 137 43.40 -19.01 -18.90
N ARG D 138 43.14 -19.93 -17.98
CA ARG D 138 43.74 -19.88 -16.65
C ARG D 138 45.27 -19.85 -16.79
N PRO D 139 45.97 -18.91 -16.17
CA PRO D 139 47.43 -18.84 -16.41
C PRO D 139 48.12 -20.13 -16.00
N THR D 140 49.03 -20.60 -16.85
CA THR D 140 49.82 -21.80 -16.56
C THR D 140 51.08 -21.80 -17.42
N GLN D 141 52.18 -22.34 -16.87
CA GLN D 141 53.41 -22.47 -17.64
C GLN D 141 53.34 -23.54 -18.73
N ASP D 142 52.34 -24.43 -18.71
CA ASP D 142 52.20 -25.42 -19.77
C ASP D 142 51.67 -24.85 -21.10
N ILE D 143 51.24 -23.60 -21.10
CA ILE D 143 50.93 -22.86 -22.33
C ILE D 143 52.09 -21.89 -22.57
N PRO D 144 52.79 -21.98 -23.69
CA PRO D 144 54.01 -21.18 -23.86
C PRO D 144 53.70 -19.70 -24.08
N ALA D 145 54.65 -18.87 -23.66
CA ALA D 145 54.55 -17.41 -23.81
C ALA D 145 54.39 -17.01 -25.26
N ARG D 146 54.97 -17.76 -26.20
CA ARG D 146 54.81 -17.43 -27.61
C ARG D 146 53.36 -17.62 -28.07
N TRP D 147 52.60 -18.49 -27.42
CA TRP D 147 51.18 -18.53 -27.75
C TRP D 147 50.48 -17.24 -27.32
N LEU D 148 50.75 -16.80 -26.08
CA LEU D 148 50.07 -15.65 -25.50
C LEU D 148 50.39 -14.37 -26.27
N VAL D 149 51.68 -14.13 -26.52
CA VAL D 149 52.01 -12.97 -27.34
C VAL D 149 51.46 -13.12 -28.76
N SER D 150 51.43 -14.35 -29.32
CA SER D 150 50.89 -14.50 -30.68
C SER D 150 49.40 -14.17 -30.73
N THR D 151 48.65 -14.55 -29.70
CA THR D 151 47.23 -14.25 -29.64
C THR D 151 47.00 -12.73 -29.58
N ILE D 152 47.77 -12.04 -28.75
CA ILE D 152 47.62 -10.58 -28.67
C ILE D 152 48.05 -9.92 -29.98
N ASP D 153 49.14 -10.40 -30.57
CA ASP D 153 49.64 -9.79 -31.80
C ASP D 153 48.66 -9.98 -32.93
N HIS D 154 48.01 -11.15 -32.97
CA HIS D 154 46.95 -11.36 -33.96
C HIS D 154 45.81 -10.37 -33.72
N ALA D 155 45.36 -10.25 -32.46
CA ALA D 155 44.21 -9.39 -32.16
C ALA D 155 44.46 -7.93 -32.53
N LEU D 156 45.64 -7.39 -32.15
CA LEU D 156 45.96 -5.98 -32.41
C LEU D 156 46.39 -5.73 -33.85
N GLY D 157 47.13 -6.68 -34.45
CA GLY D 157 47.62 -6.47 -35.81
C GLY D 157 46.51 -6.41 -36.84
N THR D 158 45.45 -7.24 -36.68
CA THR D 158 44.33 -7.25 -37.64
C THR D 158 43.20 -6.29 -37.26
N LEU D 159 43.38 -5.49 -36.21
CA LEU D 159 42.36 -4.60 -35.72
C LEU D 159 42.29 -3.38 -36.64
N HIS D 160 41.30 -3.36 -37.53
CA HIS D 160 41.10 -2.19 -38.39
C HIS D 160 40.58 -1.00 -37.58
N ALA D 161 39.61 -1.25 -36.70
CA ALA D 161 38.95 -0.23 -35.90
C ALA D 161 38.13 -0.92 -34.83
N GLY D 162 37.83 -0.17 -33.77
CA GLY D 162 36.98 -0.64 -32.70
C GLY D 162 37.72 -1.29 -31.54
N GLY D 163 36.93 -1.84 -30.59
CA GLY D 163 37.48 -2.34 -29.35
C GLY D 163 37.87 -3.81 -29.40
N VAL D 164 38.79 -4.15 -28.51
CA VAL D 164 39.24 -5.50 -28.26
C VAL D 164 38.96 -5.80 -26.78
N HIS D 165 38.18 -6.83 -26.53
CA HIS D 165 37.92 -7.30 -25.18
C HIS D 165 38.89 -8.44 -24.89
N ILE D 166 39.80 -8.24 -23.93
CA ILE D 166 40.74 -9.27 -23.50
C ILE D 166 40.41 -9.61 -22.05
N ASN D 167 39.72 -10.71 -21.84
CA ASN D 167 39.38 -11.15 -20.49
C ASN D 167 40.53 -11.93 -19.86
N CYS D 168 40.99 -11.50 -18.68
CA CYS D 168 42.18 -12.05 -18.04
C CYS D 168 41.89 -12.64 -16.67
N PRO D 169 41.60 -13.94 -16.58
CA PRO D 169 41.43 -14.57 -15.26
C PRO D 169 42.77 -14.76 -14.56
N PHE D 170 42.76 -14.57 -13.25
CA PHE D 170 43.91 -14.81 -12.37
C PHE D 170 43.41 -15.44 -11.08
N ALA D 171 44.07 -16.53 -10.65
CA ALA D 171 43.73 -17.14 -9.37
C ALA D 171 44.56 -16.54 -8.23
N GLU D 172 43.98 -16.57 -7.05
CA GLU D 172 44.73 -16.29 -5.83
C GLU D 172 45.87 -17.31 -5.62
N PRO D 173 46.95 -16.92 -4.89
CA PRO D 173 47.23 -15.60 -4.29
C PRO D 173 47.69 -14.56 -5.32
N LEU D 174 47.31 -13.32 -5.06
CA LEU D 174 47.64 -12.20 -5.94
C LEU D 174 48.81 -11.38 -5.44
N TYR D 175 49.06 -11.40 -4.14
CA TYR D 175 50.07 -10.57 -3.50
C TYR D 175 51.23 -11.43 -3.02
N GLY D 176 52.36 -10.79 -2.84
CA GLY D 176 53.56 -11.51 -2.46
C GLY D 176 54.73 -11.05 -3.30
N GLU D 177 55.92 -11.29 -2.78
CA GLU D 177 57.13 -10.89 -3.46
C GLU D 177 57.34 -11.71 -4.74
N MET D 178 57.96 -11.04 -5.71
CA MET D 178 58.41 -11.68 -6.95
C MET D 178 59.60 -12.56 -6.65
N ASP D 179 59.47 -13.86 -6.92
CA ASP D 179 60.62 -14.76 -7.01
C ASP D 179 60.83 -15.16 -8.47
N ASP D 180 61.54 -16.26 -8.71
CA ASP D 180 61.91 -16.55 -10.09
C ASP D 180 60.83 -17.29 -10.87
N THR D 181 59.68 -17.57 -10.27
CA THR D 181 58.63 -18.35 -10.94
C THR D 181 58.24 -17.66 -12.24
N GLY D 182 58.31 -18.41 -13.34
CA GLY D 182 57.95 -17.90 -14.63
C GLY D 182 59.04 -17.16 -15.37
N LEU D 183 60.22 -16.97 -14.77
CA LEU D 183 61.27 -16.23 -15.44
C LEU D 183 61.80 -16.98 -16.68
N SER D 184 62.18 -18.25 -16.52
CA SER D 184 62.66 -18.98 -17.70
C SER D 184 61.54 -19.09 -18.75
N TRP D 185 60.30 -19.23 -18.30
CA TRP D 185 59.14 -19.23 -19.18
C TRP D 185 59.07 -17.95 -20.02
N GLN D 186 59.22 -16.79 -19.39
CA GLN D 186 59.32 -15.55 -20.16
C GLN D 186 60.52 -15.56 -21.10
N GLN D 187 61.65 -16.07 -20.63
CA GLN D 187 62.89 -15.93 -21.39
C GLN D 187 62.87 -16.74 -22.68
N ARG D 188 61.96 -17.67 -22.84
CA ARG D 188 61.86 -18.39 -24.07
C ARG D 188 61.53 -17.45 -25.20
N LEU D 189 60.98 -16.29 -24.95
CA LEU D 189 60.77 -15.34 -26.04
C LEU D 189 62.08 -14.70 -26.49
N GLY D 190 63.20 -15.00 -25.81
CA GLY D 190 64.50 -14.56 -26.27
C GLY D 190 64.59 -13.04 -26.32
N ASP D 191 65.26 -12.51 -27.36
CA ASP D 191 65.45 -11.07 -27.41
C ASP D 191 64.24 -10.32 -27.96
N TRP D 192 63.11 -11.00 -28.13
CA TRP D 192 61.85 -10.29 -28.34
C TRP D 192 61.61 -9.25 -27.26
N TRP D 193 62.12 -9.50 -26.05
CA TRP D 193 61.98 -8.56 -24.93
C TRP D 193 62.65 -7.21 -25.20
N GLN D 194 63.70 -7.17 -26.03
CA GLN D 194 64.41 -5.93 -26.34
C GLN D 194 64.00 -5.32 -27.67
N ASP D 195 63.01 -5.89 -28.35
CA ASP D 195 62.60 -5.48 -29.68
C ASP D 195 61.47 -4.45 -29.60
N ASP D 196 61.20 -3.84 -30.75
CA ASP D 196 60.09 -2.90 -30.93
C ASP D 196 58.99 -3.46 -31.81
N LYS D 197 59.16 -4.62 -32.31
CA LYS D 197 58.25 -5.26 -33.23
C LYS D 197 57.41 -6.32 -32.52
N PRO D 198 56.22 -6.58 -33.06
CA PRO D 198 55.43 -7.71 -32.54
C PRO D 198 56.17 -9.03 -32.75
N TRP D 199 55.87 -10.00 -31.89
CA TRP D 199 56.34 -11.35 -32.11
C TRP D 199 55.83 -11.87 -33.46
N LEU D 200 54.55 -11.69 -33.70
CA LEU D 200 53.94 -12.09 -34.96
C LEU D 200 53.41 -10.84 -35.61
N ARG D 201 53.94 -10.52 -36.78
CA ARG D 201 53.48 -9.38 -37.55
C ARG D 201 52.41 -9.89 -38.49
N GLU D 202 51.17 -9.45 -38.27
CA GLU D 202 50.02 -9.85 -39.07
C GLU D 202 49.24 -8.55 -39.23
N ALA D 203 49.47 -7.86 -40.35
CA ALA D 203 48.93 -6.51 -40.52
C ALA D 203 48.36 -6.32 -41.93
N PRO D 204 47.33 -7.07 -42.30
CA PRO D 204 46.74 -6.84 -43.62
C PRO D 204 45.97 -5.53 -43.62
N ARG D 205 46.05 -4.82 -44.74
CA ARG D 205 45.37 -3.54 -44.89
C ARG D 205 44.04 -3.78 -45.57
N LEU D 206 43.02 -3.09 -45.09
CA LEU D 206 41.68 -3.16 -45.66
C LEU D 206 41.39 -1.83 -46.33
N GLU D 207 40.99 -1.90 -47.61
CA GLU D 207 40.89 -0.73 -48.46
C GLU D 207 40.19 -1.04 -49.78
N SER D 208 39.26 -0.19 -50.18
CA SER D 208 38.66 -0.32 -51.48
C SER D 208 39.67 0.08 -52.55
N GLU D 209 39.51 -0.48 -53.74
CA GLU D 209 40.39 -0.19 -54.86
C GLU D 209 39.99 1.13 -55.52
N LYS D 210 40.86 1.64 -56.35
CA LYS D 210 40.60 2.81 -57.10
C LYS D 210 39.41 2.63 -58.02
N GLN D 211 38.54 3.61 -58.07
CA GLN D 211 37.38 3.54 -58.92
C GLN D 211 37.83 3.99 -60.31
N ARG D 212 37.82 3.07 -61.23
CA ARG D 212 38.32 3.29 -62.55
C ARG D 212 37.53 4.13 -63.50
N ASP D 213 36.29 4.35 -63.13
CA ASP D 213 35.39 5.21 -63.88
C ASP D 213 35.22 6.56 -63.19
N TRP D 214 36.10 6.88 -62.23
CA TRP D 214 36.02 8.18 -61.58
C TRP D 214 36.17 9.30 -62.59
N PHE D 215 37.05 9.12 -63.61
CA PHE D 215 37.19 10.19 -64.61
C PHE D 215 35.90 10.43 -65.37
N PHE D 216 35.01 9.43 -65.45
CA PHE D 216 33.70 9.66 -66.02
C PHE D 216 32.82 10.44 -65.05
N TRP D 217 32.76 9.99 -63.79
CA TRP D 217 31.79 10.54 -62.85
C TRP D 217 32.14 11.95 -62.41
N ARG D 218 33.42 12.30 -62.42
CA ARG D 218 33.79 13.63 -61.94
C ARG D 218 33.41 14.73 -62.92
N GLN D 219 32.89 14.38 -64.10
CA GLN D 219 32.36 15.42 -65.00
C GLN D 219 30.86 15.62 -64.84
N LYS D 220 30.20 14.80 -64.04
CA LYS D 220 28.78 14.94 -63.83
C LYS D 220 28.48 16.11 -62.92
N ARG D 221 27.19 16.33 -62.72
CA ARG D 221 26.76 17.30 -61.71
C ARG D 221 26.78 16.56 -60.37
N GLY D 222 27.83 16.78 -59.58
CA GLY D 222 27.98 16.07 -58.32
C GLY D 222 27.77 16.95 -57.12
N VAL D 223 27.53 16.33 -55.97
CA VAL D 223 27.38 17.02 -54.68
C VAL D 223 28.36 16.38 -53.70
N VAL D 224 29.04 17.20 -52.90
CA VAL D 224 29.93 16.68 -51.88
C VAL D 224 29.27 16.88 -50.52
N VAL D 225 29.15 15.81 -49.76
CA VAL D 225 28.67 15.87 -48.37
C VAL D 225 29.85 15.47 -47.48
N ALA D 226 30.20 16.32 -46.52
CA ALA D 226 31.34 16.04 -45.67
C ALA D 226 30.86 15.76 -44.24
N GLY D 227 31.04 14.54 -43.79
CA GLY D 227 30.73 14.21 -42.42
C GLY D 227 31.95 14.28 -41.53
N ARG D 228 31.97 13.38 -40.56
CA ARG D 228 33.08 13.40 -39.61
C ARG D 228 34.37 12.91 -40.29
N MET D 229 35.45 13.67 -40.07
CA MET D 229 36.76 13.38 -40.62
C MET D 229 37.76 14.23 -39.86
N SER D 230 39.04 14.06 -40.18
CA SER D 230 40.06 14.85 -39.51
C SER D 230 40.09 16.28 -40.04
N ALA D 231 40.72 17.17 -39.26
CA ALA D 231 40.79 18.58 -39.62
C ALA D 231 41.53 18.79 -40.95
N GLU D 232 42.67 18.09 -41.11
CA GLU D 232 43.44 18.17 -42.35
C GLU D 232 42.64 17.65 -43.54
N GLU D 233 41.96 16.52 -43.36
CA GLU D 233 41.07 15.99 -44.39
C GLU D 233 39.96 16.98 -44.72
N GLY D 234 39.45 17.69 -43.71
CA GLY D 234 38.44 18.71 -43.95
C GLY D 234 38.92 19.77 -44.93
N LYS D 235 40.14 20.29 -44.70
CA LYS D 235 40.70 21.25 -45.67
C LYS D 235 40.86 20.65 -47.06
N LYS D 236 41.38 19.44 -47.16
CA LYS D 236 41.52 18.80 -48.45
C LYS D 236 40.20 18.59 -49.18
N VAL D 237 39.16 18.21 -48.47
CA VAL D 237 37.85 18.04 -49.10
C VAL D 237 37.32 19.38 -49.59
N ALA D 238 37.49 20.44 -48.79
CA ALA D 238 37.06 21.77 -49.24
C ALA D 238 37.71 22.13 -50.58
N LEU D 239 39.04 22.00 -50.67
CA LEU D 239 39.71 22.37 -51.91
C LEU D 239 39.28 21.47 -53.06
N TRP D 240 39.07 20.18 -52.77
CA TRP D 240 38.67 19.20 -53.78
C TRP D 240 37.29 19.51 -54.37
N ALA D 241 36.28 19.74 -53.52
CA ALA D 241 34.96 20.06 -54.02
C ALA D 241 34.97 21.40 -54.76
N GLN D 242 35.72 22.38 -54.24
CA GLN D 242 35.87 23.68 -54.90
C GLN D 242 36.44 23.52 -56.32
N THR D 243 37.51 22.71 -56.46
CA THR D 243 38.09 22.48 -57.78
C THR D 243 37.06 21.89 -58.74
N LEU D 244 36.33 20.87 -58.28
CA LEU D 244 35.30 20.19 -59.09
C LEU D 244 34.14 21.11 -59.47
N GLY D 245 33.94 22.21 -58.76
CA GLY D 245 32.75 23.04 -58.98
C GLY D 245 31.47 22.48 -58.38
N TRP D 246 31.56 21.63 -57.43
CA TRP D 246 30.41 20.98 -56.83
C TRP D 246 30.08 21.61 -55.47
N PRO D 247 28.83 21.70 -55.15
CA PRO D 247 28.43 22.22 -53.85
C PRO D 247 28.89 21.32 -52.69
N LEU D 248 29.36 21.96 -51.66
CA LEU D 248 29.85 21.26 -50.52
C LEU D 248 28.96 21.50 -49.33
N ILE D 249 28.24 20.47 -48.94
CA ILE D 249 27.40 20.47 -47.75
C ILE D 249 28.26 19.93 -46.62
N GLY D 250 28.69 20.82 -45.74
CA GLY D 250 29.69 20.50 -44.74
C GLY D 250 29.09 20.45 -43.34
N ASP D 251 29.32 19.33 -42.66
CA ASP D 251 28.82 19.13 -41.31
C ASP D 251 29.68 19.89 -40.28
N VAL D 252 29.11 20.10 -39.09
CA VAL D 252 29.86 20.72 -37.99
C VAL D 252 31.13 19.93 -37.70
N LEU D 253 31.09 18.61 -37.90
CA LEU D 253 32.25 17.76 -37.63
C LEU D 253 33.24 17.69 -38.77
N SER D 254 33.00 18.40 -39.89
CA SER D 254 33.79 18.14 -41.08
C SER D 254 35.07 18.98 -41.13
N GLN D 255 35.10 20.13 -40.47
CA GLN D 255 36.26 21.02 -40.48
C GLN D 255 36.62 21.48 -41.91
N THR D 256 35.60 21.54 -42.79
CA THR D 256 35.74 22.01 -44.16
C THR D 256 35.68 23.53 -44.28
N GLY D 257 35.27 24.25 -43.23
CA GLY D 257 35.00 25.66 -43.34
C GLY D 257 33.59 25.97 -43.76
N GLN D 258 32.80 24.95 -44.09
CA GLN D 258 31.39 25.08 -44.43
C GLN D 258 31.10 26.21 -45.42
N PRO D 259 31.65 26.13 -46.64
CA PRO D 259 31.50 27.24 -47.59
C PRO D 259 30.05 27.57 -47.95
N LEU D 260 29.12 26.65 -47.68
CA LEU D 260 27.67 26.89 -47.83
C LEU D 260 27.01 26.68 -46.47
N PRO D 261 27.20 27.63 -45.54
CA PRO D 261 26.79 27.41 -44.14
C PRO D 261 25.27 27.38 -43.98
N CYS D 262 24.84 26.95 -42.78
CA CYS D 262 23.42 26.95 -42.41
C CYS D 262 22.59 26.04 -43.32
N ALA D 263 23.18 24.90 -43.72
CA ALA D 263 22.49 23.92 -44.54
C ALA D 263 21.24 23.37 -43.87
N ASP D 264 21.27 23.24 -42.54
CA ASP D 264 20.07 22.77 -41.87
C ASP D 264 18.92 23.74 -42.06
N LEU D 265 19.21 25.00 -42.42
CA LEU D 265 18.14 25.94 -42.75
C LEU D 265 17.83 25.98 -44.25
N TRP D 266 18.83 26.20 -45.11
CA TRP D 266 18.50 26.41 -46.52
C TRP D 266 18.11 25.12 -47.24
N LEU D 267 18.48 23.95 -46.72
CA LEU D 267 17.95 22.69 -47.26
C LEU D 267 16.47 22.51 -46.98
N GLY D 268 15.83 23.39 -46.21
CA GLY D 268 14.39 23.40 -46.07
C GLY D 268 13.67 24.20 -47.13
N ASN D 269 14.41 24.91 -47.97
CA ASN D 269 13.84 25.77 -49.01
C ASN D 269 13.74 24.97 -50.31
N ALA D 270 12.56 25.03 -50.94
CA ALA D 270 12.30 24.20 -52.12
C ALA D 270 13.22 24.52 -53.29
N LYS D 271 13.70 25.77 -53.40
CA LYS D 271 14.63 26.11 -54.48
C LYS D 271 15.91 25.27 -54.38
N ALA D 272 16.38 25.02 -53.17
CA ALA D 272 17.62 24.26 -52.98
C ALA D 272 17.41 22.77 -53.32
N THR D 273 16.38 22.16 -52.75
CA THR D 273 16.12 20.75 -53.04
C THR D 273 15.80 20.56 -54.53
N SER D 274 15.09 21.52 -55.12
CA SER D 274 14.78 21.46 -56.55
C SER D 274 16.06 21.51 -57.39
N GLU D 275 16.99 22.41 -57.03
CA GLU D 275 18.28 22.43 -57.72
C GLU D 275 19.06 21.14 -57.51
N LEU D 276 19.07 20.60 -56.30
CA LEU D 276 19.82 19.40 -56.00
C LEU D 276 19.22 18.16 -56.65
N GLN D 277 18.02 18.22 -57.19
CA GLN D 277 17.42 17.13 -57.93
C GLN D 277 18.29 16.83 -59.16
N GLN D 278 18.90 17.84 -59.73
CA GLN D 278 19.65 17.53 -60.95
C GLN D 278 21.03 16.93 -60.69
N ALA D 279 21.43 16.75 -59.43
CA ALA D 279 22.71 16.11 -59.13
C ALA D 279 22.76 14.66 -59.65
N GLN D 280 23.78 14.32 -60.42
CA GLN D 280 23.81 12.95 -60.90
C GLN D 280 24.60 12.02 -59.98
N ILE D 281 25.44 12.57 -59.12
CA ILE D 281 26.19 11.76 -58.17
C ILE D 281 26.31 12.55 -56.88
N VAL D 282 26.25 11.83 -55.76
CA VAL D 282 26.59 12.37 -54.45
C VAL D 282 27.79 11.58 -53.97
N VAL D 283 28.87 12.28 -53.67
CA VAL D 283 30.03 11.71 -53.00
C VAL D 283 30.04 12.25 -51.59
N GLN D 284 29.73 11.39 -50.62
CA GLN D 284 29.80 11.71 -49.19
C GLN D 284 31.11 11.14 -48.62
N LEU D 285 31.84 12.00 -47.92
CA LEU D 285 33.08 11.66 -47.26
C LEU D 285 32.78 11.76 -45.78
N GLY D 286 33.13 10.75 -45.00
CA GLY D 286 32.80 10.77 -43.59
C GLY D 286 31.34 10.42 -43.38
N SER D 287 30.95 10.37 -42.12
CA SER D 287 29.59 9.94 -41.80
C SER D 287 29.16 10.63 -40.51
N SER D 288 28.10 10.10 -39.87
CA SER D 288 27.45 10.70 -38.69
C SER D 288 27.00 12.13 -38.97
N LEU D 289 26.21 12.28 -40.02
CA LEU D 289 25.69 13.60 -40.38
C LEU D 289 24.75 14.11 -39.29
N THR D 290 24.78 15.41 -39.06
CA THR D 290 24.14 15.98 -37.88
C THR D 290 22.73 16.51 -38.16
N GLY D 291 22.54 17.29 -39.23
CA GLY D 291 21.32 18.07 -39.41
C GLY D 291 20.11 17.23 -39.85
N LYS D 292 18.94 17.58 -39.32
CA LYS D 292 17.73 16.87 -39.72
C LYS D 292 17.29 17.25 -41.13
N ARG D 293 17.55 18.48 -41.58
CA ARG D 293 17.24 18.78 -42.98
C ARG D 293 18.17 18.02 -43.91
N LEU D 294 19.44 17.86 -43.51
CA LEU D 294 20.39 17.11 -44.33
C LEU D 294 20.07 15.62 -44.32
N LEU D 295 19.66 15.07 -43.18
CA LEU D 295 19.24 13.67 -43.16
C LEU D 295 17.98 13.47 -44.01
N GLN D 296 17.05 14.44 -43.97
CA GLN D 296 15.85 14.28 -44.79
C GLN D 296 16.15 14.39 -46.28
N TRP D 297 17.01 15.35 -46.67
CA TRP D 297 17.39 15.48 -48.06
C TRP D 297 18.18 14.25 -48.53
N GLN D 298 19.10 13.75 -47.69
CA GLN D 298 19.81 12.50 -47.97
C GLN D 298 18.82 11.37 -48.20
N ALA D 299 17.78 11.29 -47.36
CA ALA D 299 16.81 10.21 -47.47
C ALA D 299 15.96 10.30 -48.72
N SER D 300 15.74 11.52 -49.22
CA SER D 300 14.85 11.66 -50.35
C SER D 300 15.55 11.73 -51.70
N CYS D 301 16.85 12.04 -51.74
CA CYS D 301 17.49 12.31 -53.03
C CYS D 301 17.70 11.02 -53.81
N GLU D 302 17.65 11.13 -55.13
CA GLU D 302 17.76 9.96 -56.03
C GLU D 302 18.74 10.25 -57.16
N PRO D 303 20.02 10.45 -56.83
CA PRO D 303 21.02 10.51 -57.89
C PRO D 303 21.23 9.13 -58.48
N GLU D 304 21.87 9.09 -59.65
CA GLU D 304 22.19 7.81 -60.26
C GLU D 304 23.10 6.97 -59.36
N GLU D 305 24.04 7.61 -58.69
CA GLU D 305 24.87 6.91 -57.73
C GLU D 305 25.12 7.75 -56.49
N TYR D 306 25.17 7.08 -55.36
CA TYR D 306 25.50 7.66 -54.06
C TYR D 306 26.74 6.92 -53.52
N TRP D 307 27.84 7.65 -53.32
CA TRP D 307 29.08 7.06 -52.80
C TRP D 307 29.31 7.53 -51.36
N ILE D 308 29.75 6.62 -50.50
CA ILE D 308 30.23 7.02 -49.17
C ILE D 308 31.66 6.52 -49.02
N VAL D 309 32.60 7.45 -48.81
CA VAL D 309 34.01 7.17 -48.60
C VAL D 309 34.32 7.41 -47.12
N ASP D 310 34.90 6.40 -46.44
CA ASP D 310 35.22 6.56 -45.02
C ASP D 310 36.20 5.48 -44.56
N ASP D 311 36.86 5.71 -43.43
CA ASP D 311 37.81 4.73 -42.92
C ASP D 311 37.17 3.59 -42.13
N ILE D 312 35.85 3.66 -41.95
CA ILE D 312 35.15 2.65 -41.15
C ILE D 312 34.39 1.73 -42.09
N GLU D 313 34.19 0.50 -41.62
CA GLU D 313 33.56 -0.57 -42.38
C GLU D 313 32.03 -0.50 -42.25
N GLY D 314 31.37 -1.22 -43.13
CA GLY D 314 29.92 -1.38 -43.07
C GLY D 314 29.16 -0.36 -43.88
N ARG D 315 27.85 -0.56 -43.94
CA ARG D 315 26.96 0.36 -44.61
C ARG D 315 26.90 1.61 -43.74
N LEU D 316 26.83 2.77 -44.36
CA LEU D 316 26.78 4.04 -43.66
C LEU D 316 25.71 4.99 -44.21
N ASP D 317 24.94 4.54 -45.19
CA ASP D 317 23.85 5.29 -45.79
C ASP D 317 22.55 4.74 -45.25
N PRO D 318 21.89 5.41 -44.29
CA PRO D 318 20.62 4.89 -43.74
C PRO D 318 19.42 4.98 -44.70
N ALA D 319 19.59 5.56 -45.89
CA ALA D 319 18.56 5.55 -46.92
C ALA D 319 18.82 4.48 -47.97
N HIS D 320 19.96 3.78 -47.88
CA HIS D 320 20.21 2.58 -48.67
C HIS D 320 20.18 2.88 -50.17
N HIS D 321 20.84 3.97 -50.57
CA HIS D 321 20.88 4.33 -51.98
C HIS D 321 21.65 3.33 -52.83
N ARG D 322 21.28 3.27 -54.09
CA ARG D 322 22.11 2.59 -55.08
C ARG D 322 23.44 3.33 -55.21
N GLY D 323 24.55 2.60 -55.13
CA GLY D 323 25.82 3.27 -55.15
C GLY D 323 27.00 2.49 -54.63
N ARG D 324 27.90 3.15 -53.92
CA ARG D 324 29.18 2.57 -53.54
C ARG D 324 29.50 2.89 -52.09
N ARG D 325 30.13 1.91 -51.46
CA ARG D 325 30.64 2.01 -50.11
C ARG D 325 32.11 1.82 -50.39
N LEU D 326 32.92 2.81 -50.02
CA LEU D 326 34.35 2.79 -50.28
C LEU D 326 35.11 3.00 -48.98
N ILE D 327 35.92 2.02 -48.64
CA ILE D 327 36.71 2.00 -47.41
C ILE D 327 38.09 2.54 -47.73
N ALA D 328 38.45 3.66 -47.11
CA ALA D 328 39.75 4.29 -47.35
C ALA D 328 39.98 5.44 -46.36
N ASN D 329 41.25 5.72 -46.10
CA ASN D 329 41.64 7.02 -45.55
C ASN D 329 41.21 8.09 -46.55
N ILE D 330 40.49 9.10 -46.06
CA ILE D 330 39.88 10.09 -46.97
C ILE D 330 40.96 10.85 -47.75
N ALA D 331 42.06 11.20 -47.09
CA ALA D 331 43.14 11.91 -47.77
C ALA D 331 43.77 11.02 -48.87
N ASP D 332 44.05 9.77 -48.54
CA ASP D 332 44.55 8.84 -49.55
C ASP D 332 43.55 8.69 -50.71
N TRP D 333 42.25 8.61 -50.39
CA TRP D 333 41.24 8.46 -51.44
C TRP D 333 41.21 9.68 -52.35
N LEU D 334 41.36 10.90 -51.79
CA LEU D 334 41.38 12.10 -52.63
C LEU D 334 42.61 12.15 -53.52
N GLU D 335 43.77 11.68 -53.03
CA GLU D 335 44.91 11.56 -53.92
C GLU D 335 44.66 10.56 -55.04
N LEU D 336 43.94 9.48 -54.74
CA LEU D 336 43.64 8.47 -55.75
C LEU D 336 42.53 8.88 -56.73
N HIS D 337 41.67 9.83 -56.34
CA HIS D 337 40.57 10.31 -57.18
C HIS D 337 40.64 11.82 -57.24
N PRO D 338 41.62 12.38 -57.93
CA PRO D 338 41.82 13.83 -57.86
C PRO D 338 40.72 14.57 -58.61
N ALA D 339 40.55 15.83 -58.22
CA ALA D 339 39.55 16.65 -58.86
C ALA D 339 40.08 17.15 -60.19
N GLU D 340 39.17 17.36 -61.12
CA GLU D 340 39.44 18.11 -62.33
C GLU D 340 38.75 19.46 -62.20
N LYS D 341 39.36 20.51 -62.73
CA LYS D 341 38.74 21.83 -62.63
C LYS D 341 37.56 21.94 -63.61
N ARG D 342 36.37 22.13 -63.05
CA ARG D 342 35.14 22.29 -63.83
C ARG D 342 34.44 23.55 -63.36
N GLN D 343 33.55 24.08 -64.23
CA GLN D 343 32.80 25.25 -63.78
C GLN D 343 31.67 24.81 -62.87
N PRO D 344 31.43 25.56 -61.78
CA PRO D 344 30.29 25.26 -60.90
C PRO D 344 28.99 25.17 -61.69
N TRP D 345 28.12 24.27 -61.27
CA TRP D 345 26.82 24.12 -61.89
C TRP D 345 25.66 24.64 -61.05
N CYS D 346 25.88 24.93 -59.76
CA CYS D 346 24.85 25.49 -58.88
C CYS D 346 24.82 27.01 -58.90
N VAL D 347 23.62 27.57 -59.06
CA VAL D 347 23.41 29.01 -59.02
C VAL D 347 22.56 29.42 -57.82
N GLU D 348 21.50 28.66 -57.48
CA GLU D 348 20.56 29.11 -56.45
C GLU D 348 21.10 28.88 -55.06
N ILE D 349 21.82 27.78 -54.84
CA ILE D 349 22.21 27.40 -53.49
C ILE D 349 23.16 28.40 -52.85
N PRO D 350 24.25 28.88 -53.51
CA PRO D 350 25.12 29.89 -52.85
C PRO D 350 24.38 31.14 -52.40
N ARG D 351 23.48 31.65 -53.24
CA ARG D 351 22.70 32.80 -52.85
C ARG D 351 21.86 32.48 -51.62
N LEU D 352 21.25 31.31 -51.63
CA LEU D 352 20.43 30.85 -50.52
C LEU D 352 21.22 30.70 -49.22
N ALA D 353 22.45 30.19 -49.29
CA ALA D 353 23.23 30.00 -48.07
C ALA D 353 23.62 31.34 -47.49
N GLU D 354 24.00 32.29 -48.36
CA GLU D 354 24.24 33.65 -47.88
C GLU D 354 23.00 34.24 -47.19
N GLN D 355 21.82 34.09 -47.80
CA GLN D 355 20.59 34.61 -47.18
C GLN D 355 20.29 33.91 -45.84
N ALA D 356 20.52 32.59 -45.75
CA ALA D 356 20.28 31.91 -44.48
C ALA D 356 21.19 32.47 -43.40
N MET D 357 22.49 32.58 -43.71
CA MET D 357 23.44 33.12 -42.74
C MET D 357 23.07 34.53 -42.32
N GLN D 358 22.62 35.38 -43.26
CA GLN D 358 22.18 36.72 -42.88
C GLN D 358 20.98 36.66 -41.95
N ALA D 359 20.08 35.69 -42.19
CA ALA D 359 18.94 35.53 -41.29
C ALA D 359 19.39 35.20 -39.89
N VAL D 360 20.44 34.38 -39.75
CA VAL D 360 20.97 34.07 -38.41
C VAL D 360 21.66 35.30 -37.80
N ILE D 361 22.49 35.99 -38.60
CA ILE D 361 23.26 37.14 -38.10
C ILE D 361 22.33 38.22 -37.57
N ALA D 362 21.17 38.42 -38.21
CA ALA D 362 20.21 39.40 -37.70
C ALA D 362 19.74 39.10 -36.25
N ARG D 363 19.91 37.87 -35.75
CA ARG D 363 19.42 37.48 -34.43
C ARG D 363 20.56 37.15 -33.47
N ARG D 364 21.75 37.66 -33.74
CA ARG D 364 22.92 37.30 -32.95
C ARG D 364 22.97 37.97 -31.57
N ASP D 365 22.08 38.93 -31.28
CA ASP D 365 22.28 39.79 -30.11
C ASP D 365 21.77 39.18 -28.80
N ALA D 366 20.62 38.51 -28.82
CA ALA D 366 20.06 37.93 -27.59
C ALA D 366 21.07 37.01 -26.90
N PHE D 367 21.05 37.00 -25.57
CA PHE D 367 21.97 36.17 -24.78
C PHE D 367 21.37 34.77 -24.58
N GLY D 368 21.37 34.00 -25.67
CA GLY D 368 20.71 32.73 -25.68
C GLY D 368 21.63 31.63 -26.16
N GLU D 369 21.12 30.39 -26.08
CA GLU D 369 21.96 29.28 -26.54
C GLU D 369 22.03 29.23 -28.05
N ALA D 370 20.97 29.65 -28.76
CA ALA D 370 21.06 29.77 -30.21
C ALA D 370 22.18 30.73 -30.61
N GLN D 371 22.25 31.90 -29.95
CA GLN D 371 23.26 32.91 -30.28
C GLN D 371 24.67 32.49 -29.87
N LEU D 372 24.81 31.85 -28.71
CA LEU D 372 26.09 31.31 -28.33
C LEU D 372 26.58 30.32 -29.37
N ALA D 373 25.69 29.42 -29.83
CA ALA D 373 26.08 28.50 -30.91
C ALA D 373 26.47 29.25 -32.17
N HIS D 374 25.69 30.28 -32.54
CA HIS D 374 26.03 31.01 -33.75
C HIS D 374 27.40 31.67 -33.64
N ARG D 375 27.74 32.19 -32.45
CA ARG D 375 28.94 32.98 -32.23
C ARG D 375 30.14 32.16 -31.77
N ILE D 376 30.02 30.83 -31.68
CA ILE D 376 31.08 30.08 -31.02
C ILE D 376 32.40 30.22 -31.78
N CYS D 377 32.35 30.43 -33.09
CA CYS D 377 33.58 30.55 -33.88
C CYS D 377 34.49 31.68 -33.42
N ASP D 378 33.91 32.75 -32.83
CA ASP D 378 34.68 33.86 -32.28
C ASP D 378 35.34 33.55 -30.93
N TYR D 379 35.02 32.41 -30.32
CA TYR D 379 35.54 32.08 -28.99
C TYR D 379 36.47 30.87 -28.98
N LEU D 380 36.76 30.29 -30.13
CA LEU D 380 37.64 29.13 -30.19
C LEU D 380 39.04 29.52 -29.74
N PRO D 381 39.66 28.75 -28.86
CA PRO D 381 41.04 29.06 -28.45
C PRO D 381 42.01 28.91 -29.62
N GLU D 382 42.97 29.84 -29.67
CA GLU D 382 44.01 29.81 -30.67
C GLU D 382 44.84 28.53 -30.57
N GLN D 383 45.06 27.88 -31.72
CA GLN D 383 45.74 26.58 -31.75
C GLN D 383 45.09 25.56 -30.81
N GLY D 384 43.76 25.63 -30.65
CA GLY D 384 43.10 24.74 -29.72
C GLY D 384 42.22 23.73 -30.43
N GLN D 385 41.19 23.25 -29.75
CA GLN D 385 40.24 22.30 -30.32
C GLN D 385 38.86 22.46 -29.67
N LEU D 386 37.84 21.99 -30.37
CA LEU D 386 36.47 22.08 -29.90
C LEU D 386 35.95 20.67 -29.66
N PHE D 387 35.34 20.46 -28.49
CA PHE D 387 34.54 19.27 -28.18
C PHE D 387 33.08 19.69 -28.00
N VAL D 388 32.22 19.16 -28.85
CA VAL D 388 30.82 19.55 -28.85
C VAL D 388 30.02 18.38 -28.28
N GLY D 389 29.20 18.67 -27.27
CA GLY D 389 28.33 17.68 -26.71
C GLY D 389 27.21 17.33 -27.68
N ASN D 390 26.31 16.49 -27.19
CA ASN D 390 25.21 16.02 -28.00
C ASN D 390 23.95 16.82 -27.69
N SER D 391 22.81 16.38 -28.21
CA SER D 391 21.52 17.05 -28.07
C SER D 391 21.55 18.38 -28.80
N LEU D 392 21.09 19.48 -28.18
CA LEU D 392 20.89 20.72 -28.95
C LEU D 392 22.20 21.42 -29.32
N VAL D 393 23.25 21.37 -28.51
CA VAL D 393 24.42 22.19 -28.83
C VAL D 393 25.01 21.82 -30.19
N VAL D 394 25.07 20.51 -30.51
CA VAL D 394 25.66 20.09 -31.77
C VAL D 394 24.74 20.45 -32.94
N ARG D 395 23.43 20.35 -32.73
CA ARG D 395 22.52 20.72 -33.81
C ARG D 395 22.53 22.22 -34.04
N LEU D 396 22.51 23.01 -32.96
CA LEU D 396 22.50 24.47 -33.08
C LEU D 396 23.79 24.98 -33.69
N ILE D 397 24.95 24.48 -33.25
CA ILE D 397 26.18 24.92 -33.90
C ILE D 397 26.18 24.51 -35.37
N ASP D 398 25.72 23.28 -35.65
CA ASP D 398 25.71 22.81 -37.03
C ASP D 398 24.80 23.68 -37.90
N ALA D 399 23.67 24.12 -37.36
CA ALA D 399 22.68 24.88 -38.12
C ALA D 399 23.05 26.34 -38.26
N LEU D 400 23.73 26.92 -37.27
CA LEU D 400 23.79 28.38 -37.14
C LEU D 400 25.17 28.98 -37.23
N SER D 401 26.23 28.17 -37.15
CA SER D 401 27.59 28.68 -37.12
C SER D 401 28.37 28.22 -38.34
N GLN D 402 29.46 28.92 -38.61
CA GLN D 402 30.37 28.54 -39.69
C GLN D 402 31.75 28.37 -39.06
N LEU D 403 32.15 27.11 -38.86
CA LEU D 403 33.43 26.86 -38.19
C LEU D 403 34.58 26.93 -39.20
N PRO D 404 35.74 27.44 -38.79
CA PRO D 404 36.85 27.58 -39.75
C PRO D 404 37.45 26.25 -40.17
N ALA D 405 37.90 26.21 -41.43
CA ALA D 405 38.47 25.01 -42.00
C ALA D 405 39.69 24.55 -41.20
N GLY D 406 39.78 23.24 -40.96
CA GLY D 406 40.96 22.72 -40.31
C GLY D 406 41.05 22.97 -38.82
N TYR D 407 40.05 23.58 -38.21
CA TYR D 407 40.04 23.70 -36.77
C TYR D 407 39.47 22.42 -36.17
N PRO D 408 40.20 21.72 -35.32
CA PRO D 408 39.81 20.37 -34.89
C PRO D 408 38.52 20.37 -34.06
N VAL D 409 37.59 19.50 -34.44
CA VAL D 409 36.34 19.32 -33.71
C VAL D 409 36.22 17.86 -33.27
N TYR D 410 35.92 17.64 -32.01
CA TYR D 410 35.73 16.29 -31.53
C TYR D 410 34.35 16.17 -30.89
N SER D 411 33.85 14.95 -30.87
CA SER D 411 32.50 14.67 -30.42
C SER D 411 32.34 13.16 -30.21
N ASN D 412 31.24 12.80 -29.57
CA ASN D 412 30.82 11.40 -29.43
C ASN D 412 29.52 11.19 -30.21
N LYS D 413 29.59 11.28 -31.54
CA LYS D 413 28.39 11.18 -32.36
C LYS D 413 28.18 9.79 -32.96
N GLY D 414 28.86 8.77 -32.43
CA GLY D 414 28.59 7.43 -32.90
C GLY D 414 27.18 7.03 -32.53
N ALA D 415 26.95 6.84 -31.24
CA ALA D 415 25.62 6.57 -30.71
C ALA D 415 25.02 7.81 -30.02
N SER D 416 25.77 8.90 -29.96
CA SER D 416 25.26 10.18 -29.45
C SER D 416 24.80 10.08 -28.01
N GLY D 417 25.49 9.27 -27.21
CA GLY D 417 25.20 9.22 -25.81
C GLY D 417 25.54 10.52 -25.12
N ILE D 418 24.77 10.85 -24.09
CA ILE D 418 25.09 11.97 -23.22
C ILE D 418 25.78 11.50 -21.95
N ASP D 419 26.32 10.27 -21.95
CA ASP D 419 26.75 9.63 -20.71
C ASP D 419 28.24 9.72 -20.44
N GLY D 420 29.06 10.18 -21.38
CA GLY D 420 30.47 10.29 -21.07
C GLY D 420 31.13 11.54 -21.62
N LEU D 421 30.42 12.67 -21.67
CA LEU D 421 30.93 13.82 -22.42
C LEU D 421 32.06 14.53 -21.68
N LEU D 422 31.96 14.67 -20.36
CA LEU D 422 33.04 15.33 -19.61
C LEU D 422 34.33 14.49 -19.58
N SER D 423 34.23 13.18 -19.33
CA SER D 423 35.44 12.36 -19.29
C SER D 423 36.07 12.20 -20.67
N THR D 424 35.24 12.09 -21.71
CA THR D 424 35.81 12.09 -23.06
C THR D 424 36.56 13.37 -23.31
N ALA D 425 35.98 14.51 -22.92
CA ALA D 425 36.66 15.79 -23.15
C ALA D 425 37.99 15.85 -22.42
N ALA D 426 38.04 15.31 -21.19
CA ALA D 426 39.30 15.26 -20.46
C ALA D 426 40.34 14.44 -21.22
N GLY D 427 39.91 13.31 -21.80
CA GLY D 427 40.86 12.51 -22.59
C GLY D 427 41.31 13.25 -23.82
N VAL D 428 40.38 13.90 -24.54
CA VAL D 428 40.69 14.70 -25.72
C VAL D 428 41.78 15.72 -25.41
N GLN D 429 41.62 16.43 -24.30
CA GLN D 429 42.60 17.42 -23.91
C GLN D 429 43.94 16.77 -23.55
N ARG D 430 43.92 15.68 -22.76
CA ARG D 430 45.20 15.12 -22.33
C ARG D 430 46.00 14.55 -23.48
N ALA D 431 45.32 14.00 -24.49
CA ALA D 431 46.01 13.40 -25.63
C ALA D 431 46.76 14.45 -26.45
N SER D 432 46.13 15.60 -26.72
CA SER D 432 46.75 16.61 -27.58
C SER D 432 47.58 17.65 -26.81
N GLY D 433 47.24 17.94 -25.55
CA GLY D 433 47.90 19.04 -24.85
C GLY D 433 47.51 20.45 -25.28
N LYS D 434 46.51 20.60 -26.07
CA LYS D 434 46.02 21.86 -26.62
C LYS D 434 44.96 22.47 -25.70
N PRO D 435 44.82 23.80 -25.73
CA PRO D 435 43.66 24.42 -25.09
C PRO D 435 42.35 23.93 -25.70
N THR D 436 41.35 23.70 -24.85
CA THR D 436 40.15 22.99 -25.27
C THR D 436 38.92 23.77 -24.91
N LEU D 437 37.99 23.90 -25.86
CA LEU D 437 36.67 24.44 -25.56
C LEU D 437 35.69 23.28 -25.62
N ALA D 438 35.01 23.00 -24.52
CA ALA D 438 34.03 21.91 -24.47
C ALA D 438 32.64 22.48 -24.13
N ILE D 439 31.61 22.08 -24.88
CA ILE D 439 30.26 22.62 -24.66
C ILE D 439 29.28 21.47 -24.47
N VAL D 440 28.53 21.46 -23.36
CA VAL D 440 27.58 20.39 -23.09
C VAL D 440 26.31 21.01 -22.51
N GLY D 441 25.24 20.25 -22.53
CA GLY D 441 24.02 20.66 -21.85
C GLY D 441 24.04 20.25 -20.37
N ASP D 442 23.01 20.70 -19.65
CA ASP D 442 22.98 20.51 -18.19
C ASP D 442 22.78 19.04 -17.81
N LEU D 443 21.88 18.31 -18.49
CA LEU D 443 21.69 16.92 -18.15
C LEU D 443 22.94 16.12 -18.48
N SER D 444 23.62 16.48 -19.56
CA SER D 444 24.90 15.85 -19.88
C SER D 444 25.93 16.11 -18.79
N ALA D 445 25.94 17.33 -18.25
CA ALA D 445 26.91 17.62 -17.20
C ALA D 445 26.56 16.88 -15.93
N LEU D 446 25.26 16.74 -15.63
CA LEU D 446 24.85 15.94 -14.46
C LEU D 446 25.22 14.46 -14.62
N TYR D 447 24.99 13.93 -15.83
CA TYR D 447 25.23 12.53 -16.14
C TYR D 447 26.68 12.12 -15.84
N ASP D 448 27.64 12.93 -16.27
CA ASP D 448 29.06 12.64 -16.09
C ASP D 448 29.66 13.57 -15.03
N LEU D 449 28.89 13.83 -13.96
CA LEU D 449 29.26 14.88 -13.00
C LEU D 449 30.57 14.55 -12.29
N ASN D 450 30.78 13.30 -11.87
CA ASN D 450 32.02 13.02 -11.16
C ASN D 450 33.24 13.11 -12.07
N ALA D 451 33.05 13.24 -13.39
CA ALA D 451 34.21 13.44 -14.26
C ALA D 451 34.88 14.79 -14.01
N LEU D 452 34.21 15.68 -13.28
CA LEU D 452 34.90 16.90 -12.87
C LEU D 452 36.20 16.56 -12.13
N ALA D 453 36.25 15.39 -11.49
CA ALA D 453 37.48 14.96 -10.82
C ALA D 453 38.65 14.90 -11.81
N LEU D 454 38.41 14.31 -12.98
CA LEU D 454 39.46 14.26 -14.00
C LEU D 454 39.85 15.66 -14.44
N LEU D 455 38.88 16.58 -14.53
CA LEU D 455 39.20 17.90 -15.10
C LEU D 455 40.04 18.73 -14.18
N ARG D 456 40.36 18.21 -12.99
CA ARG D 456 41.35 18.92 -12.19
C ARG D 456 42.77 18.74 -12.68
N GLN D 457 43.00 17.90 -13.68
CA GLN D 457 44.34 17.68 -14.23
C GLN D 457 44.29 17.77 -15.76
N VAL D 458 44.56 18.95 -16.27
CA VAL D 458 44.67 19.18 -17.70
C VAL D 458 45.99 19.90 -17.93
N SER D 459 46.59 19.69 -19.10
CA SER D 459 47.90 20.25 -19.41
C SER D 459 47.84 21.62 -20.08
N ALA D 460 46.64 22.14 -20.32
CA ALA D 460 46.40 23.42 -20.97
C ALA D 460 44.98 23.87 -20.60
N PRO D 461 44.64 25.15 -20.76
CA PRO D 461 43.31 25.60 -20.32
C PRO D 461 42.18 24.80 -20.96
N LEU D 462 41.20 24.39 -20.16
CA LEU D 462 39.99 23.80 -20.70
C LEU D 462 38.83 24.65 -20.20
N VAL D 463 38.04 25.19 -21.12
CA VAL D 463 36.81 25.87 -20.74
C VAL D 463 35.67 24.89 -20.96
N LEU D 464 34.90 24.61 -19.91
CA LEU D 464 33.71 23.79 -20.05
C LEU D 464 32.52 24.71 -19.92
N ILE D 465 31.83 24.94 -21.04
CA ILE D 465 30.57 25.65 -21.06
C ILE D 465 29.47 24.62 -20.81
N VAL D 466 28.67 24.86 -19.76
CA VAL D 466 27.46 24.09 -19.48
C VAL D 466 26.29 24.99 -19.82
N VAL D 467 25.57 24.65 -20.90
CA VAL D 467 24.37 25.37 -21.27
C VAL D 467 23.23 24.81 -20.42
N ASN D 468 22.75 25.60 -19.47
CA ASN D 468 21.72 25.16 -18.54
C ASN D 468 20.38 25.76 -18.95
N ASN D 469 19.58 24.98 -19.67
CA ASN D 469 18.23 25.37 -20.03
C ASN D 469 17.19 24.52 -19.28
N ASN D 470 17.57 23.96 -18.13
CA ASN D 470 16.69 23.26 -17.19
C ASN D 470 15.94 22.11 -17.87
N GLY D 471 16.71 21.11 -18.25
CA GLY D 471 16.18 19.89 -18.82
C GLY D 471 16.76 19.63 -20.19
N GLY D 472 16.33 18.51 -20.76
CA GLY D 472 16.76 18.16 -22.09
C GLY D 472 15.87 18.82 -23.14
N GLN D 473 16.18 20.09 -23.48
CA GLN D 473 15.26 20.87 -24.30
C GLN D 473 15.25 20.45 -25.76
N ILE D 474 16.05 19.45 -26.15
CA ILE D 474 15.81 18.84 -27.47
C ILE D 474 14.36 18.40 -27.55
N PHE D 475 13.76 18.02 -26.41
CA PHE D 475 12.38 17.56 -26.41
C PHE D 475 11.36 18.69 -26.43
N SER D 476 11.79 19.95 -26.38
CA SER D 476 10.92 21.04 -26.78
C SER D 476 11.02 21.32 -28.27
N LEU D 477 12.10 20.86 -28.92
CA LEU D 477 12.26 21.03 -30.36
C LEU D 477 11.47 19.96 -31.11
N LEU D 478 11.55 18.70 -30.66
CA LEU D 478 10.72 17.62 -31.18
C LEU D 478 9.26 17.79 -30.79
N PRO D 479 8.27 17.22 -31.63
CA PRO D 479 6.83 17.35 -31.30
C PRO D 479 6.38 16.38 -30.22
N THR D 480 7.00 16.45 -29.05
CA THR D 480 6.54 15.66 -27.91
C THR D 480 5.18 16.17 -27.42
N PRO D 481 4.36 15.28 -26.85
CA PRO D 481 3.03 15.72 -26.36
C PRO D 481 3.18 16.61 -25.15
N GLN D 482 2.40 17.69 -25.13
CA GLN D 482 2.59 18.74 -24.13
C GLN D 482 2.31 18.24 -22.72
N SER D 483 1.30 17.37 -22.54
CA SER D 483 0.90 16.99 -21.19
C SER D 483 1.99 16.21 -20.48
N GLU D 484 2.70 15.33 -21.18
CA GLU D 484 3.72 14.47 -20.58
C GLU D 484 5.12 15.08 -20.69
N ARG D 485 5.25 16.20 -21.40
CA ARG D 485 6.55 16.70 -21.85
C ARG D 485 7.53 16.96 -20.70
N GLU D 486 7.10 17.70 -19.66
CA GLU D 486 8.02 18.05 -18.58
C GLU D 486 8.42 16.84 -17.73
N ARG D 487 7.45 16.03 -17.29
CA ARG D 487 7.78 14.94 -16.38
C ARG D 487 8.55 13.81 -17.08
N PHE D 488 8.16 13.47 -18.29
CA PHE D 488 8.67 12.26 -18.92
C PHE D 488 9.67 12.51 -20.05
N TYR D 489 9.91 13.77 -20.43
CA TYR D 489 10.89 14.05 -21.47
C TYR D 489 11.96 15.03 -21.02
N LEU D 490 11.55 16.26 -20.67
CA LEU D 490 12.52 17.30 -20.33
C LEU D 490 13.28 16.95 -19.05
N MET D 491 12.53 16.50 -18.02
CA MET D 491 13.03 16.18 -16.69
C MET D 491 13.95 17.27 -16.16
N PRO D 492 13.47 18.52 -15.99
CA PRO D 492 14.32 19.57 -15.44
C PRO D 492 14.78 19.20 -14.04
N GLN D 493 16.06 19.43 -13.78
CA GLN D 493 16.60 19.08 -12.47
C GLN D 493 16.78 20.27 -11.54
N ASN D 494 16.56 21.49 -12.03
CA ASN D 494 16.55 22.70 -11.20
C ASN D 494 17.80 22.80 -10.32
N VAL D 495 18.95 22.83 -10.98
CA VAL D 495 20.24 22.88 -10.29
C VAL D 495 21.08 23.97 -10.96
N HIS D 496 22.12 24.38 -10.26
CA HIS D 496 23.24 25.08 -10.88
C HIS D 496 24.52 24.31 -10.58
N PHE D 497 25.61 24.74 -11.19
CA PHE D 497 26.85 23.98 -11.13
C PHE D 497 27.97 24.69 -10.37
N GLU D 498 27.66 25.73 -9.59
CA GLU D 498 28.79 26.37 -8.92
C GLU D 498 29.26 25.57 -7.71
N HIS D 499 28.36 24.82 -7.06
CA HIS D 499 28.81 23.96 -5.98
C HIS D 499 29.57 22.75 -6.52
N ALA D 500 29.22 22.27 -7.70
CA ALA D 500 29.98 21.23 -8.36
C ALA D 500 31.40 21.69 -8.64
N ALA D 501 31.55 22.88 -9.26
CA ALA D 501 32.89 23.42 -9.50
C ALA D 501 33.63 23.63 -8.20
N ALA D 502 32.95 24.17 -7.18
CA ALA D 502 33.61 24.41 -5.91
C ALA D 502 34.10 23.13 -5.26
N MET D 503 33.33 22.04 -5.36
CA MET D 503 33.73 20.78 -4.75
C MET D 503 35.04 20.25 -5.33
N PHE D 504 35.29 20.52 -6.61
CA PHE D 504 36.52 20.06 -7.22
C PHE D 504 37.53 21.19 -7.44
N GLU D 505 37.35 22.32 -6.76
CA GLU D 505 38.34 23.40 -6.77
C GLU D 505 38.60 23.92 -8.18
N LEU D 506 37.53 24.08 -8.95
CA LEU D 506 37.59 24.62 -10.30
C LEU D 506 37.02 26.04 -10.32
N LYS D 507 37.65 26.91 -11.09
CA LYS D 507 37.10 28.26 -11.26
C LYS D 507 35.69 28.20 -11.86
N TYR D 508 34.86 29.16 -11.47
CA TYR D 508 33.47 29.13 -11.91
C TYR D 508 33.04 30.53 -12.32
N HIS D 509 32.27 30.62 -13.41
CA HIS D 509 31.64 31.86 -13.82
C HIS D 509 30.19 31.56 -14.22
N ARG D 510 29.28 32.48 -13.89
CA ARG D 510 27.91 32.45 -14.37
C ARG D 510 27.64 33.78 -15.08
N PRO D 511 28.12 33.94 -16.31
CA PRO D 511 27.99 35.26 -16.96
C PRO D 511 26.54 35.59 -17.26
N GLN D 512 26.22 36.88 -17.20
CA GLN D 512 24.86 37.37 -17.41
C GLN D 512 24.69 38.07 -18.75
N ASN D 513 25.78 38.37 -19.44
CA ASN D 513 25.72 39.05 -20.73
C ASN D 513 27.01 38.73 -21.46
N TRP D 514 27.09 39.21 -22.70
CA TRP D 514 28.21 38.84 -23.55
C TRP D 514 29.52 39.38 -23.00
N GLN D 515 29.50 40.61 -22.48
CA GLN D 515 30.75 41.15 -21.95
C GLN D 515 31.28 40.28 -20.81
N GLU D 516 30.39 39.83 -19.91
CA GLU D 516 30.81 38.95 -18.83
C GLU D 516 31.31 37.61 -19.34
N LEU D 517 30.71 37.07 -20.41
CA LEU D 517 31.20 35.81 -20.97
C LEU D 517 32.62 36.01 -21.52
N GLU D 518 32.85 37.09 -22.27
CA GLU D 518 34.17 37.33 -22.83
C GLU D 518 35.21 37.61 -21.74
N THR D 519 34.80 38.27 -20.66
CA THR D 519 35.67 38.40 -19.48
C THR D 519 36.00 37.03 -18.88
N ALA D 520 35.01 36.15 -18.74
CA ALA D 520 35.26 34.80 -18.27
C ALA D 520 36.25 34.07 -19.17
N PHE D 521 36.09 34.19 -20.50
CA PHE D 521 36.98 33.50 -21.43
C PHE D 521 38.41 34.01 -21.32
N ALA D 522 38.59 35.36 -21.33
CA ALA D 522 39.94 35.91 -21.20
C ALA D 522 40.59 35.47 -19.89
N ASP D 523 39.81 35.40 -18.81
CA ASP D 523 40.35 34.87 -17.56
C ASP D 523 40.73 33.39 -17.72
N ALA D 524 39.87 32.60 -18.38
CA ALA D 524 40.05 31.16 -18.39
C ALA D 524 41.26 30.72 -19.21
N TRP D 525 41.54 31.39 -20.32
CA TRP D 525 42.62 30.89 -21.17
C TRP D 525 44.01 31.16 -20.62
N ARG D 526 44.14 31.70 -19.41
CA ARG D 526 45.43 32.15 -18.90
C ARG D 526 46.21 31.09 -18.14
N THR D 527 45.55 30.06 -17.61
CA THR D 527 46.21 29.04 -16.81
C THR D 527 45.84 27.67 -17.33
N PRO D 528 46.74 26.66 -17.18
CA PRO D 528 46.45 25.26 -17.61
C PRO D 528 45.51 24.57 -16.62
N THR D 529 44.28 25.07 -16.53
CA THR D 529 43.32 24.55 -15.59
C THR D 529 41.97 24.50 -16.29
N THR D 530 41.01 23.82 -15.66
CA THR D 530 39.63 23.82 -16.14
C THR D 530 38.83 24.94 -15.48
N THR D 531 38.12 25.71 -16.30
CA THR D 531 37.17 26.72 -15.82
C THR D 531 35.76 26.32 -16.28
N VAL D 532 34.80 26.35 -15.35
CA VAL D 532 33.43 25.97 -15.67
C VAL D 532 32.63 27.25 -15.86
N ILE D 533 32.06 27.43 -17.05
CA ILE D 533 31.23 28.60 -17.36
C ILE D 533 29.81 28.12 -17.54
N GLU D 534 28.94 28.51 -16.63
CA GLU D 534 27.54 28.10 -16.70
C GLU D 534 26.76 29.20 -17.39
N MET D 535 26.10 28.85 -18.50
CA MET D 535 25.23 29.79 -19.19
C MET D 535 23.78 29.42 -18.89
N VAL D 536 23.11 30.21 -18.05
CA VAL D 536 21.71 30.00 -17.70
C VAL D 536 20.87 30.74 -18.72
N VAL D 537 20.03 30.01 -19.43
CA VAL D 537 19.21 30.54 -20.50
C VAL D 537 17.80 30.04 -20.25
N ASN D 538 16.85 30.72 -20.88
CA ASN D 538 15.45 30.32 -20.76
C ASN D 538 15.24 29.02 -21.52
N ASP D 539 14.42 28.15 -20.93
CA ASP D 539 14.30 26.78 -21.39
C ASP D 539 14.13 26.68 -22.91
N THR D 540 13.06 27.24 -23.47
CA THR D 540 12.67 26.94 -24.84
C THR D 540 13.12 27.96 -25.87
N ASP D 541 13.87 29.01 -25.48
CA ASP D 541 14.26 30.03 -26.43
C ASP D 541 15.10 29.46 -27.56
N GLY D 542 16.05 28.58 -27.24
CA GLY D 542 16.92 28.04 -28.28
C GLY D 542 16.18 27.24 -29.33
N ALA D 543 15.32 26.33 -28.90
CA ALA D 543 14.57 25.50 -29.84
C ALA D 543 13.61 26.34 -30.68
N GLN D 544 12.92 27.28 -30.05
CA GLN D 544 12.00 28.16 -30.77
C GLN D 544 12.72 29.01 -31.82
N THR D 545 13.85 29.61 -31.42
CA THR D 545 14.64 30.41 -32.35
C THR D 545 15.04 29.58 -33.55
N LEU D 546 15.41 28.31 -33.33
CA LEU D 546 15.74 27.44 -34.45
C LEU D 546 14.51 27.19 -35.34
N GLN D 547 13.34 26.95 -34.75
CA GLN D 547 12.18 26.69 -35.60
C GLN D 547 11.79 27.93 -36.42
N GLN D 548 11.93 29.13 -35.81
CA GLN D 548 11.64 30.38 -36.52
C GLN D 548 12.63 30.63 -37.65
N LEU D 549 13.91 30.36 -37.42
CA LEU D 549 14.86 30.51 -38.51
C LEU D 549 14.57 29.50 -39.62
N LEU D 550 14.14 28.29 -39.26
CA LEU D 550 13.76 27.33 -40.29
C LEU D 550 12.61 27.86 -41.15
N ALA D 551 11.53 28.32 -40.50
CA ALA D 551 10.39 28.83 -41.25
C ALA D 551 10.78 30.01 -42.13
N GLN D 552 11.52 30.96 -41.54
CA GLN D 552 11.95 32.14 -42.28
C GLN D 552 12.75 31.77 -43.52
N VAL D 553 13.79 30.94 -43.35
CA VAL D 553 14.65 30.61 -44.48
C VAL D 553 13.91 29.72 -45.49
N SER D 554 12.97 28.88 -45.04
CA SER D 554 12.21 28.06 -45.98
C SER D 554 11.27 28.89 -46.87
N HIS D 555 10.91 30.10 -46.44
CA HIS D 555 10.07 30.95 -47.28
C HIS D 555 10.86 31.93 -48.16
N LEU D 556 12.17 31.80 -48.27
CA LEU D 556 12.90 32.75 -49.11
C LEU D 556 12.62 32.55 -50.61
N MET E 1 55.01 -35.94 -13.61
CA MET E 1 53.65 -35.56 -14.04
C MET E 1 53.35 -35.91 -15.51
N SER E 2 52.62 -37.00 -15.70
CA SER E 2 52.24 -37.50 -17.02
C SER E 2 50.94 -36.84 -17.46
N VAL E 3 50.98 -36.12 -18.59
CA VAL E 3 49.79 -35.44 -19.09
C VAL E 3 48.73 -36.45 -19.50
N SER E 4 49.12 -37.55 -20.15
CA SER E 4 48.13 -38.51 -20.65
C SER E 4 47.39 -39.19 -19.50
N ALA E 5 48.12 -39.56 -18.45
CA ALA E 5 47.51 -40.17 -17.29
C ALA E 5 46.53 -39.21 -16.61
N PHE E 6 46.91 -37.94 -16.47
CA PHE E 6 46.00 -37.00 -15.81
C PHE E 6 44.78 -36.72 -16.65
N ASN E 7 44.96 -36.58 -17.97
CA ASN E 7 43.81 -36.48 -18.85
C ASN E 7 42.81 -37.57 -18.54
N ARG E 8 43.30 -38.82 -18.37
CA ARG E 8 42.34 -39.91 -18.13
C ARG E 8 41.76 -39.87 -16.72
N ARG E 9 42.46 -39.30 -15.75
CA ARG E 9 41.84 -39.14 -14.43
C ARG E 9 40.73 -38.06 -14.44
N TRP E 10 40.97 -36.93 -15.09
CA TRP E 10 39.94 -35.91 -15.31
C TRP E 10 38.72 -36.52 -16.01
N ALA E 11 38.95 -37.24 -17.10
CA ALA E 11 37.84 -37.89 -17.81
C ALA E 11 37.12 -38.89 -16.91
N ALA E 12 37.88 -39.65 -16.10
CA ALA E 12 37.26 -40.66 -15.24
C ALA E 12 36.33 -40.03 -14.21
N VAL E 13 36.71 -38.87 -13.66
CA VAL E 13 35.82 -38.13 -12.76
C VAL E 13 34.55 -37.69 -13.50
N ILE E 14 34.69 -37.16 -14.72
CA ILE E 14 33.50 -36.74 -15.49
C ILE E 14 32.54 -37.91 -15.68
N LEU E 15 33.05 -39.04 -16.20
CA LEU E 15 32.19 -40.18 -16.53
C LEU E 15 31.55 -40.77 -15.27
N GLU E 16 32.36 -40.99 -14.24
CA GLU E 16 31.84 -41.53 -12.98
C GLU E 16 30.77 -40.60 -12.40
N ALA E 17 30.97 -39.28 -12.52
CA ALA E 17 29.96 -38.33 -12.06
C ALA E 17 28.64 -38.52 -12.81
N LEU E 18 28.73 -38.80 -14.13
CA LEU E 18 27.53 -39.05 -14.92
C LEU E 18 26.77 -40.27 -14.42
N THR E 19 27.48 -41.31 -13.96
CA THR E 19 26.76 -42.50 -13.48
C THR E 19 25.88 -42.22 -12.28
N ARG E 20 26.16 -41.15 -11.52
CA ARG E 20 25.33 -40.88 -10.35
C ARG E 20 24.00 -40.23 -10.70
N HIS E 21 23.76 -39.83 -11.95
CA HIS E 21 22.49 -39.25 -12.32
C HIS E 21 21.72 -40.16 -13.28
N GLY E 22 22.04 -41.46 -13.29
CA GLY E 22 21.34 -42.45 -14.08
C GLY E 22 21.89 -42.72 -15.47
N VAL E 23 23.03 -42.13 -15.82
CA VAL E 23 23.60 -42.39 -17.14
C VAL E 23 24.06 -43.83 -17.22
N ARG E 24 23.42 -44.59 -18.11
CA ARG E 24 23.80 -45.97 -18.39
C ARG E 24 24.24 -46.19 -19.84
N HIS E 25 23.52 -45.64 -20.81
CA HIS E 25 23.93 -45.83 -22.21
C HIS E 25 24.93 -44.76 -22.62
N ILE E 26 26.01 -45.16 -23.27
CA ILE E 26 26.95 -44.19 -23.80
C ILE E 26 27.24 -44.54 -25.25
N CYS E 27 27.13 -43.54 -26.13
CA CYS E 27 27.33 -43.71 -27.56
C CYS E 27 28.66 -43.10 -27.94
N ILE E 28 29.49 -43.90 -28.62
CA ILE E 28 30.86 -43.57 -28.90
C ILE E 28 31.12 -43.70 -30.40
N ALA E 29 31.69 -42.64 -30.99
CA ALA E 29 32.25 -42.57 -32.33
C ALA E 29 33.77 -42.54 -32.27
N PRO E 30 34.46 -43.01 -33.29
CA PRO E 30 35.92 -43.14 -33.22
C PRO E 30 36.67 -41.82 -33.36
N GLY E 31 37.81 -41.76 -32.71
CA GLY E 31 38.64 -40.56 -32.77
C GLY E 31 39.86 -40.70 -31.88
N SER E 32 40.78 -39.74 -32.04
CA SER E 32 41.99 -39.67 -31.22
C SER E 32 41.88 -38.66 -30.08
N ARG E 33 41.41 -37.44 -30.36
CA ARG E 33 41.29 -36.47 -29.28
C ARG E 33 40.35 -36.96 -28.17
N SER E 34 39.41 -37.85 -28.50
CA SER E 34 38.46 -38.34 -27.51
C SER E 34 39.03 -39.44 -26.66
N THR E 35 40.28 -39.84 -26.91
CA THR E 35 40.92 -40.93 -26.18
C THR E 35 40.70 -40.88 -24.67
N PRO E 36 40.95 -39.77 -23.97
CA PRO E 36 40.72 -39.81 -22.51
C PRO E 36 39.28 -40.15 -22.16
N LEU E 37 38.30 -39.56 -22.87
CA LEU E 37 36.91 -39.85 -22.57
C LEU E 37 36.58 -41.30 -22.87
N THR E 38 36.95 -41.76 -24.06
CA THR E 38 36.60 -43.10 -24.52
C THR E 38 37.21 -44.17 -23.63
N LEU E 39 38.47 -43.98 -23.23
CA LEU E 39 39.12 -44.95 -22.35
C LEU E 39 38.54 -44.92 -20.95
N ALA E 40 38.25 -43.73 -20.41
CA ALA E 40 37.54 -43.71 -19.12
C ALA E 40 36.22 -44.46 -19.22
N ALA E 41 35.54 -44.32 -20.35
CA ALA E 41 34.22 -44.90 -20.52
C ALA E 41 34.33 -46.42 -20.60
N ALA E 42 35.32 -46.91 -21.32
CA ALA E 42 35.46 -48.35 -21.55
C ALA E 42 35.76 -49.12 -20.29
N GLU E 43 36.54 -48.54 -19.39
CA GLU E 43 36.87 -49.17 -18.12
C GLU E 43 35.79 -49.04 -17.06
N ASN E 44 34.73 -48.28 -17.29
CA ASN E 44 33.71 -48.06 -16.29
C ASN E 44 32.59 -49.08 -16.48
N SER E 45 32.41 -49.97 -15.52
CA SER E 45 31.49 -51.09 -15.62
C SER E 45 30.02 -50.67 -15.56
N ALA E 46 29.70 -49.44 -15.23
CA ALA E 46 28.29 -49.05 -15.17
C ALA E 46 27.65 -48.90 -16.55
N PHE E 47 28.43 -48.88 -17.64
CA PHE E 47 27.93 -48.43 -18.93
C PHE E 47 27.62 -49.57 -19.88
N ILE E 48 26.59 -49.37 -20.71
CA ILE E 48 26.38 -50.11 -21.95
C ILE E 48 26.90 -49.24 -23.09
N HIS E 49 27.82 -49.77 -23.89
CA HIS E 49 28.49 -48.97 -24.91
C HIS E 49 27.92 -49.28 -26.28
N HIS E 50 27.56 -48.23 -27.02
CA HIS E 50 27.13 -48.33 -28.40
C HIS E 50 28.16 -47.59 -29.22
N THR E 51 28.40 -48.07 -30.43
CA THR E 51 29.38 -47.42 -31.29
C THR E 51 28.76 -47.17 -32.66
N HIS E 52 29.23 -46.13 -33.33
CA HIS E 52 28.80 -45.90 -34.71
C HIS E 52 29.79 -44.98 -35.39
N PHE E 53 29.86 -45.07 -36.72
CA PHE E 53 30.86 -44.32 -37.49
C PHE E 53 30.35 -42.98 -38.00
N ASP E 54 29.04 -42.80 -38.04
CA ASP E 54 28.48 -41.52 -38.47
C ASP E 54 28.02 -40.86 -37.19
N GLU E 55 28.52 -39.67 -36.90
CA GLU E 55 28.14 -39.03 -35.64
C GLU E 55 26.72 -38.46 -35.68
N ARG E 56 26.18 -38.13 -36.86
CA ARG E 56 24.77 -37.73 -36.92
C ARG E 56 23.87 -38.90 -36.53
N GLY E 57 24.12 -40.06 -37.11
CA GLY E 57 23.41 -41.25 -36.69
C GLY E 57 23.69 -41.59 -35.25
N LEU E 58 24.92 -41.37 -34.78
CA LEU E 58 25.23 -41.61 -33.37
C LEU E 58 24.31 -40.78 -32.47
N GLY E 59 24.22 -39.48 -32.76
CA GLY E 59 23.36 -38.62 -31.98
C GLY E 59 21.91 -39.08 -31.98
N HIS E 60 21.45 -39.59 -33.14
CA HIS E 60 20.06 -40.07 -33.18
C HIS E 60 19.87 -41.41 -32.48
N LEU E 61 20.87 -42.28 -32.52
CA LEU E 61 20.82 -43.52 -31.75
C LEU E 61 20.68 -43.20 -30.27
N ALA E 62 21.46 -42.23 -29.79
CA ALA E 62 21.34 -41.76 -28.42
C ALA E 62 19.98 -41.16 -28.15
N LEU E 63 19.47 -40.37 -29.10
CA LEU E 63 18.13 -39.82 -28.94
C LEU E 63 17.10 -40.93 -28.77
N GLY E 64 17.20 -42.00 -29.57
CA GLY E 64 16.25 -43.12 -29.44
C GLY E 64 16.37 -43.83 -28.11
N LEU E 65 17.61 -44.06 -27.66
CA LEU E 65 17.85 -44.65 -26.34
C LEU E 65 17.24 -43.80 -25.23
N ALA E 66 17.51 -42.49 -25.24
CA ALA E 66 17.01 -41.62 -24.21
C ALA E 66 15.48 -41.56 -24.26
N LYS E 67 14.94 -41.58 -25.48
CA LYS E 67 13.50 -41.53 -25.71
C LYS E 67 12.79 -42.70 -25.03
N VAL E 68 13.33 -43.92 -25.17
CA VAL E 68 12.68 -45.05 -24.52
C VAL E 68 13.03 -45.15 -23.04
N SER E 69 14.30 -44.96 -22.69
CA SER E 69 14.75 -45.25 -21.33
C SER E 69 14.35 -44.20 -20.30
N LYS E 70 14.03 -42.97 -20.70
CA LYS E 70 13.60 -41.91 -19.79
C LYS E 70 14.75 -41.45 -18.88
N GLN E 71 15.98 -41.73 -19.29
CA GLN E 71 17.20 -41.44 -18.57
C GLN E 71 18.16 -40.65 -19.44
N PRO E 72 19.05 -39.85 -18.84
CA PRO E 72 20.05 -39.15 -19.64
C PRO E 72 20.98 -40.13 -20.33
N VAL E 73 21.30 -39.84 -21.58
CA VAL E 73 22.15 -40.71 -22.39
C VAL E 73 23.35 -39.90 -22.86
N ALA E 74 24.55 -40.49 -22.69
CA ALA E 74 25.81 -39.80 -22.97
C ALA E 74 26.35 -40.09 -24.35
N VAL E 75 27.07 -39.13 -24.87
CA VAL E 75 27.64 -39.21 -26.20
C VAL E 75 29.07 -38.74 -26.11
N ILE E 76 29.95 -39.49 -26.72
CA ILE E 76 31.35 -39.12 -26.83
C ILE E 76 31.69 -39.00 -28.30
N VAL E 77 32.30 -37.88 -28.65
CA VAL E 77 32.68 -37.58 -30.02
C VAL E 77 34.06 -36.90 -30.02
N THR E 78 34.82 -37.06 -31.11
CA THR E 78 36.11 -36.40 -31.19
C THR E 78 35.95 -34.94 -31.63
N SER E 79 37.05 -34.18 -31.64
CA SER E 79 36.94 -32.75 -31.95
C SER E 79 36.66 -32.51 -33.44
N GLY E 80 36.14 -31.32 -33.77
CA GLY E 80 35.94 -30.98 -35.18
C GLY E 80 34.53 -31.11 -35.76
N THR E 81 34.42 -31.45 -37.06
CA THR E 81 33.10 -31.59 -37.71
C THR E 81 32.25 -32.71 -37.13
N ALA E 82 32.88 -33.68 -36.44
CA ALA E 82 32.14 -34.69 -35.70
C ALA E 82 31.19 -34.06 -34.68
N VAL E 83 31.64 -33.01 -33.98
CA VAL E 83 30.78 -32.32 -33.02
C VAL E 83 29.58 -31.69 -33.71
N ALA E 84 29.81 -31.06 -34.87
CA ALA E 84 28.72 -30.41 -35.59
C ALA E 84 27.66 -31.41 -36.06
N ASN E 85 28.07 -32.65 -36.36
CA ASN E 85 27.07 -33.64 -36.76
C ASN E 85 26.07 -33.98 -35.64
N LEU E 86 26.35 -33.64 -34.37
CA LEU E 86 25.41 -33.88 -33.28
C LEU E 86 24.25 -32.89 -33.24
N TYR E 87 24.33 -31.81 -34.00
CA TYR E 87 23.36 -30.72 -33.90
C TYR E 87 21.93 -31.19 -34.14
N PRO E 88 21.62 -31.97 -35.19
CA PRO E 88 20.21 -32.37 -35.39
C PRO E 88 19.57 -33.04 -34.18
N ALA E 89 20.19 -34.11 -33.65
CA ALA E 89 19.65 -34.81 -32.50
C ALA E 89 19.57 -33.90 -31.29
N LEU E 90 20.54 -33.00 -31.13
CA LEU E 90 20.51 -32.09 -29.99
C LEU E 90 19.31 -31.16 -30.08
N ILE E 91 19.02 -30.64 -31.28
CA ILE E 91 17.84 -29.80 -31.49
C ILE E 91 16.55 -30.57 -31.18
N GLU E 92 16.44 -31.78 -31.72
CA GLU E 92 15.25 -32.59 -31.44
C GLU E 92 15.10 -32.88 -29.95
N ALA E 93 16.21 -33.18 -29.27
CA ALA E 93 16.13 -33.43 -27.84
C ALA E 93 15.66 -32.19 -27.08
N GLY E 94 16.13 -31.02 -27.50
CA GLY E 94 15.67 -29.79 -26.88
C GLY E 94 14.19 -29.52 -27.09
N LEU E 95 13.61 -30.02 -28.18
CA LEU E 95 12.18 -29.80 -28.36
C LEU E 95 11.32 -30.84 -27.63
N THR E 96 11.75 -32.10 -27.58
CA THR E 96 10.90 -33.13 -26.99
C THR E 96 11.33 -33.61 -25.61
N GLY E 97 12.52 -33.22 -25.11
CA GLY E 97 12.84 -33.42 -23.71
C GLY E 97 13.86 -34.49 -23.40
N GLU E 98 14.28 -35.31 -24.37
CA GLU E 98 15.31 -36.32 -24.16
C GLU E 98 16.57 -35.67 -23.58
N LYS E 99 17.18 -36.33 -22.59
CA LYS E 99 18.37 -35.80 -21.93
C LYS E 99 19.62 -36.39 -22.55
N LEU E 100 20.23 -35.67 -23.47
CA LEU E 100 21.46 -36.09 -24.13
C LEU E 100 22.63 -35.30 -23.55
N ILE E 101 23.64 -36.03 -23.07
CA ILE E 101 24.84 -35.45 -22.49
C ILE E 101 25.94 -35.60 -23.54
N LEU E 102 26.28 -34.50 -24.22
CA LEU E 102 27.27 -34.52 -25.29
C LEU E 102 28.63 -34.17 -24.71
N LEU E 103 29.52 -35.15 -24.65
CA LEU E 103 30.91 -34.94 -24.23
C LEU E 103 31.70 -34.78 -25.51
N THR E 104 32.01 -33.53 -25.87
CA THR E 104 32.67 -33.23 -27.14
C THR E 104 34.14 -32.94 -26.82
N ALA E 105 35.01 -33.86 -27.22
CA ALA E 105 36.45 -33.65 -27.03
C ALA E 105 36.90 -32.45 -27.87
N ASP E 106 37.90 -31.73 -27.36
CA ASP E 106 38.38 -30.52 -28.02
C ASP E 106 39.90 -30.48 -27.94
N ARG E 107 40.51 -29.76 -28.87
CA ARG E 107 41.88 -29.33 -28.71
C ARG E 107 41.99 -28.39 -27.50
N PRO E 108 43.16 -28.30 -26.90
CA PRO E 108 43.37 -27.34 -25.82
C PRO E 108 43.38 -25.93 -26.38
N PRO E 109 43.24 -24.90 -25.52
CA PRO E 109 43.09 -23.53 -26.06
C PRO E 109 44.29 -23.05 -26.87
N GLU E 110 45.51 -23.50 -26.57
CA GLU E 110 46.67 -23.05 -27.34
C GLU E 110 46.66 -23.56 -28.78
N LEU E 111 45.69 -24.40 -29.16
CA LEU E 111 45.67 -24.93 -30.52
C LEU E 111 44.39 -24.52 -31.27
N ILE E 112 43.65 -23.54 -30.76
CA ILE E 112 42.48 -23.00 -31.44
C ILE E 112 42.91 -21.77 -32.23
N ASP E 113 42.31 -21.57 -33.41
CA ASP E 113 42.48 -20.37 -34.25
C ASP E 113 43.94 -20.15 -34.67
N CYS E 114 44.67 -21.25 -34.95
CA CYS E 114 46.06 -21.10 -35.36
C CYS E 114 46.43 -22.08 -36.46
N GLY E 115 45.46 -22.57 -37.20
CA GLY E 115 45.71 -23.46 -38.29
C GLY E 115 46.02 -24.90 -37.98
N ALA E 116 45.75 -25.30 -36.76
CA ALA E 116 45.94 -26.65 -36.30
C ALA E 116 44.90 -27.65 -36.86
N ASN E 117 45.35 -28.85 -37.14
CA ASN E 117 44.50 -29.88 -37.68
C ASN E 117 43.37 -30.34 -36.76
N GLN E 118 42.22 -30.40 -37.39
CA GLN E 118 40.98 -30.84 -36.79
C GLN E 118 40.58 -30.02 -35.49
N ALA E 119 40.88 -28.74 -35.49
CA ALA E 119 40.61 -27.86 -34.37
C ALA E 119 39.67 -26.76 -34.86
N ILE E 120 38.52 -26.63 -34.18
CA ILE E 120 37.54 -25.60 -34.48
C ILE E 120 37.10 -24.99 -33.16
N ARG E 121 36.36 -23.90 -33.26
CA ARG E 121 35.81 -23.24 -32.07
C ARG E 121 34.57 -24.00 -31.62
N GLN E 122 34.65 -24.67 -30.46
CA GLN E 122 33.55 -25.56 -30.05
C GLN E 122 32.67 -24.99 -28.92
N PRO E 123 33.20 -24.27 -27.93
CA PRO E 123 32.31 -23.65 -26.92
C PRO E 123 31.26 -22.81 -27.60
N GLY E 124 30.01 -22.96 -27.17
CA GLY E 124 28.92 -22.19 -27.75
C GLY E 124 28.46 -22.60 -29.14
N MET E 125 29.02 -23.67 -29.73
CA MET E 125 28.69 -23.95 -31.13
C MET E 125 27.25 -24.42 -31.35
N PHE E 126 26.53 -24.79 -30.31
CA PHE E 126 25.13 -25.15 -30.44
C PHE E 126 24.21 -24.03 -29.98
N ALA E 127 24.75 -22.83 -29.74
CA ALA E 127 24.00 -21.61 -29.40
C ALA E 127 23.08 -21.93 -28.23
N SER E 128 21.78 -21.63 -28.31
CA SER E 128 20.86 -21.76 -27.20
C SER E 128 20.13 -23.11 -27.16
N HIS E 129 20.50 -24.07 -28.01
CA HIS E 129 19.78 -25.33 -28.12
C HIS E 129 20.03 -26.32 -26.99
N PRO E 130 21.20 -26.32 -26.38
CA PRO E 130 21.41 -27.10 -25.18
C PRO E 130 20.73 -26.43 -24.00
N THR E 131 20.21 -27.21 -23.07
CA THR E 131 19.62 -26.72 -21.87
C THR E 131 20.69 -26.04 -21.02
N HIS E 132 21.83 -26.72 -20.91
CA HIS E 132 23.01 -26.24 -20.19
C HIS E 132 24.26 -26.51 -21.03
N SER E 133 25.17 -25.55 -21.05
CA SER E 133 26.43 -25.66 -21.76
C SER E 133 27.60 -25.57 -20.76
N ILE E 134 28.55 -26.49 -20.79
CA ILE E 134 29.71 -26.43 -19.92
C ILE E 134 30.93 -26.43 -20.82
N SER E 135 31.77 -25.40 -20.70
CA SER E 135 33.05 -25.37 -21.39
C SER E 135 34.10 -25.63 -20.34
N LEU E 136 34.50 -26.90 -20.20
CA LEU E 136 35.46 -27.24 -19.16
C LEU E 136 36.79 -26.56 -19.48
N PRO E 137 37.54 -26.17 -18.48
CA PRO E 137 38.86 -25.57 -18.72
C PRO E 137 39.87 -26.64 -19.09
N ARG E 138 41.03 -26.17 -19.48
CA ARG E 138 42.17 -27.04 -19.72
C ARG E 138 42.45 -27.86 -18.47
N PRO E 139 42.58 -29.17 -18.57
CA PRO E 139 42.80 -30.01 -17.37
C PRO E 139 44.06 -29.60 -16.63
N THR E 140 43.94 -29.49 -15.31
CA THR E 140 45.04 -29.15 -14.43
C THR E 140 44.67 -29.57 -13.03
N GLN E 141 45.66 -30.06 -12.30
CA GLN E 141 45.59 -30.45 -10.92
C GLN E 141 45.39 -29.24 -10.00
N ASP E 142 45.57 -28.02 -10.47
CA ASP E 142 45.36 -26.82 -9.64
C ASP E 142 43.89 -26.47 -9.46
N ILE E 143 43.02 -27.06 -10.25
CA ILE E 143 41.57 -26.98 -10.07
C ILE E 143 41.11 -28.27 -9.45
N PRO E 144 40.46 -28.25 -8.28
CA PRO E 144 40.21 -29.50 -7.56
C PRO E 144 39.12 -30.35 -8.18
N ALA E 145 39.25 -31.67 -7.98
CA ALA E 145 38.26 -32.63 -8.49
C ALA E 145 36.85 -32.35 -7.96
N ARG E 146 36.71 -31.82 -6.75
CA ARG E 146 35.37 -31.51 -6.26
C ARG E 146 34.71 -30.39 -7.06
N TRP E 147 35.50 -29.49 -7.66
CA TRP E 147 34.91 -28.50 -8.57
C TRP E 147 34.37 -29.16 -9.81
N LEU E 148 35.12 -30.12 -10.37
CA LEU E 148 34.70 -30.77 -11.59
C LEU E 148 33.42 -31.59 -11.37
N VAL E 149 33.42 -32.41 -10.32
CA VAL E 149 32.22 -33.18 -10.01
C VAL E 149 31.06 -32.25 -9.69
N SER E 150 31.33 -31.12 -9.01
CA SER E 150 30.24 -30.20 -8.69
C SER E 150 29.65 -29.54 -9.93
N THR E 151 30.48 -29.17 -10.89
CA THR E 151 29.99 -28.56 -12.11
C THR E 151 29.09 -29.52 -12.87
N ILE E 152 29.53 -30.77 -13.02
CA ILE E 152 28.68 -31.76 -13.67
C ILE E 152 27.41 -32.03 -12.87
N ASP E 153 27.52 -32.12 -11.55
CA ASP E 153 26.35 -32.42 -10.73
C ASP E 153 25.31 -31.30 -10.80
N HIS E 154 25.77 -30.04 -10.86
CA HIS E 154 24.81 -28.96 -11.06
C HIS E 154 24.13 -29.11 -12.40
N ALA E 155 24.91 -29.37 -13.46
CA ALA E 155 24.29 -29.44 -14.78
C ALA E 155 23.26 -30.57 -14.85
N LEU E 156 23.60 -31.77 -14.36
CA LEU E 156 22.68 -32.90 -14.48
C LEU E 156 21.55 -32.80 -13.48
N GLY E 157 21.82 -32.29 -12.26
CA GLY E 157 20.78 -32.21 -11.25
C GLY E 157 19.65 -31.23 -11.58
N THR E 158 19.98 -30.08 -12.15
CA THR E 158 18.95 -29.10 -12.52
C THR E 158 18.42 -29.31 -13.92
N LEU E 159 18.82 -30.41 -14.57
CA LEU E 159 18.43 -30.70 -15.95
C LEU E 159 16.99 -31.23 -15.94
N HIS E 160 16.05 -30.32 -16.19
CA HIS E 160 14.63 -30.66 -16.33
C HIS E 160 14.34 -31.48 -17.59
N ALA E 161 14.97 -31.12 -18.70
CA ALA E 161 14.80 -31.77 -20.00
C ALA E 161 15.81 -31.23 -20.98
N GLY E 162 16.04 -31.99 -22.06
CA GLY E 162 16.89 -31.54 -23.15
C GLY E 162 18.34 -31.92 -22.95
N GLY E 163 19.18 -31.43 -23.88
CA GLY E 163 20.56 -31.84 -23.94
C GLY E 163 21.51 -30.93 -23.16
N VAL E 164 22.67 -31.50 -22.81
CA VAL E 164 23.75 -30.80 -22.15
C VAL E 164 24.99 -30.93 -23.01
N HIS E 165 25.62 -29.80 -23.33
CA HIS E 165 26.88 -29.79 -24.06
C HIS E 165 28.04 -29.63 -23.07
N ILE E 166 28.92 -30.64 -22.99
CA ILE E 166 30.11 -30.59 -22.15
C ILE E 166 31.32 -30.63 -23.08
N ASN E 167 31.96 -29.48 -23.29
CA ASN E 167 33.12 -29.42 -24.16
C ASN E 167 34.35 -29.78 -23.34
N CYS E 168 35.13 -30.75 -23.80
CA CYS E 168 36.24 -31.30 -23.01
C CYS E 168 37.57 -31.13 -23.73
N PRO E 169 38.30 -30.04 -23.45
CA PRO E 169 39.65 -29.91 -24.02
C PRO E 169 40.63 -30.86 -23.35
N PHE E 170 41.54 -31.42 -24.16
CA PHE E 170 42.65 -32.28 -23.70
C PHE E 170 43.90 -31.95 -24.51
N ALA E 171 45.01 -31.73 -23.81
CA ALA E 171 46.28 -31.52 -24.48
C ALA E 171 47.02 -32.85 -24.67
N GLU E 172 47.92 -32.87 -25.64
CA GLU E 172 48.82 -34.00 -25.84
C GLU E 172 49.86 -34.02 -24.74
N PRO E 173 50.49 -35.18 -24.55
CA PRO E 173 50.22 -36.47 -25.20
C PRO E 173 48.93 -37.13 -24.71
N LEU E 174 48.24 -37.87 -25.59
CA LEU E 174 47.03 -38.59 -25.20
C LEU E 174 47.28 -40.06 -24.89
N TYR E 175 48.38 -40.63 -25.36
CA TYR E 175 48.67 -42.03 -25.13
C TYR E 175 49.86 -42.16 -24.21
N GLY E 176 50.01 -43.32 -23.65
CA GLY E 176 51.05 -43.59 -22.68
C GLY E 176 50.44 -44.38 -21.55
N GLU E 177 51.29 -45.10 -20.85
CA GLU E 177 50.84 -45.91 -19.73
C GLU E 177 50.34 -45.03 -18.59
N MET E 178 49.36 -45.55 -17.85
CA MET E 178 48.91 -44.90 -16.63
C MET E 178 50.01 -45.01 -15.58
N ASP E 179 50.48 -43.86 -15.08
CA ASP E 179 51.22 -43.87 -13.83
C ASP E 179 50.26 -43.27 -12.80
N ASP E 180 50.79 -42.87 -11.65
CA ASP E 180 49.96 -42.33 -10.57
C ASP E 180 49.53 -40.87 -10.69
N THR E 181 50.09 -40.13 -11.63
CA THR E 181 49.77 -38.71 -11.77
C THR E 181 48.27 -38.51 -11.65
N GLY E 182 47.82 -37.69 -10.71
CA GLY E 182 46.40 -37.44 -10.50
C GLY E 182 45.69 -38.39 -9.55
N LEU E 183 46.35 -39.43 -9.03
CA LEU E 183 45.64 -40.33 -8.13
C LEU E 183 45.29 -39.67 -6.80
N SER E 184 46.24 -38.99 -6.15
CA SER E 184 45.91 -38.29 -4.91
C SER E 184 44.90 -37.16 -5.16
N TRP E 185 44.93 -36.53 -6.33
CA TRP E 185 43.94 -35.55 -6.71
C TRP E 185 42.52 -36.19 -6.78
N GLN E 186 42.39 -37.36 -7.38
CA GLN E 186 41.16 -38.07 -7.43
C GLN E 186 40.75 -38.44 -6.04
N GLN E 187 41.69 -38.85 -5.21
CA GLN E 187 41.38 -39.34 -3.88
C GLN E 187 40.93 -38.26 -2.93
N ARG E 188 41.19 -36.98 -3.23
CA ARG E 188 40.58 -35.91 -2.44
C ARG E 188 39.06 -36.03 -2.40
N LEU E 189 38.46 -36.78 -3.32
CA LEU E 189 37.02 -37.01 -3.21
C LEU E 189 36.65 -38.12 -2.22
N GLY E 190 37.63 -38.80 -1.63
CA GLY E 190 37.34 -39.72 -0.53
C GLY E 190 36.45 -40.88 -0.94
N ASP E 191 35.53 -41.26 -0.04
CA ASP E 191 34.69 -42.43 -0.34
C ASP E 191 33.53 -42.09 -1.24
N TRP E 192 33.47 -40.88 -1.81
CA TRP E 192 32.53 -40.61 -2.89
C TRP E 192 32.69 -41.63 -4.01
N TRP E 193 33.88 -42.16 -4.22
CA TRP E 193 34.17 -43.15 -5.22
C TRP E 193 33.38 -44.46 -5.07
N GLN E 194 33.04 -44.82 -3.87
CA GLN E 194 32.27 -45.99 -3.60
C GLN E 194 30.81 -45.70 -3.38
N ASP E 195 30.41 -44.46 -3.44
CA ASP E 195 29.04 -44.03 -3.21
C ASP E 195 28.17 -44.19 -4.46
N ASP E 196 26.89 -44.10 -4.28
CA ASP E 196 25.96 -44.11 -5.41
C ASP E 196 25.21 -42.80 -5.62
N LYS E 197 25.58 -41.75 -4.91
CA LYS E 197 24.93 -40.45 -4.94
C LYS E 197 25.79 -39.41 -5.66
N PRO E 198 25.20 -38.29 -6.08
CA PRO E 198 26.02 -37.15 -6.51
C PRO E 198 26.84 -36.58 -5.34
N TRP E 199 28.00 -36.01 -5.69
CA TRP E 199 28.77 -35.20 -4.74
C TRP E 199 27.93 -34.03 -4.24
N LEU E 200 27.30 -33.30 -5.16
CA LEU E 200 26.40 -32.21 -4.82
C LEU E 200 25.02 -32.61 -5.31
N ARG E 201 24.07 -32.66 -4.39
CA ARG E 201 22.68 -32.94 -4.73
C ARG E 201 21.96 -31.61 -4.87
N GLU E 202 21.60 -31.29 -6.12
CA GLU E 202 20.90 -30.05 -6.45
C GLU E 202 19.85 -30.47 -7.46
N ALA E 203 18.65 -30.75 -6.98
CA ALA E 203 17.58 -31.32 -7.80
C ALA E 203 16.27 -30.60 -7.50
N PRO E 204 16.19 -29.31 -7.82
CA PRO E 204 14.93 -28.59 -7.59
C PRO E 204 13.93 -29.04 -8.62
N ARG E 205 12.69 -29.13 -8.22
CA ARG E 205 11.60 -29.57 -9.04
C ARG E 205 10.75 -28.43 -9.59
N LEU E 206 10.41 -28.51 -10.85
CA LEU E 206 9.61 -27.48 -11.48
C LEU E 206 8.23 -28.05 -11.79
N GLU E 207 7.19 -27.45 -11.21
CA GLU E 207 5.84 -27.95 -11.46
C GLU E 207 4.80 -26.89 -11.13
N SER E 208 3.70 -26.95 -11.87
CA SER E 208 2.60 -26.01 -11.68
C SER E 208 1.73 -26.41 -10.49
N GLU E 209 1.06 -25.43 -9.88
CA GLU E 209 0.21 -25.67 -8.71
C GLU E 209 -1.26 -26.02 -9.01
N LYS E 210 -1.80 -26.96 -8.25
CA LYS E 210 -3.18 -27.39 -8.38
C LYS E 210 -4.05 -26.24 -8.83
N GLN E 211 -4.91 -26.47 -9.83
CA GLN E 211 -5.83 -25.44 -10.28
C GLN E 211 -7.05 -25.48 -9.38
N ARG E 212 -7.19 -24.45 -8.55
CA ARG E 212 -8.20 -24.44 -7.49
C ARG E 212 -9.62 -24.24 -8.00
N ASP E 213 -9.79 -23.86 -9.27
CA ASP E 213 -11.13 -23.75 -9.84
C ASP E 213 -11.47 -24.96 -10.72
N TRP E 214 -10.73 -26.07 -10.59
CA TRP E 214 -10.97 -27.21 -11.46
C TRP E 214 -12.38 -27.78 -11.27
N PHE E 215 -12.85 -27.81 -10.02
CA PHE E 215 -14.19 -28.35 -9.76
C PHE E 215 -15.25 -27.53 -10.51
N PHE E 216 -14.95 -26.28 -10.82
CA PHE E 216 -15.87 -25.55 -11.69
C PHE E 216 -15.72 -25.98 -13.13
N TRP E 217 -14.48 -26.00 -13.63
CA TRP E 217 -14.30 -26.18 -15.06
C TRP E 217 -14.64 -27.59 -15.52
N ARG E 218 -14.54 -28.59 -14.64
CA ARG E 218 -14.78 -29.96 -15.08
C ARG E 218 -16.25 -30.29 -15.28
N GLN E 219 -17.17 -29.46 -14.82
CA GLN E 219 -18.58 -29.67 -15.15
C GLN E 219 -19.05 -28.71 -16.24
N LYS E 220 -18.12 -28.10 -16.98
CA LYS E 220 -18.43 -27.32 -18.17
C LYS E 220 -18.40 -28.24 -19.39
N ARG E 221 -18.77 -27.68 -20.54
CA ARG E 221 -18.66 -28.45 -21.78
C ARG E 221 -17.21 -28.36 -22.25
N GLY E 222 -16.46 -29.43 -22.06
CA GLY E 222 -15.07 -29.46 -22.43
C GLY E 222 -14.72 -30.38 -23.56
N VAL E 223 -13.52 -30.19 -24.14
CA VAL E 223 -12.96 -31.11 -25.13
C VAL E 223 -11.59 -31.50 -24.62
N VAL E 224 -11.23 -32.78 -24.73
CA VAL E 224 -9.88 -33.25 -24.41
C VAL E 224 -9.14 -33.50 -25.72
N VAL E 225 -7.97 -32.87 -25.87
CA VAL E 225 -7.06 -33.13 -26.99
C VAL E 225 -5.83 -33.83 -26.43
N ALA E 226 -5.53 -35.02 -26.93
CA ALA E 226 -4.42 -35.81 -26.43
C ALA E 226 -3.33 -35.86 -27.51
N GLY E 227 -2.19 -35.22 -27.23
CA GLY E 227 -1.01 -35.31 -28.10
C GLY E 227 -0.05 -36.37 -27.59
N ARG E 228 1.25 -36.16 -27.85
CA ARG E 228 2.27 -37.12 -27.43
C ARG E 228 2.41 -37.21 -25.92
N MET E 229 2.42 -38.43 -25.42
CA MET E 229 2.52 -38.72 -23.99
C MET E 229 2.97 -40.17 -23.89
N SER E 230 3.15 -40.66 -22.67
CA SER E 230 3.51 -42.08 -22.50
C SER E 230 2.28 -42.98 -22.70
N ALA E 231 2.54 -44.28 -22.91
CA ALA E 231 1.45 -45.25 -23.16
C ALA E 231 0.47 -45.33 -21.97
N GLU E 232 1.01 -45.39 -20.75
CA GLU E 232 0.15 -45.50 -19.57
C GLU E 232 -0.65 -44.23 -19.39
N GLU E 233 0.00 -43.07 -19.58
CA GLU E 233 -0.67 -41.78 -19.52
C GLU E 233 -1.80 -41.72 -20.55
N GLY E 234 -1.58 -42.29 -21.74
CA GLY E 234 -2.64 -42.37 -22.73
C GLY E 234 -3.86 -43.10 -22.21
N LYS E 235 -3.65 -44.28 -21.59
CA LYS E 235 -4.82 -44.98 -21.03
C LYS E 235 -5.54 -44.15 -19.95
N LYS E 236 -4.77 -43.49 -19.07
CA LYS E 236 -5.39 -42.68 -18.02
C LYS E 236 -6.17 -41.50 -18.58
N VAL E 237 -5.65 -40.86 -19.64
CA VAL E 237 -6.37 -39.77 -20.29
C VAL E 237 -7.64 -40.28 -20.92
N ALA E 238 -7.58 -41.45 -21.55
CA ALA E 238 -8.78 -42.04 -22.12
C ALA E 238 -9.87 -42.21 -21.06
N LEU E 239 -9.53 -42.86 -19.93
CA LEU E 239 -10.57 -43.09 -18.92
C LEU E 239 -11.07 -41.78 -18.29
N TRP E 240 -10.17 -40.80 -18.15
CA TRP E 240 -10.52 -39.50 -17.56
C TRP E 240 -11.52 -38.74 -18.41
N ALA E 241 -11.22 -38.60 -19.71
CA ALA E 241 -12.13 -37.93 -20.63
C ALA E 241 -13.46 -38.67 -20.74
N GLN E 242 -13.42 -40.00 -20.74
CA GLN E 242 -14.67 -40.75 -20.71
C GLN E 242 -15.49 -40.41 -19.47
N THR E 243 -14.86 -40.39 -18.30
CA THR E 243 -15.61 -40.08 -17.10
C THR E 243 -16.25 -38.70 -17.19
N LEU E 244 -15.47 -37.72 -17.64
CA LEU E 244 -16.01 -36.37 -17.78
C LEU E 244 -17.16 -36.33 -18.78
N GLY E 245 -17.22 -37.29 -19.69
CA GLY E 245 -18.19 -37.18 -20.75
C GLY E 245 -17.80 -36.20 -21.82
N TRP E 246 -16.54 -35.93 -21.94
CA TRP E 246 -16.01 -34.99 -22.91
C TRP E 246 -15.47 -35.75 -24.10
N PRO E 247 -15.68 -35.22 -25.29
CA PRO E 247 -15.08 -35.86 -26.47
C PRO E 247 -13.55 -35.80 -26.38
N LEU E 248 -12.91 -36.90 -26.76
CA LEU E 248 -11.46 -37.05 -26.75
C LEU E 248 -10.96 -37.13 -28.19
N ILE E 249 -10.23 -36.11 -28.63
CA ILE E 249 -9.53 -36.14 -29.91
C ILE E 249 -8.11 -36.64 -29.67
N GLY E 250 -7.82 -37.86 -30.09
CA GLY E 250 -6.58 -38.53 -29.72
C GLY E 250 -5.63 -38.67 -30.91
N ASP E 251 -4.41 -38.18 -30.71
CA ASP E 251 -3.37 -38.18 -31.74
C ASP E 251 -2.81 -39.58 -31.90
N VAL E 252 -2.19 -39.82 -33.05
CA VAL E 252 -1.47 -41.07 -33.26
C VAL E 252 -0.43 -41.29 -32.15
N LEU E 253 0.15 -40.20 -31.61
CA LEU E 253 1.16 -40.31 -30.57
C LEU E 253 0.57 -40.43 -29.17
N SER E 254 -0.76 -40.41 -29.02
CA SER E 254 -1.34 -40.36 -27.69
C SER E 254 -1.51 -41.73 -27.05
N GLN E 255 -1.74 -42.78 -27.80
CA GLN E 255 -1.90 -44.10 -27.23
C GLN E 255 -3.14 -44.10 -26.31
N THR E 256 -4.09 -43.30 -26.68
CA THR E 256 -5.36 -43.27 -25.97
C THR E 256 -6.34 -44.31 -26.50
N GLY E 257 -6.04 -44.96 -27.63
CA GLY E 257 -7.02 -45.80 -28.30
C GLY E 257 -7.92 -45.04 -29.26
N GLN E 258 -7.84 -43.72 -29.28
CA GLN E 258 -8.55 -42.89 -30.24
C GLN E 258 -10.02 -43.31 -30.33
N PRO E 259 -10.79 -43.17 -29.25
CA PRO E 259 -12.20 -43.60 -29.29
C PRO E 259 -13.05 -42.88 -30.32
N LEU E 260 -12.61 -41.72 -30.84
CA LEU E 260 -13.23 -41.02 -31.94
C LEU E 260 -12.22 -40.94 -33.08
N PRO E 261 -11.95 -42.08 -33.71
CA PRO E 261 -10.83 -42.14 -34.67
C PRO E 261 -11.10 -41.32 -35.93
N CYS E 262 -10.03 -41.12 -36.71
CA CYS E 262 -10.08 -40.46 -38.00
C CYS E 262 -10.48 -39.00 -37.85
N ALA E 263 -9.99 -38.37 -36.76
CA ALA E 263 -10.29 -36.97 -36.51
C ALA E 263 -9.79 -36.09 -37.65
N ASP E 264 -8.68 -36.46 -38.30
CA ASP E 264 -8.25 -35.68 -39.45
C ASP E 264 -9.26 -35.72 -40.59
N LEU E 265 -10.18 -36.67 -40.59
CA LEU E 265 -11.21 -36.60 -41.61
C LEU E 265 -12.47 -35.91 -41.10
N TRP E 266 -12.98 -36.32 -39.93
CA TRP E 266 -14.27 -35.77 -39.51
C TRP E 266 -14.15 -34.33 -38.97
N LEU E 267 -12.95 -33.91 -38.54
CA LEU E 267 -12.84 -32.48 -38.27
C LEU E 267 -12.96 -31.66 -39.55
N GLY E 268 -13.06 -32.30 -40.72
CA GLY E 268 -13.37 -31.56 -41.93
C GLY E 268 -14.85 -31.31 -42.18
N ASN E 269 -15.72 -31.88 -41.34
CA ASN E 269 -17.17 -31.81 -41.50
C ASN E 269 -17.74 -30.68 -40.64
N ALA E 270 -18.60 -29.86 -41.26
CA ALA E 270 -19.14 -28.68 -40.60
C ALA E 270 -19.97 -29.01 -39.36
N LYS E 271 -20.68 -30.14 -39.36
CA LYS E 271 -21.42 -30.54 -38.17
C LYS E 271 -20.50 -30.68 -36.96
N ALA E 272 -19.26 -31.17 -37.20
CA ALA E 272 -18.31 -31.37 -36.11
C ALA E 272 -17.83 -30.05 -35.54
N THR E 273 -17.37 -29.14 -36.41
CA THR E 273 -16.90 -27.83 -35.96
C THR E 273 -17.98 -27.03 -35.28
N SER E 274 -19.19 -27.10 -35.83
CA SER E 274 -20.29 -26.40 -35.19
C SER E 274 -20.55 -26.97 -33.80
N GLU E 275 -20.54 -28.30 -33.65
CA GLU E 275 -20.73 -28.88 -32.32
C GLU E 275 -19.61 -28.44 -31.37
N LEU E 276 -18.36 -28.42 -31.84
CA LEU E 276 -17.24 -28.06 -30.96
C LEU E 276 -17.24 -26.59 -30.59
N GLN E 277 -17.93 -25.72 -31.36
CA GLN E 277 -18.10 -24.33 -30.98
C GLN E 277 -18.67 -24.17 -29.57
N GLN E 278 -19.48 -25.14 -29.12
CA GLN E 278 -20.14 -25.08 -27.81
C GLN E 278 -19.20 -25.43 -26.67
N ALA E 279 -17.97 -25.84 -26.96
CA ALA E 279 -17.02 -26.15 -25.89
C ALA E 279 -16.56 -24.87 -25.20
N GLN E 280 -16.66 -24.85 -23.87
CA GLN E 280 -16.20 -23.70 -23.10
C GLN E 280 -14.76 -23.84 -22.62
N ILE E 281 -14.20 -25.05 -22.58
CA ILE E 281 -12.80 -25.23 -22.23
C ILE E 281 -12.24 -26.37 -23.07
N VAL E 282 -10.98 -26.23 -23.49
CA VAL E 282 -10.21 -27.30 -24.09
C VAL E 282 -9.05 -27.59 -23.15
N VAL E 283 -8.94 -28.85 -22.73
CA VAL E 283 -7.80 -29.34 -21.97
C VAL E 283 -7.00 -30.26 -22.90
N GLN E 284 -5.83 -29.77 -23.30
CA GLN E 284 -4.91 -30.54 -24.13
C GLN E 284 -3.84 -31.11 -23.22
N LEU E 285 -3.60 -32.41 -23.39
CA LEU E 285 -2.58 -33.14 -22.64
C LEU E 285 -1.57 -33.54 -23.71
N GLY E 286 -0.29 -33.31 -23.46
CA GLY E 286 0.70 -33.58 -24.48
C GLY E 286 0.66 -32.53 -25.58
N SER E 287 1.59 -32.65 -26.53
CA SER E 287 1.74 -31.63 -27.56
C SER E 287 2.19 -32.31 -28.86
N SER E 288 2.68 -31.50 -29.81
CA SER E 288 3.06 -31.98 -31.15
C SER E 288 1.90 -32.73 -31.83
N LEU E 289 0.78 -32.04 -32.00
CA LEU E 289 -0.39 -32.57 -32.69
C LEU E 289 -0.09 -32.80 -34.17
N THR E 290 -0.68 -33.84 -34.75
CA THR E 290 -0.22 -34.31 -36.05
C THR E 290 -1.05 -33.80 -37.24
N GLY E 291 -2.37 -33.99 -37.21
CA GLY E 291 -3.16 -33.77 -38.42
C GLY E 291 -3.42 -32.29 -38.72
N LYS E 292 -3.45 -31.99 -40.02
CA LYS E 292 -3.75 -30.63 -40.47
C LYS E 292 -5.14 -30.15 -40.03
N ARG E 293 -6.16 -31.01 -40.13
CA ARG E 293 -7.49 -30.56 -39.72
C ARG E 293 -7.55 -30.25 -38.23
N LEU E 294 -6.82 -31.01 -37.42
CA LEU E 294 -6.81 -30.76 -35.98
C LEU E 294 -6.04 -29.48 -35.66
N LEU E 295 -4.93 -29.23 -36.35
CA LEU E 295 -4.22 -27.95 -36.17
C LEU E 295 -5.07 -26.77 -36.65
N GLN E 296 -5.83 -26.94 -37.73
CA GLN E 296 -6.69 -25.85 -38.20
C GLN E 296 -7.83 -25.60 -37.22
N TRP E 297 -8.44 -26.67 -36.67
CA TRP E 297 -9.50 -26.47 -35.68
C TRP E 297 -8.94 -25.86 -34.40
N GLN E 298 -7.76 -26.32 -34.01
CA GLN E 298 -7.10 -25.80 -32.82
C GLN E 298 -6.79 -24.32 -32.98
N ALA E 299 -6.37 -23.93 -34.19
CA ALA E 299 -6.03 -22.53 -34.45
C ALA E 299 -7.27 -21.66 -34.50
N SER E 300 -8.42 -22.22 -34.91
CA SER E 300 -9.62 -21.41 -35.07
C SER E 300 -10.56 -21.45 -33.87
N CYS E 301 -10.40 -22.39 -32.93
CA CYS E 301 -11.39 -22.51 -31.86
C CYS E 301 -11.27 -21.39 -30.83
N GLU E 302 -12.38 -21.07 -30.20
CA GLU E 302 -12.48 -19.95 -29.26
C GLU E 302 -13.22 -20.38 -28.00
N PRO E 303 -12.68 -21.34 -27.23
CA PRO E 303 -13.24 -21.60 -25.92
C PRO E 303 -12.91 -20.44 -24.97
N GLU E 304 -13.59 -20.43 -23.83
CA GLU E 304 -13.22 -19.46 -22.80
C GLU E 304 -11.78 -19.67 -22.35
N GLU E 305 -11.37 -20.93 -22.18
CA GLU E 305 -10.01 -21.18 -21.76
C GLU E 305 -9.44 -22.35 -22.55
N TYR E 306 -8.15 -22.25 -22.84
CA TYR E 306 -7.39 -23.33 -23.46
C TYR E 306 -6.23 -23.70 -22.53
N TRP E 307 -6.22 -24.94 -22.04
CA TRP E 307 -5.16 -25.43 -21.14
C TRP E 307 -4.31 -26.45 -21.86
N ILE E 308 -2.97 -26.34 -21.73
CA ILE E 308 -2.06 -27.39 -22.19
C ILE E 308 -1.29 -27.93 -20.99
N VAL E 309 -1.43 -29.21 -20.73
CA VAL E 309 -0.73 -29.88 -19.65
C VAL E 309 0.37 -30.71 -20.29
N ASP E 310 1.60 -30.50 -19.85
CA ASP E 310 2.68 -31.33 -20.39
C ASP E 310 3.88 -31.25 -19.45
N ASP E 311 4.76 -32.24 -19.57
CA ASP E 311 5.94 -32.31 -18.71
C ASP E 311 7.09 -31.46 -19.22
N ILE E 312 6.91 -30.76 -20.34
CA ILE E 312 7.94 -29.91 -20.89
C ILE E 312 7.55 -28.45 -20.69
N GLU E 313 8.56 -27.60 -20.68
CA GLU E 313 8.42 -26.18 -20.44
C GLU E 313 8.11 -25.38 -21.71
N GLY E 314 7.67 -24.14 -21.48
CA GLY E 314 7.46 -23.20 -22.55
C GLY E 314 6.05 -23.23 -23.10
N ARG E 315 5.76 -22.27 -23.97
CA ARG E 315 4.46 -22.27 -24.62
C ARG E 315 4.38 -23.44 -25.62
N LEU E 316 3.21 -24.08 -25.67
CA LEU E 316 2.96 -25.17 -26.62
C LEU E 316 1.73 -24.98 -27.50
N ASP E 317 1.04 -23.84 -27.41
CA ASP E 317 -0.12 -23.53 -28.23
C ASP E 317 0.30 -22.56 -29.32
N PRO E 318 0.47 -23.00 -30.57
CA PRO E 318 0.86 -22.07 -31.65
C PRO E 318 -0.24 -21.10 -32.04
N ALA E 319 -1.42 -21.20 -31.43
CA ALA E 319 -2.48 -20.24 -31.69
C ALA E 319 -2.61 -19.20 -30.58
N HIS E 320 -1.81 -19.30 -29.52
CA HIS E 320 -1.72 -18.25 -28.51
C HIS E 320 -3.08 -17.96 -27.84
N HIS E 321 -3.83 -19.02 -27.52
CA HIS E 321 -5.12 -18.83 -26.87
C HIS E 321 -4.94 -18.28 -25.46
N ARG E 322 -5.96 -17.57 -25.02
CA ARG E 322 -6.11 -17.26 -23.62
C ARG E 322 -6.37 -18.56 -22.86
N GLY E 323 -5.60 -18.76 -21.79
CA GLY E 323 -5.66 -20.00 -21.07
C GLY E 323 -4.48 -20.21 -20.16
N ARG E 324 -4.02 -21.46 -20.07
CA ARG E 324 -3.04 -21.88 -19.08
C ARG E 324 -2.06 -22.86 -19.70
N ARG E 325 -0.83 -22.82 -19.28
CA ARG E 325 0.22 -23.71 -19.67
C ARG E 325 0.64 -24.31 -18.32
N LEU E 326 0.40 -25.58 -18.18
CA LEU E 326 0.56 -26.25 -16.88
C LEU E 326 1.64 -27.30 -17.04
N ILE E 327 2.71 -27.13 -16.27
CA ILE E 327 3.87 -28.00 -16.32
C ILE E 327 3.67 -29.09 -15.27
N ALA E 328 3.56 -30.35 -15.72
CA ALA E 328 3.34 -31.42 -14.77
C ALA E 328 3.50 -32.77 -15.47
N ASN E 329 3.89 -33.78 -14.68
CA ASN E 329 3.69 -35.14 -15.13
C ASN E 329 2.19 -35.37 -15.33
N ILE E 330 1.83 -35.91 -16.48
CA ILE E 330 0.43 -35.94 -16.87
C ILE E 330 -0.38 -36.79 -15.90
N ALA E 331 0.15 -37.95 -15.50
CA ALA E 331 -0.59 -38.84 -14.59
C ALA E 331 -0.81 -38.18 -13.23
N ASP E 332 0.24 -37.57 -12.67
CA ASP E 332 0.05 -36.80 -11.44
C ASP E 332 -0.92 -35.64 -11.65
N TRP E 333 -0.87 -34.96 -12.80
CA TRP E 333 -1.84 -33.88 -13.02
C TRP E 333 -3.28 -34.41 -13.00
N LEU E 334 -3.51 -35.57 -13.60
CA LEU E 334 -4.86 -36.14 -13.57
C LEU E 334 -5.27 -36.50 -12.15
N GLU E 335 -4.34 -37.04 -11.35
CA GLU E 335 -4.67 -37.33 -9.96
C GLU E 335 -4.96 -36.05 -9.18
N LEU E 336 -4.29 -34.95 -9.56
CA LEU E 336 -4.54 -33.69 -8.89
C LEU E 336 -5.83 -33.03 -9.34
N HIS E 337 -6.30 -33.35 -10.55
CA HIS E 337 -7.52 -32.77 -11.13
C HIS E 337 -8.45 -33.89 -11.58
N PRO E 338 -9.04 -34.60 -10.63
CA PRO E 338 -9.78 -35.82 -10.99
C PRO E 338 -11.09 -35.50 -11.70
N ALA E 339 -11.55 -36.48 -12.48
CA ALA E 339 -12.83 -36.33 -13.16
C ALA E 339 -13.95 -36.79 -12.25
N GLU E 340 -15.12 -36.16 -12.39
CA GLU E 340 -16.35 -36.66 -11.83
C GLU E 340 -17.30 -37.03 -12.95
N LYS E 341 -18.01 -38.15 -12.76
CA LYS E 341 -18.80 -38.76 -13.82
C LYS E 341 -19.93 -37.84 -14.24
N ARG E 342 -19.95 -37.45 -15.51
CA ARG E 342 -21.05 -36.67 -16.02
C ARG E 342 -21.42 -37.13 -17.40
N GLN E 343 -22.68 -36.97 -17.74
CA GLN E 343 -23.22 -37.46 -19.00
C GLN E 343 -22.57 -36.75 -20.18
N PRO E 344 -22.32 -37.45 -21.28
CA PRO E 344 -21.66 -36.82 -22.43
C PRO E 344 -22.54 -35.75 -23.08
N TRP E 345 -21.90 -34.70 -23.60
CA TRP E 345 -22.64 -33.61 -24.20
C TRP E 345 -22.60 -33.58 -25.72
N CYS E 346 -21.72 -34.35 -26.35
CA CYS E 346 -21.69 -34.39 -27.81
C CYS E 346 -22.74 -35.34 -28.33
N VAL E 347 -23.50 -34.90 -29.33
CA VAL E 347 -24.50 -35.75 -29.96
C VAL E 347 -24.12 -36.08 -31.41
N GLU E 348 -23.56 -35.11 -32.15
CA GLU E 348 -23.25 -35.37 -33.56
C GLU E 348 -21.91 -36.09 -33.77
N ILE E 349 -20.90 -35.75 -32.97
CA ILE E 349 -19.53 -36.20 -33.27
C ILE E 349 -19.35 -37.71 -33.20
N PRO E 350 -19.92 -38.44 -32.22
CA PRO E 350 -19.74 -39.92 -32.24
C PRO E 350 -20.21 -40.62 -33.50
N ARG E 351 -21.40 -40.30 -34.00
CA ARG E 351 -21.85 -40.94 -35.23
C ARG E 351 -20.95 -40.56 -36.38
N LEU E 352 -20.54 -39.29 -36.41
CA LEU E 352 -19.70 -38.81 -37.50
C LEU E 352 -18.35 -39.50 -37.52
N ALA E 353 -17.79 -39.79 -36.34
CA ALA E 353 -16.51 -40.47 -36.25
C ALA E 353 -16.61 -41.92 -36.68
N GLU E 354 -17.68 -42.61 -36.25
CA GLU E 354 -17.89 -43.97 -36.75
C GLU E 354 -18.04 -44.01 -38.27
N GLN E 355 -18.82 -43.09 -38.83
CA GLN E 355 -19.03 -43.04 -40.27
C GLN E 355 -17.73 -42.77 -41.03
N ALA E 356 -16.89 -41.85 -40.51
CA ALA E 356 -15.60 -41.56 -41.15
C ALA E 356 -14.72 -42.81 -41.19
N MET E 357 -14.61 -43.51 -40.05
CA MET E 357 -13.83 -44.76 -40.04
C MET E 357 -14.41 -45.78 -41.01
N GLN E 358 -15.74 -45.90 -41.08
CA GLN E 358 -16.34 -46.83 -42.04
C GLN E 358 -16.04 -46.43 -43.49
N ALA E 359 -15.94 -45.13 -43.77
CA ALA E 359 -15.50 -44.71 -45.10
C ALA E 359 -14.11 -45.21 -45.39
N VAL E 360 -13.24 -45.26 -44.36
CA VAL E 360 -11.90 -45.82 -44.59
C VAL E 360 -11.98 -47.34 -44.80
N ILE E 361 -12.78 -48.04 -43.98
CA ILE E 361 -12.89 -49.50 -44.09
C ILE E 361 -13.38 -49.91 -45.48
N ALA E 362 -14.28 -49.12 -46.07
CA ALA E 362 -14.75 -49.44 -47.42
C ALA E 362 -13.62 -49.46 -48.45
N ARG E 363 -12.48 -48.84 -48.13
CA ARG E 363 -11.38 -48.62 -49.07
C ARG E 363 -10.13 -49.40 -48.75
N ARG E 364 -10.21 -50.39 -47.88
CA ARG E 364 -9.05 -51.07 -47.35
C ARG E 364 -8.39 -52.04 -48.33
N ASP E 365 -9.08 -52.42 -49.40
CA ASP E 365 -8.64 -53.41 -50.37
C ASP E 365 -7.42 -53.15 -51.24
N ALA E 366 -7.28 -51.95 -51.75
CA ALA E 366 -6.14 -51.60 -52.61
C ALA E 366 -4.81 -51.75 -51.86
N PHE E 367 -3.80 -52.25 -52.56
CA PHE E 367 -2.49 -52.46 -51.97
C PHE E 367 -1.69 -51.16 -52.04
N GLY E 368 -2.07 -50.21 -51.17
CA GLY E 368 -1.51 -48.87 -51.20
C GLY E 368 -1.01 -48.43 -49.83
N GLU E 369 -0.38 -47.25 -49.80
CA GLU E 369 0.18 -46.79 -48.53
C GLU E 369 -0.91 -46.28 -47.59
N ALA E 370 -1.97 -45.68 -48.13
CA ALA E 370 -3.12 -45.32 -47.30
C ALA E 370 -3.69 -46.56 -46.61
N GLN E 371 -3.89 -47.63 -47.37
CA GLN E 371 -4.47 -48.85 -46.81
C GLN E 371 -3.53 -49.51 -45.83
N LEU E 372 -2.22 -49.55 -46.13
CA LEU E 372 -1.27 -50.05 -45.16
C LEU E 372 -1.36 -49.28 -43.85
N ALA E 373 -1.46 -47.95 -43.92
CA ALA E 373 -1.60 -47.14 -42.70
C ALA E 373 -2.89 -47.50 -41.96
N HIS E 374 -4.00 -47.67 -42.68
CA HIS E 374 -5.27 -48.01 -42.04
C HIS E 374 -5.22 -49.37 -41.34
N ARG E 375 -4.52 -50.33 -41.93
CA ARG E 375 -4.49 -51.72 -41.43
C ARG E 375 -3.32 -52.01 -40.49
N ILE E 376 -2.57 -50.98 -40.06
CA ILE E 376 -1.27 -51.21 -39.40
C ILE E 376 -1.43 -51.98 -38.08
N CYS E 377 -2.60 -51.88 -37.43
CA CYS E 377 -2.79 -52.60 -36.17
C CYS E 377 -2.67 -54.10 -36.39
N ASP E 378 -3.00 -54.59 -37.59
CA ASP E 378 -2.89 -56.02 -37.84
C ASP E 378 -1.46 -56.49 -37.89
N TYR E 379 -0.48 -55.58 -37.96
CA TYR E 379 0.92 -56.01 -38.06
C TYR E 379 1.73 -55.61 -36.84
N LEU E 380 1.11 -54.99 -35.84
CA LEU E 380 1.84 -54.60 -34.65
C LEU E 380 2.31 -55.83 -33.91
N PRO E 381 3.61 -55.94 -33.57
CA PRO E 381 4.11 -57.08 -32.81
C PRO E 381 3.55 -57.12 -31.39
N GLU E 382 3.23 -58.32 -30.91
CA GLU E 382 2.74 -58.46 -29.54
C GLU E 382 3.77 -57.96 -28.55
N GLN E 383 3.34 -57.15 -27.58
CA GLN E 383 4.25 -56.62 -26.57
C GLN E 383 5.44 -55.85 -27.15
N GLY E 384 5.22 -55.17 -28.28
CA GLY E 384 6.29 -54.44 -28.87
C GLY E 384 6.00 -52.97 -28.90
N GLN E 385 6.57 -52.35 -29.87
CA GLN E 385 6.44 -50.96 -30.07
C GLN E 385 6.45 -50.56 -31.56
N LEU E 386 5.97 -49.40 -31.77
CA LEU E 386 5.93 -48.81 -33.05
C LEU E 386 6.70 -47.51 -33.17
N PHE E 387 7.60 -47.46 -34.11
CA PHE E 387 8.25 -46.20 -34.45
C PHE E 387 7.71 -45.75 -35.80
N VAL E 388 7.06 -44.58 -35.81
CA VAL E 388 6.43 -44.07 -37.02
C VAL E 388 7.31 -42.95 -37.54
N GLY E 389 7.70 -43.07 -38.81
CA GLY E 389 8.49 -42.04 -39.46
C GLY E 389 7.69 -40.80 -39.69
N ASN E 390 8.32 -39.84 -40.36
CA ASN E 390 7.70 -38.56 -40.61
C ASN E 390 7.11 -38.51 -42.02
N SER E 391 6.63 -37.33 -42.43
CA SER E 391 5.97 -37.08 -43.72
C SER E 391 4.65 -37.87 -43.83
N LEU E 392 4.37 -38.55 -44.95
CA LEU E 392 3.02 -39.09 -45.13
C LEU E 392 2.70 -40.24 -44.19
N VAL E 393 3.69 -41.04 -43.80
CA VAL E 393 3.35 -42.25 -43.03
C VAL E 393 2.66 -41.88 -41.70
N VAL E 394 3.18 -40.88 -40.98
CA VAL E 394 2.57 -40.50 -39.71
C VAL E 394 1.21 -39.85 -39.93
N ARG E 395 1.05 -39.07 -41.01
CA ARG E 395 -0.26 -38.46 -41.23
C ARG E 395 -1.28 -39.51 -41.65
N LEU E 396 -0.89 -40.43 -42.51
CA LEU E 396 -1.83 -41.45 -42.95
C LEU E 396 -2.24 -42.36 -41.79
N ILE E 397 -1.27 -42.80 -40.97
CA ILE E 397 -1.66 -43.55 -39.79
C ILE E 397 -2.56 -42.71 -38.88
N ASP E 398 -2.23 -41.42 -38.71
CA ASP E 398 -3.04 -40.57 -37.84
C ASP E 398 -4.47 -40.42 -38.36
N ALA E 399 -4.65 -40.29 -39.68
CA ALA E 399 -5.99 -40.03 -40.21
C ALA E 399 -6.83 -41.31 -40.35
N LEU E 400 -6.20 -42.45 -40.64
CA LEU E 400 -6.94 -43.60 -41.14
C LEU E 400 -6.91 -44.82 -40.23
N SER E 401 -6.12 -44.83 -39.17
CA SER E 401 -5.96 -45.99 -38.31
C SER E 401 -6.48 -45.66 -36.91
N GLN E 402 -6.80 -46.70 -36.15
CA GLN E 402 -7.19 -46.58 -34.75
C GLN E 402 -6.22 -47.45 -33.94
N LEU E 403 -5.22 -46.85 -33.32
CA LEU E 403 -4.22 -47.64 -32.59
C LEU E 403 -4.74 -48.03 -31.21
N PRO E 404 -4.39 -49.21 -30.71
CA PRO E 404 -4.93 -49.66 -29.42
C PRO E 404 -4.36 -48.86 -28.27
N ALA E 405 -5.21 -48.63 -27.27
CA ALA E 405 -4.79 -47.86 -26.10
C ALA E 405 -3.61 -48.55 -25.42
N GLY E 406 -2.64 -47.76 -24.99
CA GLY E 406 -1.48 -48.25 -24.27
C GLY E 406 -0.43 -48.94 -25.11
N TYR E 407 -0.61 -49.01 -26.43
CA TYR E 407 0.41 -49.57 -27.30
C TYR E 407 1.48 -48.52 -27.58
N PRO E 408 2.73 -48.78 -27.23
CA PRO E 408 3.78 -47.74 -27.28
C PRO E 408 4.09 -47.29 -28.70
N VAL E 409 4.04 -45.96 -28.90
CA VAL E 409 4.37 -45.33 -30.16
C VAL E 409 5.48 -44.31 -29.91
N TYR E 410 6.50 -44.33 -30.75
CA TYR E 410 7.62 -43.41 -30.67
C TYR E 410 7.78 -42.74 -32.03
N SER E 411 8.39 -41.55 -31.99
CA SER E 411 8.52 -40.70 -33.16
C SER E 411 9.56 -39.63 -32.92
N ASN E 412 9.98 -38.98 -34.00
CA ASN E 412 10.81 -37.77 -33.94
C ASN E 412 9.98 -36.60 -34.48
N LYS E 413 8.96 -36.20 -33.71
CA LYS E 413 8.03 -35.15 -34.14
C LYS E 413 8.11 -33.92 -33.27
N GLY E 414 9.24 -33.69 -32.60
CA GLY E 414 9.61 -32.36 -32.16
C GLY E 414 9.82 -31.45 -33.35
N ALA E 415 10.88 -31.69 -34.12
CA ALA E 415 11.14 -30.92 -35.33
C ALA E 415 10.75 -31.67 -36.60
N SER E 416 10.33 -32.93 -36.49
CA SER E 416 9.84 -33.72 -37.61
C SER E 416 10.89 -33.87 -38.72
N GLY E 417 12.17 -33.93 -38.34
CA GLY E 417 13.20 -34.15 -39.32
C GLY E 417 13.11 -35.55 -39.88
N ILE E 418 13.48 -35.70 -41.15
CA ILE E 418 13.55 -37.01 -41.77
C ILE E 418 14.99 -37.54 -41.77
N ASP E 419 15.85 -37.00 -40.92
CA ASP E 419 17.28 -37.23 -41.09
C ASP E 419 17.86 -38.28 -40.15
N GLY E 420 17.14 -38.75 -39.15
CA GLY E 420 17.72 -39.76 -38.28
C GLY E 420 16.76 -40.84 -37.88
N LEU E 421 15.85 -41.20 -38.77
CA LEU E 421 14.74 -42.07 -38.39
C LEU E 421 15.19 -43.52 -38.20
N LEU E 422 16.10 -44.02 -39.04
CA LEU E 422 16.55 -45.41 -38.88
C LEU E 422 17.39 -45.57 -37.62
N SER E 423 18.32 -44.65 -37.38
CA SER E 423 19.15 -44.74 -36.18
C SER E 423 18.35 -44.44 -34.91
N THR E 424 17.37 -43.53 -34.98
CA THR E 424 16.52 -43.33 -33.81
C THR E 424 15.76 -44.61 -33.49
N ALA E 425 15.18 -45.26 -34.51
CA ALA E 425 14.47 -46.53 -34.28
C ALA E 425 15.40 -47.57 -33.70
N ALA E 426 16.65 -47.58 -34.16
CA ALA E 426 17.63 -48.52 -33.63
C ALA E 426 17.82 -48.31 -32.14
N GLY E 427 17.94 -47.05 -31.71
CA GLY E 427 18.04 -46.78 -30.28
C GLY E 427 16.78 -47.14 -29.51
N VAL E 428 15.60 -46.84 -30.07
CA VAL E 428 14.35 -47.24 -29.43
C VAL E 428 14.37 -48.73 -29.14
N GLN E 429 14.71 -49.52 -30.16
CA GLN E 429 14.70 -50.97 -30.00
C GLN E 429 15.72 -51.41 -28.96
N ARG E 430 16.93 -50.84 -28.99
CA ARG E 430 17.97 -51.27 -28.07
C ARG E 430 17.65 -50.87 -26.62
N ALA E 431 17.00 -49.73 -26.41
CA ALA E 431 16.63 -49.35 -25.04
C ALA E 431 15.60 -50.30 -24.47
N SER E 432 14.57 -50.66 -25.25
CA SER E 432 13.50 -51.45 -24.65
C SER E 432 13.73 -52.96 -24.71
N GLY E 433 14.49 -53.47 -25.66
CA GLY E 433 14.55 -54.90 -25.84
C GLY E 433 13.29 -55.50 -26.43
N LYS E 434 12.35 -54.69 -26.89
CA LYS E 434 11.08 -55.19 -27.40
C LYS E 434 11.11 -55.38 -28.91
N PRO E 435 10.28 -56.29 -29.45
CA PRO E 435 10.07 -56.32 -30.91
C PRO E 435 9.52 -54.98 -31.39
N THR E 436 9.99 -54.55 -32.56
CA THR E 436 9.75 -53.18 -33.04
C THR E 436 9.28 -53.17 -34.48
N LEU E 437 8.24 -52.38 -34.76
CA LEU E 437 7.83 -52.09 -36.12
C LEU E 437 8.15 -50.63 -36.42
N ALA E 438 9.03 -50.38 -37.39
CA ALA E 438 9.38 -49.04 -37.80
C ALA E 438 8.94 -48.84 -39.24
N ILE E 439 8.28 -47.72 -39.53
CA ILE E 439 7.74 -47.43 -40.86
C ILE E 439 8.27 -46.08 -41.29
N VAL E 440 8.95 -46.01 -42.43
CA VAL E 440 9.47 -44.73 -42.94
C VAL E 440 9.24 -44.67 -44.45
N GLY E 441 9.39 -43.44 -45.00
CA GLY E 441 9.34 -43.25 -46.44
C GLY E 441 10.70 -43.48 -47.12
N ASP E 442 10.69 -43.44 -48.45
CA ASP E 442 11.90 -43.78 -49.21
C ASP E 442 13.00 -42.73 -49.04
N LEU E 443 12.66 -41.44 -49.08
CA LEU E 443 13.69 -40.42 -48.86
C LEU E 443 14.23 -40.49 -47.42
N SER E 444 13.36 -40.79 -46.45
CA SER E 444 13.82 -40.95 -45.07
C SER E 444 14.82 -42.10 -44.95
N ALA E 445 14.56 -43.22 -45.64
CA ALA E 445 15.49 -44.33 -45.58
C ALA E 445 16.80 -44.01 -46.33
N LEU E 446 16.75 -43.29 -47.45
CA LEU E 446 18.03 -42.90 -48.07
C LEU E 446 18.82 -41.94 -47.19
N TYR E 447 18.13 -41.01 -46.54
CA TYR E 447 18.81 -40.04 -45.70
C TYR E 447 19.67 -40.72 -44.64
N ASP E 448 19.09 -41.68 -43.94
CA ASP E 448 19.80 -42.35 -42.86
C ASP E 448 20.24 -43.73 -43.29
N LEU E 449 20.65 -43.85 -44.56
CA LEU E 449 20.89 -45.17 -45.15
C LEU E 449 21.98 -45.95 -44.41
N ASN E 450 23.09 -45.30 -44.06
CA ASN E 450 24.16 -46.04 -43.42
C ASN E 450 23.79 -46.51 -42.01
N ALA E 451 22.67 -46.04 -41.46
CA ALA E 451 22.17 -46.58 -40.21
C ALA E 451 21.72 -48.03 -40.32
N LEU E 452 21.61 -48.59 -41.53
CA LEU E 452 21.44 -50.04 -41.61
C LEU E 452 22.56 -50.78 -40.89
N ALA E 453 23.76 -50.21 -40.81
CA ALA E 453 24.80 -50.89 -40.02
C ALA E 453 24.33 -51.11 -38.58
N LEU E 454 23.70 -50.09 -37.97
CA LEU E 454 23.21 -50.26 -36.61
C LEU E 454 22.14 -51.34 -36.52
N LEU E 455 21.33 -51.48 -37.57
CA LEU E 455 20.24 -52.43 -37.51
C LEU E 455 20.73 -53.85 -37.62
N ARG E 456 22.04 -54.08 -37.81
CA ARG E 456 22.52 -55.46 -37.72
C ARG E 456 22.62 -55.95 -36.30
N GLN E 457 22.44 -55.09 -35.30
CA GLN E 457 22.51 -55.53 -33.90
C GLN E 457 21.26 -55.03 -33.17
N VAL E 458 20.24 -55.87 -33.13
CA VAL E 458 19.01 -55.61 -32.40
C VAL E 458 18.81 -56.80 -31.48
N SER E 459 18.19 -56.56 -30.33
CA SER E 459 17.98 -57.61 -29.32
C SER E 459 16.65 -58.33 -29.48
N ALA E 460 15.83 -57.92 -30.45
CA ALA E 460 14.55 -58.53 -30.74
C ALA E 460 14.20 -58.19 -32.18
N PRO E 461 13.28 -58.91 -32.80
CA PRO E 461 12.97 -58.62 -34.21
C PRO E 461 12.56 -57.17 -34.39
N LEU E 462 13.08 -56.55 -35.44
CA LEU E 462 12.70 -55.22 -35.86
C LEU E 462 12.33 -55.36 -37.32
N VAL E 463 11.11 -54.95 -37.68
CA VAL E 463 10.71 -54.86 -39.08
C VAL E 463 10.81 -53.40 -39.48
N LEU E 464 11.58 -53.11 -40.52
CA LEU E 464 11.65 -51.78 -41.10
C LEU E 464 10.83 -51.81 -42.39
N ILE E 465 9.66 -51.18 -42.38
CA ILE E 465 8.87 -51.00 -43.59
C ILE E 465 9.32 -49.71 -44.24
N VAL E 466 9.74 -49.82 -45.50
CA VAL E 466 10.07 -48.68 -46.32
C VAL E 466 8.94 -48.55 -47.33
N VAL E 467 8.15 -47.48 -47.20
CA VAL E 467 7.13 -47.19 -48.19
C VAL E 467 7.81 -46.44 -49.33
N ASN E 468 7.97 -47.10 -50.49
CA ASN E 468 8.66 -46.52 -51.63
C ASN E 468 7.62 -46.01 -52.63
N ASN E 469 7.32 -44.71 -52.55
CA ASN E 469 6.43 -44.06 -53.51
C ASN E 469 7.21 -43.11 -54.43
N ASN E 470 8.53 -43.30 -54.51
CA ASN E 470 9.44 -42.59 -55.40
C ASN E 470 9.38 -41.07 -55.16
N GLY E 471 9.92 -40.65 -54.02
CA GLY E 471 10.04 -39.23 -53.74
C GLY E 471 9.29 -38.84 -52.48
N GLY E 472 9.30 -37.54 -52.18
CA GLY E 472 8.56 -37.00 -51.05
C GLY E 472 7.13 -36.66 -51.42
N GLN E 473 6.23 -37.67 -51.40
CA GLN E 473 4.87 -37.48 -51.91
C GLN E 473 4.00 -36.65 -50.96
N ILE E 474 4.51 -36.26 -49.81
CA ILE E 474 3.78 -35.23 -49.07
C ILE E 474 3.54 -33.98 -49.91
N PHE E 475 4.45 -33.68 -50.85
CA PHE E 475 4.33 -32.55 -51.77
C PHE E 475 3.41 -32.82 -52.97
N SER E 476 2.85 -34.02 -53.10
CA SER E 476 1.66 -34.20 -53.93
C SER E 476 0.37 -33.96 -53.15
N LEU E 477 0.44 -33.97 -51.82
CA LEU E 477 -0.73 -33.66 -51.02
C LEU E 477 -0.89 -32.16 -50.85
N LEU E 478 0.19 -31.45 -50.50
CA LEU E 478 0.17 -30.00 -50.44
C LEU E 478 0.06 -29.41 -51.85
N PRO E 479 -0.55 -28.15 -52.00
CA PRO E 479 -0.79 -27.58 -53.34
C PRO E 479 0.46 -26.95 -53.96
N THR E 480 1.52 -27.76 -54.10
CA THR E 480 2.75 -27.32 -54.76
C THR E 480 2.51 -27.05 -56.24
N PRO E 481 3.26 -26.12 -56.84
CA PRO E 481 3.08 -25.85 -58.27
C PRO E 481 3.51 -27.02 -59.13
N GLN E 482 2.70 -27.33 -60.14
CA GLN E 482 2.92 -28.55 -60.93
C GLN E 482 4.21 -28.48 -61.74
N SER E 483 4.54 -27.30 -62.28
CA SER E 483 5.69 -27.22 -63.17
C SER E 483 7.00 -27.55 -62.44
N GLU E 484 7.11 -27.10 -61.19
CA GLU E 484 8.33 -27.29 -60.40
C GLU E 484 8.27 -28.52 -59.50
N ARG E 485 7.12 -29.19 -59.41
CA ARG E 485 6.87 -30.15 -58.35
C ARG E 485 7.89 -31.27 -58.34
N GLU E 486 8.09 -31.93 -59.49
CA GLU E 486 8.95 -33.11 -59.54
C GLU E 486 10.41 -32.77 -59.29
N ARG E 487 10.95 -31.75 -59.97
CA ARG E 487 12.38 -31.48 -59.80
C ARG E 487 12.68 -30.89 -58.43
N PHE E 488 11.84 -29.99 -57.94
CA PHE E 488 12.18 -29.21 -56.76
C PHE E 488 11.44 -29.61 -55.49
N TYR E 489 10.46 -30.51 -55.58
CA TYR E 489 9.72 -30.97 -54.40
C TYR E 489 9.80 -32.47 -54.24
N LEU E 490 9.26 -33.26 -55.18
CA LEU E 490 9.24 -34.71 -55.00
C LEU E 490 10.63 -35.30 -54.98
N MET E 491 11.47 -34.86 -55.90
CA MET E 491 12.82 -35.40 -56.07
C MET E 491 12.86 -36.92 -56.06
N PRO E 492 12.20 -37.59 -57.02
CA PRO E 492 12.31 -39.05 -57.09
C PRO E 492 13.76 -39.46 -57.32
N GLN E 493 14.19 -40.49 -56.58
CA GLN E 493 15.51 -41.03 -56.69
C GLN E 493 15.55 -42.37 -57.41
N ASN E 494 14.38 -42.92 -57.76
CA ASN E 494 14.27 -44.12 -58.61
C ASN E 494 15.23 -45.23 -58.13
N VAL E 495 15.06 -45.64 -56.90
CA VAL E 495 15.91 -46.66 -56.30
C VAL E 495 14.99 -47.68 -55.65
N HIS E 496 15.54 -48.86 -55.35
CA HIS E 496 14.93 -49.84 -54.46
C HIS E 496 15.90 -50.13 -53.33
N PHE E 497 15.49 -50.94 -52.36
CA PHE E 497 16.34 -51.17 -51.19
C PHE E 497 16.81 -52.61 -51.02
N GLU E 498 16.66 -53.46 -52.03
CA GLU E 498 17.14 -54.84 -51.88
C GLU E 498 18.65 -54.87 -51.77
N HIS E 499 19.36 -54.04 -52.53
CA HIS E 499 20.81 -54.05 -52.45
C HIS E 499 21.29 -53.38 -51.19
N ALA E 500 20.55 -52.39 -50.68
CA ALA E 500 20.89 -51.82 -49.38
C ALA E 500 20.82 -52.91 -48.31
N ALA E 501 19.73 -53.69 -48.31
CA ALA E 501 19.59 -54.77 -47.34
C ALA E 501 20.70 -55.81 -47.51
N ALA E 502 21.00 -56.16 -48.76
CA ALA E 502 22.05 -57.15 -49.01
C ALA E 502 23.39 -56.65 -48.51
N MET E 503 23.66 -55.36 -48.66
CA MET E 503 24.97 -54.86 -48.24
C MET E 503 25.20 -55.09 -46.76
N PHE E 504 24.16 -54.97 -45.93
CA PHE E 504 24.29 -55.17 -44.49
C PHE E 504 23.73 -56.53 -44.04
N GLU E 505 23.62 -57.49 -44.97
CA GLU E 505 23.13 -58.85 -44.70
C GLU E 505 21.84 -58.84 -43.88
N LEU E 506 20.89 -58.01 -44.28
CA LEU E 506 19.58 -58.01 -43.65
C LEU E 506 18.59 -58.70 -44.57
N LYS E 507 17.70 -59.52 -43.98
CA LYS E 507 16.64 -60.15 -44.76
C LYS E 507 15.80 -59.07 -45.43
N TYR E 508 15.32 -59.36 -46.63
CA TYR E 508 14.63 -58.39 -47.47
C TYR E 508 13.40 -59.02 -48.08
N HIS E 509 12.29 -58.29 -48.10
CA HIS E 509 11.12 -58.75 -48.82
C HIS E 509 10.50 -57.59 -49.58
N ARG E 510 9.91 -57.92 -50.73
CA ARG E 510 9.26 -56.95 -51.61
C ARG E 510 7.89 -57.54 -51.93
N PRO E 511 6.93 -57.40 -51.01
CA PRO E 511 5.64 -58.09 -51.19
C PRO E 511 4.81 -57.43 -52.27
N GLN E 512 4.04 -58.25 -52.97
CA GLN E 512 3.25 -57.74 -54.08
C GLN E 512 1.78 -57.64 -53.74
N ASN E 513 1.35 -58.20 -52.61
CA ASN E 513 -0.05 -58.22 -52.21
C ASN E 513 -0.14 -58.47 -50.72
N TRP E 514 -1.37 -58.51 -50.19
CA TRP E 514 -1.58 -58.61 -48.75
C TRP E 514 -1.06 -59.93 -48.18
N GLN E 515 -1.26 -61.04 -48.89
CA GLN E 515 -0.79 -62.36 -48.43
C GLN E 515 0.73 -62.40 -48.32
N GLU E 516 1.42 -61.83 -49.31
CA GLU E 516 2.88 -61.80 -49.27
C GLU E 516 3.37 -60.90 -48.14
N LEU E 517 2.65 -59.81 -47.87
CA LEU E 517 3.03 -58.98 -46.74
C LEU E 517 2.85 -59.76 -45.43
N GLU E 518 1.77 -60.56 -45.34
CA GLU E 518 1.54 -61.34 -44.13
C GLU E 518 2.61 -62.41 -43.95
N THR E 519 3.01 -63.06 -45.04
CA THR E 519 4.09 -64.04 -45.01
C THR E 519 5.42 -63.41 -44.59
N ALA E 520 5.75 -62.27 -45.17
CA ALA E 520 6.98 -61.59 -44.78
C ALA E 520 6.99 -61.27 -43.29
N PHE E 521 5.88 -60.72 -42.77
CA PHE E 521 5.81 -60.42 -41.34
C PHE E 521 5.96 -61.68 -40.48
N ALA E 522 5.29 -62.77 -40.85
CA ALA E 522 5.42 -64.00 -40.08
C ALA E 522 6.87 -64.48 -40.05
N ASP E 523 7.57 -64.31 -41.17
CA ASP E 523 8.96 -64.71 -41.27
C ASP E 523 9.93 -63.74 -40.56
N ALA E 524 9.51 -62.50 -40.37
CA ALA E 524 10.34 -61.49 -39.73
C ALA E 524 10.28 -61.57 -38.21
N TRP E 525 9.12 -61.93 -37.62
CA TRP E 525 9.04 -61.92 -36.16
C TRP E 525 9.73 -63.12 -35.50
N ARG E 526 10.39 -64.01 -36.25
CA ARG E 526 10.88 -65.28 -35.70
C ARG E 526 12.32 -65.23 -35.21
N THR E 527 13.10 -64.23 -35.63
CA THR E 527 14.49 -64.03 -35.24
C THR E 527 14.66 -62.66 -34.62
N PRO E 528 15.62 -62.51 -33.66
CA PRO E 528 16.00 -61.17 -33.18
C PRO E 528 16.91 -60.45 -34.18
N THR E 529 16.36 -60.14 -35.36
CA THR E 529 17.12 -59.47 -36.42
C THR E 529 16.22 -58.42 -37.07
N THR E 530 16.84 -57.55 -37.86
CA THR E 530 16.12 -56.58 -38.64
C THR E 530 15.77 -57.20 -39.99
N THR E 531 14.50 -57.10 -40.38
CA THR E 531 14.05 -57.48 -41.71
C THR E 531 13.57 -56.22 -42.40
N VAL E 532 14.02 -56.01 -43.63
CA VAL E 532 13.57 -54.85 -44.42
C VAL E 532 12.46 -55.33 -45.33
N ILE E 533 11.29 -54.69 -45.22
CA ILE E 533 10.15 -54.96 -46.08
C ILE E 533 9.91 -53.69 -46.91
N GLU E 534 10.11 -53.77 -48.23
CA GLU E 534 9.91 -52.63 -49.10
C GLU E 534 8.53 -52.75 -49.74
N MET E 535 7.68 -51.76 -49.50
CA MET E 535 6.36 -51.73 -50.13
C MET E 535 6.38 -50.70 -51.24
N VAL E 536 6.38 -51.16 -52.49
CA VAL E 536 6.41 -50.26 -53.64
C VAL E 536 4.97 -49.91 -54.02
N VAL E 537 4.67 -48.62 -54.12
CA VAL E 537 3.32 -48.17 -54.46
C VAL E 537 3.41 -47.09 -55.53
N ASN E 538 2.27 -46.84 -56.18
CA ASN E 538 2.23 -45.81 -57.21
C ASN E 538 2.33 -44.46 -56.54
N ASP E 539 3.13 -43.57 -57.14
CA ASP E 539 3.58 -42.37 -56.46
C ASP E 539 2.50 -41.65 -55.67
N THR E 540 1.42 -41.21 -56.33
CA THR E 540 0.48 -40.29 -55.72
C THR E 540 -0.81 -40.92 -55.20
N ASP E 541 -0.91 -42.25 -55.20
CA ASP E 541 -2.16 -42.87 -54.77
C ASP E 541 -2.48 -42.53 -53.31
N GLY E 542 -1.47 -42.52 -52.44
CA GLY E 542 -1.74 -42.29 -51.03
C GLY E 542 -2.34 -40.92 -50.78
N ALA E 543 -1.68 -39.87 -51.29
CA ALA E 543 -2.16 -38.50 -51.10
C ALA E 543 -3.54 -38.31 -51.72
N GLN E 544 -3.74 -38.85 -52.92
CA GLN E 544 -5.04 -38.76 -53.57
C GLN E 544 -6.13 -39.46 -52.75
N THR E 545 -5.84 -40.66 -52.24
CA THR E 545 -6.81 -41.36 -51.40
C THR E 545 -7.16 -40.54 -50.16
N LEU E 546 -6.16 -39.91 -49.53
CA LEU E 546 -6.48 -39.09 -48.36
C LEU E 546 -7.36 -37.92 -48.75
N GLN E 547 -7.05 -37.24 -49.87
CA GLN E 547 -7.86 -36.11 -50.30
C GLN E 547 -9.30 -36.55 -50.60
N GLN E 548 -9.48 -37.69 -51.27
CA GLN E 548 -10.81 -38.20 -51.54
C GLN E 548 -11.57 -38.53 -50.25
N LEU E 549 -10.88 -39.11 -49.26
CA LEU E 549 -11.55 -39.43 -48.00
C LEU E 549 -11.95 -38.18 -47.24
N LEU E 550 -11.10 -37.15 -47.34
CA LEU E 550 -11.38 -35.86 -46.71
C LEU E 550 -12.63 -35.23 -47.35
N ALA E 551 -12.73 -35.31 -48.68
CA ALA E 551 -13.92 -34.81 -49.37
C ALA E 551 -15.17 -35.62 -49.01
N GLN E 552 -15.10 -36.95 -49.11
CA GLN E 552 -16.27 -37.79 -48.84
C GLN E 552 -16.80 -37.57 -47.43
N VAL E 553 -15.88 -37.58 -46.45
CA VAL E 553 -16.33 -37.44 -45.07
C VAL E 553 -16.84 -36.02 -44.81
N SER E 554 -16.34 -35.02 -45.55
CA SER E 554 -16.84 -33.66 -45.32
C SER E 554 -18.32 -33.49 -45.73
N HIS E 555 -18.85 -34.39 -46.56
CA HIS E 555 -20.24 -34.30 -46.97
C HIS E 555 -21.18 -35.19 -46.14
N LEU E 556 -20.68 -35.85 -45.12
CA LEU E 556 -21.53 -36.72 -44.34
C LEU E 556 -22.47 -35.82 -43.54
N MET F 1 -35.00 -8.86 56.59
CA MET F 1 -34.44 -7.94 55.60
C MET F 1 -34.64 -6.47 56.00
N SER F 2 -33.60 -5.91 56.62
CA SER F 2 -33.58 -4.56 57.13
C SER F 2 -33.03 -3.61 56.08
N VAL F 3 -33.84 -2.66 55.62
CA VAL F 3 -33.38 -1.73 54.59
C VAL F 3 -32.27 -0.82 55.15
N SER F 4 -32.38 -0.38 56.40
CA SER F 4 -31.36 0.50 56.96
C SER F 4 -30.02 -0.22 57.11
N ALA F 5 -30.05 -1.46 57.58
CA ALA F 5 -28.82 -2.24 57.72
C ALA F 5 -28.19 -2.51 56.36
N PHE F 6 -28.99 -2.82 55.35
CA PHE F 6 -28.37 -3.10 54.07
C PHE F 6 -27.81 -1.83 53.44
N ASN F 7 -28.54 -0.71 53.57
CA ASN F 7 -27.99 0.56 53.14
C ASN F 7 -26.59 0.79 53.68
N ARG F 8 -26.42 0.47 54.97
CA ARG F 8 -25.14 0.60 55.65
C ARG F 8 -24.06 -0.32 55.07
N ARG F 9 -24.45 -1.56 54.75
CA ARG F 9 -23.48 -2.51 54.17
C ARG F 9 -23.03 -2.11 52.76
N TRP F 10 -23.96 -1.67 51.92
CA TRP F 10 -23.63 -1.11 50.62
C TRP F 10 -22.67 0.07 50.76
N ALA F 11 -23.01 1.03 51.63
CA ALA F 11 -22.13 2.17 51.83
C ALA F 11 -20.76 1.74 52.34
N ALA F 12 -20.74 0.76 53.27
CA ALA F 12 -19.47 0.28 53.81
C ALA F 12 -18.59 -0.33 52.71
N VAL F 13 -19.21 -1.00 51.73
CA VAL F 13 -18.40 -1.48 50.60
C VAL F 13 -17.81 -0.31 49.80
N ILE F 14 -18.62 0.74 49.55
CA ILE F 14 -18.10 1.90 48.82
C ILE F 14 -16.90 2.50 49.54
N LEU F 15 -17.09 2.83 50.83
CA LEU F 15 -16.05 3.54 51.58
C LEU F 15 -14.79 2.68 51.73
N GLU F 16 -14.95 1.39 52.07
CA GLU F 16 -13.77 0.52 52.18
C GLU F 16 -13.04 0.44 50.84
N ALA F 17 -13.78 0.36 49.72
CA ALA F 17 -13.11 0.33 48.43
C ALA F 17 -12.29 1.60 48.20
N LEU F 18 -12.81 2.76 48.63
CA LEU F 18 -12.04 4.00 48.46
C LEU F 18 -10.73 3.96 49.22
N THR F 19 -10.71 3.34 50.41
CA THR F 19 -9.43 3.29 51.13
C THR F 19 -8.33 2.60 50.35
N ARG F 20 -8.68 1.71 49.41
CA ARG F 20 -7.66 1.00 48.63
C ARG F 20 -7.05 1.82 47.52
N HIS F 21 -7.54 3.04 47.26
CA HIS F 21 -6.93 3.88 46.24
C HIS F 21 -6.31 5.12 46.87
N GLY F 22 -5.97 5.05 48.16
CA GLY F 22 -5.26 6.10 48.86
C GLY F 22 -6.13 7.14 49.54
N VAL F 23 -7.45 6.98 49.54
CA VAL F 23 -8.32 7.94 50.22
C VAL F 23 -8.13 7.83 51.72
N ARG F 24 -7.62 8.91 52.33
CA ARG F 24 -7.46 9.07 53.77
C ARG F 24 -8.33 10.17 54.33
N HIS F 25 -8.35 11.35 53.70
CA HIS F 25 -9.15 12.48 54.18
C HIS F 25 -10.57 12.36 53.64
N ILE F 26 -11.55 12.56 54.50
CA ILE F 26 -12.94 12.57 54.07
C ILE F 26 -13.62 13.77 54.72
N CYS F 27 -14.29 14.58 53.89
CA CYS F 27 -14.96 15.80 54.33
C CYS F 27 -16.47 15.56 54.31
N ILE F 28 -17.13 15.85 55.45
CA ILE F 28 -18.49 15.43 55.71
C ILE F 28 -19.33 16.65 56.08
N ALA F 29 -20.47 16.81 55.41
CA ALA F 29 -21.43 17.85 55.80
C ALA F 29 -22.68 17.19 56.39
N PRO F 30 -23.44 17.90 57.23
CA PRO F 30 -24.55 17.24 57.93
C PRO F 30 -25.74 16.95 57.03
N GLY F 31 -26.45 15.88 57.37
CA GLY F 31 -27.63 15.53 56.61
C GLY F 31 -28.23 14.25 57.13
N SER F 32 -29.43 13.95 56.60
CA SER F 32 -30.11 12.72 56.93
C SER F 32 -29.94 11.66 55.84
N ARG F 33 -30.18 12.01 54.58
CA ARG F 33 -30.04 11.03 53.49
C ARG F 33 -28.61 10.52 53.37
N SER F 34 -27.62 11.28 53.84
CA SER F 34 -26.24 10.82 53.73
C SER F 34 -25.86 9.83 54.82
N THR F 35 -26.79 9.55 55.76
CA THR F 35 -26.55 8.69 56.91
C THR F 35 -25.81 7.39 56.61
N PRO F 36 -26.22 6.56 55.62
CA PRO F 36 -25.45 5.33 55.35
C PRO F 36 -23.98 5.60 55.06
N LEU F 37 -23.70 6.62 54.23
CA LEU F 37 -22.32 6.98 53.92
C LEU F 37 -21.61 7.51 55.17
N THR F 38 -22.24 8.44 55.87
CA THR F 38 -21.59 9.09 57.01
C THR F 38 -21.26 8.10 58.12
N LEU F 39 -22.20 7.21 58.45
CA LEU F 39 -21.95 6.19 59.47
C LEU F 39 -20.94 5.14 59.01
N ALA F 40 -20.99 4.72 57.73
CA ALA F 40 -19.93 3.85 57.23
C ALA F 40 -18.55 4.52 57.36
N ALA F 41 -18.48 5.82 57.09
CA ALA F 41 -17.20 6.54 57.18
C ALA F 41 -16.76 6.71 58.63
N ALA F 42 -17.70 6.99 59.53
CA ALA F 42 -17.35 7.18 60.94
C ALA F 42 -16.81 5.89 61.53
N GLU F 43 -17.31 4.74 61.06
CA GLU F 43 -16.82 3.47 61.57
C GLU F 43 -15.49 3.04 60.96
N ASN F 44 -15.02 3.70 59.92
CA ASN F 44 -13.83 3.23 59.23
C ASN F 44 -12.62 3.96 59.80
N SER F 45 -11.72 3.21 60.44
CA SER F 45 -10.56 3.76 61.12
C SER F 45 -9.51 4.28 60.14
N ALA F 46 -9.64 4.00 58.84
CA ALA F 46 -8.64 4.48 57.92
C ALA F 46 -8.70 5.98 57.71
N PHE F 47 -9.79 6.64 58.10
CA PHE F 47 -10.07 7.99 57.64
C PHE F 47 -9.70 9.02 58.70
N ILE F 48 -9.28 10.18 58.20
CA ILE F 48 -9.32 11.43 58.95
C ILE F 48 -10.59 12.16 58.53
N HIS F 49 -11.42 12.51 59.50
CA HIS F 49 -12.72 13.11 59.19
C HIS F 49 -12.65 14.61 59.43
N HIS F 50 -13.11 15.38 58.45
CA HIS F 50 -13.25 16.81 58.57
C HIS F 50 -14.71 17.14 58.39
N THR F 51 -15.21 18.13 59.13
CA THR F 51 -16.62 18.51 59.02
C THR F 51 -16.71 20.01 58.79
N HIS F 52 -17.77 20.40 58.08
CA HIS F 52 -18.11 21.80 57.87
C HIS F 52 -19.59 21.85 57.48
N PHE F 53 -20.23 22.98 57.76
CA PHE F 53 -21.65 23.18 57.53
C PHE F 53 -21.94 23.79 56.16
N ASP F 54 -20.95 24.36 55.49
CA ASP F 54 -21.15 24.95 54.17
C ASP F 54 -20.50 24.03 53.14
N GLU F 55 -21.33 23.44 52.26
CA GLU F 55 -20.82 22.45 51.32
C GLU F 55 -19.91 23.07 50.28
N ARG F 56 -20.08 24.36 49.98
CA ARG F 56 -19.13 25.03 49.09
C ARG F 56 -17.75 25.13 49.73
N GLY F 57 -17.70 25.59 50.99
CA GLY F 57 -16.45 25.56 51.72
C GLY F 57 -15.94 24.15 51.93
N LEU F 58 -16.87 23.21 52.10
CA LEU F 58 -16.52 21.80 52.30
C LEU F 58 -15.80 21.27 51.07
N GLY F 59 -16.31 21.62 49.89
CA GLY F 59 -15.65 21.26 48.64
C GLY F 59 -14.27 21.87 48.49
N HIS F 60 -14.11 23.14 48.91
CA HIS F 60 -12.79 23.76 48.81
C HIS F 60 -11.80 23.27 49.87
N LEU F 61 -12.28 22.90 51.05
CA LEU F 61 -11.40 22.28 52.04
C LEU F 61 -10.83 20.98 51.47
N ALA F 62 -11.70 20.16 50.87
CA ALA F 62 -11.26 18.93 50.21
C ALA F 62 -10.27 19.21 49.08
N LEU F 63 -10.54 20.28 48.30
CA LEU F 63 -9.58 20.68 47.26
C LEU F 63 -8.23 21.05 47.87
N GLY F 64 -8.21 21.76 49.00
CA GLY F 64 -6.93 22.11 49.61
C GLY F 64 -6.18 20.88 50.11
N LEU F 65 -6.91 19.96 50.77
CA LEU F 65 -6.32 18.71 51.23
C LEU F 65 -5.71 17.92 50.08
N ALA F 66 -6.47 17.75 48.98
CA ALA F 66 -6.00 16.97 47.84
C ALA F 66 -4.82 17.66 47.17
N LYS F 67 -4.86 18.98 47.12
CA LYS F 67 -3.81 19.80 46.52
C LYS F 67 -2.47 19.57 47.21
N VAL F 68 -2.45 19.57 48.48
CA VAL F 68 -1.28 19.29 49.25
C VAL F 68 -0.82 17.81 49.32
N SER F 69 -1.76 16.93 49.60
CA SER F 69 -1.58 15.51 49.74
C SER F 69 -1.25 14.71 48.50
N LYS F 70 -1.71 15.18 47.35
CA LYS F 70 -1.52 14.45 46.09
C LYS F 70 -2.23 13.09 46.13
N GLN F 71 -3.39 13.04 46.77
CA GLN F 71 -4.20 11.83 46.92
C GLN F 71 -5.65 12.14 46.72
N PRO F 72 -6.43 11.18 46.26
CA PRO F 72 -7.86 11.39 46.15
C PRO F 72 -8.44 11.64 47.54
N VAL F 73 -9.29 12.62 47.59
CA VAL F 73 -9.91 13.04 48.84
C VAL F 73 -11.41 12.90 48.65
N ALA F 74 -12.07 12.27 49.62
CA ALA F 74 -13.49 12.01 49.51
C ALA F 74 -14.30 13.10 50.20
N VAL F 75 -15.53 13.27 49.70
CA VAL F 75 -16.50 14.25 50.19
C VAL F 75 -17.83 13.52 50.33
N ILE F 76 -18.50 13.74 51.44
CA ILE F 76 -19.84 13.17 51.64
C ILE F 76 -20.81 14.32 51.83
N VAL F 77 -21.89 14.27 51.05
CA VAL F 77 -22.91 15.33 51.11
C VAL F 77 -24.31 14.73 51.02
N THR F 78 -25.27 15.44 51.62
CA THR F 78 -26.66 14.98 51.57
C THR F 78 -27.29 15.39 50.24
N SER F 79 -28.54 14.96 50.03
CA SER F 79 -29.21 15.22 48.76
C SER F 79 -29.69 16.67 48.66
N GLY F 80 -29.88 17.15 47.43
CA GLY F 80 -30.41 18.49 47.19
C GLY F 80 -29.37 19.54 46.81
N THR F 81 -29.62 20.81 47.20
CA THR F 81 -28.70 21.90 46.87
C THR F 81 -27.32 21.73 47.55
N ALA F 82 -27.22 20.90 48.58
CA ALA F 82 -25.91 20.55 49.11
C ALA F 82 -24.99 20.03 48.01
N VAL F 83 -25.51 19.18 47.12
CA VAL F 83 -24.70 18.65 46.01
C VAL F 83 -24.27 19.77 45.09
N ALA F 84 -25.21 20.69 44.76
CA ALA F 84 -24.90 21.78 43.85
C ALA F 84 -23.81 22.70 44.41
N ASN F 85 -23.73 22.85 45.73
CA ASN F 85 -22.67 23.69 46.28
C ASN F 85 -21.28 23.13 46.04
N LEU F 86 -21.16 21.85 45.68
CA LEU F 86 -19.86 21.27 45.39
C LEU F 86 -19.29 21.69 44.04
N TYR F 87 -20.11 22.33 43.17
CA TYR F 87 -19.72 22.57 41.78
C TYR F 87 -18.44 23.39 41.65
N PRO F 88 -18.26 24.51 42.35
CA PRO F 88 -17.01 25.28 42.14
C PRO F 88 -15.73 24.49 42.39
N ALA F 89 -15.61 23.80 43.53
CA ALA F 89 -14.40 23.02 43.77
C ALA F 89 -14.25 21.87 42.77
N LEU F 90 -15.35 21.29 42.32
CA LEU F 90 -15.23 20.24 41.32
C LEU F 90 -14.67 20.79 40.02
N ILE F 91 -15.17 21.96 39.58
CA ILE F 91 -14.67 22.59 38.37
C ILE F 91 -13.17 22.88 38.47
N GLU F 92 -12.77 23.49 39.60
CA GLU F 92 -11.35 23.78 39.79
C GLU F 92 -10.55 22.50 39.76
N ALA F 93 -11.06 21.42 40.41
CA ALA F 93 -10.33 20.15 40.37
C ALA F 93 -10.16 19.63 38.95
N GLY F 94 -11.18 19.81 38.11
CA GLY F 94 -11.04 19.45 36.70
C GLY F 94 -10.00 20.29 35.97
N LEU F 95 -9.76 21.51 36.44
CA LEU F 95 -8.74 22.27 35.72
C LEU F 95 -7.31 21.99 36.23
N THR F 96 -7.11 21.82 37.54
CA THR F 96 -5.75 21.66 38.07
C THR F 96 -5.42 20.25 38.49
N GLY F 97 -6.39 19.33 38.49
CA GLY F 97 -6.05 17.92 38.55
C GLY F 97 -6.32 17.23 39.84
N GLU F 98 -6.70 17.95 40.91
CA GLU F 98 -7.04 17.33 42.18
C GLU F 98 -8.12 16.26 42.03
N LYS F 99 -7.92 15.14 42.72
CA LYS F 99 -8.83 14.02 42.65
C LYS F 99 -9.80 14.16 43.81
N LEU F 100 -10.98 14.71 43.56
CA LEU F 100 -12.04 14.80 44.55
C LEU F 100 -13.12 13.74 44.23
N ILE F 101 -13.42 12.89 45.21
CA ILE F 101 -14.41 11.83 45.04
C ILE F 101 -15.66 12.33 45.72
N LEU F 102 -16.67 12.75 44.94
CA LEU F 102 -17.88 13.33 45.49
C LEU F 102 -18.92 12.23 45.66
N LEU F 103 -19.15 11.82 46.92
CA LEU F 103 -20.20 10.86 47.29
C LEU F 103 -21.44 11.66 47.69
N THR F 104 -22.38 11.77 46.74
CA THR F 104 -23.58 12.59 46.91
C THR F 104 -24.78 11.68 47.20
N ALA F 105 -25.26 11.73 48.42
CA ALA F 105 -26.44 10.96 48.77
C ALA F 105 -27.64 11.45 47.96
N ASP F 106 -28.54 10.53 47.63
CA ASP F 106 -29.71 10.85 46.84
C ASP F 106 -30.91 10.08 47.37
N ARG F 107 -32.08 10.65 47.11
CA ARG F 107 -33.34 9.94 47.21
C ARG F 107 -33.35 8.77 46.21
N PRO F 108 -34.12 7.73 46.49
CA PRO F 108 -34.26 6.62 45.54
C PRO F 108 -35.01 7.09 44.31
N PRO F 109 -34.97 6.30 43.22
CA PRO F 109 -35.65 6.74 41.99
C PRO F 109 -37.15 6.93 42.18
N GLU F 110 -37.80 6.19 43.10
CA GLU F 110 -39.25 6.34 43.27
C GLU F 110 -39.65 7.67 43.88
N LEU F 111 -38.71 8.51 44.31
CA LEU F 111 -39.01 9.80 44.92
C LEU F 111 -38.42 10.97 44.14
N ILE F 112 -38.02 10.78 42.91
CA ILE F 112 -37.54 11.88 42.06
C ILE F 112 -38.71 12.38 41.21
N ASP F 113 -38.76 13.70 40.97
CA ASP F 113 -39.73 14.32 40.09
C ASP F 113 -41.18 14.12 40.52
N CYS F 114 -41.44 14.09 41.83
CA CYS F 114 -42.82 13.89 42.29
C CYS F 114 -43.18 14.75 43.50
N GLY F 115 -42.48 15.86 43.69
CA GLY F 115 -42.78 16.78 44.78
C GLY F 115 -42.30 16.37 46.15
N ALA F 116 -41.42 15.35 46.25
CA ALA F 116 -40.82 14.97 47.53
C ALA F 116 -39.85 16.04 48.03
N ASN F 117 -39.64 16.05 49.32
CA ASN F 117 -38.75 17.01 49.96
C ASN F 117 -37.27 16.83 49.68
N GLN F 118 -36.62 17.91 49.30
CA GLN F 118 -35.16 17.88 49.16
C GLN F 118 -34.73 16.77 48.20
N ALA F 119 -35.54 16.56 47.17
CA ALA F 119 -35.27 15.59 46.12
C ALA F 119 -35.16 16.33 44.80
N ILE F 120 -34.00 16.20 44.13
CA ILE F 120 -33.72 16.81 42.84
C ILE F 120 -33.09 15.74 41.95
N ARG F 121 -32.97 16.07 40.66
CA ARG F 121 -32.34 15.18 39.69
C ARG F 121 -30.84 15.33 39.81
N GLN F 122 -30.16 14.29 40.26
CA GLN F 122 -28.74 14.42 40.56
C GLN F 122 -27.80 13.75 39.55
N PRO F 123 -28.11 12.58 38.99
CA PRO F 123 -27.26 12.05 37.92
C PRO F 123 -27.10 13.09 36.82
N GLY F 124 -25.85 13.26 36.38
CA GLY F 124 -25.45 14.18 35.35
C GLY F 124 -25.41 15.65 35.74
N MET F 125 -25.68 16.02 36.99
CA MET F 125 -25.87 17.44 37.32
C MET F 125 -24.58 18.23 37.24
N PHE F 126 -23.42 17.57 37.20
CA PHE F 126 -22.16 18.27 37.00
C PHE F 126 -21.69 18.22 35.54
N ALA F 127 -22.56 17.83 34.60
CA ALA F 127 -22.30 17.88 33.14
C ALA F 127 -20.94 17.20 32.88
N SER F 128 -20.03 17.83 32.14
CA SER F 128 -18.79 17.20 31.71
C SER F 128 -17.61 17.50 32.62
N HIS F 129 -17.85 18.14 33.77
CA HIS F 129 -16.75 18.60 34.60
C HIS F 129 -16.09 17.48 35.42
N PRO F 130 -16.80 16.46 35.90
CA PRO F 130 -16.10 15.31 36.48
C PRO F 130 -15.34 14.55 35.43
N THR F 131 -14.20 13.99 35.84
CA THR F 131 -13.50 13.06 34.96
C THR F 131 -14.30 11.78 34.77
N HIS F 132 -14.88 11.20 35.85
CA HIS F 132 -15.80 10.06 35.77
C HIS F 132 -17.09 10.38 36.53
N SER F 133 -18.20 9.81 36.06
CA SER F 133 -19.49 9.90 36.75
C SER F 133 -20.05 8.50 36.93
N ILE F 134 -20.45 8.17 38.15
CA ILE F 134 -21.12 6.91 38.45
C ILE F 134 -22.50 7.24 39.04
N SER F 135 -23.55 6.73 38.43
CA SER F 135 -24.89 6.81 39.00
C SER F 135 -25.21 5.45 39.57
N LEU F 136 -24.98 5.27 40.86
CA LEU F 136 -25.21 3.97 41.46
C LEU F 136 -26.70 3.64 41.44
N PRO F 137 -27.06 2.38 41.28
CA PRO F 137 -28.47 1.99 41.29
C PRO F 137 -29.00 1.94 42.71
N ARG F 138 -30.31 1.84 42.81
CA ARG F 138 -30.96 1.62 44.10
C ARG F 138 -30.37 0.38 44.75
N PRO F 139 -29.91 0.48 46.01
CA PRO F 139 -29.29 -0.68 46.67
C PRO F 139 -30.21 -1.88 46.68
N THR F 140 -29.63 -3.03 46.36
CA THR F 140 -30.32 -4.29 46.41
C THR F 140 -29.31 -5.43 46.49
N GLN F 141 -29.66 -6.49 47.21
CA GLN F 141 -28.86 -7.68 47.26
C GLN F 141 -28.77 -8.39 45.92
N ASP F 142 -29.70 -8.16 45.00
CA ASP F 142 -29.61 -8.91 43.76
C ASP F 142 -28.49 -8.42 42.86
N ILE F 143 -27.88 -7.29 43.17
CA ILE F 143 -26.67 -6.83 42.51
C ILE F 143 -25.50 -7.17 43.41
N PRO F 144 -24.53 -7.95 42.97
CA PRO F 144 -23.50 -8.47 43.89
C PRO F 144 -22.47 -7.42 44.27
N ALA F 145 -21.90 -7.61 45.48
CA ALA F 145 -20.90 -6.69 46.00
C ALA F 145 -19.70 -6.54 45.08
N ARG F 146 -19.27 -7.64 44.43
CA ARG F 146 -18.12 -7.56 43.53
C ARG F 146 -18.39 -6.62 42.36
N TRP F 147 -19.66 -6.40 42.01
CA TRP F 147 -19.97 -5.39 40.99
C TRP F 147 -19.73 -4.00 41.52
N LEU F 148 -20.20 -3.73 42.72
CA LEU F 148 -20.08 -2.39 43.28
C LEU F 148 -18.61 -2.02 43.50
N VAL F 149 -17.84 -2.94 44.11
CA VAL F 149 -16.41 -2.68 44.30
C VAL F 149 -15.70 -2.57 42.94
N SER F 150 -16.08 -3.38 41.95
CA SER F 150 -15.44 -3.25 40.64
C SER F 150 -15.74 -1.91 40.01
N THR F 151 -16.97 -1.39 40.17
CA THR F 151 -17.31 -0.12 39.57
C THR F 151 -16.45 0.99 40.16
N ILE F 152 -16.33 1.01 41.49
CA ILE F 152 -15.50 2.04 42.11
C ILE F 152 -14.03 1.82 41.73
N ASP F 153 -13.58 0.57 41.67
CA ASP F 153 -12.18 0.30 41.36
C ASP F 153 -11.85 0.75 39.96
N HIS F 154 -12.77 0.57 39.01
CA HIS F 154 -12.54 1.12 37.67
C HIS F 154 -12.45 2.63 37.72
N ALA F 155 -13.37 3.29 38.45
CA ALA F 155 -13.36 4.74 38.46
C ALA F 155 -12.06 5.30 39.05
N LEU F 156 -11.64 4.78 40.19
CA LEU F 156 -10.47 5.34 40.86
C LEU F 156 -9.19 4.86 40.18
N GLY F 157 -9.19 3.64 39.69
CA GLY F 157 -7.99 3.11 39.07
C GLY F 157 -7.60 3.84 37.78
N THR F 158 -8.56 4.20 36.93
CA THR F 158 -8.25 4.88 35.67
C THR F 158 -8.26 6.39 35.77
N LEU F 159 -8.39 6.95 36.97
CA LEU F 159 -8.47 8.40 37.20
C LEU F 159 -7.08 9.00 37.12
N HIS F 160 -6.77 9.71 36.03
CA HIS F 160 -5.47 10.38 35.95
C HIS F 160 -5.49 11.70 36.72
N ALA F 161 -6.61 12.44 36.71
CA ALA F 161 -6.76 13.71 37.43
C ALA F 161 -8.22 14.13 37.44
N GLY F 162 -8.58 15.00 38.40
CA GLY F 162 -9.92 15.55 38.47
C GLY F 162 -10.88 14.77 39.35
N GLY F 163 -12.11 15.24 39.38
CA GLY F 163 -13.08 14.72 40.32
C GLY F 163 -13.88 13.54 39.81
N VAL F 164 -14.43 12.78 40.75
CA VAL F 164 -15.34 11.68 40.44
C VAL F 164 -16.66 11.96 41.14
N HIS F 165 -17.74 11.93 40.38
CA HIS F 165 -19.06 12.07 40.97
C HIS F 165 -19.66 10.67 41.13
N ILE F 166 -19.94 10.27 42.37
CA ILE F 166 -20.58 8.99 42.65
C ILE F 166 -21.92 9.30 43.33
N ASN F 167 -23.01 9.19 42.60
CA ASN F 167 -24.33 9.47 43.15
C ASN F 167 -24.85 8.20 43.82
N CYS F 168 -25.21 8.32 45.10
CA CYS F 168 -25.56 7.16 45.93
C CYS F 168 -27.00 7.28 46.42
N PRO F 169 -27.96 6.69 45.71
CA PRO F 169 -29.35 6.69 46.20
C PRO F 169 -29.52 5.73 47.38
N PHE F 170 -30.37 6.13 48.33
CA PHE F 170 -30.73 5.32 49.50
C PHE F 170 -32.21 5.51 49.79
N ALA F 171 -32.93 4.40 49.97
CA ALA F 171 -34.33 4.43 50.38
C ALA F 171 -34.44 4.36 51.90
N GLU F 172 -35.55 4.87 52.41
CA GLU F 172 -35.84 4.75 53.84
C GLU F 172 -36.36 3.36 54.14
N PRO F 173 -36.29 2.93 55.43
CA PRO F 173 -35.66 3.60 56.57
C PRO F 173 -34.13 3.72 56.51
N LEU F 174 -33.65 4.83 57.05
CA LEU F 174 -32.22 5.09 57.14
C LEU F 174 -31.66 4.78 58.52
N TYR F 175 -32.51 4.74 59.54
CA TYR F 175 -32.10 4.55 60.91
C TYR F 175 -32.55 3.20 61.42
N GLY F 176 -31.92 2.76 62.48
CA GLY F 176 -32.26 1.44 62.96
C GLY F 176 -31.04 0.63 63.31
N GLU F 177 -31.19 -0.33 64.20
CA GLU F 177 -30.05 -1.14 64.61
C GLU F 177 -29.57 -2.00 63.46
N MET F 178 -28.26 -2.22 63.43
CA MET F 178 -27.66 -3.17 62.50
C MET F 178 -28.06 -4.58 62.88
N ASP F 179 -28.72 -5.29 61.96
CA ASP F 179 -28.83 -6.74 62.11
C ASP F 179 -27.96 -7.44 61.04
N ASP F 180 -28.27 -8.68 60.74
CA ASP F 180 -27.48 -9.46 59.86
C ASP F 180 -27.64 -9.18 58.41
N THR F 181 -28.54 -8.29 58.07
CA THR F 181 -28.89 -8.04 56.67
C THR F 181 -27.68 -7.60 55.86
N GLY F 182 -27.42 -8.31 54.77
CA GLY F 182 -26.31 -7.95 53.91
C GLY F 182 -24.97 -8.48 54.37
N LEU F 183 -24.90 -9.15 55.52
CA LEU F 183 -23.61 -9.66 55.98
C LEU F 183 -23.06 -10.72 55.04
N SER F 184 -23.87 -11.72 54.66
CA SER F 184 -23.37 -12.74 53.74
C SER F 184 -23.07 -12.16 52.36
N TRP F 185 -23.88 -11.19 51.90
CA TRP F 185 -23.61 -10.46 50.66
C TRP F 185 -22.23 -9.80 50.69
N GLN F 186 -21.93 -9.10 51.78
CA GLN F 186 -20.58 -8.56 51.97
C GLN F 186 -19.53 -9.66 51.98
N GLN F 187 -19.84 -10.78 52.59
CA GLN F 187 -18.95 -11.91 52.77
C GLN F 187 -18.58 -12.60 51.50
N ARG F 188 -19.26 -12.25 50.43
CA ARG F 188 -18.96 -12.80 49.14
C ARG F 188 -17.54 -12.38 48.77
N LEU F 189 -17.14 -11.17 49.20
CA LEU F 189 -15.82 -10.69 48.79
C LEU F 189 -14.68 -11.42 49.49
N GLY F 190 -14.99 -12.34 50.40
CA GLY F 190 -13.96 -13.16 51.00
C GLY F 190 -12.94 -12.31 51.75
N ASP F 191 -11.67 -12.69 51.67
CA ASP F 191 -10.67 -11.97 52.45
C ASP F 191 -10.20 -10.68 51.77
N TRP F 192 -10.89 -10.23 50.72
CA TRP F 192 -10.65 -8.88 50.26
C TRP F 192 -10.80 -7.88 51.40
N TRP F 193 -11.66 -8.19 52.38
CA TRP F 193 -11.88 -7.30 53.51
C TRP F 193 -10.62 -7.10 54.35
N GLN F 194 -9.74 -8.09 54.39
CA GLN F 194 -8.48 -8.01 55.13
C GLN F 194 -7.32 -7.65 54.23
N ASP F 195 -7.59 -7.34 52.97
CA ASP F 195 -6.55 -7.06 52.00
C ASP F 195 -6.28 -5.55 51.98
N ASP F 196 -5.19 -5.14 51.31
CA ASP F 196 -4.90 -3.72 51.14
C ASP F 196 -4.87 -3.25 49.68
N LYS F 197 -5.36 -4.07 48.75
CA LYS F 197 -5.41 -3.81 47.31
C LYS F 197 -6.85 -3.65 46.85
N PRO F 198 -7.06 -3.04 45.67
CA PRO F 198 -8.40 -3.02 45.09
C PRO F 198 -8.88 -4.44 44.78
N TRP F 199 -10.20 -4.61 44.73
CA TRP F 199 -10.73 -5.84 44.17
C TRP F 199 -10.28 -6.02 42.73
N LEU F 200 -10.48 -5.00 41.89
CA LEU F 200 -10.04 -5.02 40.49
C LEU F 200 -8.98 -3.95 40.31
N ARG F 201 -7.79 -4.36 39.91
CA ARG F 201 -6.72 -3.43 39.61
C ARG F 201 -6.75 -3.07 38.12
N GLU F 202 -7.06 -1.80 37.84
CA GLU F 202 -7.10 -1.27 36.47
C GLU F 202 -6.43 0.10 36.58
N ALA F 203 -5.13 0.16 36.31
CA ALA F 203 -4.34 1.38 36.53
C ALA F 203 -3.43 1.65 35.34
N PRO F 204 -4.00 1.91 34.16
CA PRO F 204 -3.18 2.21 32.99
C PRO F 204 -2.65 3.62 33.13
N ARG F 205 -1.40 3.78 32.72
CA ARG F 205 -0.72 5.07 32.84
C ARG F 205 -0.57 5.79 31.52
N LEU F 206 -0.93 7.07 31.53
CA LEU F 206 -0.86 7.91 30.34
C LEU F 206 0.38 8.82 30.38
N GLU F 207 1.24 8.70 29.37
CA GLU F 207 2.49 9.46 29.32
C GLU F 207 2.92 9.62 27.87
N SER F 208 3.41 10.80 27.50
CA SER F 208 4.01 10.97 26.19
C SER F 208 5.34 10.22 26.13
N GLU F 209 5.74 9.84 24.92
CA GLU F 209 7.01 9.14 24.69
C GLU F 209 8.17 10.12 24.70
N LYS F 210 9.38 9.56 24.84
CA LYS F 210 10.60 10.34 24.69
C LYS F 210 10.60 11.05 23.33
N GLN F 211 10.99 12.33 23.33
CA GLN F 211 11.12 13.07 22.07
C GLN F 211 12.50 12.74 21.51
N ARG F 212 12.53 11.97 20.44
CA ARG F 212 13.81 11.44 19.99
C ARG F 212 14.67 12.47 19.28
N ASP F 213 14.18 13.69 19.06
CA ASP F 213 15.02 14.74 18.50
C ASP F 213 15.46 15.74 19.55
N TRP F 214 15.34 15.41 20.84
CA TRP F 214 15.69 16.37 21.88
C TRP F 214 17.17 16.79 21.79
N PHE F 215 18.06 15.86 21.42
CA PHE F 215 19.46 16.22 21.33
C PHE F 215 19.70 17.32 20.31
N PHE F 216 18.87 17.41 19.28
CA PHE F 216 18.98 18.56 18.40
C PHE F 216 18.43 19.82 19.05
N TRP F 217 17.23 19.74 19.64
CA TRP F 217 16.57 20.97 20.08
C TRP F 217 17.25 21.61 21.27
N ARG F 218 17.94 20.84 22.11
CA ARG F 218 18.55 21.42 23.30
C ARG F 218 19.81 22.22 23.01
N GLN F 219 20.36 22.13 21.79
CA GLN F 219 21.48 22.98 21.41
C GLN F 219 21.02 24.18 20.58
N LYS F 220 19.72 24.43 20.48
CA LYS F 220 19.25 25.65 19.83
C LYS F 220 19.09 26.76 20.86
N ARG F 221 18.66 27.94 20.41
CA ARG F 221 18.34 29.05 21.30
C ARG F 221 16.91 28.84 21.79
N GLY F 222 16.77 28.38 23.04
CA GLY F 222 15.48 28.12 23.64
C GLY F 222 15.20 29.08 24.79
N VAL F 223 13.95 29.07 25.22
CA VAL F 223 13.48 29.76 26.41
C VAL F 223 12.74 28.75 27.28
N VAL F 224 12.97 28.81 28.58
CA VAL F 224 12.24 27.99 29.53
C VAL F 224 11.20 28.87 30.22
N VAL F 225 9.93 28.48 30.14
CA VAL F 225 8.86 29.16 30.85
C VAL F 225 8.39 28.19 31.92
N ALA F 226 8.38 28.64 33.15
CA ALA F 226 8.03 27.80 34.28
C ALA F 226 6.71 28.28 34.86
N GLY F 227 5.66 27.46 34.70
CA GLY F 227 4.34 27.67 35.33
C GLY F 227 4.19 26.90 36.64
N ARG F 228 2.94 26.52 36.96
CA ARG F 228 2.67 25.81 38.22
C ARG F 228 3.21 24.39 38.19
N MET F 229 3.89 24.00 39.26
CA MET F 229 4.48 22.67 39.41
C MET F 229 4.79 22.50 40.89
N SER F 230 5.33 21.32 41.27
CA SER F 230 5.70 21.10 42.66
C SER F 230 7.00 21.86 43.03
N ALA F 231 7.25 21.98 44.34
CA ALA F 231 8.44 22.68 44.83
C ALA F 231 9.72 22.04 44.34
N GLU F 232 9.76 20.70 44.36
CA GLU F 232 10.94 19.96 43.90
C GLU F 232 11.13 20.13 42.39
N GLU F 233 10.05 19.95 41.63
CA GLU F 233 10.14 20.21 40.19
C GLU F 233 10.64 21.63 39.93
N GLY F 234 10.26 22.58 40.79
CA GLY F 234 10.78 23.93 40.62
C GLY F 234 12.29 23.96 40.67
N LYS F 235 12.88 23.34 41.71
CA LYS F 235 14.35 23.30 41.82
C LYS F 235 15.00 22.59 40.61
N LYS F 236 14.43 21.45 40.16
CA LYS F 236 15.03 20.73 39.03
C LYS F 236 14.93 21.50 37.72
N VAL F 237 13.82 22.22 37.51
CA VAL F 237 13.68 23.05 36.32
C VAL F 237 14.69 24.17 36.35
N ALA F 238 14.90 24.79 37.52
CA ALA F 238 15.92 25.84 37.59
C ALA F 238 17.27 25.31 37.16
N LEU F 239 17.71 24.19 37.77
CA LEU F 239 19.04 23.70 37.44
C LEU F 239 19.13 23.31 35.96
N TRP F 240 18.04 22.73 35.43
CA TRP F 240 18.01 22.28 34.04
C TRP F 240 18.18 23.45 33.08
N ALA F 241 17.38 24.50 33.27
CA ALA F 241 17.45 25.67 32.40
C ALA F 241 18.81 26.36 32.49
N GLN F 242 19.36 26.46 33.71
CA GLN F 242 20.69 27.03 33.86
C GLN F 242 21.73 26.24 33.08
N THR F 243 21.70 24.91 33.19
CA THR F 243 22.66 24.09 32.45
C THR F 243 22.53 24.31 30.95
N LEU F 244 21.29 24.34 30.42
CA LEU F 244 21.09 24.59 28.99
C LEU F 244 21.62 25.95 28.59
N GLY F 245 21.76 26.89 29.54
CA GLY F 245 22.05 28.27 29.20
C GLY F 245 20.85 29.05 28.70
N TRP F 246 19.70 28.63 29.00
CA TRP F 246 18.50 29.26 28.51
C TRP F 246 17.92 30.19 29.55
N PRO F 247 17.36 31.34 29.14
CA PRO F 247 16.65 32.18 30.10
C PRO F 247 15.44 31.45 30.68
N LEU F 248 15.25 31.61 31.98
CA LEU F 248 14.14 31.01 32.71
C LEU F 248 13.18 32.12 33.14
N ILE F 249 11.99 32.12 32.58
CA ILE F 249 10.90 33.00 33.02
C ILE F 249 10.07 32.19 34.01
N GLY F 250 10.16 32.53 35.30
CA GLY F 250 9.54 31.74 36.37
C GLY F 250 8.35 32.45 37.00
N ASP F 251 7.23 31.74 37.03
CA ASP F 251 5.96 32.20 37.58
C ASP F 251 5.99 32.16 39.12
N VAL F 252 5.00 32.77 39.73
CA VAL F 252 4.91 32.75 41.18
C VAL F 252 4.73 31.30 41.63
N LEU F 253 4.01 30.53 40.83
CA LEU F 253 3.65 29.16 41.17
C LEU F 253 4.74 28.18 40.83
N SER F 254 5.88 28.64 40.31
CA SER F 254 6.87 27.69 39.82
C SER F 254 7.87 27.25 40.89
N GLN F 255 8.20 28.05 41.85
CA GLN F 255 9.15 27.71 42.87
C GLN F 255 10.52 27.39 42.28
N THR F 256 10.79 28.06 41.19
CA THR F 256 12.10 27.98 40.56
C THR F 256 13.11 28.91 41.19
N GLY F 257 12.69 29.84 42.05
CA GLY F 257 13.57 30.89 42.52
C GLY F 257 13.59 32.12 41.63
N GLN F 258 12.93 32.07 40.48
CA GLN F 258 12.77 33.21 39.58
C GLN F 258 14.09 33.94 39.35
N PRO F 259 15.10 33.28 38.76
CA PRO F 259 16.42 33.91 38.60
C PRO F 259 16.41 35.16 37.73
N LEU F 260 15.37 35.36 36.93
CA LEU F 260 15.15 36.59 36.17
C LEU F 260 13.83 37.21 36.63
N PRO F 261 13.77 37.70 37.87
CA PRO F 261 12.49 38.13 38.47
C PRO F 261 11.93 39.37 37.77
N CYS F 262 10.66 39.68 38.12
CA CYS F 262 9.97 40.88 37.63
C CYS F 262 9.78 40.82 36.12
N ALA F 263 9.53 39.61 35.62
CA ALA F 263 9.27 39.41 34.21
C ALA F 263 8.03 40.17 33.76
N ASP F 264 7.02 40.28 34.63
CA ASP F 264 5.85 41.09 34.27
C ASP F 264 6.24 42.54 34.07
N LEU F 265 7.40 42.97 34.57
CA LEU F 265 7.84 44.31 34.23
C LEU F 265 8.79 44.29 33.03
N TRP F 266 9.84 43.46 33.05
CA TRP F 266 10.85 43.57 32.00
C TRP F 266 10.41 42.99 30.65
N LEU F 267 9.39 42.13 30.62
CA LEU F 267 8.83 41.75 29.33
C LEU F 267 8.08 42.92 28.67
N GLY F 268 7.90 44.03 29.40
CA GLY F 268 7.35 45.23 28.78
C GLY F 268 8.38 46.07 28.07
N ASN F 269 9.65 45.71 28.17
CA ASN F 269 10.75 46.47 27.60
C ASN F 269 11.07 45.90 26.22
N ALA F 270 11.18 46.78 25.23
CA ALA F 270 11.35 46.35 23.86
C ALA F 270 12.63 45.58 23.63
N LYS F 271 13.69 45.89 24.38
CA LYS F 271 14.94 45.14 24.23
C LYS F 271 14.74 43.67 24.58
N ALA F 272 13.87 43.37 25.55
CA ALA F 272 13.63 41.99 25.95
C ALA F 272 12.85 41.26 24.87
N THR F 273 11.76 41.86 24.38
CA THR F 273 10.97 41.22 23.32
C THR F 273 11.79 40.99 22.07
N SER F 274 12.63 41.97 21.71
CA SER F 274 13.49 41.82 20.55
C SER F 274 14.51 40.69 20.77
N GLU F 275 15.12 40.61 21.96
CA GLU F 275 16.06 39.51 22.20
C GLU F 275 15.37 38.14 22.18
N LEU F 276 14.17 38.04 22.76
CA LEU F 276 13.44 36.77 22.79
C LEU F 276 12.90 36.39 21.43
N GLN F 277 12.81 37.33 20.49
CA GLN F 277 12.52 36.97 19.11
C GLN F 277 13.56 36.02 18.55
N GLN F 278 14.77 36.01 19.10
CA GLN F 278 15.80 35.11 18.62
C GLN F 278 15.52 33.65 19.00
N ALA F 279 14.55 33.41 19.86
CA ALA F 279 14.34 32.06 20.37
C ALA F 279 13.75 31.17 19.31
N GLN F 280 14.37 30.01 19.09
CA GLN F 280 13.87 29.02 18.13
C GLN F 280 12.93 27.99 18.73
N ILE F 281 12.95 27.81 20.06
CA ILE F 281 12.04 26.89 20.73
C ILE F 281 11.71 27.48 22.10
N VAL F 282 10.46 27.26 22.55
CA VAL F 282 10.04 27.53 23.93
C VAL F 282 9.60 26.22 24.54
N VAL F 283 10.19 25.86 25.68
CA VAL F 283 9.73 24.73 26.45
C VAL F 283 9.10 25.30 27.70
N GLN F 284 7.79 25.15 27.83
CA GLN F 284 7.08 25.56 29.02
C GLN F 284 6.81 24.32 29.86
N LEU F 285 7.06 24.44 31.16
CA LEU F 285 6.81 23.39 32.13
C LEU F 285 5.72 23.95 33.03
N GLY F 286 4.67 23.18 33.30
CA GLY F 286 3.56 23.68 34.08
C GLY F 286 2.69 24.60 33.26
N SER F 287 1.63 25.08 33.89
CA SER F 287 0.67 25.93 33.18
C SER F 287 0.08 26.93 34.16
N SER F 288 -1.04 27.56 33.76
CA SER F 288 -1.70 28.64 34.52
C SER F 288 -0.73 29.80 34.79
N LEU F 289 -0.17 30.33 33.70
CA LEU F 289 0.75 31.44 33.81
C LEU F 289 0.01 32.68 34.32
N THR F 290 0.70 33.48 35.14
CA THR F 290 0.03 34.54 35.87
C THR F 290 0.11 35.91 35.21
N GLY F 291 1.31 36.33 34.82
CA GLY F 291 1.53 37.74 34.50
C GLY F 291 0.92 38.12 33.17
N LYS F 292 0.39 39.35 33.12
CA LYS F 292 -0.18 39.83 31.88
C LYS F 292 0.88 39.97 30.78
N ARG F 293 2.05 40.53 31.12
CA ARG F 293 3.09 40.68 30.10
C ARG F 293 3.57 39.33 29.60
N LEU F 294 3.61 38.32 30.48
CA LEU F 294 4.02 36.97 30.08
C LEU F 294 2.96 36.32 29.20
N LEU F 295 1.66 36.50 29.51
CA LEU F 295 0.64 35.95 28.61
C LEU F 295 0.66 36.65 27.25
N GLN F 296 0.91 37.96 27.22
CA GLN F 296 0.97 38.67 25.93
C GLN F 296 2.19 38.26 25.12
N TRP F 297 3.32 38.06 25.78
CA TRP F 297 4.52 37.61 25.15
C TRP F 297 4.35 36.22 24.58
N GLN F 298 3.72 35.34 25.33
CA GLN F 298 3.47 34.03 24.84
C GLN F 298 2.56 34.11 23.65
N ALA F 299 1.53 34.94 23.73
CA ALA F 299 0.58 35.01 22.61
C ALA F 299 1.24 35.53 21.33
N SER F 300 2.25 36.41 21.45
CA SER F 300 2.83 37.00 20.25
C SER F 300 4.10 36.32 19.75
N CYS F 301 4.75 35.50 20.56
CA CYS F 301 6.04 34.96 20.14
C CYS F 301 5.83 33.92 19.05
N GLU F 302 6.83 33.76 18.19
CA GLU F 302 6.75 32.86 17.04
C GLU F 302 8.01 32.01 16.94
N PRO F 303 8.32 31.20 17.96
CA PRO F 303 9.39 30.22 17.81
C PRO F 303 9.00 29.15 16.80
N GLU F 304 9.99 28.38 16.34
CA GLU F 304 9.68 27.28 15.43
C GLU F 304 8.81 26.23 16.12
N GLU F 305 9.07 25.96 17.40
CA GLU F 305 8.21 25.03 18.11
C GLU F 305 7.95 25.56 19.50
N TYR F 306 6.74 25.30 19.98
CA TYR F 306 6.35 25.63 21.35
C TYR F 306 5.94 24.33 22.03
N TRP F 307 6.62 23.97 23.12
CA TRP F 307 6.34 22.74 23.86
C TRP F 307 5.72 23.06 25.21
N ILE F 308 4.65 22.36 25.58
CA ILE F 308 4.17 22.44 26.96
C ILE F 308 4.23 21.05 27.58
N VAL F 309 4.99 20.95 28.68
CA VAL F 309 5.17 19.71 29.42
C VAL F 309 4.40 19.84 30.73
N ASP F 310 3.46 18.92 30.97
CA ASP F 310 2.70 18.98 32.21
C ASP F 310 2.05 17.62 32.43
N ASP F 311 1.72 17.34 33.70
CA ASP F 311 1.14 16.06 34.08
C ASP F 311 -0.38 15.98 33.88
N ILE F 312 -1.02 17.11 33.61
CA ILE F 312 -2.43 17.19 33.23
C ILE F 312 -2.59 17.06 31.68
N GLU F 313 -3.73 16.67 31.19
CA GLU F 313 -4.11 16.45 29.81
C GLU F 313 -4.72 17.70 29.18
N GLY F 314 -4.79 17.64 27.87
CA GLY F 314 -5.42 18.65 27.05
C GLY F 314 -4.45 19.72 26.59
N ARG F 315 -4.97 20.53 25.68
CA ARG F 315 -4.26 21.71 25.20
C ARG F 315 -4.06 22.68 26.38
N LEU F 316 -2.87 23.29 26.46
CA LEU F 316 -2.56 24.25 27.51
C LEU F 316 -1.98 25.55 26.97
N ASP F 317 -1.86 25.67 25.66
CA ASP F 317 -1.33 26.87 25.03
C ASP F 317 -2.50 27.65 24.47
N PRO F 318 -2.93 28.74 25.12
CA PRO F 318 -4.08 29.51 24.62
C PRO F 318 -3.79 30.31 23.35
N ALA F 319 -2.55 30.32 22.87
CA ALA F 319 -2.22 30.93 21.58
C ALA F 319 -2.10 29.92 20.44
N HIS F 320 -2.24 28.62 20.75
CA HIS F 320 -2.36 27.57 19.74
C HIS F 320 -1.14 27.51 18.84
N HIS F 321 0.05 27.60 19.44
CA HIS F 321 1.27 27.51 18.66
C HIS F 321 1.43 26.14 18.04
N ARG F 322 2.13 26.13 16.91
CA ARG F 322 2.69 24.91 16.36
C ARG F 322 3.74 24.35 17.32
N GLY F 323 3.62 23.07 17.62
CA GLY F 323 4.53 22.54 18.62
C GLY F 323 4.02 21.25 19.22
N ARG F 324 4.24 21.06 20.53
CA ARG F 324 4.00 19.79 21.19
C ARG F 324 3.36 20.03 22.54
N ARG F 325 2.46 19.12 22.91
CA ARG F 325 1.80 19.05 24.21
C ARG F 325 2.19 17.68 24.79
N LEU F 326 3.06 17.70 25.79
CA LEU F 326 3.72 16.52 26.31
C LEU F 326 3.20 16.25 27.70
N ILE F 327 2.60 15.08 27.87
CA ILE F 327 2.00 14.66 29.13
C ILE F 327 3.02 13.83 29.89
N ALA F 328 3.42 14.31 31.07
CA ALA F 328 4.47 13.64 31.81
C ALA F 328 4.54 14.23 33.21
N ASN F 329 4.99 13.42 34.18
CA ASN F 329 5.53 14.01 35.40
C ASN F 329 6.77 14.82 35.04
N ILE F 330 6.84 16.04 35.53
CA ILE F 330 7.88 16.97 35.10
C ILE F 330 9.28 16.46 35.46
N ALA F 331 9.45 15.88 36.66
CA ALA F 331 10.77 15.36 37.03
C ALA F 331 11.18 14.18 36.13
N ASP F 332 10.25 13.24 35.92
CA ASP F 332 10.50 12.16 34.96
C ASP F 332 10.85 12.72 33.59
N TRP F 333 10.13 13.75 33.14
CA TRP F 333 10.39 14.32 31.83
C TRP F 333 11.79 14.91 31.76
N LEU F 334 12.22 15.59 32.83
CA LEU F 334 13.56 16.19 32.80
C LEU F 334 14.64 15.12 32.75
N GLU F 335 14.48 14.01 33.49
CA GLU F 335 15.48 12.96 33.43
C GLU F 335 15.50 12.30 32.05
N LEU F 336 14.35 12.27 31.39
CA LEU F 336 14.23 11.69 30.06
C LEU F 336 14.79 12.61 28.96
N HIS F 337 14.88 13.93 29.22
CA HIS F 337 15.40 14.91 28.26
C HIS F 337 16.43 15.79 28.95
N PRO F 338 17.60 15.24 29.28
CA PRO F 338 18.57 16.00 30.10
C PRO F 338 19.24 17.12 29.33
N ALA F 339 19.74 18.07 30.10
CA ALA F 339 20.50 19.20 29.59
C ALA F 339 21.97 18.86 29.45
N GLU F 340 22.64 19.46 28.47
CA GLU F 340 24.09 19.48 28.42
C GLU F 340 24.55 20.92 28.54
N LYS F 341 25.65 21.13 29.29
CA LYS F 341 26.05 22.50 29.65
C LYS F 341 26.45 23.27 28.40
N ARG F 342 25.86 24.36 28.11
CA ARG F 342 26.24 25.23 27.03
C ARG F 342 26.11 26.65 27.55
N GLN F 343 26.83 27.55 26.86
CA GLN F 343 26.97 28.93 27.25
C GLN F 343 25.64 29.67 27.04
N PRO F 344 25.28 30.58 27.95
CA PRO F 344 24.03 31.37 27.76
C PRO F 344 24.08 32.19 26.49
N TRP F 345 22.92 32.34 25.87
CA TRP F 345 22.82 33.10 24.63
C TRP F 345 22.17 34.46 24.73
N CYS F 346 21.50 34.77 25.83
CA CYS F 346 20.90 36.08 26.02
C CYS F 346 21.89 37.03 26.63
N VAL F 347 21.98 38.27 26.11
CA VAL F 347 22.90 39.27 26.65
C VAL F 347 22.16 40.41 27.34
N GLU F 348 21.03 40.85 26.79
CA GLU F 348 20.30 41.99 27.33
C GLU F 348 19.45 41.61 28.55
N ILE F 349 18.84 40.42 28.55
CA ILE F 349 17.80 40.12 29.53
C ILE F 349 18.33 40.08 30.97
N PRO F 350 19.48 39.44 31.28
CA PRO F 350 19.89 39.42 32.69
C PRO F 350 20.03 40.82 33.29
N ARG F 351 20.69 41.75 32.57
CA ARG F 351 20.82 43.10 33.11
C ARG F 351 19.46 43.76 33.29
N LEU F 352 18.55 43.55 32.34
CA LEU F 352 17.25 44.20 32.43
C LEU F 352 16.42 43.67 33.59
N ALA F 353 16.56 42.38 33.92
CA ALA F 353 15.85 41.78 35.05
C ALA F 353 16.43 42.28 36.38
N GLU F 354 17.74 42.45 36.44
CA GLU F 354 18.33 42.99 37.62
C GLU F 354 17.82 44.43 37.86
N GLN F 355 17.77 45.21 36.83
CA GLN F 355 17.36 46.57 36.86
C GLN F 355 15.93 46.72 37.27
N ALA F 356 15.06 45.88 36.72
CA ALA F 356 13.65 45.91 37.09
C ALA F 356 13.45 45.63 38.57
N MET F 357 14.11 44.60 39.08
CA MET F 357 13.99 44.37 40.51
C MET F 357 14.53 45.57 41.32
N GLN F 358 15.65 46.15 40.89
CA GLN F 358 16.18 47.32 41.61
C GLN F 358 15.22 48.49 41.57
N ALA F 359 14.50 48.67 40.47
CA ALA F 359 13.45 49.67 40.45
C ALA F 359 12.36 49.36 41.49
N VAL F 360 12.07 48.06 41.71
CA VAL F 360 11.09 47.72 42.75
C VAL F 360 11.65 48.02 44.15
N ILE F 361 12.90 47.65 44.39
CA ILE F 361 13.59 47.87 45.67
C ILE F 361 13.66 49.35 46.00
N ALA F 362 13.77 50.21 44.98
CA ALA F 362 13.77 51.64 45.26
C ALA F 362 12.47 52.13 45.89
N ARG F 363 11.37 51.38 45.77
CA ARG F 363 10.03 51.83 46.17
C ARG F 363 9.44 51.02 47.32
N ARG F 364 10.29 50.31 48.07
CA ARG F 364 9.89 49.32 49.06
C ARG F 364 9.37 49.91 50.36
N ASP F 365 9.46 51.22 50.56
CA ASP F 365 9.27 51.76 51.90
C ASP F 365 7.81 51.98 52.27
N ALA F 366 7.00 52.50 51.33
CA ALA F 366 5.61 52.83 51.63
C ALA F 366 4.86 51.61 52.15
N PHE F 367 3.96 51.85 53.10
CA PHE F 367 3.23 50.76 53.70
C PHE F 367 2.00 50.47 52.83
N GLY F 368 2.25 49.81 51.69
CA GLY F 368 1.22 49.53 50.72
C GLY F 368 1.21 48.07 50.32
N GLU F 369 0.20 47.69 49.52
CA GLU F 369 0.08 46.27 49.13
C GLU F 369 1.14 45.86 48.10
N ALA F 370 1.55 46.78 47.22
CA ALA F 370 2.66 46.51 46.31
C ALA F 370 3.93 46.19 47.08
N GLN F 371 4.22 46.97 48.12
CA GLN F 371 5.45 46.76 48.90
C GLN F 371 5.35 45.50 49.75
N LEU F 372 4.18 45.26 50.34
CA LEU F 372 3.97 44.00 51.05
C LEU F 372 4.24 42.83 50.12
N ALA F 373 3.71 42.87 48.90
CA ALA F 373 3.98 41.82 47.93
C ALA F 373 5.48 41.68 47.67
N HIS F 374 6.15 42.83 47.45
CA HIS F 374 7.58 42.80 47.15
C HIS F 374 8.41 42.25 48.31
N ARG F 375 8.00 42.51 49.54
CA ARG F 375 8.75 42.09 50.73
C ARG F 375 8.26 40.75 51.31
N ILE F 376 7.33 40.05 50.64
CA ILE F 376 6.64 38.93 51.28
C ILE F 376 7.60 37.82 51.71
N CYS F 377 8.75 37.70 51.04
CA CYS F 377 9.73 36.69 51.44
C CYS F 377 10.21 36.92 52.87
N ASP F 378 10.22 38.17 53.33
CA ASP F 378 10.61 38.44 54.70
C ASP F 378 9.65 37.87 55.72
N TYR F 379 8.45 37.45 55.31
CA TYR F 379 7.45 36.99 56.26
C TYR F 379 7.09 35.51 56.11
N LEU F 380 7.71 34.80 55.18
CA LEU F 380 7.42 33.40 54.97
C LEU F 380 7.80 32.58 56.21
N PRO F 381 6.92 31.74 56.72
CA PRO F 381 7.31 30.89 57.84
C PRO F 381 8.38 29.90 57.41
N GLU F 382 9.37 29.71 58.28
CA GLU F 382 10.40 28.71 58.01
C GLU F 382 9.79 27.32 57.96
N GLN F 383 10.25 26.53 56.98
CA GLN F 383 9.74 25.18 56.75
C GLN F 383 8.22 25.17 56.59
N GLY F 384 7.68 26.26 56.04
CA GLY F 384 6.27 26.40 55.87
C GLY F 384 5.83 26.44 54.42
N GLN F 385 4.67 27.03 54.20
CA GLN F 385 4.11 27.11 52.86
C GLN F 385 3.32 28.40 52.73
N LEU F 386 3.18 28.84 51.49
CA LEU F 386 2.49 30.06 51.12
C LEU F 386 1.27 29.71 50.28
N PHE F 387 0.12 30.28 50.65
CA PHE F 387 -1.09 30.19 49.86
C PHE F 387 -1.41 31.58 49.35
N VAL F 388 -1.43 31.74 48.03
CA VAL F 388 -1.62 33.06 47.43
C VAL F 388 -3.04 33.16 46.89
N GLY F 389 -3.76 34.19 47.28
CA GLY F 389 -5.10 34.42 46.78
C GLY F 389 -5.07 34.87 45.34
N ASN F 390 -6.25 35.17 44.83
CA ASN F 390 -6.40 35.59 43.45
C ASN F 390 -6.49 37.12 43.38
N SER F 391 -6.79 37.64 42.19
CA SER F 391 -6.86 39.07 41.90
C SER F 391 -5.48 39.73 42.02
N LEU F 392 -5.38 40.88 42.72
CA LEU F 392 -4.15 41.68 42.66
C LEU F 392 -3.00 41.04 43.43
N VAL F 393 -3.27 40.29 44.50
CA VAL F 393 -2.19 39.80 45.34
C VAL F 393 -1.24 38.90 44.54
N VAL F 394 -1.80 37.98 43.76
CA VAL F 394 -0.96 37.03 43.04
C VAL F 394 -0.19 37.72 41.92
N ARG F 395 -0.80 38.72 41.30
CA ARG F 395 -0.11 39.46 40.24
C ARG F 395 0.99 40.34 40.82
N LEU F 396 0.74 41.00 41.96
CA LEU F 396 1.76 41.83 42.59
C LEU F 396 2.91 40.99 43.10
N ILE F 397 2.63 39.84 43.73
CA ILE F 397 3.74 38.97 44.13
C ILE F 397 4.50 38.50 42.89
N ASP F 398 3.77 38.16 41.82
CA ASP F 398 4.43 37.71 40.59
C ASP F 398 5.31 38.78 39.97
N ALA F 399 4.83 40.01 39.96
CA ALA F 399 5.53 41.09 39.29
C ALA F 399 6.66 41.64 40.15
N LEU F 400 6.54 41.62 41.47
CA LEU F 400 7.36 42.43 42.35
C LEU F 400 8.23 41.67 43.32
N SER F 401 8.03 40.37 43.47
CA SER F 401 8.74 39.62 44.50
C SER F 401 9.64 38.56 43.85
N GLN F 402 10.62 38.08 44.59
CA GLN F 402 11.46 36.95 44.18
C GLN F 402 11.38 35.86 45.25
N LEU F 403 10.56 34.83 45.01
CA LEU F 403 10.32 33.79 45.99
C LEU F 403 11.41 32.72 45.93
N PRO F 404 11.78 32.15 47.08
CA PRO F 404 12.92 31.23 47.10
C PRO F 404 12.60 29.92 46.40
N ALA F 405 13.62 29.34 45.77
CA ALA F 405 13.45 28.07 45.04
C ALA F 405 13.01 26.97 45.99
N GLY F 406 12.04 26.19 45.54
CA GLY F 406 11.58 25.09 46.35
C GLY F 406 10.72 25.46 47.53
N TYR F 407 10.39 26.73 47.70
CA TYR F 407 9.48 27.11 48.78
C TYR F 407 8.04 26.90 48.34
N PRO F 408 7.26 26.05 49.01
CA PRO F 408 5.96 25.64 48.46
C PRO F 408 4.97 26.80 48.41
N VAL F 409 4.39 26.97 47.22
CA VAL F 409 3.36 27.94 46.92
C VAL F 409 2.13 27.19 46.41
N TYR F 410 0.96 27.52 46.98
CA TYR F 410 -0.30 26.93 46.56
C TYR F 410 -1.26 28.06 46.16
N SER F 411 -2.26 27.70 45.36
CA SER F 411 -3.21 28.67 44.82
C SER F 411 -4.40 27.92 44.21
N ASN F 412 -5.44 28.68 43.88
CA ASN F 412 -6.58 28.22 43.08
C ASN F 412 -6.57 28.97 41.75
N LYS F 413 -5.61 28.64 40.90
CA LYS F 413 -5.41 29.35 39.65
C LYS F 413 -5.93 28.58 38.44
N GLY F 414 -6.74 27.55 38.65
CA GLY F 414 -7.39 26.86 37.55
C GLY F 414 -8.40 27.77 36.91
N ALA F 415 -9.44 28.08 37.68
CA ALA F 415 -10.46 29.04 37.28
C ALA F 415 -10.28 30.40 37.94
N SER F 416 -9.31 30.53 38.85
CA SER F 416 -9.01 31.80 39.52
C SER F 416 -10.23 32.36 40.24
N GLY F 417 -11.04 31.46 40.83
CA GLY F 417 -12.18 31.88 41.61
C GLY F 417 -11.79 32.53 42.92
N ILE F 418 -12.58 33.53 43.32
CA ILE F 418 -12.42 34.16 44.63
C ILE F 418 -13.42 33.60 45.63
N ASP F 419 -14.01 32.41 45.36
CA ASP F 419 -15.12 31.92 46.15
C ASP F 419 -14.74 30.91 47.22
N GLY F 420 -13.52 30.36 47.20
CA GLY F 420 -13.16 29.39 48.23
C GLY F 420 -11.75 29.45 48.80
N LEU F 421 -11.18 30.65 48.93
CA LEU F 421 -9.76 30.78 49.23
C LEU F 421 -9.43 30.46 50.69
N LEU F 422 -10.27 30.86 51.64
CA LEU F 422 -9.99 30.58 53.05
C LEU F 422 -10.14 29.10 53.38
N SER F 423 -11.21 28.45 52.87
CA SER F 423 -11.37 27.04 53.14
C SER F 423 -10.34 26.20 52.40
N THR F 424 -9.93 26.61 51.19
CA THR F 424 -8.80 25.93 50.56
C THR F 424 -7.53 26.08 51.40
N ALA F 425 -7.26 27.29 51.89
CA ALA F 425 -6.07 27.49 52.70
C ALA F 425 -6.11 26.62 53.95
N ALA F 426 -7.29 26.49 54.55
CA ALA F 426 -7.45 25.61 55.71
C ALA F 426 -7.11 24.16 55.37
N GLY F 427 -7.55 23.70 54.19
CA GLY F 427 -7.20 22.34 53.78
C GLY F 427 -5.73 22.16 53.51
N VAL F 428 -5.11 23.13 52.84
CA VAL F 428 -3.67 23.11 52.61
C VAL F 428 -2.94 22.93 53.94
N GLN F 429 -3.32 23.76 54.94
CA GLN F 429 -2.68 23.68 56.24
C GLN F 429 -2.90 22.32 56.89
N ARG F 430 -4.15 21.83 56.90
CA ARG F 430 -4.41 20.60 57.64
C ARG F 430 -3.73 19.40 57.00
N ALA F 431 -3.67 19.34 55.67
CA ALA F 431 -3.02 18.18 55.06
C ALA F 431 -1.50 18.20 55.26
N SER F 432 -0.85 19.36 55.16
CA SER F 432 0.60 19.32 55.31
C SER F 432 1.05 19.36 56.77
N GLY F 433 0.24 19.94 57.65
CA GLY F 433 0.65 20.18 59.04
C GLY F 433 1.68 21.27 59.24
N LYS F 434 2.01 22.02 58.23
CA LYS F 434 3.06 23.03 58.29
C LYS F 434 2.51 24.41 58.60
N PRO F 435 3.33 25.26 59.23
CA PRO F 435 2.96 26.67 59.35
C PRO F 435 2.73 27.30 57.98
N THR F 436 1.71 28.15 57.89
CA THR F 436 1.21 28.63 56.61
C THR F 436 0.99 30.13 56.61
N LEU F 437 1.39 30.77 55.51
CA LEU F 437 1.05 32.15 55.25
C LEU F 437 0.07 32.17 54.09
N ALA F 438 -1.13 32.68 54.32
CA ALA F 438 -2.16 32.81 53.30
C ALA F 438 -2.47 34.30 53.12
N ILE F 439 -2.53 34.76 51.87
CA ILE F 439 -2.75 36.18 51.58
C ILE F 439 -3.94 36.29 50.65
N VAL F 440 -4.95 37.06 51.05
CA VAL F 440 -6.20 37.18 50.30
C VAL F 440 -6.66 38.65 50.27
N GLY F 441 -7.50 39.01 49.28
CA GLY F 441 -8.11 40.33 49.26
C GLY F 441 -9.41 40.38 50.07
N ASP F 442 -9.93 41.60 50.26
CA ASP F 442 -11.09 41.79 51.14
C ASP F 442 -12.36 41.16 50.58
N LEU F 443 -12.64 41.32 49.29
CA LEU F 443 -13.83 40.69 48.73
C LEU F 443 -13.71 39.17 48.76
N SER F 444 -12.51 38.65 48.54
CA SER F 444 -12.30 37.20 48.65
C SER F 444 -12.57 36.73 50.07
N ALA F 445 -12.14 37.51 51.06
CA ALA F 445 -12.32 37.13 52.45
C ALA F 445 -13.80 37.20 52.83
N LEU F 446 -14.51 38.22 52.34
CA LEU F 446 -15.95 38.30 52.56
C LEU F 446 -16.67 37.12 51.92
N TYR F 447 -16.27 36.77 50.70
CA TYR F 447 -16.91 35.68 49.97
C TYR F 447 -16.91 34.39 50.79
N ASP F 448 -15.77 34.04 51.39
CA ASP F 448 -15.59 32.79 52.14
C ASP F 448 -15.49 33.07 53.64
N LEU F 449 -16.31 34.00 54.14
CA LEU F 449 -16.16 34.48 55.52
C LEU F 449 -16.41 33.37 56.55
N ASN F 450 -17.46 32.55 56.36
CA ASN F 450 -17.76 31.54 57.35
C ASN F 450 -16.70 30.44 57.41
N ALA F 451 -15.76 30.44 56.46
CA ALA F 451 -14.63 29.53 56.53
C ALA F 451 -13.71 29.84 57.69
N LEU F 452 -13.85 31.01 58.32
CA LEU F 452 -13.13 31.25 59.57
C LEU F 452 -13.43 30.17 60.61
N ALA F 453 -14.62 29.56 60.57
CA ALA F 453 -14.90 28.44 61.48
C ALA F 453 -13.87 27.34 61.30
N LEU F 454 -13.55 27.00 60.05
CA LEU F 454 -12.54 25.96 59.83
C LEU F 454 -11.18 26.39 60.37
N LEU F 455 -10.87 27.68 60.28
CA LEU F 455 -9.55 28.14 60.70
C LEU F 455 -9.41 28.13 62.20
N ARG F 456 -10.45 27.77 62.96
CA ARG F 456 -10.18 27.58 64.38
C ARG F 456 -9.46 26.27 64.68
N GLN F 457 -9.29 25.40 63.69
CA GLN F 457 -8.59 24.15 63.90
C GLN F 457 -7.52 24.01 62.82
N VAL F 458 -6.32 24.41 63.22
CA VAL F 458 -5.12 24.25 62.42
C VAL F 458 -4.12 23.54 63.34
N SER F 459 -3.25 22.73 62.74
CA SER F 459 -2.25 21.94 63.42
C SER F 459 -0.92 22.67 63.51
N ALA F 460 -0.85 23.88 62.98
CA ALA F 460 0.36 24.69 63.01
C ALA F 460 -0.08 26.12 62.82
N PRO F 461 0.73 27.09 63.19
CA PRO F 461 0.29 28.48 63.04
C PRO F 461 -0.04 28.78 61.58
N LEU F 462 -1.17 29.44 61.37
CA LEU F 462 -1.60 29.95 60.08
C LEU F 462 -1.85 31.43 60.24
N VAL F 463 -1.13 32.24 59.44
CA VAL F 463 -1.37 33.67 59.37
C VAL F 463 -2.19 33.96 58.13
N LEU F 464 -3.32 34.62 58.31
CA LEU F 464 -4.17 35.06 57.23
C LEU F 464 -4.00 36.58 57.11
N ILE F 465 -3.36 37.02 56.05
CA ILE F 465 -3.34 38.43 55.72
C ILE F 465 -4.51 38.71 54.79
N VAL F 466 -5.33 39.68 55.18
CA VAL F 466 -6.39 40.23 54.34
C VAL F 466 -5.94 41.62 53.93
N VAL F 467 -5.69 41.80 52.65
CA VAL F 467 -5.39 43.11 52.08
C VAL F 467 -6.72 43.80 51.84
N ASN F 468 -7.03 44.81 52.67
CA ASN F 468 -8.32 45.53 52.55
C ASN F 468 -8.08 46.85 51.84
N ASN F 469 -8.32 46.86 50.54
CA ASN F 469 -8.26 48.08 49.75
C ASN F 469 -9.67 48.50 49.32
N ASN F 470 -10.68 48.02 50.05
CA ASN F 470 -12.09 48.39 49.92
C ASN F 470 -12.61 48.11 48.50
N GLY F 471 -12.71 46.83 48.17
CA GLY F 471 -13.27 46.42 46.91
C GLY F 471 -12.28 45.61 46.08
N GLY F 472 -12.73 45.27 44.87
CA GLY F 472 -11.90 44.51 43.95
C GLY F 472 -11.04 45.44 43.10
N GLN F 473 -9.89 45.86 43.64
CA GLN F 473 -9.10 46.88 42.96
C GLN F 473 -8.39 46.37 41.73
N ILE F 474 -8.52 45.09 41.39
CA ILE F 474 -8.11 44.62 40.05
C ILE F 474 -8.74 45.51 38.98
N PHE F 475 -9.96 45.99 39.22
CA PHE F 475 -10.68 46.78 38.23
C PHE F 475 -10.27 48.24 38.20
N SER F 476 -9.40 48.66 39.11
CA SER F 476 -8.69 49.92 38.95
C SER F 476 -7.44 49.75 38.08
N LEU F 477 -6.95 48.51 37.93
CA LEU F 477 -5.81 48.23 37.08
C LEU F 477 -6.26 48.05 35.64
N LEU F 478 -7.32 47.26 35.45
CA LEU F 478 -7.94 47.11 34.14
C LEU F 478 -8.59 48.44 33.72
N PRO F 479 -8.65 48.73 32.36
CA PRO F 479 -9.21 50.03 31.92
C PRO F 479 -10.74 50.02 31.93
N THR F 480 -11.30 49.73 33.10
CA THR F 480 -12.74 49.83 33.28
C THR F 480 -13.19 51.29 33.17
N PRO F 481 -14.40 51.53 32.67
CA PRO F 481 -14.88 52.92 32.54
C PRO F 481 -15.13 53.54 33.90
N GLN F 482 -14.75 54.82 34.03
CA GLN F 482 -14.72 55.47 35.35
C GLN F 482 -16.11 55.62 35.96
N SER F 483 -17.12 55.98 35.16
CA SER F 483 -18.43 56.27 35.73
C SER F 483 -19.08 55.04 36.36
N GLU F 484 -18.90 53.84 35.77
CA GLU F 484 -19.50 52.62 36.31
C GLU F 484 -18.59 51.88 37.28
N ARG F 485 -17.33 52.31 37.40
CA ARG F 485 -16.32 51.46 38.02
C ARG F 485 -16.69 51.10 39.45
N GLU F 486 -17.06 52.10 40.26
CA GLU F 486 -17.29 51.84 41.68
C GLU F 486 -18.55 50.99 41.92
N ARG F 487 -19.68 51.34 41.31
CA ARG F 487 -20.90 50.60 41.62
C ARG F 487 -20.88 49.20 41.03
N PHE F 488 -20.39 49.05 39.80
CA PHE F 488 -20.55 47.79 39.09
C PHE F 488 -19.28 46.96 38.99
N TYR F 489 -18.13 47.49 39.43
CA TYR F 489 -16.88 46.73 39.35
C TYR F 489 -16.17 46.62 40.70
N LEU F 490 -15.77 47.75 41.27
CA LEU F 490 -15.03 47.70 42.53
C LEU F 490 -15.89 47.12 43.65
N MET F 491 -17.13 47.59 43.75
CA MET F 491 -18.06 47.20 44.81
C MET F 491 -17.42 47.22 46.20
N PRO F 492 -16.97 48.39 46.69
CA PRO F 492 -16.45 48.43 48.05
C PRO F 492 -17.53 48.07 49.06
N GLN F 493 -17.15 47.26 50.05
CA GLN F 493 -18.12 46.84 51.06
C GLN F 493 -17.94 47.58 52.37
N ASN F 494 -16.89 48.40 52.50
CA ASN F 494 -16.65 49.26 53.65
C ASN F 494 -16.78 48.52 54.98
N VAL F 495 -15.94 47.51 55.15
CA VAL F 495 -15.94 46.72 56.37
C VAL F 495 -14.51 46.56 56.86
N HIS F 496 -14.39 46.15 58.11
CA HIS F 496 -13.14 45.64 58.65
C HIS F 496 -13.39 44.23 59.17
N PHE F 497 -12.31 43.55 59.59
CA PHE F 497 -12.43 42.15 59.96
C PHE F 497 -12.10 41.89 61.42
N GLU F 498 -12.04 42.93 62.27
CA GLU F 498 -11.76 42.64 63.68
C GLU F 498 -12.93 41.91 64.32
N HIS F 499 -14.18 42.28 63.96
CA HIS F 499 -15.34 41.57 64.49
C HIS F 499 -15.48 40.21 63.85
N ALA F 500 -15.05 40.08 62.58
CA ALA F 500 -15.01 38.76 61.97
C ALA F 500 -14.11 37.85 62.76
N ALA F 501 -12.89 38.33 63.05
CA ALA F 501 -11.94 37.57 63.84
C ALA F 501 -12.49 37.29 65.23
N ALA F 502 -13.10 38.30 65.87
CA ALA F 502 -13.64 38.11 67.21
C ALA F 502 -14.74 37.05 67.24
N MET F 503 -15.54 36.96 66.16
CA MET F 503 -16.64 36.00 66.09
C MET F 503 -16.15 34.58 66.27
N PHE F 504 -14.99 34.28 65.69
CA PHE F 504 -14.43 32.94 65.74
C PHE F 504 -13.21 32.85 66.68
N GLU F 505 -13.07 33.80 67.60
CA GLU F 505 -12.04 33.77 68.65
C GLU F 505 -10.64 33.51 68.06
N LEU F 506 -10.33 34.24 67.00
CA LEU F 506 -8.99 34.23 66.41
C LEU F 506 -8.28 35.52 66.79
N LYS F 507 -6.99 35.43 67.11
CA LYS F 507 -6.23 36.65 67.34
C LYS F 507 -6.34 37.54 66.11
N TYR F 508 -6.30 38.86 66.33
CA TYR F 508 -6.48 39.86 65.29
C TYR F 508 -5.45 40.97 65.43
N HIS F 509 -4.92 41.45 64.31
CA HIS F 509 -4.06 42.64 64.29
C HIS F 509 -4.40 43.53 63.10
N ARG F 510 -4.33 44.86 63.30
CA ARG F 510 -4.40 45.81 62.21
C ARG F 510 -3.17 46.70 62.27
N PRO F 511 -2.04 46.24 61.71
CA PRO F 511 -0.79 47.01 61.82
C PRO F 511 -0.84 48.30 61.02
N GLN F 512 -0.16 49.33 61.54
CA GLN F 512 -0.15 50.63 60.88
C GLN F 512 1.15 50.91 60.16
N ASN F 513 2.17 50.09 60.38
CA ASN F 513 3.50 50.26 59.79
C ASN F 513 4.22 48.92 59.84
N TRP F 514 5.44 48.89 59.30
CA TRP F 514 6.21 47.66 59.15
C TRP F 514 6.62 47.06 60.50
N GLN F 515 6.97 47.90 61.47
CA GLN F 515 7.33 47.37 62.78
C GLN F 515 6.13 46.66 63.42
N GLU F 516 4.95 47.26 63.31
CA GLU F 516 3.76 46.62 63.84
C GLU F 516 3.43 45.35 63.07
N LEU F 517 3.71 45.31 61.76
CA LEU F 517 3.48 44.09 61.01
C LEU F 517 4.42 42.98 61.47
N GLU F 518 5.70 43.31 61.61
CA GLU F 518 6.69 42.39 62.18
C GLU F 518 6.25 41.87 63.55
N THR F 519 5.85 42.78 64.44
CA THR F 519 5.38 42.35 65.76
C THR F 519 4.20 41.40 65.65
N ALA F 520 3.24 41.72 64.78
CA ALA F 520 2.07 40.85 64.58
C ALA F 520 2.49 39.46 64.14
N PHE F 521 3.42 39.35 63.17
CA PHE F 521 3.91 38.05 62.72
C PHE F 521 4.62 37.31 63.85
N ALA F 522 5.48 38.01 64.58
CA ALA F 522 6.22 37.39 65.67
C ALA F 522 5.27 36.81 66.71
N ASP F 523 4.19 37.51 67.03
CA ASP F 523 3.21 36.92 67.93
C ASP F 523 2.54 35.72 67.28
N ALA F 524 2.18 35.84 66.00
CA ALA F 524 1.35 34.82 65.38
C ALA F 524 2.04 33.47 65.29
N TRP F 525 3.35 33.44 65.08
CA TRP F 525 3.96 32.12 64.90
C TRP F 525 4.13 31.33 66.20
N ARG F 526 3.80 31.89 67.37
CA ARG F 526 4.11 31.23 68.64
C ARG F 526 3.16 30.09 68.98
N THR F 527 1.95 30.05 68.43
CA THR F 527 1.02 29.00 68.79
C THR F 527 0.37 28.40 67.54
N PRO F 528 -0.01 27.12 67.60
CA PRO F 528 -0.69 26.49 66.46
C PRO F 528 -2.13 27.00 66.31
N THR F 529 -2.29 28.28 65.93
CA THR F 529 -3.61 28.88 65.77
C THR F 529 -3.59 29.76 64.53
N THR F 530 -4.79 30.22 64.13
CA THR F 530 -4.94 31.18 63.05
C THR F 530 -4.93 32.60 63.62
N THR F 531 -4.14 33.48 63.00
CA THR F 531 -4.13 34.90 63.30
C THR F 531 -4.60 35.67 62.07
N VAL F 532 -5.50 36.63 62.25
CA VAL F 532 -5.93 37.49 61.17
C VAL F 532 -5.15 38.80 61.24
N ILE F 533 -4.40 39.11 60.19
CA ILE F 533 -3.70 40.38 60.05
C ILE F 533 -4.35 41.12 58.90
N GLU F 534 -5.07 42.19 59.23
CA GLU F 534 -5.73 42.99 58.22
C GLU F 534 -4.79 44.14 57.89
N MET F 535 -4.39 44.25 56.63
CA MET F 535 -3.58 45.38 56.19
C MET F 535 -4.47 46.32 55.40
N VAL F 536 -4.81 47.46 56.01
CA VAL F 536 -5.69 48.45 55.38
C VAL F 536 -4.83 49.40 54.57
N VAL F 537 -5.13 49.53 53.28
CA VAL F 537 -4.34 50.36 52.37
C VAL F 537 -5.27 51.22 51.51
N ASN F 538 -4.71 52.28 50.93
CA ASN F 538 -5.50 53.16 50.09
C ASN F 538 -5.86 52.43 48.80
N ASP F 539 -7.13 52.58 48.38
CA ASP F 539 -7.72 51.70 47.36
C ASP F 539 -6.81 51.47 46.15
N THR F 540 -6.42 52.52 45.44
CA THR F 540 -5.76 52.35 44.14
C THR F 540 -4.22 52.40 44.16
N ASP F 541 -3.58 52.49 45.34
CA ASP F 541 -2.12 52.63 45.38
C ASP F 541 -1.39 51.44 44.77
N GLY F 542 -1.91 50.22 45.00
CA GLY F 542 -1.26 49.03 44.45
C GLY F 542 -1.27 49.02 42.93
N ALA F 543 -2.44 49.27 42.35
CA ALA F 543 -2.55 49.27 40.89
C ALA F 543 -1.72 50.39 40.27
N GLN F 544 -1.75 51.58 40.89
CA GLN F 544 -0.96 52.71 40.43
C GLN F 544 0.54 52.42 40.51
N THR F 545 0.99 51.84 41.63
CA THR F 545 2.39 51.49 41.77
C THR F 545 2.81 50.49 40.71
N LEU F 546 1.95 49.49 40.44
CA LEU F 546 2.30 48.50 39.43
C LEU F 546 2.39 49.14 38.04
N GLN F 547 1.44 50.01 37.68
CA GLN F 547 1.48 50.70 36.38
C GLN F 547 2.72 51.55 36.22
N GLN F 548 3.08 52.30 37.27
CA GLN F 548 4.23 53.18 37.17
C GLN F 548 5.51 52.38 37.01
N LEU F 549 5.64 51.27 37.75
CA LEU F 549 6.82 50.42 37.61
C LEU F 549 6.88 49.81 36.22
N LEU F 550 5.73 49.49 35.66
CA LEU F 550 5.73 49.02 34.27
C LEU F 550 6.30 50.09 33.34
N ALA F 551 5.81 51.34 33.43
CA ALA F 551 6.33 52.37 32.52
C ALA F 551 7.83 52.61 32.72
N GLN F 552 8.23 52.76 33.98
CA GLN F 552 9.64 52.94 34.27
C GLN F 552 10.46 51.81 33.67
N VAL F 553 10.01 50.57 33.85
CA VAL F 553 10.83 49.47 33.36
C VAL F 553 10.79 49.40 31.83
N SER F 554 9.68 49.82 31.19
CA SER F 554 9.72 49.81 29.73
C SER F 554 10.66 50.86 29.16
N HIS F 555 11.04 51.90 29.92
CA HIS F 555 11.94 52.90 29.34
C HIS F 555 13.43 52.64 29.64
N LEU F 556 13.77 51.48 30.20
CA LEU F 556 15.17 51.14 30.46
C LEU F 556 16.07 50.97 29.25
N MET G 1 -3.77 -7.71 -50.88
CA MET G 1 -2.42 -7.99 -50.41
C MET G 1 -2.21 -9.49 -50.16
N SER G 2 -1.65 -10.18 -51.15
CA SER G 2 -1.44 -11.61 -51.06
C SER G 2 -0.08 -11.88 -50.40
N VAL G 3 -0.12 -12.55 -49.25
CA VAL G 3 1.11 -12.85 -48.52
C VAL G 3 2.02 -13.80 -49.31
N SER G 4 1.44 -14.79 -49.99
CA SER G 4 2.27 -15.75 -50.73
C SER G 4 2.97 -15.08 -51.91
N ALA G 5 2.27 -14.21 -52.62
CA ALA G 5 2.88 -13.48 -53.72
C ALA G 5 3.98 -12.56 -53.22
N PHE G 6 3.73 -11.84 -52.12
CA PHE G 6 4.80 -10.96 -51.65
C PHE G 6 5.98 -11.77 -51.12
N ASN G 7 5.73 -12.90 -50.44
CA ASN G 7 6.83 -13.79 -50.06
C ASN G 7 7.74 -14.04 -51.26
N ARG G 8 7.14 -14.33 -52.41
CA ARG G 8 7.96 -14.65 -53.58
C ARG G 8 8.61 -13.44 -54.23
N ARG G 9 8.03 -12.24 -54.08
CA ARG G 9 8.74 -11.05 -54.57
C ARG G 9 9.95 -10.71 -53.70
N TRP G 10 9.78 -10.82 -52.38
CA TRP G 10 10.87 -10.67 -51.42
C TRP G 10 12.00 -11.63 -51.76
N ALA G 11 11.67 -12.93 -51.91
CA ALA G 11 12.69 -13.93 -52.24
C ALA G 11 13.36 -13.64 -53.57
N ALA G 12 12.59 -13.18 -54.57
CA ALA G 12 13.15 -12.90 -55.89
C ALA G 12 14.18 -11.77 -55.84
N VAL G 13 13.94 -10.75 -54.99
CA VAL G 13 14.98 -9.74 -54.75
C VAL G 13 16.23 -10.38 -54.16
N ILE G 14 16.07 -11.28 -53.18
CA ILE G 14 17.25 -11.95 -52.58
C ILE G 14 18.04 -12.71 -53.65
N LEU G 15 17.37 -13.61 -54.37
CA LEU G 15 18.09 -14.45 -55.32
C LEU G 15 18.71 -13.60 -56.44
N GLU G 16 17.95 -12.65 -56.99
CA GLU G 16 18.49 -11.80 -58.05
C GLU G 16 19.71 -11.03 -57.57
N ALA G 17 19.66 -10.52 -56.32
CA ALA G 17 20.81 -9.83 -55.77
C ALA G 17 22.02 -10.74 -55.74
N LEU G 18 21.80 -12.03 -55.42
CA LEU G 18 22.94 -12.94 -55.40
C LEU G 18 23.56 -13.08 -56.78
N THR G 19 22.75 -13.08 -57.85
CA THR G 19 23.36 -13.23 -59.17
C THR G 19 24.35 -12.11 -59.49
N ARG G 20 24.24 -10.96 -58.83
CA ARG G 20 25.13 -9.85 -59.11
C ARG G 20 26.50 -10.02 -58.47
N HIS G 21 26.70 -11.07 -57.66
CA HIS G 21 27.99 -11.31 -57.01
C HIS G 21 28.63 -12.61 -57.46
N GLY G 22 28.26 -13.11 -58.63
CA GLY G 22 28.91 -14.29 -59.14
C GLY G 22 28.29 -15.61 -58.73
N VAL G 23 27.17 -15.59 -57.99
CA VAL G 23 26.50 -16.84 -57.64
C VAL G 23 25.89 -17.42 -58.90
N ARG G 24 26.35 -18.60 -59.31
CA ARG G 24 25.82 -19.33 -60.45
C ARG G 24 25.20 -20.66 -60.05
N HIS G 25 25.88 -21.46 -59.23
CA HIS G 25 25.33 -22.72 -58.76
C HIS G 25 24.44 -22.50 -57.54
N ILE G 26 23.29 -23.15 -57.51
CA ILE G 26 22.45 -23.12 -56.32
C ILE G 26 22.01 -24.55 -56.02
N CYS G 27 22.21 -24.98 -54.76
CA CYS G 27 21.88 -26.31 -54.28
C CYS G 27 20.64 -26.26 -53.40
N ILE G 28 19.63 -27.04 -53.75
CA ILE G 28 18.31 -26.92 -53.16
C ILE G 28 17.88 -28.27 -52.61
N ALA G 29 17.45 -28.29 -51.35
CA ALA G 29 16.85 -29.46 -50.74
C ALA G 29 15.33 -29.29 -50.62
N PRO G 30 14.56 -30.38 -50.58
CA PRO G 30 13.09 -30.26 -50.60
C PRO G 30 12.52 -29.79 -49.27
N GLY G 31 11.42 -29.06 -49.37
CA GLY G 31 10.75 -28.52 -48.20
C GLY G 31 9.56 -27.70 -48.61
N SER G 32 8.77 -27.30 -47.62
CA SER G 32 7.63 -26.43 -47.90
C SER G 32 7.91 -24.98 -47.54
N ARG G 33 8.47 -24.74 -46.34
CA ARG G 33 8.79 -23.38 -45.90
C ARG G 33 9.79 -22.68 -46.83
N SER G 34 10.59 -23.45 -47.59
CA SER G 34 11.54 -22.88 -48.54
C SER G 34 10.90 -22.49 -49.88
N THR G 35 9.59 -22.70 -50.05
CA THR G 35 8.90 -22.43 -51.31
C THR G 35 9.21 -21.06 -51.93
N PRO G 36 9.17 -19.94 -51.20
CA PRO G 36 9.50 -18.65 -51.85
C PRO G 36 10.90 -18.62 -52.43
N LEU G 37 11.90 -19.11 -51.68
CA LEU G 37 13.26 -19.18 -52.20
C LEU G 37 13.36 -20.17 -53.36
N THR G 38 12.79 -21.37 -53.19
CA THR G 38 12.94 -22.40 -54.22
C THR G 38 12.28 -22.00 -55.52
N LEU G 39 11.08 -21.40 -55.47
CA LEU G 39 10.44 -20.92 -56.69
C LEU G 39 11.16 -19.70 -57.28
N ALA G 40 11.60 -18.76 -56.44
CA ALA G 40 12.39 -17.66 -56.98
C ALA G 40 13.62 -18.18 -57.71
N ALA G 41 14.28 -19.21 -57.15
CA ALA G 41 15.47 -19.73 -57.79
C ALA G 41 15.12 -20.48 -59.06
N ALA G 42 14.07 -21.29 -59.03
CA ALA G 42 13.70 -22.09 -60.19
C ALA G 42 13.29 -21.18 -61.35
N GLU G 43 12.69 -20.02 -61.04
CA GLU G 43 12.26 -19.06 -62.05
C GLU G 43 13.40 -18.23 -62.62
N ASN G 44 14.55 -18.22 -61.98
CA ASN G 44 15.67 -17.37 -62.36
C ASN G 44 16.62 -18.17 -63.25
N SER G 45 16.72 -17.76 -64.51
CA SER G 45 17.51 -18.44 -65.52
C SER G 45 19.01 -18.27 -65.34
N ALA G 46 19.44 -17.43 -64.40
CA ALA G 46 20.88 -17.26 -64.20
C ALA G 46 21.52 -18.46 -63.50
N PHE G 47 20.73 -19.35 -62.91
CA PHE G 47 21.29 -20.36 -62.01
C PHE G 47 21.43 -21.71 -62.72
N ILE G 48 22.44 -22.47 -62.30
CA ILE G 48 22.49 -23.90 -62.51
C ILE G 48 22.01 -24.53 -61.21
N HIS G 49 20.97 -25.38 -61.27
CA HIS G 49 20.35 -25.91 -60.06
C HIS G 49 20.83 -27.33 -59.81
N HIS G 50 21.22 -27.62 -58.57
CA HIS G 50 21.50 -28.96 -58.11
C HIS G 50 20.53 -29.29 -56.99
N THR G 51 20.11 -30.54 -56.90
CA THR G 51 19.18 -30.99 -55.88
C THR G 51 19.72 -32.22 -55.19
N HIS G 52 19.34 -32.39 -53.92
CA HIS G 52 19.69 -33.58 -53.16
C HIS G 52 18.73 -33.65 -51.97
N PHE G 53 18.56 -34.87 -51.44
CA PHE G 53 17.62 -35.12 -50.35
C PHE G 53 18.23 -35.06 -48.96
N ASP G 54 19.55 -35.02 -48.88
CA ASP G 54 20.25 -34.94 -47.60
C ASP G 54 20.87 -33.56 -47.55
N GLU G 55 20.64 -32.82 -46.47
CA GLU G 55 21.18 -31.46 -46.44
C GLU G 55 22.65 -31.41 -46.06
N ARG G 56 23.15 -32.37 -45.27
CA ARG G 56 24.59 -32.45 -45.02
C ARG G 56 25.33 -32.74 -46.32
N GLY G 57 24.84 -33.72 -47.10
CA GLY G 57 25.41 -33.95 -48.41
C GLY G 57 25.25 -32.74 -49.32
N LEU G 58 24.10 -32.07 -49.23
CA LEU G 58 23.88 -30.86 -50.02
C LEU G 58 24.93 -29.79 -49.73
N GLY G 59 25.18 -29.54 -48.44
CA GLY G 59 26.18 -28.58 -48.06
C GLY G 59 27.55 -28.93 -48.61
N HIS G 60 27.89 -30.22 -48.58
CA HIS G 60 29.22 -30.63 -49.06
C HIS G 60 29.32 -30.57 -50.59
N LEU G 61 28.22 -30.84 -51.30
CA LEU G 61 28.17 -30.65 -52.74
C LEU G 61 28.41 -29.20 -53.11
N ALA G 62 27.76 -28.29 -52.39
CA ALA G 62 27.99 -26.87 -52.62
C ALA G 62 29.46 -26.51 -52.36
N LEU G 63 30.07 -27.11 -51.31
CA LEU G 63 31.47 -26.84 -51.02
C LEU G 63 32.37 -27.29 -52.16
N GLY G 64 32.10 -28.45 -52.73
CA GLY G 64 32.91 -28.93 -53.85
C GLY G 64 32.77 -28.06 -55.09
N LEU G 65 31.54 -27.66 -55.40
CA LEU G 65 31.31 -26.71 -56.50
C LEU G 65 32.07 -25.39 -56.28
N ALA G 66 31.99 -24.84 -55.06
CA ALA G 66 32.65 -23.57 -54.73
C ALA G 66 34.16 -23.72 -54.76
N LYS G 67 34.62 -24.86 -54.27
CA LYS G 67 36.04 -25.19 -54.21
C LYS G 67 36.67 -25.16 -55.59
N VAL G 68 35.99 -25.75 -56.58
CA VAL G 68 36.56 -25.74 -57.93
C VAL G 68 36.25 -24.44 -58.66
N SER G 69 35.02 -23.95 -58.59
CA SER G 69 34.68 -22.79 -59.42
C SER G 69 35.17 -21.46 -58.87
N LYS G 70 35.68 -21.40 -57.64
CA LYS G 70 36.19 -20.17 -57.02
C LYS G 70 35.12 -19.07 -56.94
N GLN G 71 33.85 -19.43 -57.01
CA GLN G 71 32.75 -18.49 -56.91
C GLN G 71 31.96 -18.77 -55.63
N PRO G 72 31.15 -17.81 -55.16
CA PRO G 72 30.16 -18.15 -54.14
C PRO G 72 29.06 -19.05 -54.70
N VAL G 73 28.68 -20.03 -53.89
CA VAL G 73 27.68 -21.01 -54.26
C VAL G 73 26.58 -20.93 -53.21
N ALA G 74 25.33 -20.88 -53.67
CA ALA G 74 24.21 -20.73 -52.76
C ALA G 74 23.58 -22.08 -52.46
N VAL G 75 22.92 -22.16 -51.31
CA VAL G 75 22.25 -23.37 -50.82
C VAL G 75 20.86 -22.94 -50.36
N ILE G 76 19.83 -23.69 -50.72
CA ILE G 76 18.48 -23.42 -50.22
C ILE G 76 18.00 -24.61 -49.39
N VAL G 77 17.49 -24.33 -48.18
CA VAL G 77 17.03 -25.38 -47.29
C VAL G 77 15.78 -24.92 -46.55
N THR G 78 14.91 -25.87 -46.18
CA THR G 78 13.71 -25.55 -45.40
C THR G 78 14.08 -25.41 -43.92
N SER G 79 13.09 -25.05 -43.09
CA SER G 79 13.38 -24.83 -41.68
C SER G 79 13.56 -26.15 -40.92
N GLY G 80 14.14 -26.07 -39.73
CA GLY G 80 14.31 -27.20 -38.82
C GLY G 80 15.70 -27.83 -38.80
N THR G 81 15.79 -29.12 -38.52
CA THR G 81 17.10 -29.78 -38.49
C THR G 81 17.78 -29.81 -39.85
N ALA G 82 17.02 -29.60 -40.93
CA ALA G 82 17.63 -29.43 -42.24
C ALA G 82 18.69 -28.34 -42.21
N VAL G 83 18.39 -27.23 -41.52
CA VAL G 83 19.36 -26.15 -41.39
C VAL G 83 20.60 -26.64 -40.66
N ALA G 84 20.39 -27.40 -39.58
CA ALA G 84 21.49 -27.88 -38.75
C ALA G 84 22.43 -28.82 -39.52
N ASN G 85 21.90 -29.57 -40.48
CA ASN G 85 22.74 -30.47 -41.28
C ASN G 85 23.74 -29.73 -42.16
N LEU G 86 23.58 -28.42 -42.36
CA LEU G 86 24.56 -27.64 -43.09
C LEU G 86 25.81 -27.30 -42.27
N TYR G 87 25.82 -27.56 -40.96
CA TYR G 87 26.91 -27.15 -40.13
C TYR G 87 28.28 -27.68 -40.55
N PRO G 88 28.41 -28.94 -40.89
CA PRO G 88 29.77 -29.40 -41.27
C PRO G 88 30.37 -28.65 -42.46
N ALA G 89 29.68 -28.58 -43.61
CA ALA G 89 30.27 -27.87 -44.74
C ALA G 89 30.51 -26.39 -44.40
N LEU G 90 29.65 -25.79 -43.58
CA LEU G 90 29.88 -24.39 -43.16
C LEU G 90 31.18 -24.25 -42.38
N ILE G 91 31.43 -25.19 -41.46
CA ILE G 91 32.67 -25.19 -40.69
C ILE G 91 33.85 -25.27 -41.63
N GLU G 92 33.80 -26.25 -42.53
CA GLU G 92 34.89 -26.46 -43.47
C GLU G 92 35.12 -25.24 -44.36
N ALA G 93 34.03 -24.63 -44.86
CA ALA G 93 34.17 -23.43 -45.69
C ALA G 93 34.84 -22.31 -44.91
N GLY G 94 34.51 -22.16 -43.62
CA GLY G 94 35.15 -21.17 -42.78
C GLY G 94 36.63 -21.40 -42.58
N LEU G 95 37.08 -22.67 -42.62
CA LEU G 95 38.50 -22.91 -42.46
C LEU G 95 39.26 -22.79 -43.78
N THR G 96 38.68 -23.22 -44.91
CA THR G 96 39.41 -23.23 -46.17
C THR G 96 39.00 -22.14 -47.15
N GLY G 97 37.93 -21.39 -46.89
CA GLY G 97 37.70 -20.16 -47.64
C GLY G 97 36.59 -20.19 -48.66
N GLU G 98 36.02 -21.36 -48.95
CA GLU G 98 34.92 -21.45 -49.89
C GLU G 98 33.77 -20.54 -49.47
N LYS G 99 33.14 -19.92 -50.45
CA LYS G 99 32.08 -18.96 -50.21
C LYS G 99 30.73 -19.66 -50.39
N LEU G 100 30.12 -20.10 -49.27
CA LEU G 100 28.80 -20.72 -49.25
C LEU G 100 27.75 -19.76 -48.72
N ILE G 101 26.69 -19.54 -49.49
CA ILE G 101 25.59 -18.65 -49.13
C ILE G 101 24.40 -19.51 -48.72
N LEU G 102 24.16 -19.65 -47.42
CA LEU G 102 23.13 -20.53 -46.90
C LEU G 102 21.82 -19.75 -46.74
N LEU G 103 20.83 -20.04 -47.59
CA LEU G 103 19.50 -19.46 -47.51
C LEU G 103 18.65 -20.46 -46.73
N THR G 104 18.46 -20.18 -45.46
CA THR G 104 17.76 -21.10 -44.56
C THR G 104 16.39 -20.50 -44.30
N ALA G 105 15.36 -21.13 -44.89
CA ALA G 105 13.99 -20.70 -44.67
C ALA G 105 13.62 -20.88 -43.20
N ASP G 106 12.75 -20.01 -42.70
CA ASP G 106 12.36 -20.06 -41.31
C ASP G 106 10.88 -19.77 -41.19
N ARG G 107 10.27 -20.28 -40.10
CA ARG G 107 8.97 -19.83 -39.66
C ARG G 107 9.02 -18.34 -39.27
N PRO G 108 7.91 -17.62 -39.39
CA PRO G 108 7.89 -16.24 -38.96
C PRO G 108 7.99 -16.17 -37.44
N PRO G 109 8.33 -14.99 -36.90
CA PRO G 109 8.61 -14.90 -35.46
C PRO G 109 7.45 -15.31 -34.58
N GLU G 110 6.20 -15.14 -35.02
CA GLU G 110 5.06 -15.55 -34.20
C GLU G 110 4.93 -17.06 -33.98
N LEU G 111 5.77 -17.89 -34.62
CA LEU G 111 5.70 -19.35 -34.50
C LEU G 111 6.97 -19.96 -33.92
N ILE G 112 7.83 -19.15 -33.29
CA ILE G 112 9.03 -19.64 -32.63
C ILE G 112 8.72 -19.80 -31.14
N ASP G 113 9.26 -20.86 -30.51
CA ASP G 113 9.13 -21.09 -29.06
C ASP G 113 7.68 -21.16 -28.62
N CYS G 114 6.82 -21.80 -29.44
CA CYS G 114 5.45 -21.97 -29.01
C CYS G 114 4.89 -23.33 -29.41
N GLY G 115 5.75 -24.32 -29.65
CA GLY G 115 5.26 -25.65 -29.97
C GLY G 115 4.78 -25.86 -31.39
N ALA G 116 5.07 -24.93 -32.31
CA ALA G 116 4.76 -25.13 -33.74
C ALA G 116 5.61 -26.25 -34.33
N ASN G 117 5.11 -26.88 -35.35
CA ASN G 117 5.83 -27.95 -36.04
C ASN G 117 7.00 -27.45 -36.83
N GLN G 118 8.13 -28.15 -36.69
CA GLN G 118 9.32 -27.88 -37.48
C GLN G 118 9.77 -26.42 -37.33
N ALA G 119 9.63 -25.87 -36.12
CA ALA G 119 10.06 -24.51 -35.81
C ALA G 119 11.09 -24.56 -34.68
N ILE G 120 12.27 -24.01 -34.94
CA ILE G 120 13.37 -23.96 -33.99
C ILE G 120 13.95 -22.55 -34.05
N ARG G 121 14.85 -22.26 -33.11
CA ARG G 121 15.55 -20.96 -33.07
C ARG G 121 16.71 -20.99 -34.05
N GLN G 122 16.59 -20.23 -35.14
CA GLN G 122 17.58 -20.35 -36.21
C GLN G 122 18.58 -19.20 -36.26
N PRO G 123 18.21 -17.94 -35.98
CA PRO G 123 19.22 -16.88 -35.95
C PRO G 123 20.37 -17.22 -35.02
N GLY G 124 21.59 -17.09 -35.53
CA GLY G 124 22.77 -17.34 -34.73
C GLY G 124 23.07 -18.78 -34.45
N MET G 125 22.32 -19.71 -35.02
CA MET G 125 22.51 -21.10 -34.61
C MET G 125 23.86 -21.65 -35.03
N PHE G 126 24.58 -20.99 -35.94
CA PHE G 126 25.91 -21.43 -36.31
C PHE G 126 27.01 -20.68 -35.55
N ALA G 127 26.66 -19.99 -34.46
CA ALA G 127 27.64 -19.36 -33.56
C ALA G 127 28.59 -18.50 -34.39
N SER G 128 29.91 -18.60 -34.23
CA SER G 128 30.86 -17.69 -34.88
C SER G 128 31.44 -18.25 -36.19
N HIS G 129 30.90 -19.36 -36.69
CA HIS G 129 31.43 -20.05 -37.86
C HIS G 129 31.09 -19.41 -39.22
N PRO G 130 29.90 -18.80 -39.43
CA PRO G 130 29.73 -17.97 -40.65
C PRO G 130 30.61 -16.74 -40.56
N THR G 131 31.16 -16.30 -41.71
CA THR G 131 31.84 -15.01 -41.76
C THR G 131 30.88 -13.85 -41.49
N HIS G 132 29.68 -13.88 -42.09
CA HIS G 132 28.57 -12.94 -41.86
C HIS G 132 27.30 -13.70 -41.52
N SER G 133 26.47 -13.07 -40.68
CA SER G 133 25.15 -13.57 -40.33
C SER G 133 24.11 -12.50 -40.54
N ILE G 134 23.10 -12.83 -41.33
CA ILE G 134 21.95 -11.96 -41.54
C ILE G 134 20.68 -12.71 -41.11
N SER G 135 19.95 -12.12 -40.16
CA SER G 135 18.62 -12.56 -39.75
C SER G 135 17.62 -11.62 -40.43
N LEU G 136 17.06 -12.06 -41.55
CA LEU G 136 16.12 -11.16 -42.23
C LEU G 136 14.86 -10.99 -41.37
N PRO G 137 14.24 -9.82 -41.45
CA PRO G 137 13.01 -9.59 -40.69
C PRO G 137 11.84 -10.25 -41.40
N ARG G 138 10.73 -10.31 -40.67
CA ARG G 138 9.49 -10.82 -41.25
C ARG G 138 9.18 -10.00 -42.50
N PRO G 139 8.93 -10.63 -43.65
CA PRO G 139 8.72 -9.85 -44.88
C PRO G 139 7.54 -8.88 -44.74
N THR G 140 7.76 -7.66 -45.21
CA THR G 140 6.72 -6.64 -45.21
C THR G 140 7.06 -5.56 -46.22
N GLN G 141 6.02 -5.01 -46.86
CA GLN G 141 6.25 -3.91 -47.80
C GLN G 141 6.66 -2.61 -47.12
N ASP G 142 6.51 -2.49 -45.79
CA ASP G 142 6.98 -1.29 -45.09
C ASP G 142 8.49 -1.22 -44.98
N ILE G 143 9.19 -2.29 -45.33
CA ILE G 143 10.65 -2.26 -45.48
C ILE G 143 10.97 -2.24 -46.97
N PRO G 144 11.65 -1.22 -47.46
CA PRO G 144 11.84 -1.11 -48.91
C PRO G 144 12.81 -2.16 -49.40
N ALA G 145 12.63 -2.55 -50.68
CA ALA G 145 13.52 -3.51 -51.30
C ALA G 145 14.98 -3.03 -51.33
N ARG G 146 15.21 -1.72 -51.29
CA ARG G 146 16.59 -1.23 -51.36
C ARG G 146 17.35 -1.54 -50.08
N TRP G 147 16.63 -1.61 -48.95
CA TRP G 147 17.24 -2.12 -47.73
C TRP G 147 17.64 -3.57 -47.91
N LEU G 148 16.75 -4.38 -48.47
CA LEU G 148 16.97 -5.83 -48.56
C LEU G 148 18.16 -6.16 -49.48
N VAL G 149 18.15 -5.58 -50.68
CA VAL G 149 19.26 -5.79 -51.60
C VAL G 149 20.55 -5.21 -51.03
N SER G 150 20.46 -4.07 -50.33
CA SER G 150 21.67 -3.48 -49.73
C SER G 150 22.26 -4.35 -48.63
N THR G 151 21.41 -4.99 -47.81
CA THR G 151 21.93 -5.91 -46.79
C THR G 151 22.65 -7.08 -47.45
N ILE G 152 22.02 -7.71 -48.45
CA ILE G 152 22.69 -8.82 -49.11
C ILE G 152 23.98 -8.35 -49.79
N ASP G 153 23.95 -7.15 -50.41
CA ASP G 153 25.12 -6.61 -51.09
C ASP G 153 26.25 -6.37 -50.11
N HIS G 154 25.94 -5.88 -48.91
CA HIS G 154 26.99 -5.71 -47.91
C HIS G 154 27.61 -7.05 -47.54
N ALA G 155 26.78 -8.06 -47.25
CA ALA G 155 27.32 -9.33 -46.82
C ALA G 155 28.19 -9.96 -47.91
N LEU G 156 27.71 -9.97 -49.15
CA LEU G 156 28.47 -10.63 -50.20
C LEU G 156 29.66 -9.79 -50.63
N GLY G 157 29.52 -8.47 -50.61
CA GLY G 157 30.59 -7.61 -51.08
C GLY G 157 31.82 -7.68 -50.20
N THR G 158 31.64 -7.72 -48.88
CA THR G 158 32.76 -7.75 -47.95
C THR G 158 33.19 -9.17 -47.60
N LEU G 159 32.67 -10.17 -48.32
CA LEU G 159 32.97 -11.57 -48.05
C LEU G 159 34.34 -11.94 -48.63
N HIS G 160 35.34 -12.01 -47.76
CA HIS G 160 36.67 -12.40 -48.23
C HIS G 160 36.76 -13.90 -48.44
N ALA G 161 36.10 -14.68 -47.58
CA ALA G 161 36.11 -16.14 -47.61
C ALA G 161 35.11 -16.67 -46.59
N GLY G 162 34.66 -17.91 -46.79
CA GLY G 162 33.80 -18.59 -45.82
C GLY G 162 32.32 -18.37 -46.08
N GLY G 163 31.50 -18.92 -45.15
CA GLY G 163 30.07 -18.96 -45.37
C GLY G 163 29.30 -17.76 -44.85
N VAL G 164 28.13 -17.56 -45.46
CA VAL G 164 27.17 -16.53 -45.10
C VAL G 164 25.86 -17.24 -44.77
N HIS G 165 25.37 -17.05 -43.57
CA HIS G 165 24.08 -17.59 -43.20
C HIS G 165 23.06 -16.50 -43.34
N ILE G 166 22.12 -16.69 -44.24
CA ILE G 166 21.01 -15.76 -44.42
C ILE G 166 19.74 -16.51 -44.02
N ASN G 167 19.24 -16.16 -42.84
CA ASN G 167 18.01 -16.76 -42.33
C ASN G 167 16.81 -16.00 -42.89
N CYS G 168 15.89 -16.73 -43.53
CA CYS G 168 14.78 -16.09 -44.24
C CYS G 168 13.43 -16.54 -43.71
N PRO G 169 12.82 -15.78 -42.78
CA PRO G 169 11.47 -16.11 -42.33
C PRO G 169 10.40 -15.81 -43.38
N PHE G 170 9.41 -16.68 -43.45
CA PHE G 170 8.25 -16.53 -44.33
C PHE G 170 7.01 -17.02 -43.58
N ALA G 171 5.96 -16.21 -43.57
CA ALA G 171 4.69 -16.64 -42.99
C ALA G 171 3.79 -17.25 -44.06
N GLU G 172 3.00 -18.25 -43.65
CA GLU G 172 1.92 -18.79 -44.46
C GLU G 172 0.89 -17.70 -44.73
N PRO G 173 0.16 -17.80 -45.86
CA PRO G 173 0.20 -18.86 -46.88
C PRO G 173 1.44 -18.80 -47.77
N LEU G 174 1.91 -19.99 -48.18
CA LEU G 174 3.07 -20.13 -49.05
C LEU G 174 2.72 -20.43 -50.51
N TYR G 175 1.56 -21.00 -50.75
CA TYR G 175 1.14 -21.42 -52.07
C TYR G 175 0.04 -20.48 -52.54
N GLY G 176 -0.21 -20.49 -53.84
CA GLY G 176 -1.17 -19.59 -54.45
C GLY G 176 -0.62 -18.93 -55.70
N GLU G 177 -1.53 -18.47 -56.56
CA GLU G 177 -1.17 -17.79 -57.78
C GLU G 177 -0.52 -16.43 -57.44
N MET G 178 0.41 -16.02 -58.30
CA MET G 178 1.13 -14.79 -58.05
C MET G 178 0.39 -13.64 -58.71
N ASP G 179 -0.13 -12.76 -57.86
CA ASP G 179 -0.84 -11.58 -58.34
C ASP G 179 0.15 -10.44 -58.36
N ASP G 180 -0.32 -9.20 -58.36
CA ASP G 180 0.62 -8.10 -58.47
C ASP G 180 1.10 -7.58 -57.11
N THR G 181 0.68 -8.21 -56.01
CA THR G 181 1.18 -7.83 -54.68
C THR G 181 2.69 -7.73 -54.68
N GLY G 182 3.21 -6.56 -54.30
CA GLY G 182 4.63 -6.32 -54.23
C GLY G 182 5.32 -5.91 -55.50
N LEU G 183 4.60 -5.88 -56.63
CA LEU G 183 5.25 -5.55 -57.90
C LEU G 183 5.82 -4.13 -57.86
N SER G 184 5.01 -3.16 -57.52
CA SER G 184 5.49 -1.79 -57.40
C SER G 184 6.56 -1.63 -56.31
N TRP G 185 6.43 -2.39 -55.22
CA TRP G 185 7.51 -2.44 -54.23
C TRP G 185 8.84 -2.86 -54.89
N GLN G 186 8.80 -3.92 -55.69
CA GLN G 186 9.96 -4.32 -56.49
C GLN G 186 10.40 -3.23 -57.45
N GLN G 187 9.45 -2.55 -58.08
CA GLN G 187 9.80 -1.58 -59.11
C GLN G 187 10.46 -0.35 -58.52
N ARG G 188 10.43 -0.19 -57.19
CA ARG G 188 11.19 0.91 -56.61
C ARG G 188 12.70 0.80 -56.92
N LEU G 189 13.20 -0.37 -57.28
CA LEU G 189 14.61 -0.48 -57.65
C LEU G 189 14.89 -0.01 -59.07
N GLY G 190 13.86 0.36 -59.85
CA GLY G 190 14.14 0.95 -61.15
C GLY G 190 14.85 -0.04 -62.07
N ASP G 191 15.84 0.48 -62.81
CA ASP G 191 16.53 -0.31 -63.82
C ASP G 191 17.62 -1.18 -63.25
N TRP G 192 17.74 -1.27 -61.93
CA TRP G 192 18.58 -2.29 -61.31
C TRP G 192 18.20 -3.69 -61.79
N TRP G 193 16.91 -3.93 -62.07
CA TRP G 193 16.48 -5.25 -62.55
C TRP G 193 17.16 -5.62 -63.87
N GLN G 194 17.53 -4.65 -64.70
CA GLN G 194 18.18 -4.93 -65.97
C GLN G 194 19.69 -4.76 -65.91
N ASP G 195 20.25 -4.52 -64.72
CA ASP G 195 21.68 -4.29 -64.59
C ASP G 195 22.41 -5.63 -64.35
N ASP G 196 23.73 -5.56 -64.34
CA ASP G 196 24.60 -6.69 -64.05
C ASP G 196 25.46 -6.49 -62.79
N LYS G 197 25.18 -5.49 -61.98
CA LYS G 197 26.01 -5.04 -60.87
C LYS G 197 25.18 -4.97 -59.60
N PRO G 198 25.82 -5.03 -58.42
CA PRO G 198 25.04 -4.89 -57.18
C PRO G 198 24.43 -3.51 -57.08
N TRP G 199 23.35 -3.43 -56.32
CA TRP G 199 22.78 -2.15 -55.93
C TRP G 199 23.82 -1.35 -55.16
N LEU G 200 24.46 -1.97 -54.18
CA LEU G 200 25.51 -1.31 -53.43
C LEU G 200 26.81 -2.05 -53.66
N ARG G 201 27.81 -1.34 -54.18
CA ARG G 201 29.15 -1.88 -54.35
C ARG G 201 29.97 -1.56 -53.11
N GLU G 202 30.32 -2.62 -52.39
CA GLU G 202 31.14 -2.51 -51.19
C GLU G 202 32.10 -3.69 -51.30
N ALA G 203 33.29 -3.43 -51.83
CA ALA G 203 34.25 -4.49 -52.14
C ALA G 203 35.66 -4.11 -51.70
N PRO G 204 35.85 -3.92 -50.39
CA PRO G 204 37.21 -3.61 -49.91
C PRO G 204 38.08 -4.86 -49.95
N ARG G 205 39.32 -4.65 -50.34
CA ARG G 205 40.30 -5.72 -50.45
C ARG G 205 41.15 -5.77 -49.19
N LEU G 206 41.44 -6.99 -48.74
CA LEU G 206 42.27 -7.25 -47.56
C LEU G 206 43.56 -7.88 -48.02
N GLU G 207 44.68 -7.20 -47.79
CA GLU G 207 45.95 -7.62 -48.38
C GLU G 207 47.09 -7.00 -47.59
N SER G 208 48.17 -7.76 -47.41
CA SER G 208 49.33 -7.23 -46.69
C SER G 208 50.19 -6.37 -47.62
N GLU G 209 50.92 -5.43 -47.03
CA GLU G 209 51.75 -4.55 -47.83
C GLU G 209 53.05 -5.27 -48.25
N LYS G 210 53.72 -4.64 -49.24
CA LYS G 210 55.05 -5.02 -49.65
C LYS G 210 55.92 -5.22 -48.42
N GLN G 211 56.65 -6.30 -48.29
CA GLN G 211 57.61 -6.41 -47.22
C GLN G 211 58.88 -5.71 -47.77
N ARG G 212 59.32 -4.61 -47.14
CA ARG G 212 60.40 -3.76 -47.66
C ARG G 212 61.79 -4.33 -47.43
N ASP G 213 61.94 -5.35 -46.59
CA ASP G 213 63.24 -5.98 -46.37
C ASP G 213 63.37 -7.31 -47.10
N TRP G 214 62.55 -7.56 -48.13
CA TRP G 214 62.62 -8.85 -48.83
C TRP G 214 63.96 -9.06 -49.52
N PHE G 215 64.51 -8.01 -50.15
CA PHE G 215 65.79 -8.14 -50.85
C PHE G 215 66.89 -8.49 -49.85
N PHE G 216 66.70 -8.14 -48.58
CA PHE G 216 67.62 -8.59 -47.55
C PHE G 216 67.44 -10.07 -47.24
N TRP G 217 66.19 -10.51 -47.03
CA TRP G 217 65.93 -11.87 -46.58
C TRP G 217 66.13 -12.92 -47.67
N ARG G 218 65.94 -12.56 -48.94
CA ARG G 218 66.09 -13.58 -49.99
C ARG G 218 67.54 -13.97 -50.29
N GLN G 219 68.53 -13.31 -49.70
CA GLN G 219 69.91 -13.78 -49.81
C GLN G 219 70.30 -14.65 -48.62
N LYS G 220 69.40 -14.84 -47.65
CA LYS G 220 69.65 -15.71 -46.52
C LYS G 220 69.46 -17.17 -46.97
N ARG G 221 69.66 -18.12 -46.05
CA ARG G 221 69.38 -19.56 -46.23
C ARG G 221 68.00 -19.92 -45.68
N GLY G 222 67.03 -20.06 -46.58
CA GLY G 222 65.65 -20.35 -46.25
C GLY G 222 65.21 -21.65 -46.88
N VAL G 223 64.02 -22.02 -46.45
CA VAL G 223 63.30 -23.17 -46.89
C VAL G 223 61.92 -22.73 -47.36
N VAL G 224 61.48 -23.30 -48.46
CA VAL G 224 60.13 -23.07 -48.96
C VAL G 224 59.31 -24.29 -48.59
N VAL G 225 58.22 -24.04 -47.87
CA VAL G 225 57.21 -25.04 -47.54
C VAL G 225 55.96 -24.67 -48.33
N ALA G 226 55.49 -25.59 -49.16
CA ALA G 226 54.34 -25.35 -50.02
C ALA G 226 53.18 -26.20 -49.49
N GLY G 227 52.14 -25.54 -48.99
CA GLY G 227 50.89 -26.16 -48.56
C GLY G 227 49.84 -26.11 -49.63
N ARG G 228 48.57 -26.06 -49.21
CA ARG G 228 47.47 -26.09 -50.17
C ARG G 228 47.42 -24.77 -50.95
N MET G 229 47.27 -24.86 -52.28
CA MET G 229 47.19 -23.70 -53.15
C MET G 229 46.63 -24.17 -54.49
N SER G 230 46.43 -23.24 -55.42
CA SER G 230 45.97 -23.64 -56.74
C SER G 230 47.10 -24.30 -57.54
N ALA G 231 46.71 -24.94 -58.66
CA ALA G 231 47.68 -25.63 -59.51
C ALA G 231 48.70 -24.66 -60.13
N GLU G 232 48.19 -23.55 -60.69
CA GLU G 232 49.03 -22.47 -61.20
C GLU G 232 50.04 -22.01 -60.15
N GLU G 233 49.51 -21.65 -58.96
CA GLU G 233 50.36 -21.14 -57.88
C GLU G 233 51.43 -22.16 -57.52
N GLY G 234 51.07 -23.45 -57.61
CA GLY G 234 51.98 -24.54 -57.33
C GLY G 234 53.16 -24.55 -58.30
N LYS G 235 52.89 -24.35 -59.59
CA LYS G 235 53.98 -24.27 -60.56
C LYS G 235 54.85 -23.03 -60.31
N LYS G 236 54.20 -21.88 -60.05
CA LYS G 236 54.97 -20.65 -59.83
C LYS G 236 55.86 -20.74 -58.57
N VAL G 237 55.36 -21.37 -57.50
CA VAL G 237 56.18 -21.55 -56.29
C VAL G 237 57.37 -22.45 -56.60
N ALA G 238 57.18 -23.51 -57.38
CA ALA G 238 58.30 -24.35 -57.80
C ALA G 238 59.37 -23.52 -58.52
N LEU G 239 58.96 -22.74 -59.53
CA LEU G 239 59.94 -21.96 -60.31
C LEU G 239 60.64 -20.92 -59.44
N TRP G 240 59.89 -20.32 -58.53
CA TRP G 240 60.40 -19.31 -57.60
C TRP G 240 61.44 -19.89 -56.63
N ALA G 241 61.10 -21.00 -55.98
CA ALA G 241 62.02 -21.63 -55.03
C ALA G 241 63.27 -22.14 -55.72
N GLN G 242 63.11 -22.74 -56.91
CA GLN G 242 64.25 -23.17 -57.69
C GLN G 242 65.18 -21.99 -58.02
N THR G 243 64.62 -20.88 -58.49
CA THR G 243 65.44 -19.72 -58.77
C THR G 243 66.19 -19.26 -57.52
N LEU G 244 65.50 -19.20 -56.37
CA LEU G 244 66.17 -18.80 -55.13
C LEU G 244 67.28 -19.75 -54.68
N GLY G 245 67.28 -21.00 -55.12
CA GLY G 245 68.17 -21.98 -54.53
C GLY G 245 67.73 -22.53 -53.19
N TRP G 246 66.49 -22.44 -52.87
CA TRP G 246 66.07 -22.93 -51.56
C TRP G 246 65.39 -24.29 -51.71
N PRO G 247 65.62 -25.18 -50.75
CA PRO G 247 64.89 -26.46 -50.78
C PRO G 247 63.40 -26.21 -50.67
N LEU G 248 62.65 -26.97 -51.46
CA LEU G 248 61.19 -26.86 -51.52
C LEU G 248 60.61 -28.12 -50.92
N ILE G 249 59.96 -27.98 -49.76
CA ILE G 249 59.22 -29.08 -49.16
C ILE G 249 57.75 -28.92 -49.59
N GLY G 250 57.32 -29.77 -50.52
CA GLY G 250 56.04 -29.63 -51.19
C GLY G 250 55.03 -30.66 -50.69
N ASP G 251 53.89 -30.14 -50.28
CA ASP G 251 52.83 -31.00 -49.78
C ASP G 251 52.05 -31.63 -50.94
N VAL G 252 51.32 -32.72 -50.63
CA VAL G 252 50.45 -33.35 -51.63
C VAL G 252 49.46 -32.33 -52.19
N LEU G 253 49.04 -31.36 -51.38
CA LEU G 253 48.08 -30.40 -51.89
C LEU G 253 48.72 -29.24 -52.66
N SER G 254 50.05 -29.21 -52.82
CA SER G 254 50.70 -28.03 -53.39
C SER G 254 50.77 -28.04 -54.91
N GLN G 255 50.79 -29.21 -55.55
CA GLN G 255 50.89 -29.28 -57.01
C GLN G 255 52.16 -28.61 -57.52
N THR G 256 53.20 -28.61 -56.69
CA THR G 256 54.50 -28.07 -57.04
C THR G 256 55.35 -29.06 -57.84
N GLY G 257 54.93 -30.31 -57.93
CA GLY G 257 55.77 -31.33 -58.48
C GLY G 257 56.66 -32.01 -57.48
N GLN G 258 56.67 -31.54 -56.24
CA GLN G 258 57.41 -32.11 -55.12
C GLN G 258 58.84 -32.48 -55.54
N PRO G 259 59.66 -31.50 -55.94
CA PRO G 259 61.02 -31.81 -56.41
C PRO G 259 61.89 -32.48 -55.36
N LEU G 260 61.49 -32.46 -54.08
CA LEU G 260 62.15 -33.22 -53.02
C LEU G 260 61.15 -34.21 -52.44
N PRO G 261 60.75 -35.22 -53.19
CA PRO G 261 59.60 -36.03 -52.78
C PRO G 261 59.95 -36.89 -51.58
N CYS G 262 58.90 -37.49 -51.00
CA CYS G 262 59.02 -38.38 -49.84
C CYS G 262 59.55 -37.63 -48.61
N ALA G 263 59.18 -36.35 -48.49
CA ALA G 263 59.63 -35.55 -47.35
C ALA G 263 59.17 -36.15 -46.03
N ASP G 264 57.97 -36.75 -45.97
CA ASP G 264 57.57 -37.41 -44.73
C ASP G 264 58.52 -38.54 -44.37
N LEU G 265 59.30 -39.03 -45.32
CA LEU G 265 60.31 -40.04 -45.01
C LEU G 265 61.67 -39.42 -44.72
N TRP G 266 62.20 -38.58 -45.62
CA TRP G 266 63.58 -38.12 -45.44
C TRP G 266 63.71 -37.08 -44.33
N LEU G 267 62.61 -36.45 -43.91
CA LEU G 267 62.67 -35.59 -42.72
C LEU G 267 62.88 -36.39 -41.45
N GLY G 268 62.79 -37.72 -41.51
CA GLY G 268 63.13 -38.52 -40.35
C GLY G 268 64.60 -38.79 -40.17
N ASN G 269 65.42 -38.36 -41.12
CA ASN G 269 66.85 -38.63 -41.11
C ASN G 269 67.61 -37.47 -40.49
N ALA G 270 68.50 -37.79 -39.54
CA ALA G 270 69.16 -36.73 -38.79
C ALA G 270 70.03 -35.83 -39.67
N LYS G 271 70.57 -36.35 -40.76
CA LYS G 271 71.33 -35.51 -41.68
C LYS G 271 70.46 -34.41 -42.28
N ALA G 272 69.18 -34.70 -42.52
CA ALA G 272 68.27 -33.71 -43.08
C ALA G 272 67.93 -32.62 -42.06
N THR G 273 67.52 -33.02 -40.85
CA THR G 273 67.20 -32.05 -39.81
C THR G 273 68.40 -31.19 -39.49
N SER G 274 69.58 -31.81 -39.48
CA SER G 274 70.84 -31.10 -39.24
C SER G 274 71.11 -30.07 -40.34
N GLU G 275 70.89 -30.43 -41.60
CA GLU G 275 71.06 -29.43 -42.67
C GLU G 275 70.07 -28.28 -42.55
N LEU G 276 68.79 -28.58 -42.24
CA LEU G 276 67.75 -27.56 -42.16
C LEU G 276 67.86 -26.67 -40.92
N GLN G 277 68.57 -27.10 -39.90
CA GLN G 277 68.86 -26.21 -38.78
C GLN G 277 69.70 -25.00 -39.19
N GLN G 278 70.26 -25.01 -40.40
CA GLN G 278 70.96 -23.83 -40.88
C GLN G 278 70.04 -22.79 -41.50
N ALA G 279 68.76 -23.10 -41.70
CA ALA G 279 67.85 -22.15 -42.32
C ALA G 279 67.58 -20.98 -41.37
N GLN G 280 67.75 -19.77 -41.86
CA GLN G 280 67.44 -18.57 -41.13
C GLN G 280 66.01 -18.04 -41.32
N ILE G 281 65.37 -18.38 -42.39
CA ILE G 281 64.00 -17.96 -42.62
C ILE G 281 63.27 -19.13 -43.26
N VAL G 282 62.02 -19.33 -42.87
CA VAL G 282 61.15 -20.28 -43.54
C VAL G 282 60.00 -19.48 -44.12
N VAL G 283 59.81 -19.59 -45.43
CA VAL G 283 58.66 -18.99 -46.10
C VAL G 283 57.74 -20.14 -46.49
N GLN G 284 56.63 -20.27 -45.78
CA GLN G 284 55.61 -21.24 -46.09
C GLN G 284 54.56 -20.54 -46.93
N LEU G 285 54.20 -21.15 -48.06
CA LEU G 285 53.10 -20.70 -48.92
C LEU G 285 52.00 -21.73 -48.80
N GLY G 286 50.78 -21.29 -48.50
CA GLY G 286 49.70 -22.23 -48.24
C GLY G 286 49.77 -22.80 -46.83
N SER G 287 48.80 -23.65 -46.50
CA SER G 287 48.70 -24.17 -45.13
C SER G 287 48.04 -25.55 -45.19
N SER G 288 47.55 -26.02 -44.04
CA SER G 288 46.97 -27.36 -43.91
C SER G 288 47.98 -28.41 -44.38
N LEU G 289 49.16 -28.39 -43.76
CA LEU G 289 50.20 -29.36 -44.08
C LEU G 289 49.81 -30.76 -43.64
N THR G 290 50.19 -31.75 -44.45
CA THR G 290 49.66 -33.11 -44.32
C THR G 290 50.54 -34.04 -43.48
N GLY G 291 51.84 -34.09 -43.77
CA GLY G 291 52.67 -35.16 -43.22
C GLY G 291 53.04 -34.97 -41.76
N LYS G 292 53.10 -36.09 -41.05
CA LYS G 292 53.48 -36.05 -39.64
C LYS G 292 54.88 -35.46 -39.45
N ARG G 293 55.89 -35.97 -40.16
CA ARG G 293 57.27 -35.50 -40.02
C ARG G 293 57.42 -34.02 -40.38
N LEU G 294 56.64 -33.53 -41.36
CA LEU G 294 56.72 -32.10 -41.71
C LEU G 294 56.12 -31.23 -40.61
N LEU G 295 55.03 -31.66 -39.99
CA LEU G 295 54.47 -30.93 -38.86
C LEU G 295 55.41 -30.97 -37.65
N GLN G 296 56.06 -32.12 -37.41
CA GLN G 296 57.01 -32.17 -36.30
C GLN G 296 58.22 -31.28 -36.57
N TRP G 297 58.72 -31.28 -37.81
CA TRP G 297 59.84 -30.41 -38.13
C TRP G 297 59.42 -28.93 -37.99
N GLN G 298 58.21 -28.58 -38.47
CA GLN G 298 57.73 -27.21 -38.31
C GLN G 298 57.63 -26.82 -36.84
N ALA G 299 57.10 -27.71 -36.00
CA ALA G 299 56.95 -27.40 -34.58
C ALA G 299 58.29 -27.27 -33.86
N SER G 300 59.34 -27.95 -34.34
CA SER G 300 60.61 -27.89 -33.66
C SER G 300 61.61 -26.91 -34.26
N CYS G 301 61.39 -26.43 -35.49
CA CYS G 301 62.39 -25.60 -36.14
C CYS G 301 62.43 -24.21 -35.50
N GLU G 302 63.60 -23.57 -35.57
CA GLU G 302 63.83 -22.26 -34.95
C GLU G 302 64.60 -21.33 -35.88
N PRO G 303 64.04 -20.97 -37.03
CA PRO G 303 64.63 -19.90 -37.83
C PRO G 303 64.44 -18.55 -37.15
N GLU G 304 65.20 -17.56 -37.61
CA GLU G 304 65.02 -16.22 -37.08
C GLU G 304 63.61 -15.73 -37.34
N GLU G 305 63.09 -16.02 -38.54
CA GLU G 305 61.71 -15.64 -38.85
C GLU G 305 61.01 -16.77 -39.57
N TYR G 306 59.72 -16.93 -39.28
CA TYR G 306 58.83 -17.86 -39.96
C TYR G 306 57.72 -17.04 -40.59
N TRP G 307 57.61 -17.08 -41.92
CA TRP G 307 56.58 -16.38 -42.66
C TRP G 307 55.56 -17.37 -43.20
N ILE G 308 54.28 -17.03 -43.12
CA ILE G 308 53.21 -17.79 -43.78
C ILE G 308 52.43 -16.89 -44.73
N VAL G 309 52.44 -17.22 -46.02
CA VAL G 309 51.74 -16.46 -47.04
C VAL G 309 50.50 -17.24 -47.46
N ASP G 310 49.33 -16.62 -47.36
CA ASP G 310 48.13 -17.30 -47.85
C ASP G 310 47.05 -16.25 -48.05
N ASP G 311 46.07 -16.58 -48.89
CA ASP G 311 44.97 -15.63 -49.02
C ASP G 311 43.84 -15.88 -48.03
N ILE G 312 44.17 -16.59 -46.95
CA ILE G 312 43.25 -16.91 -45.85
C ILE G 312 43.73 -16.17 -44.59
N GLU G 313 42.79 -15.58 -43.85
CA GLU G 313 43.11 -14.79 -42.67
C GLU G 313 43.41 -15.65 -41.46
N GLY G 314 43.97 -15.01 -40.43
CA GLY G 314 44.20 -15.65 -39.16
C GLY G 314 45.55 -16.35 -39.09
N ARG G 315 45.93 -16.72 -37.87
CA ARG G 315 47.16 -17.43 -37.65
C ARG G 315 47.10 -18.81 -38.30
N LEU G 316 48.19 -19.23 -38.91
CA LEU G 316 48.22 -20.53 -39.56
C LEU G 316 49.41 -21.37 -39.11
N ASP G 317 50.23 -20.87 -38.23
CA ASP G 317 51.37 -21.61 -37.71
C ASP G 317 50.99 -22.14 -36.35
N PRO G 318 50.69 -23.44 -36.21
CA PRO G 318 50.30 -23.94 -34.88
C PRO G 318 51.43 -24.03 -33.86
N ALA G 319 52.68 -23.69 -34.23
CA ALA G 319 53.79 -23.63 -33.30
C ALA G 319 54.13 -22.20 -32.84
N HIS G 320 53.45 -21.19 -33.39
CA HIS G 320 53.51 -19.80 -32.91
C HIS G 320 54.92 -19.24 -32.99
N HIS G 321 55.57 -19.45 -34.13
CA HIS G 321 56.90 -18.90 -34.34
C HIS G 321 56.84 -17.39 -34.41
N ARG G 322 57.97 -16.78 -34.07
CA ARG G 322 58.18 -15.36 -34.26
C ARG G 322 58.26 -15.22 -35.80
N GLY G 323 57.66 -14.16 -36.32
CA GLY G 323 57.58 -13.93 -37.71
C GLY G 323 56.41 -13.16 -38.21
N ARG G 324 56.00 -13.50 -39.43
CA ARG G 324 54.90 -12.81 -40.07
C ARG G 324 53.87 -13.72 -40.73
N ARG G 325 52.65 -13.21 -40.73
CA ARG G 325 51.48 -13.80 -41.29
C ARG G 325 51.03 -12.76 -42.36
N LEU G 326 51.18 -13.15 -43.60
CA LEU G 326 50.95 -12.28 -44.73
C LEU G 326 49.75 -12.75 -45.56
N ILE G 327 48.78 -11.90 -45.76
CA ILE G 327 47.55 -12.21 -46.47
C ILE G 327 47.70 -11.73 -47.89
N ALA G 328 47.66 -12.66 -48.83
CA ALA G 328 47.78 -12.29 -50.23
C ALA G 328 47.43 -13.48 -51.08
N ASN G 329 46.97 -13.20 -52.29
CA ASN G 329 46.99 -14.20 -53.35
C ASN G 329 48.44 -14.62 -53.55
N ILE G 330 48.68 -15.92 -53.60
CA ILE G 330 50.05 -16.42 -53.61
C ILE G 330 50.79 -15.96 -54.87
N ALA G 331 50.13 -15.99 -56.02
CA ALA G 331 50.80 -15.56 -57.25
C ALA G 331 51.17 -14.10 -57.19
N ASP G 332 50.20 -13.24 -56.81
CA ASP G 332 50.50 -11.82 -56.65
C ASP G 332 51.66 -11.62 -55.68
N TRP G 333 51.66 -12.37 -54.59
CA TRP G 333 52.72 -12.22 -53.59
C TRP G 333 54.08 -12.56 -54.16
N LEU G 334 54.13 -13.58 -55.02
CA LEU G 334 55.42 -13.91 -55.63
C LEU G 334 55.86 -12.84 -56.62
N GLU G 335 54.90 -12.25 -57.36
CA GLU G 335 55.27 -11.14 -58.25
C GLU G 335 55.79 -9.95 -57.44
N LEU G 336 55.23 -9.69 -56.28
CA LEU G 336 55.72 -8.68 -55.37
C LEU G 336 57.10 -8.95 -54.77
N HIS G 337 57.40 -10.19 -54.48
CA HIS G 337 58.64 -10.51 -53.79
C HIS G 337 59.38 -11.49 -54.68
N PRO G 338 59.88 -11.05 -55.82
CA PRO G 338 60.44 -11.97 -56.80
C PRO G 338 61.74 -12.54 -56.31
N ALA G 339 62.10 -13.69 -56.91
CA ALA G 339 63.36 -14.33 -56.65
C ALA G 339 64.47 -13.72 -57.51
N GLU G 340 65.67 -13.57 -56.94
CA GLU G 340 66.88 -13.29 -57.70
C GLU G 340 67.77 -14.53 -57.69
N LYS G 341 68.35 -14.87 -58.84
CA LYS G 341 69.03 -16.16 -58.99
C LYS G 341 70.18 -16.29 -58.01
N ARG G 342 70.30 -17.47 -57.41
CA ARG G 342 71.33 -17.76 -56.44
C ARG G 342 71.52 -19.26 -56.36
N GLN G 343 72.77 -19.69 -56.19
CA GLN G 343 73.07 -21.11 -56.17
C GLN G 343 72.44 -21.80 -54.96
N PRO G 344 72.18 -23.11 -55.07
CA PRO G 344 71.57 -23.85 -53.94
C PRO G 344 72.52 -23.99 -52.76
N TRP G 345 71.95 -23.97 -51.55
CA TRP G 345 72.75 -24.12 -50.35
C TRP G 345 72.61 -25.47 -49.68
N CYS G 346 71.63 -26.30 -50.07
CA CYS G 346 71.45 -27.65 -49.53
C CYS G 346 72.34 -28.63 -50.30
N VAL G 347 73.07 -29.47 -49.57
CA VAL G 347 73.92 -30.48 -50.19
C VAL G 347 73.40 -31.90 -49.93
N GLU G 348 73.04 -32.20 -48.68
CA GLU G 348 72.70 -33.58 -48.34
C GLU G 348 71.27 -33.96 -48.74
N ILE G 349 70.33 -33.03 -48.68
CA ILE G 349 68.89 -33.29 -48.81
C ILE G 349 68.51 -33.81 -50.20
N PRO G 350 68.98 -33.23 -51.31
CA PRO G 350 68.60 -33.81 -52.61
C PRO G 350 68.94 -35.28 -52.76
N ARG G 351 70.15 -35.69 -52.36
CA ARG G 351 70.49 -37.11 -52.40
C ARG G 351 69.58 -37.91 -51.48
N LEU G 352 69.25 -37.35 -50.30
CA LEU G 352 68.38 -38.10 -49.39
C LEU G 352 66.98 -38.28 -49.96
N ALA G 353 66.49 -37.30 -50.71
CA ALA G 353 65.15 -37.45 -51.29
C ALA G 353 65.14 -38.44 -52.44
N GLU G 354 66.16 -38.37 -53.32
CA GLU G 354 66.28 -39.35 -54.39
C GLU G 354 66.35 -40.77 -53.82
N GLN G 355 67.18 -40.95 -52.79
CA GLN G 355 67.29 -42.27 -52.20
C GLN G 355 65.97 -42.72 -51.59
N ALA G 356 65.23 -41.80 -50.94
CA ALA G 356 63.95 -42.17 -50.33
C ALA G 356 62.98 -42.68 -51.39
N MET G 357 62.83 -41.94 -52.49
CA MET G 357 61.95 -42.39 -53.56
C MET G 357 62.39 -43.73 -54.12
N GLN G 358 63.71 -43.96 -54.29
CA GLN G 358 64.14 -45.29 -54.73
C GLN G 358 63.82 -46.38 -53.70
N ALA G 359 63.91 -46.06 -52.41
CA ALA G 359 63.53 -47.02 -51.39
C ALA G 359 62.04 -47.37 -51.48
N VAL G 360 61.20 -46.39 -51.82
CA VAL G 360 59.78 -46.68 -52.00
C VAL G 360 59.56 -47.49 -53.27
N ILE G 361 60.21 -47.08 -54.37
CA ILE G 361 60.05 -47.80 -55.63
C ILE G 361 60.46 -49.26 -55.50
N ALA G 362 61.46 -49.56 -54.66
CA ALA G 362 61.84 -50.96 -54.42
C ALA G 362 60.70 -51.80 -53.86
N ARG G 363 59.65 -51.15 -53.33
CA ARG G 363 58.55 -51.85 -52.66
C ARG G 363 57.22 -51.68 -53.38
N ARG G 364 57.25 -51.34 -54.66
CA ARG G 364 56.06 -51.01 -55.43
C ARG G 364 55.19 -52.20 -55.85
N ASP G 365 55.65 -53.45 -55.65
CA ASP G 365 54.98 -54.61 -56.27
C ASP G 365 53.78 -55.10 -55.47
N ALA G 366 53.87 -55.14 -54.15
CA ALA G 366 52.77 -55.67 -53.35
C ALA G 366 51.48 -54.92 -53.67
N PHE G 367 50.36 -55.65 -53.72
CA PHE G 367 49.06 -55.07 -54.06
C PHE G 367 48.43 -54.52 -52.78
N GLY G 368 48.94 -53.36 -52.34
CA GLY G 368 48.52 -52.76 -51.09
C GLY G 368 48.12 -51.32 -51.27
N GLU G 369 47.59 -50.74 -50.18
CA GLU G 369 47.20 -49.34 -50.30
C GLU G 369 48.43 -48.43 -50.34
N ALA G 370 49.51 -48.79 -49.64
CA ALA G 370 50.77 -48.03 -49.76
C ALA G 370 51.21 -47.98 -51.21
N GLN G 371 51.20 -49.13 -51.90
CA GLN G 371 51.65 -49.17 -53.28
C GLN G 371 50.68 -48.46 -54.22
N LEU G 372 49.38 -48.58 -53.97
CA LEU G 372 48.43 -47.81 -54.77
C LEU G 372 48.71 -46.31 -54.66
N ALA G 373 48.96 -45.83 -53.44
CA ALA G 373 49.33 -44.43 -53.24
C ALA G 373 50.61 -44.06 -53.98
N HIS G 374 51.65 -44.89 -53.85
CA HIS G 374 52.90 -44.60 -54.55
C HIS G 374 52.68 -44.56 -56.05
N ARG G 375 51.85 -45.45 -56.58
CA ARG G 375 51.66 -45.58 -58.02
C ARG G 375 50.49 -44.73 -58.55
N ILE G 376 49.93 -43.84 -57.73
CA ILE G 376 48.67 -43.20 -58.10
C ILE G 376 48.83 -42.33 -59.35
N CYS G 377 50.02 -41.76 -59.57
CA CYS G 377 50.22 -40.91 -60.74
C CYS G 377 49.99 -41.67 -62.04
N ASP G 378 50.20 -42.99 -62.03
CA ASP G 378 49.95 -43.80 -63.22
C ASP G 378 48.48 -43.92 -63.58
N TYR G 379 47.57 -43.50 -62.71
CA TYR G 379 46.15 -43.63 -63.00
C TYR G 379 45.45 -42.28 -63.13
N LEU G 380 46.15 -41.17 -62.98
CA LEU G 380 45.49 -39.87 -63.05
C LEU G 380 44.92 -39.64 -64.44
N PRO G 381 43.65 -39.26 -64.57
CA PRO G 381 43.08 -38.98 -65.89
C PRO G 381 43.73 -37.77 -66.53
N GLU G 382 44.01 -37.89 -67.83
CA GLU G 382 44.60 -36.79 -68.58
C GLU G 382 43.67 -35.57 -68.57
N GLN G 383 44.28 -34.41 -68.31
CA GLN G 383 43.54 -33.13 -68.21
C GLN G 383 42.40 -33.21 -67.21
N GLY G 384 42.57 -33.99 -66.14
CA GLY G 384 41.56 -34.15 -65.11
C GLY G 384 41.95 -33.61 -63.73
N GLN G 385 41.36 -34.15 -62.67
CA GLN G 385 41.69 -33.68 -61.33
C GLN G 385 41.61 -34.84 -60.35
N LEU G 386 42.32 -34.67 -59.23
CA LEU G 386 42.36 -35.67 -58.17
C LEU G 386 41.65 -35.12 -56.94
N PHE G 387 40.74 -35.90 -56.36
CA PHE G 387 40.17 -35.57 -55.06
C PHE G 387 40.64 -36.61 -54.07
N VAL G 388 41.34 -36.17 -53.04
CA VAL G 388 41.93 -37.10 -52.09
C VAL G 388 41.17 -37.01 -50.77
N GLY G 389 40.71 -38.15 -50.29
CA GLY G 389 40.04 -38.24 -49.01
C GLY G 389 41.01 -38.02 -47.86
N ASN G 390 40.47 -38.25 -46.67
CA ASN G 390 41.15 -38.07 -45.39
C ASN G 390 41.65 -39.40 -44.85
N SER G 391 42.20 -39.35 -43.65
CA SER G 391 42.82 -40.49 -42.95
C SER G 391 44.03 -40.99 -43.75
N LEU G 392 44.20 -42.30 -43.95
CA LEU G 392 45.51 -42.77 -44.43
C LEU G 392 45.78 -42.42 -45.87
N VAL G 393 44.76 -42.30 -46.73
CA VAL G 393 45.02 -42.17 -48.17
C VAL G 393 45.90 -40.95 -48.45
N VAL G 394 45.54 -39.81 -47.88
CA VAL G 394 46.28 -38.58 -48.19
C VAL G 394 47.68 -38.61 -47.59
N ARG G 395 47.86 -39.25 -46.43
CA ARG G 395 49.21 -39.34 -45.89
C ARG G 395 50.09 -40.28 -46.72
N LEU G 396 49.54 -41.40 -47.18
CA LEU G 396 50.33 -42.32 -47.99
C LEU G 396 50.72 -41.70 -49.32
N ILE G 397 49.76 -41.06 -50.00
CA ILE G 397 50.05 -40.33 -51.24
C ILE G 397 51.06 -39.22 -50.99
N ASP G 398 50.93 -38.54 -49.85
CA ASP G 398 51.89 -37.50 -49.50
C ASP G 398 53.29 -38.05 -49.28
N ALA G 399 53.41 -39.17 -48.56
CA ALA G 399 54.72 -39.66 -48.16
C ALA G 399 55.45 -40.39 -49.29
N LEU G 400 54.71 -41.03 -50.17
CA LEU G 400 55.23 -42.05 -51.05
C LEU G 400 55.06 -41.72 -52.53
N SER G 401 54.33 -40.67 -52.86
CA SER G 401 54.05 -40.35 -54.25
C SER G 401 54.63 -38.99 -54.61
N GLN G 402 54.93 -38.81 -55.89
CA GLN G 402 55.39 -37.52 -56.43
C GLN G 402 54.45 -37.10 -57.54
N LEU G 403 53.52 -36.20 -57.20
CA LEU G 403 52.49 -35.79 -58.13
C LEU G 403 53.00 -34.72 -59.08
N PRO G 404 52.50 -34.70 -60.32
CA PRO G 404 53.02 -33.75 -61.32
C PRO G 404 52.63 -32.30 -61.03
N ALA G 405 53.54 -31.41 -61.38
CA ALA G 405 53.32 -30.00 -61.15
C ALA G 405 52.09 -29.52 -61.91
N GLY G 406 51.26 -28.73 -61.22
CA GLY G 406 50.10 -28.16 -61.86
C GLY G 406 48.96 -29.12 -62.09
N TYR G 407 49.05 -30.37 -61.64
CA TYR G 407 47.90 -31.27 -61.72
C TYR G 407 46.96 -31.00 -60.54
N PRO G 408 45.71 -30.58 -60.79
CA PRO G 408 44.84 -30.10 -59.69
C PRO G 408 44.52 -31.20 -58.69
N VAL G 409 44.74 -30.90 -57.42
CA VAL G 409 44.41 -31.77 -56.30
C VAL G 409 43.44 -31.03 -55.39
N TYR G 410 42.35 -31.69 -55.02
CA TYR G 410 41.36 -31.12 -54.13
C TYR G 410 41.17 -32.00 -52.92
N SER G 411 40.68 -31.38 -51.85
CA SER G 411 40.57 -32.09 -50.58
C SER G 411 39.66 -31.29 -49.65
N ASN G 412 39.27 -31.93 -48.55
CA ASN G 412 38.57 -31.30 -47.43
C ASN G 412 39.45 -31.38 -46.20
N LYS G 413 40.53 -30.61 -46.18
CA LYS G 413 41.53 -30.74 -45.12
C LYS G 413 41.56 -29.51 -44.21
N GLY G 414 40.50 -28.71 -44.22
CA GLY G 414 40.29 -27.65 -43.25
C GLY G 414 40.15 -28.23 -41.87
N ALA G 415 39.08 -28.97 -41.64
CA ALA G 415 38.90 -29.75 -40.43
C ALA G 415 39.13 -31.24 -40.66
N SER G 416 39.34 -31.66 -41.91
CA SER G 416 39.67 -33.05 -42.23
C SER G 416 38.57 -34.02 -41.79
N GLY G 417 37.31 -33.61 -41.91
CA GLY G 417 36.20 -34.50 -41.65
C GLY G 417 36.07 -35.59 -42.70
N ILE G 418 35.59 -36.77 -42.27
CA ILE G 418 35.30 -37.86 -43.19
C ILE G 418 33.81 -37.92 -43.55
N ASP G 419 33.06 -36.84 -43.31
CA ASP G 419 31.60 -36.90 -43.36
C ASP G 419 31.00 -36.41 -44.66
N GLY G 420 31.79 -35.78 -45.54
CA GLY G 420 31.21 -35.33 -46.78
C GLY G 420 32.08 -35.50 -48.00
N LEU G 421 32.89 -36.56 -48.08
CA LEU G 421 33.87 -36.67 -49.15
C LEU G 421 33.24 -37.05 -50.49
N LEU G 422 32.21 -37.92 -50.50
CA LEU G 422 31.60 -38.29 -51.78
C LEU G 422 30.81 -37.12 -52.40
N SER G 423 30.01 -36.42 -51.60
CA SER G 423 29.25 -35.30 -52.15
C SER G 423 30.15 -34.12 -52.51
N THR G 424 31.22 -33.90 -51.73
CA THR G 424 32.24 -32.91 -52.13
C THR G 424 32.86 -33.30 -53.47
N ALA G 425 33.23 -34.58 -53.64
CA ALA G 425 33.80 -35.01 -54.92
C ALA G 425 32.81 -34.84 -56.08
N ALA G 426 31.52 -35.09 -55.86
CA ALA G 426 30.54 -34.84 -56.91
C ALA G 426 30.49 -33.35 -57.28
N GLY G 427 30.57 -32.47 -56.29
CA GLY G 427 30.60 -31.04 -56.59
C GLY G 427 31.86 -30.62 -57.32
N VAL G 428 33.02 -31.14 -56.88
CA VAL G 428 34.28 -30.94 -57.58
C VAL G 428 34.16 -31.33 -59.05
N GLN G 429 33.59 -32.51 -59.32
CA GLN G 429 33.46 -32.97 -60.69
C GLN G 429 32.50 -32.09 -61.50
N ARG G 430 31.33 -31.76 -60.94
CA ARG G 430 30.33 -31.01 -61.72
C ARG G 430 30.78 -29.60 -62.02
N ALA G 431 31.52 -28.96 -61.08
CA ALA G 431 31.94 -27.58 -61.28
C ALA G 431 32.87 -27.47 -62.48
N SER G 432 33.83 -28.38 -62.56
CA SER G 432 34.87 -28.34 -63.57
C SER G 432 34.51 -29.06 -64.85
N GLY G 433 33.66 -30.08 -64.78
CA GLY G 433 33.44 -30.92 -65.94
C GLY G 433 34.61 -31.80 -66.33
N LYS G 434 35.65 -31.90 -65.46
CA LYS G 434 36.82 -32.68 -65.84
C LYS G 434 36.65 -34.11 -65.36
N PRO G 435 37.31 -35.07 -66.00
CA PRO G 435 37.40 -36.42 -65.41
C PRO G 435 38.12 -36.35 -64.08
N THR G 436 37.61 -37.11 -63.12
CA THR G 436 38.03 -36.98 -61.74
C THR G 436 38.34 -38.35 -61.17
N LEU G 437 39.45 -38.43 -60.44
CA LEU G 437 39.78 -39.59 -59.64
C LEU G 437 39.59 -39.18 -58.18
N ALA G 438 38.69 -39.86 -57.48
CA ALA G 438 38.42 -39.57 -56.07
C ALA G 438 38.83 -40.79 -55.26
N ILE G 439 39.60 -40.58 -54.20
CA ILE G 439 40.05 -41.70 -53.39
C ILE G 439 39.52 -41.57 -51.97
N VAL G 440 38.91 -42.64 -51.47
CA VAL G 440 38.37 -42.58 -50.10
C VAL G 440 38.66 -43.87 -49.38
N GLY G 441 38.53 -43.81 -48.05
CA GLY G 441 38.56 -45.00 -47.23
C GLY G 441 37.17 -45.62 -47.08
N ASP G 442 37.12 -46.81 -46.45
CA ASP G 442 35.84 -47.51 -46.36
C ASP G 442 34.88 -46.79 -45.41
N LEU G 443 35.37 -46.38 -44.21
CA LEU G 443 34.51 -45.67 -43.25
C LEU G 443 34.04 -44.34 -43.82
N SER G 444 34.89 -43.66 -44.59
CA SER G 444 34.47 -42.43 -45.27
C SER G 444 33.35 -42.71 -46.26
N ALA G 445 33.46 -43.81 -47.01
CA ALA G 445 32.45 -44.09 -48.02
C ALA G 445 31.13 -44.46 -47.36
N LEU G 446 31.18 -45.23 -46.27
CA LEU G 446 29.97 -45.54 -45.52
C LEU G 446 29.34 -44.28 -44.96
N TYR G 447 30.18 -43.35 -44.48
CA TYR G 447 29.71 -42.12 -43.88
C TYR G 447 28.87 -41.29 -44.83
N ASP G 448 29.28 -41.19 -46.06
CA ASP G 448 28.59 -40.40 -47.08
C ASP G 448 27.97 -41.29 -48.15
N LEU G 449 27.48 -42.48 -47.76
CA LEU G 449 27.07 -43.48 -48.73
C LEU G 449 25.95 -42.99 -49.64
N ASN G 450 24.95 -42.31 -49.07
CA ASN G 450 23.82 -41.96 -49.93
C ASN G 450 24.19 -40.91 -50.97
N ALA G 451 25.39 -40.32 -50.88
CA ALA G 451 25.88 -39.43 -51.93
C ALA G 451 26.16 -40.16 -53.23
N LEU G 452 26.19 -41.50 -53.23
CA LEU G 452 26.23 -42.21 -54.52
C LEU G 452 25.07 -41.77 -55.42
N ALA G 453 23.93 -41.34 -54.83
CA ALA G 453 22.82 -40.81 -55.63
C ALA G 453 23.27 -39.63 -56.49
N LEU G 454 24.10 -38.74 -55.92
CA LEU G 454 24.65 -37.62 -56.66
C LEU G 454 25.59 -38.08 -57.75
N LEU G 455 26.34 -39.16 -57.47
CA LEU G 455 27.34 -39.63 -58.40
C LEU G 455 26.74 -40.33 -59.60
N ARG G 456 25.42 -40.51 -59.64
CA ARG G 456 24.80 -41.02 -60.88
C ARG G 456 24.73 -39.95 -61.95
N GLN G 457 25.06 -38.70 -61.61
CA GLN G 457 25.01 -37.62 -62.58
C GLN G 457 26.34 -36.88 -62.55
N VAL G 458 27.21 -37.24 -63.50
CA VAL G 458 28.48 -36.56 -63.75
C VAL G 458 28.58 -36.23 -65.24
N SER G 459 29.29 -35.16 -65.54
CA SER G 459 29.50 -34.69 -66.90
C SER G 459 30.74 -35.29 -67.56
N ALA G 460 31.49 -36.11 -66.83
CA ALA G 460 32.71 -36.74 -67.28
C ALA G 460 32.95 -37.95 -66.39
N PRO G 461 33.80 -38.89 -66.80
CA PRO G 461 34.03 -40.07 -65.95
C PRO G 461 34.55 -39.66 -64.58
N LEU G 462 33.99 -40.28 -63.56
CA LEU G 462 34.52 -40.17 -62.20
C LEU G 462 34.84 -41.57 -61.72
N VAL G 463 36.10 -41.82 -61.38
CA VAL G 463 36.44 -43.07 -60.73
C VAL G 463 36.49 -42.79 -59.24
N LEU G 464 35.72 -43.56 -58.48
CA LEU G 464 35.77 -43.52 -57.03
C LEU G 464 36.47 -44.80 -56.58
N ILE G 465 37.71 -44.65 -56.09
CA ILE G 465 38.42 -45.74 -55.45
C ILE G 465 38.05 -45.73 -53.98
N VAL G 466 37.53 -46.84 -53.50
CA VAL G 466 37.28 -47.05 -52.08
C VAL G 466 38.31 -48.06 -51.63
N VAL G 467 39.23 -47.62 -50.77
CA VAL G 467 40.22 -48.52 -50.15
C VAL G 467 39.56 -49.16 -48.93
N ASN G 468 39.29 -50.45 -49.02
CA ASN G 468 38.59 -51.15 -47.95
C ASN G 468 39.61 -51.95 -47.16
N ASN G 469 40.02 -51.41 -46.01
CA ASN G 469 40.90 -52.11 -45.07
C ASN G 469 40.16 -52.41 -43.77
N ASN G 470 38.83 -52.39 -43.82
CA ASN G 470 37.95 -52.83 -42.75
C ASN G 470 38.18 -52.03 -41.46
N GLY G 471 37.82 -50.75 -41.52
CA GLY G 471 37.85 -49.86 -40.36
C GLY G 471 38.78 -48.66 -40.58
N GLY G 472 38.89 -47.86 -39.54
CA GLY G 472 39.75 -46.68 -39.62
C GLY G 472 41.18 -46.98 -39.27
N GLN G 473 41.95 -47.49 -40.24
CA GLN G 473 43.28 -48.03 -39.95
C GLN G 473 44.33 -46.96 -39.65
N ILE G 474 44.00 -45.66 -39.73
CA ILE G 474 44.91 -44.67 -39.16
C ILE G 474 45.13 -44.95 -37.69
N PHE G 475 44.15 -45.56 -37.00
CA PHE G 475 44.32 -45.89 -35.59
C PHE G 475 45.17 -47.14 -35.37
N SER G 476 45.55 -47.83 -36.44
CA SER G 476 46.65 -48.79 -36.37
C SER G 476 48.01 -48.14 -36.58
N LEU G 477 48.05 -46.94 -37.17
CA LEU G 477 49.31 -46.19 -37.28
C LEU G 477 49.59 -45.42 -36.00
N LEU G 478 48.58 -44.72 -35.47
CA LEU G 478 48.71 -44.07 -34.18
C LEU G 478 48.81 -45.13 -33.07
N PRO G 479 49.50 -44.79 -31.91
CA PRO G 479 49.72 -45.78 -30.84
C PRO G 479 48.52 -45.98 -29.92
N THR G 480 47.38 -46.34 -30.51
CA THR G 480 46.22 -46.65 -29.67
C THR G 480 46.46 -47.92 -28.86
N PRO G 481 45.84 -48.03 -27.68
CA PRO G 481 46.01 -49.23 -26.85
C PRO G 481 45.39 -50.45 -27.51
N GLN G 482 46.07 -51.60 -27.37
CA GLN G 482 45.69 -52.77 -28.16
C GLN G 482 44.30 -53.30 -27.79
N SER G 483 43.99 -53.34 -26.49
CA SER G 483 42.77 -54.01 -26.03
C SER G 483 41.50 -53.28 -26.49
N GLU G 484 41.54 -51.95 -26.58
CA GLU G 484 40.40 -51.14 -27.00
C GLU G 484 40.38 -50.85 -28.49
N ARG G 485 41.44 -51.23 -29.22
CA ARG G 485 41.66 -50.65 -30.55
C ARG G 485 40.53 -51.00 -31.52
N GLU G 486 40.16 -52.27 -31.60
CA GLU G 486 39.18 -52.69 -32.60
C GLU G 486 37.78 -52.15 -32.30
N ARG G 487 37.32 -52.31 -31.06
CA ARG G 487 35.94 -51.92 -30.75
C ARG G 487 35.78 -50.40 -30.71
N PHE G 488 36.74 -49.68 -30.13
CA PHE G 488 36.54 -48.26 -29.88
C PHE G 488 37.35 -47.34 -30.79
N TYR G 489 38.19 -47.87 -31.67
CA TYR G 489 38.96 -47.04 -32.58
C TYR G 489 38.76 -47.46 -34.03
N LEU G 490 39.19 -48.69 -34.37
CA LEU G 490 39.12 -49.15 -35.76
C LEU G 490 37.67 -49.27 -36.25
N MET G 491 36.74 -49.85 -35.42
CA MET G 491 35.35 -50.06 -35.86
C MET G 491 35.21 -50.68 -37.22
N PRO G 492 35.67 -51.91 -37.43
CA PRO G 492 35.43 -52.58 -38.72
C PRO G 492 33.95 -52.84 -38.87
N GLN G 493 33.43 -52.57 -40.08
CA GLN G 493 32.02 -52.80 -40.34
C GLN G 493 31.76 -54.04 -41.19
N ASN G 494 32.82 -54.68 -41.69
CA ASN G 494 32.75 -55.93 -42.44
C ASN G 494 31.73 -55.86 -43.58
N VAL G 495 31.98 -54.94 -44.51
CA VAL G 495 31.10 -54.70 -45.64
C VAL G 495 31.94 -54.71 -46.91
N HIS G 496 31.24 -54.83 -48.03
CA HIS G 496 31.76 -54.47 -49.34
C HIS G 496 30.81 -53.47 -49.97
N PHE G 497 31.19 -52.97 -51.14
CA PHE G 497 30.45 -51.89 -51.80
C PHE G 497 29.84 -52.33 -53.13
N GLU G 498 29.90 -53.63 -53.42
CA GLU G 498 29.25 -54.18 -54.61
C GLU G 498 27.75 -53.83 -54.67
N HIS G 499 27.02 -54.07 -53.58
CA HIS G 499 25.58 -53.80 -53.54
C HIS G 499 25.27 -52.30 -53.49
N ALA G 500 26.11 -51.49 -52.85
CA ALA G 500 25.92 -50.05 -52.91
C ALA G 500 25.99 -49.56 -54.34
N ALA G 501 27.02 -49.99 -55.06
CA ALA G 501 27.16 -49.63 -56.46
C ALA G 501 25.96 -50.13 -57.25
N ALA G 502 25.57 -51.39 -57.02
CA ALA G 502 24.44 -51.94 -57.76
C ALA G 502 23.15 -51.18 -57.46
N MET G 503 22.97 -50.75 -56.21
CA MET G 503 21.80 -49.97 -55.84
C MET G 503 21.73 -48.66 -56.60
N PHE G 504 22.87 -48.02 -56.89
CA PHE G 504 22.77 -46.77 -57.62
C PHE G 504 23.10 -46.91 -59.11
N GLU G 505 23.16 -48.15 -59.61
CA GLU G 505 23.34 -48.45 -61.03
C GLU G 505 24.66 -47.87 -61.54
N LEU G 506 25.69 -48.00 -60.72
CA LEU G 506 27.04 -47.60 -61.03
C LEU G 506 27.83 -48.85 -61.32
N LYS G 507 28.67 -48.78 -62.36
CA LYS G 507 29.59 -49.86 -62.64
C LYS G 507 30.52 -50.06 -61.46
N TYR G 508 30.91 -51.31 -61.25
CA TYR G 508 31.67 -51.73 -60.09
C TYR G 508 32.78 -52.68 -60.51
N HIS G 509 33.94 -52.53 -59.88
CA HIS G 509 35.04 -53.47 -59.99
C HIS G 509 35.63 -53.68 -58.62
N ARG G 510 36.09 -54.90 -58.35
CA ARG G 510 36.90 -55.23 -57.17
C ARG G 510 38.16 -55.96 -57.64
N PRO G 511 39.15 -55.22 -58.16
CA PRO G 511 40.34 -55.85 -58.76
C PRO G 511 41.16 -56.66 -57.75
N GLN G 512 41.82 -57.69 -58.26
CA GLN G 512 42.63 -58.57 -57.43
C GLN G 512 44.12 -58.42 -57.67
N ASN G 513 44.54 -57.67 -58.70
CA ASN G 513 45.95 -57.46 -59.02
C ASN G 513 46.08 -56.19 -59.85
N TRP G 514 47.31 -55.82 -60.19
CA TRP G 514 47.52 -54.57 -60.90
C TRP G 514 46.89 -54.60 -62.29
N GLN G 515 47.00 -55.73 -63.01
CA GLN G 515 46.44 -55.79 -64.37
C GLN G 515 44.93 -55.59 -64.35
N GLU G 516 44.24 -56.19 -63.36
CA GLU G 516 42.80 -55.97 -63.24
C GLU G 516 42.46 -54.53 -62.87
N LEU G 517 43.30 -53.89 -62.05
CA LEU G 517 43.06 -52.48 -61.72
C LEU G 517 43.20 -51.60 -62.96
N GLU G 518 44.26 -51.81 -63.74
CA GLU G 518 44.43 -51.09 -65.00
C GLU G 518 43.26 -51.32 -65.95
N THR G 519 42.76 -52.56 -66.02
CA THR G 519 41.57 -52.81 -66.83
C THR G 519 40.35 -52.05 -66.34
N ALA G 520 40.11 -52.04 -65.02
CA ALA G 520 39.00 -51.27 -64.47
C ALA G 520 39.12 -49.78 -64.86
N PHE G 521 40.31 -49.20 -64.71
CA PHE G 521 40.50 -47.79 -65.06
C PHE G 521 40.25 -47.56 -66.56
N ALA G 522 40.82 -48.42 -67.41
CA ALA G 522 40.63 -48.25 -68.85
C ALA G 522 39.15 -48.30 -69.24
N ASP G 523 38.39 -49.22 -68.64
CA ASP G 523 36.96 -49.24 -68.90
C ASP G 523 36.29 -47.98 -68.35
N ALA G 524 36.71 -47.55 -67.16
CA ALA G 524 36.01 -46.47 -66.46
C ALA G 524 36.13 -45.13 -67.20
N TRP G 525 37.28 -44.87 -67.83
CA TRP G 525 37.43 -43.55 -68.46
C TRP G 525 36.65 -43.41 -69.76
N ARG G 526 35.88 -44.41 -70.19
CA ARG G 526 35.19 -44.31 -71.47
C ARG G 526 33.74 -43.79 -71.42
N THR G 527 33.07 -43.69 -70.27
CA THR G 527 31.72 -43.13 -70.33
C THR G 527 31.66 -41.99 -69.32
N PRO G 528 30.84 -40.98 -69.54
CA PRO G 528 30.63 -39.96 -68.50
C PRO G 528 29.74 -40.49 -67.37
N THR G 529 30.28 -41.45 -66.62
CA THR G 529 29.58 -42.10 -65.54
C THR G 529 30.56 -42.27 -64.41
N THR G 530 30.00 -42.61 -63.25
CA THR G 530 30.80 -42.95 -62.09
C THR G 530 31.05 -44.45 -62.08
N THR G 531 32.31 -44.85 -61.91
CA THR G 531 32.68 -46.24 -61.70
C THR G 531 33.25 -46.35 -60.28
N VAL G 532 32.75 -47.33 -59.52
CA VAL G 532 33.27 -47.62 -58.20
C VAL G 532 34.26 -48.76 -58.33
N ILE G 533 35.47 -48.52 -57.87
CA ILE G 533 36.53 -49.52 -57.84
C ILE G 533 36.83 -49.75 -56.37
N GLU G 534 36.54 -50.96 -55.89
CA GLU G 534 36.83 -51.30 -54.50
C GLU G 534 38.14 -52.06 -54.45
N MET G 535 39.11 -51.52 -53.73
CA MET G 535 40.37 -52.19 -53.48
C MET G 535 40.38 -52.72 -52.06
N VAL G 536 40.23 -54.03 -51.92
CA VAL G 536 40.24 -54.72 -50.63
C VAL G 536 41.68 -55.07 -50.29
N VAL G 537 42.15 -54.62 -49.11
CA VAL G 537 43.53 -54.84 -48.68
C VAL G 537 43.52 -55.31 -47.23
N ASN G 538 44.65 -55.88 -46.79
CA ASN G 538 44.77 -56.37 -45.43
C ASN G 538 44.79 -55.21 -44.48
N ASP G 539 44.18 -55.39 -43.31
CA ASP G 539 43.89 -54.29 -42.41
C ASP G 539 45.06 -53.31 -42.26
N THR G 540 46.21 -53.77 -41.74
CA THR G 540 47.31 -52.90 -41.31
C THR G 540 48.52 -52.82 -42.24
N ASP G 541 48.46 -53.39 -43.45
CA ASP G 541 49.67 -53.40 -44.29
C ASP G 541 50.13 -51.99 -44.67
N GLY G 542 49.18 -51.09 -44.96
CA GLY G 542 49.57 -49.74 -45.35
C GLY G 542 50.34 -49.00 -44.27
N ALA G 543 49.82 -49.03 -43.04
CA ALA G 543 50.48 -48.33 -41.93
C ALA G 543 51.85 -48.92 -41.63
N GLN G 544 51.92 -50.26 -41.54
CA GLN G 544 53.20 -50.92 -41.25
C GLN G 544 54.22 -50.64 -42.33
N THR G 545 53.80 -50.68 -43.60
CA THR G 545 54.70 -50.36 -44.72
C THR G 545 55.24 -48.94 -44.59
N LEU G 546 54.37 -47.98 -44.20
CA LEU G 546 54.81 -46.59 -44.08
C LEU G 546 55.86 -46.42 -42.97
N GLN G 547 55.62 -47.04 -41.80
CA GLN G 547 56.65 -46.94 -40.76
C GLN G 547 57.95 -47.65 -41.17
N GLN G 548 57.87 -48.85 -41.78
CA GLN G 548 59.12 -49.53 -42.16
C GLN G 548 59.92 -48.67 -43.14
N LEU G 549 59.24 -48.05 -44.12
CA LEU G 549 59.96 -47.15 -45.01
C LEU G 549 60.49 -45.93 -44.27
N LEU G 550 59.76 -45.47 -43.25
CA LEU G 550 60.28 -44.37 -42.43
C LEU G 550 61.60 -44.74 -41.78
N ALA G 551 61.68 -45.90 -41.13
CA ALA G 551 62.93 -46.32 -40.49
C ALA G 551 64.05 -46.42 -41.50
N GLN G 552 63.76 -47.11 -42.62
CA GLN G 552 64.76 -47.29 -43.67
C GLN G 552 65.32 -45.95 -44.09
N VAL G 553 64.44 -45.05 -44.52
CA VAL G 553 64.89 -43.76 -45.00
C VAL G 553 65.65 -42.99 -43.93
N SER G 554 65.22 -43.13 -42.68
CA SER G 554 65.81 -42.37 -41.58
C SER G 554 67.24 -42.76 -41.30
N HIS G 555 67.70 -43.95 -41.69
CA HIS G 555 69.11 -44.28 -41.43
C HIS G 555 70.03 -44.24 -42.65
N LEU G 556 69.50 -43.78 -43.78
CA LEU G 556 70.28 -43.69 -45.02
C LEU G 556 71.25 -42.51 -44.96
N MET H 1 -14.29 48.28 12.34
CA MET H 1 -15.09 47.34 13.14
C MET H 1 -14.47 47.09 14.52
N SER H 2 -15.00 47.77 15.53
CA SER H 2 -14.50 47.68 16.89
C SER H 2 -15.18 46.50 17.59
N VAL H 3 -14.36 45.54 18.05
CA VAL H 3 -14.94 44.35 18.68
C VAL H 3 -15.64 44.72 19.97
N SER H 4 -15.07 45.63 20.77
CA SER H 4 -15.69 45.99 22.05
C SER H 4 -17.03 46.72 21.85
N ALA H 5 -17.08 47.63 20.86
CA ALA H 5 -18.33 48.33 20.60
C ALA H 5 -19.43 47.38 20.15
N PHE H 6 -19.09 46.43 19.26
CA PHE H 6 -20.12 45.50 18.80
C PHE H 6 -20.53 44.52 19.92
N ASN H 7 -19.57 44.08 20.75
CA ASN H 7 -19.93 43.32 21.95
C ASN H 7 -21.03 44.05 22.71
N ARG H 8 -20.86 45.36 22.89
CA ARG H 8 -21.86 46.10 23.66
C ARG H 8 -23.18 46.33 22.92
N ARG H 9 -23.17 46.34 21.58
CA ARG H 9 -24.46 46.43 20.90
C ARG H 9 -25.23 45.10 20.98
N TRP H 10 -24.51 43.99 20.80
CA TRP H 10 -25.06 42.63 20.99
C TRP H 10 -25.69 42.49 22.37
N ALA H 11 -24.92 42.86 23.40
CA ALA H 11 -25.45 42.80 24.76
C ALA H 11 -26.66 43.71 24.94
N ALA H 12 -26.64 44.91 24.33
CA ALA H 12 -27.78 45.82 24.50
C ALA H 12 -29.06 45.24 23.88
N VAL H 13 -28.95 44.52 22.76
CA VAL H 13 -30.13 43.82 22.25
C VAL H 13 -30.63 42.81 23.27
N ILE H 14 -29.72 42.04 23.89
CA ILE H 14 -30.14 41.06 24.90
C ILE H 14 -30.91 41.72 26.03
N LEU H 15 -30.29 42.72 26.66
CA LEU H 15 -30.88 43.42 27.82
C LEU H 15 -32.19 44.14 27.53
N GLU H 16 -32.25 44.85 26.41
CA GLU H 16 -33.48 45.52 26.01
C GLU H 16 -34.57 44.50 25.73
N ALA H 17 -34.24 43.38 25.08
CA ALA H 17 -35.26 42.34 24.85
C ALA H 17 -35.83 41.84 26.17
N LEU H 18 -35.00 41.69 27.21
CA LEU H 18 -35.52 41.25 28.49
C LEU H 18 -36.53 42.25 29.06
N THR H 19 -36.30 43.55 28.86
CA THR H 19 -37.27 44.50 29.43
C THR H 19 -38.69 44.31 28.89
N ARG H 20 -38.86 43.70 27.71
CA ARG H 20 -40.18 43.53 27.13
C ARG H 20 -40.97 42.40 27.75
N HIS H 21 -40.35 41.62 28.63
CA HIS H 21 -41.01 40.49 29.26
C HIS H 21 -41.14 40.69 30.77
N GLY H 22 -41.13 41.94 31.24
CA GLY H 22 -41.36 42.21 32.65
C GLY H 22 -40.14 42.20 33.54
N VAL H 23 -38.94 42.01 32.98
CA VAL H 23 -37.73 42.05 33.79
C VAL H 23 -37.48 43.49 34.25
N ARG H 24 -37.60 43.75 35.55
CA ARG H 24 -37.24 45.03 36.11
C ARG H 24 -35.99 44.95 36.96
N HIS H 25 -35.92 43.96 37.85
CA HIS H 25 -34.75 43.82 38.71
C HIS H 25 -33.65 43.05 38.00
N ILE H 26 -32.42 43.55 38.09
CA ILE H 26 -31.27 42.81 37.58
C ILE H 26 -30.18 42.79 38.66
N CYS H 27 -29.66 41.60 38.94
CA CYS H 27 -28.68 41.39 39.99
C CYS H 27 -27.33 41.14 39.34
N ILE H 28 -26.33 41.91 39.75
CA ILE H 28 -25.05 41.98 39.07
C ILE H 28 -23.94 41.71 40.07
N ALA H 29 -23.05 40.78 39.72
CA ALA H 29 -21.81 40.54 40.42
C ALA H 29 -20.64 41.07 39.59
N PRO H 30 -19.51 41.39 40.21
CA PRO H 30 -18.40 42.03 39.49
C PRO H 30 -17.62 41.07 38.62
N GLY H 31 -17.08 41.61 37.55
CA GLY H 31 -16.29 40.80 36.64
C GLY H 31 -15.81 41.63 35.46
N SER H 32 -14.92 41.03 34.69
CA SER H 32 -14.43 41.65 33.47
C SER H 32 -15.11 41.09 32.21
N ARG H 33 -15.16 39.76 32.06
CA ARG H 33 -15.77 39.16 30.88
C ARG H 33 -17.24 39.54 30.73
N SER H 34 -17.91 39.90 31.81
CA SER H 34 -19.30 40.33 31.79
C SER H 34 -19.46 41.79 31.41
N THR H 35 -18.36 42.51 31.16
CA THR H 35 -18.44 43.94 30.84
C THR H 35 -19.51 44.29 29.80
N PRO H 36 -19.62 43.62 28.64
CA PRO H 36 -20.67 44.04 27.70
C PRO H 36 -22.07 43.97 28.31
N LEU H 37 -22.39 42.90 29.06
CA LEU H 37 -23.71 42.78 29.70
C LEU H 37 -23.91 43.82 30.80
N THR H 38 -22.93 43.95 31.70
CA THR H 38 -23.08 44.90 32.81
C THR H 38 -23.22 46.34 32.32
N LEU H 39 -22.45 46.75 31.32
CA LEU H 39 -22.58 48.10 30.77
C LEU H 39 -23.89 48.28 30.00
N ALA H 40 -24.31 47.28 29.20
CA ALA H 40 -25.64 47.42 28.58
C ALA H 40 -26.71 47.62 29.65
N ALA H 41 -26.60 46.88 30.76
CA ALA H 41 -27.60 46.97 31.81
C ALA H 41 -27.51 48.29 32.56
N ALA H 42 -26.30 48.80 32.78
CA ALA H 42 -26.13 50.05 33.52
C ALA H 42 -26.69 51.23 32.75
N GLU H 43 -26.57 51.20 31.42
CA GLU H 43 -27.04 52.28 30.56
C GLU H 43 -28.53 52.24 30.28
N ASN H 44 -29.23 51.16 30.68
CA ASN H 44 -30.65 50.99 30.40
C ASN H 44 -31.47 51.45 31.61
N SER H 45 -32.28 52.49 31.43
CA SER H 45 -33.05 53.07 32.52
C SER H 45 -34.21 52.19 32.97
N ALA H 46 -34.50 51.09 32.27
CA ALA H 46 -35.63 50.25 32.69
C ALA H 46 -35.35 49.44 33.95
N PHE H 47 -34.09 49.34 34.39
CA PHE H 47 -33.72 48.38 35.40
C PHE H 47 -33.53 48.99 36.81
N ILE H 48 -33.88 48.21 37.83
CA ILE H 48 -33.40 48.42 39.18
C ILE H 48 -32.24 47.44 39.36
N HIS H 49 -31.05 47.98 39.67
CA HIS H 49 -29.82 47.20 39.73
C HIS H 49 -29.48 46.87 41.18
N HIS H 50 -29.16 45.60 41.44
CA HIS H 50 -28.67 45.17 42.74
C HIS H 50 -27.28 44.59 42.51
N THR H 51 -26.37 44.78 43.47
CA THR H 51 -25.04 44.24 43.35
C THR H 51 -24.71 43.42 44.59
N HIS H 52 -23.85 42.42 44.40
CA HIS H 52 -23.34 41.59 45.49
C HIS H 52 -22.07 40.91 45.00
N PHE H 53 -21.18 40.60 45.93
CA PHE H 53 -19.89 40.02 45.58
C PHE H 53 -19.89 38.49 45.59
N ASP H 54 -20.90 37.85 46.18
CA ASP H 54 -20.98 36.40 46.28
C ASP H 54 -22.10 35.91 45.37
N GLU H 55 -21.75 35.13 44.32
CA GLU H 55 -22.71 34.76 43.28
C GLU H 55 -23.79 33.79 43.76
N ARG H 56 -23.49 32.98 44.76
CA ARG H 56 -24.52 32.17 45.39
C ARG H 56 -25.54 33.07 46.10
N GLY H 57 -25.04 34.06 46.88
CA GLY H 57 -25.94 35.01 47.49
C GLY H 57 -26.69 35.83 46.46
N LEU H 58 -26.01 36.22 45.38
CA LEU H 58 -26.64 36.96 44.28
C LEU H 58 -27.81 36.18 43.69
N GLY H 59 -27.58 34.90 43.37
CA GLY H 59 -28.65 34.07 42.86
C GLY H 59 -29.82 33.99 43.83
N HIS H 60 -29.55 33.89 45.13
CA HIS H 60 -30.65 33.81 46.10
C HIS H 60 -31.38 35.15 46.29
N LEU H 61 -30.64 36.25 46.18
CA LEU H 61 -31.27 37.57 46.21
C LEU H 61 -32.23 37.72 45.04
N ALA H 62 -31.78 37.32 43.84
CA ALA H 62 -32.66 37.32 42.68
C ALA H 62 -33.86 36.40 42.92
N LEU H 63 -33.64 35.27 43.60
CA LEU H 63 -34.75 34.37 43.92
C LEU H 63 -35.80 35.03 44.81
N GLY H 64 -35.36 35.75 45.86
CA GLY H 64 -36.31 36.42 46.74
C GLY H 64 -37.08 37.52 46.03
N LEU H 65 -36.37 38.31 45.23
CA LEU H 65 -37.03 39.36 44.43
C LEU H 65 -38.12 38.78 43.52
N ALA H 66 -37.79 37.70 42.79
CA ALA H 66 -38.76 37.06 41.89
C ALA H 66 -39.91 36.40 42.67
N LYS H 67 -39.57 35.79 43.80
CA LYS H 67 -40.56 35.12 44.65
C LYS H 67 -41.67 36.09 45.05
N VAL H 68 -41.29 37.32 45.43
CA VAL H 68 -42.31 38.28 45.86
C VAL H 68 -42.95 39.00 44.68
N SER H 69 -42.15 39.44 43.70
CA SER H 69 -42.66 40.29 42.63
C SER H 69 -43.44 39.51 41.59
N LYS H 70 -43.24 38.20 41.52
CA LYS H 70 -43.89 37.37 40.50
C LYS H 70 -43.51 37.80 39.08
N GLN H 71 -42.37 38.43 38.94
CA GLN H 71 -41.82 38.82 37.64
C GLN H 71 -40.52 38.08 37.39
N PRO H 72 -40.12 37.94 36.13
CA PRO H 72 -38.77 37.42 35.91
C PRO H 72 -37.68 38.41 36.34
N VAL H 73 -36.63 37.88 36.97
CA VAL H 73 -35.51 38.68 37.45
C VAL H 73 -34.24 38.20 36.78
N ALA H 74 -33.43 39.15 36.31
CA ALA H 74 -32.21 38.85 35.59
C ALA H 74 -30.98 38.89 36.52
N VAL H 75 -29.95 38.14 36.14
CA VAL H 75 -28.71 37.99 36.91
C VAL H 75 -27.55 38.11 35.94
N ILE H 76 -26.54 38.90 36.26
CA ILE H 76 -25.36 38.98 35.42
C ILE H 76 -24.17 38.48 36.22
N VAL H 77 -23.43 37.55 35.61
CA VAL H 77 -22.26 36.99 36.26
C VAL H 77 -21.14 36.83 35.22
N THR H 78 -19.89 36.91 35.69
CA THR H 78 -18.75 36.73 34.78
C THR H 78 -18.50 35.23 34.61
N SER H 79 -17.54 34.89 33.75
CA SER H 79 -17.28 33.50 33.43
C SER H 79 -16.54 32.79 34.58
N GLY H 80 -16.61 31.46 34.57
CA GLY H 80 -15.93 30.64 35.56
C GLY H 80 -16.75 30.09 36.71
N THR H 81 -16.12 29.88 37.87
CA THR H 81 -16.86 29.36 39.02
C THR H 81 -17.94 30.31 39.49
N ALA H 82 -17.86 31.58 39.10
CA ALA H 82 -18.98 32.51 39.34
C ALA H 82 -20.29 31.95 38.78
N VAL H 83 -20.25 31.35 37.59
CA VAL H 83 -21.44 30.73 37.03
C VAL H 83 -21.89 29.53 37.88
N ALA H 84 -20.95 28.68 38.31
CA ALA H 84 -21.33 27.52 39.10
C ALA H 84 -22.03 27.90 40.39
N ASN H 85 -21.67 29.05 40.99
CA ASN H 85 -22.31 29.43 42.23
C ASN H 85 -23.82 29.71 42.09
N LEU H 86 -24.33 29.90 40.87
CA LEU H 86 -25.75 30.15 40.72
C LEU H 86 -26.61 28.88 40.82
N TYR H 87 -26.00 27.71 40.85
CA TYR H 87 -26.75 26.49 40.80
C TYR H 87 -27.79 26.26 41.88
N PRO H 88 -27.46 26.54 43.11
CA PRO H 88 -28.46 26.30 44.17
C PRO H 88 -29.77 27.05 43.92
N ALA H 89 -29.69 28.38 43.75
CA ALA H 89 -30.89 29.17 43.47
C ALA H 89 -31.57 28.75 42.15
N LEU H 90 -30.79 28.33 41.15
CA LEU H 90 -31.41 27.83 39.92
C LEU H 90 -32.24 26.56 40.19
N ILE H 91 -31.69 25.65 41.00
CA ILE H 91 -32.40 24.43 41.37
C ILE H 91 -33.70 24.79 42.07
N GLU H 92 -33.59 25.63 43.10
CA GLU H 92 -34.76 26.01 43.86
C GLU H 92 -35.80 26.67 42.95
N ALA H 93 -35.35 27.59 42.06
CA ALA H 93 -36.29 28.24 41.14
C ALA H 93 -37.01 27.23 40.26
N GLY H 94 -36.27 26.20 39.80
CA GLY H 94 -36.93 25.15 39.05
C GLY H 94 -37.97 24.37 39.86
N LEU H 95 -37.80 24.30 41.19
CA LEU H 95 -38.80 23.57 41.96
C LEU H 95 -39.99 24.44 42.36
N THR H 96 -39.78 25.71 42.68
CA THR H 96 -40.92 26.51 43.13
C THR H 96 -41.45 27.48 42.06
N GLY H 97 -40.76 27.65 40.93
CA GLY H 97 -41.38 28.28 39.78
C GLY H 97 -40.88 29.67 39.49
N GLU H 98 -40.04 30.21 40.36
CA GLU H 98 -39.48 31.55 40.14
C GLU H 98 -38.79 31.59 38.79
N LYS H 99 -38.95 32.73 38.14
CA LYS H 99 -38.35 32.97 36.83
C LYS H 99 -37.03 33.74 37.00
N LEU H 100 -35.92 33.02 36.94
CA LEU H 100 -34.58 33.62 36.97
C LEU H 100 -33.91 33.53 35.60
N ILE H 101 -33.47 34.68 35.07
CA ILE H 101 -32.78 34.71 33.79
C ILE H 101 -31.28 34.86 34.09
N LEU H 102 -30.51 33.79 33.93
CA LEU H 102 -29.08 33.81 34.26
C LEU H 102 -28.29 34.17 33.01
N LEU H 103 -27.72 35.38 33.00
CA LEU H 103 -26.83 35.87 31.94
C LEU H 103 -25.37 35.60 32.35
N THR H 104 -24.80 34.56 31.78
CA THR H 104 -23.48 34.11 32.21
C THR H 104 -22.49 34.45 31.11
N ALA H 105 -21.64 35.44 31.37
CA ALA H 105 -20.63 35.77 30.39
C ALA H 105 -19.70 34.58 30.22
N ASP H 106 -19.16 34.44 29.02
CA ASP H 106 -18.28 33.32 28.69
C ASP H 106 -17.13 33.85 27.84
N ARG H 107 -15.98 33.14 27.91
CA ARG H 107 -14.93 33.28 26.92
C ARG H 107 -15.45 32.85 25.55
N PRO H 108 -14.85 33.34 24.45
CA PRO H 108 -15.24 32.90 23.11
C PRO H 108 -14.76 31.48 22.87
N PRO H 109 -15.27 30.80 21.84
CA PRO H 109 -14.94 29.37 21.69
C PRO H 109 -13.48 29.09 21.47
N GLU H 110 -12.72 30.01 20.86
CA GLU H 110 -11.30 29.76 20.65
C GLU H 110 -10.51 29.71 21.95
N LEU H 111 -11.13 30.04 23.09
CA LEU H 111 -10.41 30.08 24.35
C LEU H 111 -10.93 29.06 25.35
N ILE H 112 -11.73 28.08 24.90
CA ILE H 112 -12.20 26.99 25.75
C ILE H 112 -11.31 25.76 25.57
N ASP H 113 -11.03 25.04 26.67
CA ASP H 113 -10.24 23.79 26.65
C ASP H 113 -8.82 23.99 26.11
N CYS H 114 -8.18 25.12 26.47
CA CYS H 114 -6.82 25.34 26.01
C CYS H 114 -5.95 26.00 27.09
N GLY H 115 -6.31 25.89 28.35
CA GLY H 115 -5.50 26.47 29.41
C GLY H 115 -5.63 27.97 29.58
N ALA H 116 -6.65 28.56 28.97
CA ALA H 116 -6.92 29.98 29.12
C ALA H 116 -7.43 30.21 30.54
N ASN H 117 -7.11 31.35 31.11
CA ASN H 117 -7.56 31.67 32.45
C ASN H 117 -9.02 31.92 32.64
N GLN H 118 -9.55 31.39 33.72
CA GLN H 118 -10.95 31.55 34.02
C GLN H 118 -11.87 31.19 32.86
N ALA H 119 -11.52 30.16 32.16
CA ALA H 119 -12.32 29.68 31.03
C ALA H 119 -12.71 28.24 31.33
N ILE H 120 -14.02 27.97 31.34
CA ILE H 120 -14.52 26.62 31.58
C ILE H 120 -15.60 26.31 30.55
N ARG H 121 -16.00 25.03 30.49
CA ARG H 121 -17.07 24.58 29.61
C ARG H 121 -18.42 24.90 30.25
N GLN H 122 -19.11 25.90 29.71
CA GLN H 122 -20.30 26.47 30.36
C GLN H 122 -21.63 26.09 29.70
N PRO H 123 -21.74 25.99 28.37
CA PRO H 123 -22.99 25.49 27.80
C PRO H 123 -23.34 24.14 28.40
N GLY H 124 -24.58 24.00 28.87
CA GLY H 124 -25.05 22.77 29.49
C GLY H 124 -24.57 22.47 30.89
N MET H 125 -23.87 23.40 31.55
CA MET H 125 -23.29 23.05 32.83
C MET H 125 -24.33 22.89 33.93
N PHE H 126 -25.57 23.35 33.72
CA PHE H 126 -26.67 23.15 34.66
C PHE H 126 -27.57 21.96 34.31
N ALA H 127 -27.15 21.12 33.36
CA ALA H 127 -27.85 19.88 33.01
C ALA H 127 -29.32 20.20 32.80
N SER H 128 -30.26 19.48 33.43
CA SER H 128 -31.68 19.60 33.13
C SER H 128 -32.42 20.60 34.04
N HIS H 129 -31.72 21.34 34.87
CA HIS H 129 -32.37 22.21 35.85
C HIS H 129 -32.92 23.52 35.29
N PRO H 130 -32.30 24.16 34.31
CA PRO H 130 -33.00 25.25 33.63
C PRO H 130 -34.20 24.73 32.88
N THR H 131 -35.27 25.53 32.87
CA THR H 131 -36.40 25.30 31.98
C THR H 131 -35.99 25.45 30.52
N HIS H 132 -35.22 26.48 30.20
CA HIS H 132 -34.61 26.74 28.90
C HIS H 132 -33.13 27.08 29.04
N SER H 133 -32.36 26.65 28.07
CA SER H 133 -30.96 26.92 27.99
C SER H 133 -30.66 27.48 26.59
N ILE H 134 -30.00 28.64 26.52
CA ILE H 134 -29.58 29.22 25.26
C ILE H 134 -28.07 29.37 25.33
N SER H 135 -27.36 28.76 24.37
CA SER H 135 -25.92 28.90 24.20
C SER H 135 -25.72 29.86 23.04
N LEU H 136 -25.57 31.14 23.35
CA LEU H 136 -25.46 32.12 22.28
C LEU H 136 -24.15 31.89 21.52
N PRO H 137 -24.15 32.18 20.24
CA PRO H 137 -22.92 32.05 19.45
C PRO H 137 -21.96 33.22 19.66
N ARG H 138 -20.75 33.03 19.18
CA ARG H 138 -19.76 34.07 19.19
C ARG H 138 -20.33 35.28 18.45
N PRO H 139 -20.28 36.48 19.04
CA PRO H 139 -20.91 37.64 18.39
C PRO H 139 -20.32 37.92 17.00
N THR H 140 -21.23 38.23 16.06
CA THR H 140 -20.86 38.56 14.70
C THR H 140 -22.03 39.29 14.04
N GLN H 141 -21.72 40.28 13.18
CA GLN H 141 -22.74 40.99 12.39
C GLN H 141 -23.32 40.13 11.28
N ASP H 142 -22.71 38.98 10.98
CA ASP H 142 -23.28 38.05 10.01
C ASP H 142 -24.48 37.31 10.54
N ILE H 143 -24.75 37.39 11.84
CA ILE H 143 -25.99 36.90 12.43
C ILE H 143 -26.87 38.11 12.72
N PRO H 144 -28.07 38.20 12.15
CA PRO H 144 -28.87 39.44 12.30
C PRO H 144 -29.47 39.60 13.69
N ALA H 145 -29.70 40.86 14.08
CA ALA H 145 -30.27 41.15 15.39
C ALA H 145 -31.62 40.48 15.60
N ARG H 146 -32.36 40.27 14.52
CA ARG H 146 -33.71 39.71 14.64
C ARG H 146 -33.64 38.25 15.08
N TRP H 147 -32.56 37.54 14.77
CA TRP H 147 -32.36 36.22 15.33
C TRP H 147 -32.13 36.28 16.83
N LEU H 148 -31.27 37.20 17.28
CA LEU H 148 -30.91 37.26 18.70
C LEU H 148 -32.10 37.63 19.58
N VAL H 149 -32.81 38.69 19.22
CA VAL H 149 -34.02 39.02 19.97
C VAL H 149 -35.05 37.90 19.84
N SER H 150 -35.16 37.25 18.66
CA SER H 150 -36.18 36.19 18.52
C SER H 150 -35.88 35.00 19.42
N THR H 151 -34.61 34.62 19.54
CA THR H 151 -34.21 33.55 20.45
C THR H 151 -34.56 33.88 21.89
N ILE H 152 -34.22 35.11 22.32
CA ILE H 152 -34.53 35.54 23.68
C ILE H 152 -36.03 35.57 23.93
N ASP H 153 -36.81 36.06 22.95
CA ASP H 153 -38.25 36.14 23.09
C ASP H 153 -38.89 34.76 23.16
N HIS H 154 -38.34 33.80 22.41
CA HIS H 154 -38.85 32.46 22.52
C HIS H 154 -38.64 31.94 23.93
N ALA H 155 -37.42 32.12 24.46
CA ALA H 155 -37.13 31.58 25.79
C ALA H 155 -38.03 32.22 26.85
N LEU H 156 -38.20 33.54 26.79
CA LEU H 156 -38.93 34.20 27.85
C LEU H 156 -40.44 34.01 27.70
N GLY H 157 -40.94 34.04 26.46
CA GLY H 157 -42.37 33.96 26.22
C GLY H 157 -42.95 32.61 26.58
N THR H 158 -42.22 31.53 26.30
CA THR H 158 -42.69 30.19 26.62
C THR H 158 -42.32 29.76 28.03
N LEU H 159 -41.75 30.66 28.82
CA LEU H 159 -41.32 30.34 30.18
C LEU H 159 -42.53 30.36 31.12
N HIS H 160 -43.01 29.19 31.49
CA HIS H 160 -44.08 29.13 32.49
C HIS H 160 -43.54 29.21 33.91
N ALA H 161 -42.35 28.67 34.17
CA ALA H 161 -41.77 28.64 35.50
C ALA H 161 -40.31 28.24 35.40
N GLY H 162 -39.52 28.62 36.40
CA GLY H 162 -38.14 28.19 36.47
C GLY H 162 -37.17 29.14 35.78
N GLY H 163 -35.92 28.72 35.77
CA GLY H 163 -34.85 29.57 35.31
C GLY H 163 -34.49 29.37 33.85
N VAL H 164 -33.85 30.39 33.28
CA VAL H 164 -33.31 30.35 31.93
C VAL H 164 -31.83 30.61 31.99
N HIS H 165 -31.04 29.70 31.43
CA HIS H 165 -29.61 29.89 31.34
C HIS H 165 -29.29 30.44 29.95
N ILE H 166 -28.75 31.66 29.91
CA ILE H 166 -28.34 32.29 28.67
C ILE H 166 -26.83 32.50 28.73
N ASN H 167 -26.08 31.68 28.01
CA ASN H 167 -24.63 31.77 27.99
C ASN H 167 -24.18 32.73 26.88
N CYS H 168 -23.40 33.74 27.24
CA CYS H 168 -23.05 34.82 26.32
C CYS H 168 -21.55 34.92 26.16
N PRO H 169 -20.97 34.30 25.13
CA PRO H 169 -19.54 34.48 24.88
C PRO H 169 -19.23 35.85 24.32
N PHE H 170 -18.08 36.40 24.73
CA PHE H 170 -17.59 37.67 24.23
C PHE H 170 -16.09 37.59 24.03
N ALA H 171 -15.63 38.01 22.87
CA ALA H 171 -14.20 38.05 22.61
C ALA H 171 -13.63 39.38 23.04
N GLU H 172 -12.35 39.38 23.35
CA GLU H 172 -11.64 40.60 23.64
C GLU H 172 -11.27 41.35 22.35
N PRO H 173 -11.02 42.65 22.39
CA PRO H 173 -11.10 43.55 23.56
C PRO H 173 -12.51 43.82 24.11
N LEU H 174 -12.60 44.05 25.41
CA LEU H 174 -13.87 44.35 26.06
C LEU H 174 -14.06 45.84 26.36
N TYR H 175 -12.98 46.58 26.48
CA TYR H 175 -13.03 47.97 26.81
C TYR H 175 -12.66 48.92 25.70
N GLY H 176 -12.92 50.18 25.99
CA GLY H 176 -12.68 51.25 25.07
C GLY H 176 -13.98 51.97 24.78
N GLU H 177 -13.83 53.11 24.11
CA GLU H 177 -14.94 53.94 23.78
C GLU H 177 -15.80 53.31 22.73
N MET H 178 -17.08 53.55 22.84
CA MET H 178 -18.00 53.09 21.88
C MET H 178 -17.93 53.89 20.57
N ASP H 179 -17.96 53.11 19.48
CA ASP H 179 -17.89 53.54 18.08
C ASP H 179 -19.14 53.03 17.33
N ASP H 180 -19.41 53.57 16.17
CA ASP H 180 -20.67 53.25 15.51
C ASP H 180 -20.78 51.78 15.15
N THR H 181 -19.72 51.01 15.35
CA THR H 181 -19.79 49.66 14.81
C THR H 181 -21.02 49.03 15.43
N GLY H 182 -21.79 48.33 14.61
CA GLY H 182 -22.99 47.66 15.07
C GLY H 182 -24.25 48.51 15.15
N LEU H 183 -24.16 49.81 14.83
CA LEU H 183 -25.34 50.69 14.90
C LEU H 183 -26.37 50.31 13.84
N SER H 184 -25.97 50.22 12.57
CA SER H 184 -26.92 49.85 11.53
C SER H 184 -27.44 48.42 11.71
N TRP H 185 -26.57 47.51 12.18
CA TRP H 185 -27.01 46.17 12.56
C TRP H 185 -28.13 46.22 13.60
N GLN H 186 -27.97 47.07 14.62
CA GLN H 186 -29.05 47.30 15.57
C GLN H 186 -30.29 47.91 14.93
N GLN H 187 -30.12 48.86 14.01
CA GLN H 187 -31.24 49.58 13.40
C GLN H 187 -32.06 48.71 12.47
N ARG H 188 -31.52 47.55 12.09
CA ARG H 188 -32.31 46.56 11.36
C ARG H 188 -33.57 46.11 12.12
N LEU H 189 -33.68 46.40 13.41
CA LEU H 189 -34.91 46.09 14.15
C LEU H 189 -35.95 47.21 14.08
N GLY H 190 -35.65 48.34 13.42
CA GLY H 190 -36.63 49.38 13.19
C GLY H 190 -37.13 49.98 14.49
N ASP H 191 -38.43 50.28 14.54
CA ASP H 191 -38.98 50.96 15.71
C ASP H 191 -39.32 50.00 16.84
N TRP H 192 -38.88 48.75 16.76
CA TRP H 192 -38.89 47.89 17.94
C TRP H 192 -38.16 48.55 19.10
N TRP H 193 -37.17 49.37 18.80
CA TRP H 193 -36.39 50.11 19.78
C TRP H 193 -37.25 51.04 20.61
N GLN H 194 -38.31 51.57 20.02
CA GLN H 194 -39.28 52.41 20.70
C GLN H 194 -40.57 51.73 21.16
N ASP H 195 -40.69 50.43 20.93
CA ASP H 195 -41.85 49.62 21.30
C ASP H 195 -41.77 49.03 22.72
N ASP H 196 -42.92 48.66 23.28
CA ASP H 196 -42.98 48.06 24.61
C ASP H 196 -43.37 46.59 24.57
N LYS H 197 -43.33 45.94 23.42
CA LYS H 197 -43.69 44.54 23.29
C LYS H 197 -42.52 43.74 22.71
N PRO H 198 -42.52 42.43 22.91
CA PRO H 198 -41.45 41.60 22.33
C PRO H 198 -41.48 41.70 20.81
N TRP H 199 -40.30 41.46 20.19
CA TRP H 199 -40.23 41.31 18.74
C TRP H 199 -41.07 40.12 18.26
N LEU H 200 -40.89 38.98 18.92
CA LEU H 200 -41.71 37.84 18.59
C LEU H 200 -42.44 37.41 19.86
N ARG H 201 -43.76 37.50 19.85
CA ARG H 201 -44.53 37.05 20.99
C ARG H 201 -44.96 35.61 20.77
N GLU H 202 -44.47 34.79 21.69
CA GLU H 202 -44.78 33.36 21.71
C GLU H 202 -45.09 33.06 23.18
N ALA H 203 -46.37 33.09 23.53
CA ALA H 203 -46.81 32.99 24.91
C ALA H 203 -48.03 32.05 25.02
N PRO H 204 -47.84 30.77 24.76
CA PRO H 204 -48.94 29.83 24.95
C PRO H 204 -49.20 29.53 26.42
N ARG H 205 -50.48 29.31 26.73
CA ARG H 205 -50.91 29.02 28.09
C ARG H 205 -50.97 27.53 28.30
N LEU H 206 -50.52 27.12 29.47
CA LEU H 206 -50.57 25.74 29.92
C LEU H 206 -51.56 25.66 31.07
N GLU H 207 -52.64 24.89 30.88
CA GLU H 207 -53.64 24.84 31.93
C GLU H 207 -54.51 23.60 31.76
N SER H 208 -54.89 22.99 32.88
CA SER H 208 -55.82 21.89 32.83
C SER H 208 -57.19 22.38 32.46
N GLU H 209 -57.98 21.45 31.92
CA GLU H 209 -59.35 21.73 31.47
C GLU H 209 -60.43 21.38 32.51
N LYS H 210 -61.43 22.24 32.64
CA LYS H 210 -62.51 22.03 33.60
C LYS H 210 -62.86 20.54 33.77
N GLN H 211 -62.96 20.12 35.04
CA GLN H 211 -63.27 18.75 35.42
C GLN H 211 -64.79 18.56 35.43
N ARG H 212 -65.30 17.81 34.46
CA ARG H 212 -66.73 17.78 34.18
C ARG H 212 -67.54 16.98 35.20
N ASP H 213 -66.89 16.21 36.06
CA ASP H 213 -67.57 15.50 37.14
C ASP H 213 -67.38 16.15 38.50
N TRP H 214 -66.98 17.42 38.57
CA TRP H 214 -66.76 18.03 39.88
C TRP H 214 -68.06 18.02 40.69
N PHE H 215 -69.19 18.35 40.06
CA PHE H 215 -70.43 18.45 40.84
C PHE H 215 -70.78 17.13 41.49
N PHE H 216 -70.30 16.03 40.92
CA PHE H 216 -70.41 14.72 41.55
C PHE H 216 -69.44 14.57 42.72
N TRP H 217 -68.18 14.99 42.54
CA TRP H 217 -67.19 14.74 43.58
C TRP H 217 -67.37 15.66 44.79
N ARG H 218 -67.91 16.87 44.59
CA ARG H 218 -68.01 17.81 45.71
C ARG H 218 -69.07 17.40 46.74
N GLN H 219 -69.86 16.37 46.46
CA GLN H 219 -70.82 15.86 47.42
C GLN H 219 -70.29 14.68 48.24
N LYS H 220 -69.14 14.12 47.87
CA LYS H 220 -68.49 13.04 48.64
C LYS H 220 -67.84 13.62 49.91
N ARG H 221 -67.24 12.74 50.70
CA ARG H 221 -66.55 13.22 51.88
C ARG H 221 -65.12 13.51 51.45
N GLY H 222 -64.81 14.79 51.29
CA GLY H 222 -63.50 15.24 50.90
C GLY H 222 -62.75 15.82 52.09
N VAL H 223 -61.44 15.90 51.89
CA VAL H 223 -60.53 16.60 52.78
C VAL H 223 -59.82 17.60 51.89
N VAL H 224 -59.61 18.80 52.40
CA VAL H 224 -58.84 19.82 51.69
C VAL H 224 -57.48 19.93 52.36
N VAL H 225 -56.42 19.80 51.58
CA VAL H 225 -55.06 20.04 52.04
C VAL H 225 -54.55 21.32 51.37
N ALA H 226 -54.10 22.28 52.17
CA ALA H 226 -53.61 23.53 51.62
C ALA H 226 -52.11 23.57 51.85
N GLY H 227 -51.34 23.49 50.75
CA GLY H 227 -49.90 23.66 50.80
C GLY H 227 -49.54 25.10 50.50
N ARG H 228 -48.35 25.32 49.91
CA ARG H 228 -47.90 26.68 49.61
C ARG H 228 -48.76 27.32 48.53
N MET H 229 -49.18 28.57 48.72
CA MET H 229 -49.96 29.32 47.73
C MET H 229 -49.84 30.79 48.10
N SER H 230 -50.38 31.66 47.26
CA SER H 230 -50.34 33.07 47.63
C SER H 230 -51.33 33.34 48.76
N ALA H 231 -51.13 34.48 49.41
CA ALA H 231 -51.98 34.83 50.56
C ALA H 231 -53.45 34.93 50.16
N GLU H 232 -53.73 35.63 49.04
CA GLU H 232 -55.08 35.70 48.50
C GLU H 232 -55.70 34.31 48.37
N GLU H 233 -54.95 33.41 47.73
CA GLU H 233 -55.41 32.06 47.49
C GLU H 233 -55.67 31.33 48.80
N GLY H 234 -54.87 31.60 49.82
CA GLY H 234 -55.15 31.05 51.14
C GLY H 234 -56.52 31.43 51.65
N LYS H 235 -56.87 32.72 51.56
CA LYS H 235 -58.20 33.11 52.03
C LYS H 235 -59.33 32.43 51.22
N LYS H 236 -59.20 32.42 49.88
CA LYS H 236 -60.25 31.79 49.08
C LYS H 236 -60.37 30.29 49.37
N VAL H 237 -59.24 29.59 49.56
CA VAL H 237 -59.24 28.17 49.87
C VAL H 237 -59.92 27.91 51.22
N ALA H 238 -59.64 28.78 52.20
CA ALA H 238 -60.33 28.69 53.50
C ALA H 238 -61.85 28.78 53.33
N LEU H 239 -62.32 29.80 52.60
CA LEU H 239 -63.77 29.93 52.47
C LEU H 239 -64.38 28.77 51.69
N TRP H 240 -63.65 28.29 50.68
CA TRP H 240 -64.14 27.23 49.82
C TRP H 240 -64.32 25.93 50.61
N ALA H 241 -63.28 25.53 51.35
CA ALA H 241 -63.38 24.35 52.18
C ALA H 241 -64.43 24.51 53.28
N GLN H 242 -64.53 25.73 53.85
CA GLN H 242 -65.57 25.95 54.85
C GLN H 242 -66.96 25.69 54.27
N THR H 243 -67.26 26.29 53.12
CA THR H 243 -68.57 26.06 52.51
C THR H 243 -68.82 24.59 52.16
N LEU H 244 -67.82 23.91 51.59
CA LEU H 244 -68.03 22.49 51.28
C LEU H 244 -68.30 21.65 52.52
N GLY H 245 -67.93 22.16 53.70
CA GLY H 245 -68.00 21.36 54.91
C GLY H 245 -66.86 20.37 55.04
N TRP H 246 -65.80 20.59 54.37
CA TRP H 246 -64.72 19.62 54.47
C TRP H 246 -63.65 20.10 55.43
N PRO H 247 -63.03 19.20 56.18
CA PRO H 247 -61.89 19.62 57.00
C PRO H 247 -60.75 20.15 56.14
N LEU H 248 -60.14 21.23 56.61
CA LEU H 248 -59.03 21.89 55.95
C LEU H 248 -57.79 21.71 56.81
N ILE H 249 -56.82 20.93 56.32
CA ILE H 249 -55.51 20.80 56.93
C ILE H 249 -54.61 21.85 56.27
N GLY H 250 -54.27 22.89 57.01
CA GLY H 250 -53.62 24.07 56.45
C GLY H 250 -52.16 24.14 56.86
N ASP H 251 -51.29 24.26 55.86
CA ASP H 251 -49.85 24.29 56.08
C ASP H 251 -49.42 25.69 56.51
N VAL H 252 -48.23 25.75 57.12
CA VAL H 252 -47.67 27.05 57.53
C VAL H 252 -47.57 27.98 56.32
N LEU H 253 -47.34 27.42 55.13
CA LEU H 253 -47.18 28.19 53.90
C LEU H 253 -48.51 28.50 53.22
N SER H 254 -49.63 28.04 53.75
CA SER H 254 -50.91 28.16 53.07
C SER H 254 -51.59 29.51 53.32
N GLN H 255 -51.32 30.14 54.45
CA GLN H 255 -51.92 31.44 54.80
C GLN H 255 -53.44 31.37 54.80
N THR H 256 -53.98 30.16 55.07
CA THR H 256 -55.42 29.94 55.13
C THR H 256 -56.02 30.37 56.47
N GLY H 257 -55.19 30.67 57.47
CA GLY H 257 -55.64 30.86 58.84
C GLY H 257 -55.66 29.61 59.65
N GLN H 258 -55.39 28.47 59.02
CA GLN H 258 -55.31 27.17 59.68
C GLN H 258 -56.50 26.95 60.63
N PRO H 259 -57.72 26.84 60.11
CA PRO H 259 -58.88 26.62 61.00
C PRO H 259 -58.85 25.31 61.78
N LEU H 260 -57.99 24.35 61.45
CA LEU H 260 -57.75 23.14 62.26
C LEU H 260 -56.33 23.09 62.72
N PRO H 261 -55.93 23.97 63.65
CA PRO H 261 -54.50 24.15 63.95
C PRO H 261 -53.88 22.91 64.59
N CYS H 262 -52.54 22.92 64.56
CA CYS H 262 -51.69 21.88 65.18
C CYS H 262 -51.96 20.52 64.56
N ALA H 263 -52.15 20.51 63.24
CA ALA H 263 -52.37 19.26 62.52
C ALA H 263 -51.20 18.32 62.70
N ASP H 264 -49.99 18.88 62.81
CA ASP H 264 -48.86 18.00 63.02
C ASP H 264 -48.96 17.26 64.35
N LEU H 265 -49.79 17.73 65.28
CA LEU H 265 -50.01 17.02 66.52
C LEU H 265 -51.23 16.10 66.44
N TRP H 266 -52.38 16.64 66.05
CA TRP H 266 -53.61 15.84 66.12
C TRP H 266 -53.71 14.81 65.02
N LEU H 267 -52.95 14.94 63.93
CA LEU H 267 -52.89 13.79 63.02
C LEU H 267 -52.16 12.61 63.63
N GLY H 268 -51.49 12.79 64.76
CA GLY H 268 -50.91 11.65 65.42
C GLY H 268 -51.87 10.85 66.25
N ASN H 269 -53.12 11.29 66.35
CA ASN H 269 -54.13 10.68 67.18
C ASN H 269 -55.00 9.70 66.39
N ALA H 270 -55.22 8.52 66.97
CA ALA H 270 -55.96 7.45 66.26
C ALA H 270 -57.41 7.82 65.93
N LYS H 271 -58.07 8.65 66.74
CA LYS H 271 -59.42 9.09 66.39
C LYS H 271 -59.43 9.95 65.12
N ALA H 272 -58.41 10.78 64.93
CA ALA H 272 -58.40 11.60 63.72
C ALA H 272 -58.13 10.74 62.49
N THR H 273 -57.11 9.88 62.56
CA THR H 273 -56.81 8.98 61.45
C THR H 273 -58.01 8.11 61.14
N SER H 274 -58.69 7.65 62.19
CA SER H 274 -59.89 6.85 62.00
C SER H 274 -60.97 7.63 61.28
N GLU H 275 -61.16 8.89 61.66
CA GLU H 275 -62.19 9.69 61.01
C GLU H 275 -61.85 9.95 59.55
N LEU H 276 -60.60 10.32 59.25
CA LEU H 276 -60.24 10.63 57.89
C LEU H 276 -60.13 9.39 57.01
N GLN H 277 -60.14 8.18 57.58
CA GLN H 277 -60.24 7.00 56.75
C GLN H 277 -61.53 6.93 55.93
N GLN H 278 -62.54 7.75 56.21
CA GLN H 278 -63.77 7.70 55.42
C GLN H 278 -63.80 8.74 54.32
N ALA H 279 -62.70 9.46 54.11
CA ALA H 279 -62.67 10.43 53.03
C ALA H 279 -62.56 9.69 51.71
N GLN H 280 -63.43 10.03 50.79
CA GLN H 280 -63.42 9.43 49.47
C GLN H 280 -62.61 10.19 48.43
N ILE H 281 -62.34 11.46 48.70
CA ILE H 281 -61.56 12.31 47.80
C ILE H 281 -60.72 13.26 48.65
N VAL H 282 -59.49 13.49 48.21
CA VAL H 282 -58.64 14.53 48.76
C VAL H 282 -58.33 15.55 47.66
N VAL H 283 -58.64 16.81 47.92
CA VAL H 283 -58.24 17.91 47.05
C VAL H 283 -57.16 18.71 47.74
N GLN H 284 -55.94 18.57 47.21
CA GLN H 284 -54.79 19.31 47.71
C GLN H 284 -54.57 20.51 46.80
N LEU H 285 -54.48 21.70 47.40
CA LEU H 285 -54.15 22.92 46.68
C LEU H 285 -52.77 23.36 47.15
N GLY H 286 -51.84 23.53 46.19
CA GLY H 286 -50.45 23.79 46.53
C GLY H 286 -49.66 22.54 46.88
N SER H 287 -48.38 22.72 47.15
CA SER H 287 -47.53 21.57 47.43
C SER H 287 -46.46 21.97 48.47
N SER H 288 -45.41 21.16 48.55
CA SER H 288 -44.34 21.32 49.54
C SER H 288 -44.89 21.29 50.97
N LEU H 289 -45.60 20.20 51.30
CA LEU H 289 -46.16 20.05 52.63
C LEU H 289 -45.06 19.89 53.69
N THR H 290 -45.28 20.48 54.87
CA THR H 290 -44.24 20.68 55.87
C THR H 290 -44.19 19.58 56.94
N GLY H 291 -45.33 19.27 57.54
CA GLY H 291 -45.32 18.46 58.75
C GLY H 291 -45.13 16.97 58.51
N LYS H 292 -44.37 16.34 59.40
CA LYS H 292 -44.11 14.91 59.31
C LYS H 292 -45.40 14.09 59.42
N ARG H 293 -46.30 14.46 60.33
CA ARG H 293 -47.54 13.70 60.46
C ARG H 293 -48.42 13.89 59.23
N LEU H 294 -48.39 15.08 58.62
CA LEU H 294 -49.18 15.29 57.41
C LEU H 294 -48.60 14.50 56.22
N LEU H 295 -47.27 14.43 56.11
CA LEU H 295 -46.65 13.64 55.05
C LEU H 295 -46.94 12.15 55.24
N GLN H 296 -46.94 11.69 56.49
CA GLN H 296 -47.23 10.28 56.79
C GLN H 296 -48.69 9.95 56.53
N TRP H 297 -49.62 10.86 56.86
CA TRP H 297 -51.02 10.61 56.54
C TRP H 297 -51.28 10.65 55.04
N GLN H 298 -50.67 11.59 54.32
CA GLN H 298 -50.79 11.54 52.87
C GLN H 298 -50.27 10.22 52.33
N ALA H 299 -49.15 9.74 52.87
CA ALA H 299 -48.56 8.49 52.36
C ALA H 299 -49.44 7.27 52.67
N SER H 300 -50.19 7.30 53.77
CA SER H 300 -50.98 6.13 54.12
C SER H 300 -52.44 6.20 53.68
N CYS H 301 -52.95 7.39 53.33
CA CYS H 301 -54.37 7.51 53.03
C CYS H 301 -54.67 6.87 51.66
N GLU H 302 -55.88 6.35 51.54
CA GLU H 302 -56.34 5.66 50.32
C GLU H 302 -57.77 6.07 49.99
N PRO H 303 -58.00 7.35 49.68
CA PRO H 303 -59.28 7.73 49.08
C PRO H 303 -59.38 7.21 47.65
N GLU H 304 -60.59 7.28 47.13
CA GLU H 304 -60.84 6.88 45.75
C GLU H 304 -60.04 7.70 44.77
N GLU H 305 -59.96 9.02 44.98
CA GLU H 305 -59.16 9.88 44.12
C GLU H 305 -58.42 10.91 44.95
N TYR H 306 -57.20 11.23 44.53
CA TYR H 306 -56.38 12.28 45.13
C TYR H 306 -56.07 13.32 44.06
N TRP H 307 -56.51 14.55 44.28
CA TRP H 307 -56.29 15.64 43.33
C TRP H 307 -55.25 16.63 43.88
N ILE H 308 -54.30 17.05 43.04
CA ILE H 308 -53.42 18.15 43.40
C ILE H 308 -53.58 19.26 42.37
N VAL H 309 -54.00 20.44 42.84
CA VAL H 309 -54.20 21.62 42.00
C VAL H 309 -53.05 22.57 42.29
N ASP H 310 -52.29 22.94 41.26
CA ASP H 310 -51.20 23.89 41.48
C ASP H 310 -50.79 24.50 40.14
N ASP H 311 -50.15 25.67 40.21
CA ASP H 311 -49.69 26.33 38.99
C ASP H 311 -48.32 25.86 38.49
N ILE H 312 -47.70 24.88 39.15
CA ILE H 312 -46.45 24.27 38.71
C ILE H 312 -46.76 22.94 38.03
N GLU H 313 -45.90 22.56 37.07
CA GLU H 313 -46.04 21.34 36.29
C GLU H 313 -45.45 20.14 37.03
N GLY H 314 -45.76 18.96 36.53
CA GLY H 314 -45.19 17.72 37.04
C GLY H 314 -45.99 17.11 38.16
N ARG H 315 -45.63 15.87 38.50
CA ARG H 315 -46.24 15.19 39.63
C ARG H 315 -45.82 15.85 40.94
N LEU H 316 -46.77 15.94 41.90
CA LEU H 316 -46.55 16.58 43.18
C LEU H 316 -46.97 15.73 44.36
N ASP H 317 -47.44 14.51 44.13
CA ASP H 317 -47.82 13.60 45.18
C ASP H 317 -46.74 12.52 45.32
N PRO H 318 -45.87 12.59 46.33
CA PRO H 318 -44.79 11.58 46.43
C PRO H 318 -45.27 10.19 46.85
N ALA H 319 -46.56 10.01 47.13
CA ALA H 319 -47.12 8.69 47.42
C ALA H 319 -47.87 8.09 46.23
N HIS H 320 -47.98 8.84 45.12
CA HIS H 320 -48.44 8.31 43.84
C HIS H 320 -49.85 7.76 43.93
N HIS H 321 -50.75 8.51 44.55
CA HIS H 321 -52.14 8.07 44.58
C HIS H 321 -52.73 8.13 43.18
N ARG H 322 -53.71 7.26 42.96
CA ARG H 322 -54.61 7.35 41.84
C ARG H 322 -55.42 8.63 41.95
N GLY H 323 -55.49 9.39 40.86
CA GLY H 323 -56.15 10.67 40.92
C GLY H 323 -55.74 11.61 39.81
N ARG H 324 -55.62 12.90 40.15
CA ARG H 324 -55.47 13.91 39.10
C ARG H 324 -54.42 14.92 39.50
N ARG H 325 -53.69 15.39 38.49
CA ARG H 325 -52.70 16.45 38.65
C ARG H 325 -53.16 17.56 37.72
N LEU H 326 -53.69 18.63 38.34
CA LEU H 326 -54.39 19.71 37.64
C LEU H 326 -53.56 20.99 37.70
N ILE H 327 -53.16 21.47 36.53
CA ILE H 327 -52.32 22.66 36.42
C ILE H 327 -53.26 23.84 36.29
N ALA H 328 -53.18 24.76 37.23
CA ALA H 328 -54.04 25.92 37.19
C ALA H 328 -53.58 26.90 38.24
N ASN H 329 -53.97 28.15 38.05
CA ASN H 329 -53.84 29.16 39.07
C ASN H 329 -54.91 28.72 40.09
N ILE H 330 -54.56 28.66 41.33
CA ILE H 330 -55.45 28.08 42.33
C ILE H 330 -56.77 28.84 42.42
N ALA H 331 -56.70 30.17 42.38
CA ALA H 331 -57.90 30.99 42.47
C ALA H 331 -58.79 30.77 41.24
N ASP H 332 -58.19 30.79 40.04
CA ASP H 332 -58.96 30.49 38.85
C ASP H 332 -59.62 29.12 39.00
N TRP H 333 -58.88 28.16 39.54
CA TRP H 333 -59.41 26.81 39.68
C TRP H 333 -60.60 26.77 40.62
N LEU H 334 -60.54 27.52 41.73
CA LEU H 334 -61.69 27.52 42.62
C LEU H 334 -62.89 28.18 41.97
N GLU H 335 -62.66 29.22 41.18
CA GLU H 335 -63.78 29.83 40.47
C GLU H 335 -64.41 28.85 39.47
N LEU H 336 -63.59 28.05 38.79
CA LEU H 336 -64.16 27.10 37.84
C LEU H 336 -64.75 25.85 38.50
N HIS H 337 -64.38 25.57 39.75
CA HIS H 337 -64.89 24.41 40.48
C HIS H 337 -65.43 24.88 41.84
N PRO H 338 -66.56 25.59 41.85
CA PRO H 338 -67.06 26.21 43.10
C PRO H 338 -67.63 25.21 44.10
N ALA H 339 -67.76 25.65 45.35
CA ALA H 339 -68.31 24.86 46.45
C ALA H 339 -69.86 24.93 46.53
N GLU H 340 -70.43 24.08 47.42
CA GLU H 340 -71.84 24.04 47.88
C GLU H 340 -71.82 23.92 49.42
N LYS H 341 -72.91 24.32 50.07
CA LYS H 341 -72.96 24.22 51.51
C LYS H 341 -73.55 22.86 51.88
N ARG H 342 -72.70 22.02 52.44
CA ARG H 342 -73.07 20.68 52.90
C ARG H 342 -72.69 20.68 54.37
N GLN H 343 -73.56 20.13 55.21
CA GLN H 343 -73.25 20.11 56.63
C GLN H 343 -71.88 19.46 56.81
N PRO H 344 -70.99 20.06 57.60
CA PRO H 344 -69.69 19.43 57.85
C PRO H 344 -69.85 17.95 58.20
N TRP H 345 -68.93 17.12 57.73
CA TRP H 345 -69.08 15.69 57.96
C TRP H 345 -68.15 15.20 59.05
N CYS H 346 -67.22 16.06 59.44
CA CYS H 346 -66.27 15.79 60.51
C CYS H 346 -66.82 16.21 61.87
N VAL H 347 -66.82 15.30 62.85
CA VAL H 347 -67.34 15.62 64.18
C VAL H 347 -66.24 15.67 65.24
N GLU H 348 -65.35 14.69 65.24
CA GLU H 348 -64.31 14.59 66.27
C GLU H 348 -63.11 15.49 65.97
N ILE H 349 -62.74 15.69 64.69
CA ILE H 349 -61.49 16.37 64.40
C ILE H 349 -61.48 17.80 64.94
N PRO H 350 -62.53 18.61 64.77
CA PRO H 350 -62.46 19.96 65.34
C PRO H 350 -62.17 19.97 66.83
N ARG H 351 -62.82 19.10 67.61
CA ARG H 351 -62.55 19.05 69.04
C ARG H 351 -61.10 18.65 69.31
N LEU H 352 -60.57 17.66 68.56
CA LEU H 352 -59.15 17.33 68.69
C LEU H 352 -58.19 18.46 68.33
N ALA H 353 -58.58 19.33 67.38
CA ALA H 353 -57.72 20.48 67.01
C ALA H 353 -57.70 21.52 68.12
N GLU H 354 -58.90 21.82 68.66
CA GLU H 354 -58.97 22.71 69.81
C GLU H 354 -58.15 22.16 70.98
N GLN H 355 -58.30 20.86 71.27
CA GLN H 355 -57.56 20.25 72.37
C GLN H 355 -56.06 20.34 72.15
N ALA H 356 -55.61 20.07 70.92
CA ALA H 356 -54.17 20.11 70.65
C ALA H 356 -53.62 21.51 70.91
N MET H 357 -54.32 22.54 70.39
CA MET H 357 -53.81 23.89 70.61
C MET H 357 -53.79 24.25 72.09
N GLN H 358 -54.82 23.83 72.86
CA GLN H 358 -54.79 24.14 74.28
C GLN H 358 -53.58 23.49 74.96
N ALA H 359 -53.28 22.24 74.58
CA ALA H 359 -52.09 21.59 75.13
C ALA H 359 -50.83 22.36 74.78
N VAL H 360 -50.79 22.99 73.60
CA VAL H 360 -49.64 23.82 73.25
C VAL H 360 -49.59 25.08 74.11
N ILE H 361 -50.74 25.75 74.28
CA ILE H 361 -50.81 26.99 75.06
C ILE H 361 -50.35 26.75 76.48
N ALA H 362 -50.65 25.57 77.02
CA ALA H 362 -50.20 25.20 78.37
C ALA H 362 -48.68 25.25 78.51
N ARG H 363 -47.92 25.25 77.41
CA ARG H 363 -46.46 25.21 77.46
C ARG H 363 -45.80 26.48 76.92
N ARG H 364 -46.55 27.57 76.80
CA ARG H 364 -46.08 28.77 76.11
C ARG H 364 -45.07 29.58 76.91
N ASP H 365 -44.82 29.23 78.16
CA ASP H 365 -44.10 30.14 79.04
C ASP H 365 -42.58 30.02 78.96
N ALA H 366 -42.05 28.80 78.89
CA ALA H 366 -40.59 28.62 78.86
C ALA H 366 -40.02 29.44 77.70
N PHE H 367 -38.82 30.00 77.94
CA PHE H 367 -38.18 30.85 76.93
C PHE H 367 -37.40 29.98 75.95
N GLY H 368 -38.17 29.30 75.07
CA GLY H 368 -37.59 28.32 74.18
C GLY H 368 -38.01 28.55 72.74
N GLU H 369 -37.40 27.77 71.84
CA GLU H 369 -37.70 27.98 70.43
C GLU H 369 -39.07 27.41 70.06
N ALA H 370 -39.49 26.32 70.68
CA ALA H 370 -40.86 25.83 70.48
C ALA H 370 -41.87 26.90 70.83
N GLN H 371 -41.66 27.58 71.95
CA GLN H 371 -42.58 28.62 72.40
C GLN H 371 -42.51 29.85 71.51
N LEU H 372 -41.30 30.25 71.08
CA LEU H 372 -41.22 31.35 70.14
C LEU H 372 -42.03 31.05 68.88
N ALA H 373 -41.87 29.83 68.35
CA ALA H 373 -42.64 29.43 67.20
C ALA H 373 -44.13 29.52 67.48
N HIS H 374 -44.56 29.00 68.63
CA HIS H 374 -45.98 29.06 68.97
C HIS H 374 -46.46 30.51 69.11
N ARG H 375 -45.62 31.37 69.65
CA ARG H 375 -46.02 32.74 69.94
C ARG H 375 -45.70 33.70 68.81
N ILE H 376 -45.24 33.19 67.66
CA ILE H 376 -44.65 34.06 66.64
C ILE H 376 -45.67 35.07 66.12
N CYS H 377 -46.97 34.74 66.19
CA CYS H 377 -48.02 35.64 65.71
C CYS H 377 -48.03 36.98 66.45
N ASP H 378 -47.65 37.00 67.72
CA ASP H 378 -47.62 38.26 68.45
C ASP H 378 -46.52 39.20 67.96
N TYR H 379 -45.60 38.72 67.13
CA TYR H 379 -44.49 39.56 66.68
C TYR H 379 -44.51 39.89 65.19
N LEU H 380 -45.51 39.41 64.45
CA LEU H 380 -45.58 39.69 63.02
C LEU H 380 -45.73 41.19 62.79
N PRO H 381 -44.94 41.80 61.91
CA PRO H 381 -45.11 43.23 61.66
C PRO H 381 -46.45 43.51 60.99
N GLU H 382 -47.12 44.57 61.45
CA GLU H 382 -48.37 44.97 60.82
C GLU H 382 -48.12 45.30 59.36
N GLN H 383 -48.98 44.77 58.47
CA GLN H 383 -48.83 44.92 57.03
C GLN H 383 -47.45 44.47 56.54
N GLY H 384 -46.87 43.46 57.17
CA GLY H 384 -45.56 42.99 56.75
C GLY H 384 -45.58 41.63 56.09
N GLN H 385 -44.48 40.91 56.20
CA GLN H 385 -44.38 39.57 55.65
C GLN H 385 -43.46 38.75 56.53
N LEU H 386 -43.65 37.44 56.47
CA LEU H 386 -42.84 36.51 57.26
C LEU H 386 -42.02 35.69 56.30
N PHE H 387 -40.73 35.57 56.57
CA PHE H 387 -39.84 34.64 55.88
C PHE H 387 -39.39 33.59 56.88
N VAL H 388 -39.73 32.33 56.61
CA VAL H 388 -39.43 31.26 57.57
C VAL H 388 -38.30 30.40 56.99
N GLY H 389 -37.23 30.24 57.76
CA GLY H 389 -36.14 29.37 57.36
C GLY H 389 -36.53 27.90 57.41
N ASN H 390 -35.56 27.06 57.14
CA ASN H 390 -35.77 25.62 57.06
C ASN H 390 -35.36 24.94 58.38
N SER H 391 -35.35 23.62 58.37
CA SER H 391 -35.08 22.75 59.55
C SER H 391 -36.21 22.96 60.58
N LEU H 392 -35.89 23.10 61.88
CA LEU H 392 -36.92 23.02 62.91
C LEU H 392 -37.84 24.20 62.92
N VAL H 393 -37.32 25.37 62.53
CA VAL H 393 -38.08 26.61 62.68
C VAL H 393 -39.41 26.62 61.96
N VAL H 394 -39.43 26.04 60.78
CA VAL H 394 -40.64 25.96 59.97
C VAL H 394 -41.54 24.83 60.48
N ARG H 395 -40.94 23.73 60.95
CA ARG H 395 -41.73 22.63 61.49
C ARG H 395 -42.39 23.03 62.81
N LEU H 396 -41.68 23.78 63.65
CA LEU H 396 -42.24 24.22 64.93
C LEU H 396 -43.38 25.21 64.71
N ILE H 397 -43.19 26.20 63.83
CA ILE H 397 -44.28 27.12 63.51
C ILE H 397 -45.47 26.37 62.90
N ASP H 398 -45.19 25.40 62.02
CA ASP H 398 -46.25 24.61 61.41
C ASP H 398 -47.04 23.81 62.44
N ALA H 399 -46.35 23.19 63.41
CA ALA H 399 -47.02 22.34 64.38
C ALA H 399 -47.70 23.15 65.49
N LEU H 400 -47.14 24.30 65.87
CA LEU H 400 -47.51 24.91 67.13
C LEU H 400 -48.17 26.28 67.01
N SER H 401 -48.18 26.88 65.83
CA SER H 401 -48.72 28.22 65.65
C SER H 401 -49.93 28.20 64.74
N GLN H 402 -50.75 29.24 64.85
CA GLN H 402 -51.89 29.43 63.97
C GLN H 402 -51.70 30.81 63.33
N LEU H 403 -51.17 30.84 62.08
CA LEU H 403 -50.87 32.10 61.44
C LEU H 403 -52.14 32.70 60.82
N PRO H 404 -52.25 34.02 60.79
CA PRO H 404 -53.50 34.62 60.33
C PRO H 404 -53.70 34.43 58.84
N ALA H 405 -54.98 34.28 58.47
CA ALA H 405 -55.35 34.09 57.08
C ALA H 405 -54.85 35.26 56.25
N GLY H 406 -54.26 34.97 55.10
CA GLY H 406 -53.84 36.04 54.23
C GLY H 406 -52.60 36.80 54.67
N TYR H 407 -51.96 36.43 55.77
CA TYR H 407 -50.69 37.06 56.13
C TYR H 407 -49.59 36.41 55.31
N PRO H 408 -48.86 37.16 54.48
CA PRO H 408 -47.92 36.54 53.52
C PRO H 408 -46.75 35.84 54.19
N VAL H 409 -46.53 34.59 53.79
CA VAL H 409 -45.40 33.77 54.26
C VAL H 409 -44.58 33.35 53.06
N TYR H 410 -43.26 33.51 53.17
CA TYR H 410 -42.32 33.11 52.14
C TYR H 410 -41.32 32.13 52.75
N SER H 411 -40.78 31.33 51.88
CA SER H 411 -39.87 30.26 52.22
C SER H 411 -39.07 29.80 51.02
N ASN H 412 -38.11 28.94 51.29
CA ASN H 412 -37.31 28.32 50.28
C ASN H 412 -37.55 26.85 50.48
N LYS H 413 -38.76 26.44 50.20
CA LYS H 413 -39.13 25.06 50.35
C LYS H 413 -39.12 24.15 49.15
N GLY H 414 -38.56 24.56 48.03
CA GLY H 414 -38.46 23.66 46.90
C GLY H 414 -37.52 22.49 47.13
N ALA H 415 -36.30 22.77 47.56
CA ALA H 415 -35.33 21.78 47.94
C ALA H 415 -34.96 21.93 49.42
N SER H 416 -35.48 22.96 50.06
CA SER H 416 -35.30 23.19 51.49
C SER H 416 -33.84 23.30 51.86
N GLY H 417 -33.06 23.97 50.99
CA GLY H 417 -31.66 24.24 51.30
C GLY H 417 -31.51 25.27 52.42
N ILE H 418 -30.47 25.11 53.24
CA ILE H 418 -30.17 26.10 54.27
C ILE H 418 -29.10 27.08 53.80
N ASP H 419 -28.88 27.18 52.48
CA ASP H 419 -27.68 27.84 51.95
C ASP H 419 -27.89 29.27 51.45
N GLY H 420 -29.12 29.76 51.30
CA GLY H 420 -29.28 31.14 50.86
C GLY H 420 -30.42 31.89 51.51
N LEU H 421 -30.66 31.61 52.80
CA LEU H 421 -31.88 32.08 53.44
C LEU H 421 -31.82 33.58 53.72
N LEU H 422 -30.66 34.09 54.15
CA LEU H 422 -30.56 35.53 54.41
C LEU H 422 -30.61 36.36 53.13
N SER H 423 -29.89 35.94 52.07
CA SER H 423 -29.96 36.73 50.83
C SER H 423 -31.35 36.65 50.19
N THR H 424 -32.00 35.46 50.25
CA THR H 424 -33.37 35.37 49.76
C THR H 424 -34.28 36.32 50.54
N ALA H 425 -34.13 36.35 51.88
CA ALA H 425 -34.94 37.25 52.69
C ALA H 425 -34.71 38.70 52.29
N ALA H 426 -33.46 39.07 51.98
CA ALA H 426 -33.17 40.43 51.50
C ALA H 426 -33.92 40.74 50.20
N GLY H 427 -33.95 39.78 49.27
CA GLY H 427 -34.72 40.02 48.05
C GLY H 427 -36.22 40.13 48.28
N VAL H 428 -36.77 39.24 49.12
CA VAL H 428 -38.18 39.33 49.50
C VAL H 428 -38.49 40.75 50.01
N GLN H 429 -37.66 41.24 50.94
CA GLN H 429 -37.88 42.57 51.51
C GLN H 429 -37.75 43.65 50.45
N ARG H 430 -36.74 43.57 49.58
CA ARG H 430 -36.55 44.64 48.62
C ARG H 430 -37.65 44.67 47.58
N ALA H 431 -38.14 43.48 47.18
CA ALA H 431 -39.18 43.39 46.16
C ALA H 431 -40.47 44.02 46.67
N SER H 432 -40.86 43.70 47.90
CA SER H 432 -42.15 44.19 48.36
C SER H 432 -42.10 45.56 49.00
N GLY H 433 -40.95 45.96 49.53
CA GLY H 433 -40.88 47.19 50.30
C GLY H 433 -41.54 47.11 51.65
N LYS H 434 -42.00 45.84 52.13
CA LYS H 434 -42.72 45.64 53.37
C LYS H 434 -41.76 45.42 54.54
N PRO H 435 -42.18 45.77 55.75
CA PRO H 435 -41.44 45.32 56.93
C PRO H 435 -41.47 43.79 56.98
N THR H 436 -40.34 43.20 57.38
CA THR H 436 -40.14 41.77 57.23
C THR H 436 -39.61 41.16 58.51
N LEU H 437 -40.18 40.00 58.88
CA LEU H 437 -39.65 39.16 59.96
C LEU H 437 -39.08 37.90 59.33
N ALA H 438 -37.78 37.65 59.49
CA ALA H 438 -37.12 36.48 58.94
C ALA H 438 -36.57 35.66 60.08
N ILE H 439 -36.93 34.37 60.10
CA ILE H 439 -36.48 33.51 61.17
C ILE H 439 -35.58 32.42 60.60
N VAL H 440 -34.41 32.25 61.20
CA VAL H 440 -33.49 31.23 60.69
C VAL H 440 -32.76 30.54 61.85
N GLY H 441 -32.18 29.36 61.58
CA GLY H 441 -31.32 28.73 62.57
C GLY H 441 -29.87 29.20 62.47
N ASP H 442 -29.06 28.79 63.47
CA ASP H 442 -27.68 29.24 63.54
C ASP H 442 -26.84 28.70 62.40
N LEU H 443 -26.98 27.41 62.05
CA LEU H 443 -26.20 26.89 60.93
C LEU H 443 -26.61 27.58 59.64
N SER H 444 -27.91 27.88 59.49
CA SER H 444 -28.39 28.67 58.36
C SER H 444 -27.81 30.09 58.36
N ALA H 445 -27.68 30.72 59.54
CA ALA H 445 -27.15 32.08 59.55
C ALA H 445 -25.67 32.08 59.19
N LEU H 446 -24.92 31.09 59.72
CA LEU H 446 -23.52 30.91 59.37
C LEU H 446 -23.34 30.64 57.88
N TYR H 447 -24.19 29.79 57.31
CA TYR H 447 -24.08 29.39 55.91
C TYR H 447 -24.08 30.60 54.99
N ASP H 448 -25.02 31.52 55.20
CA ASP H 448 -25.18 32.69 54.35
C ASP H 448 -24.72 33.97 55.05
N LEU H 449 -23.68 33.85 55.87
CA LEU H 449 -23.30 34.92 56.79
C LEU H 449 -22.99 36.23 56.05
N ASN H 450 -22.24 36.16 54.94
CA ASN H 450 -21.87 37.42 54.29
C ASN H 450 -23.07 38.11 53.65
N ALA H 451 -24.24 37.45 53.60
CA ALA H 451 -25.40 38.16 53.11
C ALA H 451 -25.84 39.26 54.07
N LEU H 452 -25.29 39.29 55.30
CA LEU H 452 -25.52 40.42 56.18
C LEU H 452 -25.13 41.73 55.48
N ALA H 453 -24.15 41.68 54.56
CA ALA H 453 -23.81 42.88 53.77
C ALA H 453 -25.04 43.39 53.00
N LEU H 454 -25.77 42.48 52.36
CA LEU H 454 -27.01 42.86 51.67
C LEU H 454 -28.03 43.40 52.63
N LEU H 455 -28.06 42.88 53.87
CA LEU H 455 -29.08 43.33 54.80
C LEU H 455 -28.80 44.72 55.32
N ARG H 456 -27.67 45.34 54.90
CA ARG H 456 -27.46 46.76 55.20
C ARG H 456 -28.28 47.68 54.31
N GLN H 457 -28.98 47.16 53.30
CA GLN H 457 -29.80 47.99 52.41
C GLN H 457 -31.18 47.38 52.36
N VAL H 458 -32.08 47.88 53.21
CA VAL H 458 -33.49 47.52 53.17
C VAL H 458 -34.32 48.81 53.16
N SER H 459 -35.48 48.73 52.49
CA SER H 459 -36.40 49.86 52.34
C SER H 459 -37.44 49.92 53.45
N ALA H 460 -37.41 48.98 54.39
CA ALA H 460 -38.32 48.91 55.52
C ALA H 460 -37.68 48.04 56.59
N PRO H 461 -38.11 48.16 57.85
CA PRO H 461 -37.46 47.38 58.92
C PRO H 461 -37.53 45.89 58.65
N LEU H 462 -36.39 45.22 58.83
CA LEU H 462 -36.29 43.77 58.75
C LEU H 462 -35.73 43.30 60.07
N VAL H 463 -36.46 42.41 60.75
CA VAL H 463 -35.96 41.75 61.94
C VAL H 463 -35.48 40.38 61.51
N LEU H 464 -34.23 40.07 61.80
CA LEU H 464 -33.66 38.76 61.56
C LEU H 464 -33.51 38.07 62.91
N ILE H 465 -34.35 37.06 63.16
CA ILE H 465 -34.19 36.23 64.35
C ILE H 465 -33.32 35.04 63.98
N VAL H 466 -32.23 34.88 64.72
CA VAL H 466 -31.36 33.72 64.63
C VAL H 466 -31.58 32.89 65.89
N VAL H 467 -32.17 31.71 65.73
CA VAL H 467 -32.36 30.78 66.83
C VAL H 467 -31.06 29.98 67.01
N ASN H 468 -30.39 30.23 68.10
CA ASN H 468 -29.19 29.56 68.36
C ASN H 468 -29.32 28.44 69.35
N ASN H 469 -29.25 27.26 68.82
CA ASN H 469 -29.30 26.10 69.60
C ASN H 469 -28.04 25.27 69.48
N ASN H 470 -26.98 25.91 68.97
CA ASN H 470 -25.63 25.34 68.84
C ASN H 470 -25.63 24.04 68.02
N GLY H 471 -25.89 24.21 66.72
CA GLY H 471 -25.83 23.10 65.80
C GLY H 471 -27.15 22.86 65.10
N GLY H 472 -27.21 21.77 64.32
CA GLY H 472 -28.43 21.41 63.61
C GLY H 472 -29.35 20.48 64.39
N GLN H 473 -30.15 21.04 65.29
CA GLN H 473 -30.88 20.22 66.25
C GLN H 473 -32.04 19.43 65.64
N ILE H 474 -32.30 19.58 64.35
CA ILE H 474 -33.23 18.66 63.70
C ILE H 474 -32.76 17.23 63.83
N PHE H 475 -31.46 17.01 63.87
CA PHE H 475 -30.95 15.67 64.06
C PHE H 475 -30.99 15.24 65.53
N SER H 476 -31.41 16.11 66.46
CA SER H 476 -31.85 15.67 67.78
C SER H 476 -33.31 15.27 67.76
N LEU H 477 -34.06 15.69 66.74
CA LEU H 477 -35.44 15.26 66.53
C LEU H 477 -35.51 13.94 65.75
N LEU H 478 -34.68 13.79 64.71
CA LEU H 478 -34.55 12.51 64.01
C LEU H 478 -33.81 11.51 64.88
N PRO H 479 -34.09 10.19 64.72
CA PRO H 479 -33.44 9.16 65.57
C PRO H 479 -32.03 8.82 65.12
N THR H 480 -31.17 9.84 65.05
CA THR H 480 -29.77 9.62 64.72
C THR H 480 -29.08 8.84 65.83
N PRO H 481 -28.02 8.09 65.52
CA PRO H 481 -27.28 7.36 66.58
C PRO H 481 -26.56 8.32 67.53
N GLN H 482 -26.58 7.96 68.82
CA GLN H 482 -26.10 8.86 69.87
C GLN H 482 -24.59 9.12 69.78
N SER H 483 -23.79 8.08 69.48
CA SER H 483 -22.33 8.25 69.58
C SER H 483 -21.78 9.19 68.50
N GLU H 484 -22.35 9.16 67.29
CA GLU H 484 -21.87 10.01 66.19
C GLU H 484 -22.64 11.32 66.08
N ARG H 485 -23.70 11.51 66.86
CA ARG H 485 -24.68 12.54 66.56
C ARG H 485 -24.05 13.94 66.56
N GLU H 486 -23.31 14.28 67.61
CA GLU H 486 -22.81 15.65 67.73
C GLU H 486 -21.76 15.97 66.67
N ARG H 487 -20.79 15.08 66.48
CA ARG H 487 -19.69 15.37 65.56
C ARG H 487 -20.14 15.32 64.11
N PHE H 488 -20.98 14.34 63.74
CA PHE H 488 -21.29 14.06 62.34
C PHE H 488 -22.71 14.48 61.94
N TYR H 489 -23.52 14.98 62.88
CA TYR H 489 -24.86 15.45 62.57
C TYR H 489 -25.11 16.87 63.08
N LEU H 490 -25.05 17.05 64.41
CA LEU H 490 -25.40 18.34 64.97
C LEU H 490 -24.41 19.41 64.54
N MET H 491 -23.11 19.09 64.61
CA MET H 491 -22.03 20.03 64.30
C MET H 491 -22.20 21.38 64.98
N PRO H 492 -22.18 21.43 66.31
CA PRO H 492 -22.23 22.72 67.00
C PRO H 492 -21.00 23.52 66.62
N GLN H 493 -21.20 24.81 66.39
CA GLN H 493 -20.11 25.69 66.01
C GLN H 493 -19.70 26.67 67.09
N ASN H 494 -20.44 26.74 68.20
CA ASN H 494 -20.11 27.51 69.42
C ASN H 494 -19.74 28.96 69.08
N VAL H 495 -20.73 29.66 68.54
CA VAL H 495 -20.54 31.04 68.11
C VAL H 495 -21.72 31.85 68.63
N HIS H 496 -21.56 33.16 68.62
CA HIS H 496 -22.66 34.08 68.73
C HIS H 496 -22.63 35.02 67.53
N PHE H 497 -23.64 35.87 67.43
CA PHE H 497 -23.81 36.68 66.24
C PHE H 497 -23.72 38.18 66.52
N GLU H 498 -23.34 38.58 67.72
CA GLU H 498 -23.18 40.00 67.99
C GLU H 498 -22.04 40.59 67.19
N HIS H 499 -20.94 39.84 67.04
CA HIS H 499 -19.83 40.35 66.27
C HIS H 499 -20.15 40.36 64.79
N ALA H 500 -20.97 39.41 64.32
CA ALA H 500 -21.45 39.45 62.94
C ALA H 500 -22.25 40.72 62.68
N ALA H 501 -23.21 41.05 63.55
CA ALA H 501 -23.98 42.27 63.40
C ALA H 501 -23.10 43.51 63.50
N ALA H 502 -22.18 43.54 64.47
CA ALA H 502 -21.32 44.71 64.60
C ALA H 502 -20.44 44.90 63.37
N MET H 503 -20.00 43.82 62.73
CA MET H 503 -19.14 43.96 61.56
C MET H 503 -19.86 44.71 60.44
N PHE H 504 -21.16 44.48 60.30
CA PHE H 504 -21.94 45.12 59.25
C PHE H 504 -22.79 46.25 59.79
N GLU H 505 -22.50 46.67 61.03
CA GLU H 505 -23.18 47.80 61.68
C GLU H 505 -24.69 47.63 61.64
N LEU H 506 -25.14 46.46 62.05
CA LEU H 506 -26.55 46.15 62.24
C LEU H 506 -26.86 46.12 63.73
N LYS H 507 -28.03 46.65 64.09
CA LYS H 507 -28.47 46.58 65.48
C LYS H 507 -28.55 45.13 65.96
N TYR H 508 -28.24 44.93 67.23
CA TYR H 508 -28.17 43.59 67.78
C TYR H 508 -28.81 43.56 69.15
N HIS H 509 -29.58 42.49 69.42
CA HIS H 509 -30.09 42.21 70.75
C HIS H 509 -29.94 40.71 70.99
N ARG H 510 -29.63 40.33 72.23
CA ARG H 510 -29.61 38.93 72.66
C ARG H 510 -30.58 38.74 73.82
N PRO H 511 -31.90 38.80 73.56
CA PRO H 511 -32.86 38.83 74.67
C PRO H 511 -32.78 37.54 75.49
N GLN H 512 -33.08 37.66 76.79
CA GLN H 512 -33.11 36.51 77.68
C GLN H 512 -34.49 36.13 78.23
N ASN H 513 -35.51 36.95 77.98
CA ASN H 513 -36.85 36.65 78.44
C ASN H 513 -37.83 37.35 77.49
N TRP H 514 -39.13 37.13 77.74
CA TRP H 514 -40.14 37.60 76.80
C TRP H 514 -40.20 39.11 76.74
N GLN H 515 -40.14 39.78 77.89
CA GLN H 515 -40.26 41.24 77.82
C GLN H 515 -39.02 41.85 77.13
N GLU H 516 -37.84 41.23 77.30
CA GLU H 516 -36.63 41.65 76.57
C GLU H 516 -36.79 41.45 75.06
N LEU H 517 -37.50 40.38 74.68
CA LEU H 517 -37.73 40.09 73.27
C LEU H 517 -38.70 41.10 72.65
N GLU H 518 -39.78 41.43 73.36
CA GLU H 518 -40.69 42.49 72.91
C GLU H 518 -39.98 43.84 72.88
N THR H 519 -39.05 44.08 73.81
CA THR H 519 -38.24 45.31 73.78
C THR H 519 -37.42 45.37 72.49
N ALA H 520 -36.77 44.26 72.15
CA ALA H 520 -35.98 44.21 70.92
C ALA H 520 -36.83 44.50 69.70
N PHE H 521 -38.03 43.88 69.61
CA PHE H 521 -38.90 44.11 68.46
C PHE H 521 -39.38 45.56 68.36
N ALA H 522 -39.87 46.11 69.48
CA ALA H 522 -40.34 47.50 69.45
C ALA H 522 -39.24 48.45 69.01
N ASP H 523 -37.99 48.19 69.44
CA ASP H 523 -36.89 49.01 68.93
C ASP H 523 -36.71 48.79 67.43
N ALA H 524 -36.75 47.53 67.00
CA ALA H 524 -36.39 47.20 65.61
C ALA H 524 -37.39 47.76 64.61
N TRP H 525 -38.69 47.83 64.95
CA TRP H 525 -39.59 48.31 63.91
C TRP H 525 -39.50 49.83 63.71
N ARG H 526 -38.57 50.52 64.39
CA ARG H 526 -38.52 51.98 64.37
C ARG H 526 -37.82 52.57 63.14
N THR H 527 -36.96 51.82 62.45
CA THR H 527 -36.17 52.36 61.36
C THR H 527 -36.14 51.36 60.20
N PRO H 528 -36.01 51.84 58.94
CA PRO H 528 -35.88 50.93 57.80
C PRO H 528 -34.48 50.34 57.75
N THR H 529 -34.16 49.53 58.76
CA THR H 529 -32.87 48.89 58.91
C THR H 529 -33.10 47.45 59.37
N THR H 530 -32.05 46.63 59.22
CA THR H 530 -32.07 45.24 59.67
C THR H 530 -31.57 45.17 61.10
N THR H 531 -32.34 44.53 61.97
CA THR H 531 -31.96 44.26 63.34
C THR H 531 -31.78 42.76 63.53
N VAL H 532 -30.63 42.36 64.07
CA VAL H 532 -30.36 40.96 64.38
C VAL H 532 -30.74 40.71 65.84
N ILE H 533 -31.61 39.72 66.05
CA ILE H 533 -32.04 39.26 67.38
C ILE H 533 -31.57 37.83 67.52
N GLU H 534 -30.63 37.60 68.43
CA GLU H 534 -30.12 36.26 68.66
C GLU H 534 -30.84 35.67 69.86
N MET H 535 -31.54 34.56 69.65
CA MET H 535 -32.21 33.86 70.73
C MET H 535 -31.43 32.60 71.07
N VAL H 536 -30.75 32.64 72.22
CA VAL H 536 -29.96 31.51 72.69
C VAL H 536 -30.88 30.62 73.53
N VAL H 537 -30.98 29.36 73.14
CA VAL H 537 -31.80 28.39 73.85
C VAL H 537 -30.95 27.14 74.00
N ASN H 538 -31.33 26.30 74.96
CA ASN H 538 -30.61 25.05 75.13
C ASN H 538 -30.90 24.11 73.98
N ASP H 539 -29.87 23.41 73.52
CA ASP H 539 -29.83 22.68 72.26
C ASP H 539 -31.07 21.84 71.94
N THR H 540 -31.43 20.87 72.78
CA THR H 540 -32.44 19.89 72.39
C THR H 540 -33.84 20.18 72.92
N ASP H 541 -34.06 21.32 73.57
CA ASP H 541 -35.36 21.61 74.17
C ASP H 541 -36.48 21.72 73.14
N GLY H 542 -36.21 22.40 72.01
CA GLY H 542 -37.28 22.59 71.02
C GLY H 542 -37.78 21.29 70.43
N ALA H 543 -36.85 20.41 70.02
CA ALA H 543 -37.21 19.12 69.45
C ALA H 543 -37.90 18.22 70.47
N GLN H 544 -37.37 18.14 71.69
CA GLN H 544 -37.98 17.30 72.74
C GLN H 544 -39.37 17.81 73.11
N THR H 545 -39.54 19.14 73.21
CA THR H 545 -40.85 19.73 73.48
C THR H 545 -41.84 19.32 72.40
N LEU H 546 -41.41 19.34 71.13
CA LEU H 546 -42.31 18.92 70.06
C LEU H 546 -42.71 17.46 70.22
N GLN H 547 -41.76 16.58 70.55
CA GLN H 547 -42.11 15.17 70.67
C GLN H 547 -43.05 14.94 71.85
N GLN H 548 -42.87 15.68 72.95
CA GLN H 548 -43.75 15.52 74.10
C GLN H 548 -45.15 16.03 73.84
N LEU H 549 -45.28 17.19 73.18
CA LEU H 549 -46.62 17.59 72.77
C LEU H 549 -47.22 16.56 71.82
N LEU H 550 -46.39 15.94 70.98
CA LEU H 550 -46.88 14.94 70.02
C LEU H 550 -47.47 13.71 70.70
N ALA H 551 -46.79 13.23 71.73
CA ALA H 551 -47.25 12.09 72.55
C ALA H 551 -48.52 12.47 73.32
N GLN H 552 -48.49 13.66 73.94
CA GLN H 552 -49.63 14.14 74.68
C GLN H 552 -50.88 14.14 73.81
N VAL H 553 -50.77 14.73 72.63
CA VAL H 553 -51.96 14.83 71.79
C VAL H 553 -52.37 13.46 71.22
N SER H 554 -51.42 12.57 71.02
CA SER H 554 -51.74 11.26 70.48
C SER H 554 -52.70 10.54 71.43
N HIS H 555 -52.51 10.76 72.73
CA HIS H 555 -53.30 10.06 73.73
C HIS H 555 -54.55 10.82 74.11
N LEU H 556 -54.86 11.93 73.43
CA LEU H 556 -56.01 12.66 73.90
C LEU H 556 -57.32 11.95 73.62
S1 TD6 I . -30.13 -12.46 16.55
C2 TD6 I . -30.09 -11.31 17.52
N3 TD6 I . -31.11 -10.35 17.26
C4 TD6 I . -31.82 -10.87 16.03
C5 TD6 I . -31.23 -12.12 15.63
C6 TD6 I . -31.77 -12.90 14.43
C7 TD6 I . -30.92 -13.04 13.23
O7 TD6 I . -31.50 -13.75 12.19
PA TD6 I . -30.53 -14.36 11.09
PB TD6 I . -30.13 -16.70 12.69
N1' TD6 I . -31.40 -5.90 16.00
C11 TD6 I . -29.16 -11.12 18.71
C13 TD6 I . -26.65 -11.70 18.64
O1A TD6 I . -29.70 -13.47 10.47
O1B TD6 I . -30.67 -16.35 13.96
C2' TD6 I . -30.11 -5.81 15.69
O2A TD6 I . -31.48 -14.90 10.24
O2B TD6 I . -29.06 -17.53 12.78
N3' TD6 I . -29.26 -6.76 16.09
O3A TD6 I . -29.68 -15.50 11.82
O3B TD6 I . -31.06 -17.52 12.14
C4' TD6 I . -29.65 -7.76 16.80
N4' TD6 I . -28.71 -8.71 17.20
C5' TD6 I . -30.98 -7.88 17.16
C6' TD6 I . -31.85 -6.90 16.74
C7' TD6 I . -31.43 -9.10 17.96
OL1 TD6 I . -30.02 -11.39 19.66
OL2 TD6 I . -26.32 -11.68 21.03
OL3 TD6 I . -24.57 -12.14 19.93
CLB TD6 I . -28.09 -12.15 18.91
CLC TD6 I . -25.80 -11.87 19.92
CM2 TD6 I . -29.63 -4.63 14.84
CM4 TD6 I . -32.99 -10.18 15.38
MN MN J . -31.93 -17.04 9.94
C FMT K . -14.11 -31.97 8.44
O1 FMT K . -14.67 -32.95 8.97
O2 FMT K . -14.17 -31.64 7.24
C FMT L . -29.02 -33.62 -3.82
O1 FMT L . -29.96 -32.83 -3.70
O2 FMT L . -28.65 -34.38 -2.92
C FMT M . 10.48 -8.08 32.26
O1 FMT M . 10.43 -7.34 33.18
O2 FMT M . 9.86 -7.84 31.13
C FMT N . -53.09 -8.64 16.35
O1 FMT N . -52.23 -8.03 15.73
O2 FMT N . -52.91 -9.71 17.15
C FMT O . -28.16 18.59 2.24
O1 FMT O . -28.65 19.66 2.59
O2 FMT O . -28.94 17.57 1.90
C FMT P . -23.85 -13.05 17.79
O1 FMT P . -24.76 -12.28 17.75
O2 FMT P . -22.68 -12.63 18.24
S1 TD6 Q . -31.72 14.75 -1.66
C2 TD6 Q . -31.17 15.19 -0.33
N3 TD6 Q . -30.19 14.32 0.13
C4 TD6 Q . -30.07 13.26 -0.96
C5 TD6 Q . -30.99 13.58 -2.02
C6 TD6 Q . -31.18 12.77 -3.32
C7 TD6 Q . -32.31 11.81 -3.34
O7 TD6 Q . -32.17 11.02 -4.46
PA TD6 Q . -33.42 10.38 -5.16
PB TD6 Q . -33.97 12.89 -6.75
N1' TD6 Q . -29.43 11.53 3.67
C11 TD6 Q . -31.56 16.42 0.47
C13 TD6 Q . -33.78 17.48 -0.21
O1A TD6 Q . -34.20 9.68 -4.31
O1B TD6 Q . -33.06 13.84 -6.19
C2' TD6 Q . -30.70 11.49 4.13
O2A TD6 Q . -32.91 9.52 -6.13
O2B TD6 Q . -35.15 13.52 -6.96
N3' TD6 Q . -31.60 12.39 3.71
O3A TD6 Q . -34.26 11.63 -5.77
O3B TD6 Q . -33.41 12.43 -7.93
C4' TD6 Q . -31.23 13.32 2.84
N4' TD6 Q . -32.18 14.28 2.38
C5' TD6 Q . -29.93 13.37 2.39
C6' TD6 Q . -29.05 12.44 2.83
C7' TD6 Q . -29.47 14.43 1.37
OL1 TD6 Q . -31.08 17.44 -0.28
OL2 TD6 Q . -35.15 18.69 1.26
OL3 TD6 Q . -36.19 17.27 0.06
CLB TD6 Q . -33.07 16.49 0.73
CLC TD6 Q . -35.12 17.82 0.40
CM2 TD6 Q . -31.10 10.40 5.11
CM4 TD6 Q . -29.09 12.12 -0.87
MN MN R . -33.13 10.07 -8.43
C FMT S . -44.38 -12.47 46.02
O1 FMT S . -45.42 -12.37 46.67
O2 FMT S . -44.38 -12.60 44.70
C FMT T . -53.05 11.84 21.00
O1 FMT T . -52.89 11.76 22.18
O2 FMT T . -53.01 12.98 20.36
C FMT U . -31.68 -9.46 22.73
O1 FMT U . -31.10 -10.06 23.63
O2 FMT U . -31.40 -9.73 21.46
S1 TD6 V . 36.40 -1.83 -3.02
C2 TD6 V . 36.35 -2.79 -4.19
N3 TD6 V . 36.67 -2.13 -5.38
C4 TD6 V . 36.98 -0.67 -5.02
C5 TD6 V . 36.86 -0.54 -3.59
C6 TD6 V . 37.13 0.81 -2.89
C7 TD6 V . 35.89 1.46 -2.37
O7 TD6 V . 36.20 2.72 -1.90
PA TD6 V . 35.38 3.47 -0.74
PB TD6 V . 36.55 2.08 1.46
N1' TD6 V . 34.51 -1.08 -9.32
C11 TD6 V . 35.97 -4.28 -4.12
C13 TD6 V . 33.71 -4.57 -2.72
O1A TD6 V . 34.06 3.70 -1.01
O1B TD6 V . 37.39 1.23 0.77
C2' TD6 V . 33.30 -1.37 -8.87
O2A TD6 V . 35.98 4.74 -0.56
O2B TD6 V . 36.06 1.53 2.57
N3' TD6 V . 33.14 -2.08 -7.73
O3A TD6 V . 35.38 2.58 0.58
O3B TD6 V . 37.43 3.08 1.87
C4' TD6 V . 34.19 -2.46 -7.05
N4' TD6 V . 34.02 -3.19 -5.85
C5' TD6 V . 35.46 -2.17 -7.49
C6' TD6 V . 35.59 -1.47 -8.64
C7' TD6 V . 36.69 -2.64 -6.70
OL1 TD6 V . 37.14 -5.02 -4.14
OL2 TD6 V . 33.82 -6.58 -1.39
OL3 TD6 V . 32.18 -5.31 -0.87
CLB TD6 V . 35.23 -4.68 -2.84
CLC TD6 V . 33.21 -5.52 -1.60
CM2 TD6 V . 32.06 -0.90 -9.61
CM4 TD6 V . 37.38 0.39 -6.01
MN MN W . 37.13 5.34 1.36
C FMT X . 16.34 9.49 -28.61
O1 FMT X . 16.81 9.42 -27.49
O2 FMT X . 16.02 8.39 -29.27
S1 TD6 Y . 19.14 14.07 -25.87
C2 TD6 Y . 18.96 12.61 -26.22
N3 TD6 Y . 18.64 11.88 -25.08
C4 TD6 Y . 18.58 12.87 -23.93
C5 TD6 Y . 18.87 14.18 -24.45
C6 TD6 Y . 18.84 15.43 -23.58
C7 TD6 Y . 20.08 15.84 -22.90
O7 TD6 Y . 19.78 17.00 -22.21
PA TD6 Y . 20.84 18.19 -22.07
PB TD6 Y . 19.69 19.64 -24.31
N1' TD6 Y . 20.53 8.45 -22.70
C11 TD6 Y . 19.09 11.91 -27.59
C13 TD6 Y . 21.22 12.84 -28.58
O1A TD6 Y . 22.12 17.80 -21.94
O1B TD6 Y . 18.84 18.66 -24.87
C2' TD6 Y . 21.77 8.62 -23.21
O2A TD6 Y . 20.62 18.89 -20.91
O2B TD6 Y . 20.28 20.35 -25.29
N3' TD6 Y . 21.96 9.37 -24.30
O3A TD6 Y . 20.88 19.04 -23.42
O3B TD6 Y . 18.90 20.55 -23.64
C4' TD6 Y . 20.95 9.95 -24.87
N4' TD6 Y . 21.21 10.72 -26.03
C5' TD6 Y . 19.66 9.77 -24.37
C6' TD6 Y . 19.50 9.03 -23.27
C7' TD6 Y . 18.45 10.46 -25.00
OL1 TD6 Y . 17.82 11.61 -28.01
OL2 TD6 Y . 22.52 14.12 -30.20
OL3 TD6 Y . 21.29 12.55 -30.95
CLB TD6 Y . 19.72 12.78 -28.64
CLC TD6 Y . 21.71 13.21 -29.98
CM2 TD6 Y . 22.96 7.96 -22.54
CM4 TD6 Y . 18.28 12.52 -22.52
MN MN Z . 19.44 21.11 -21.28
C FMT AA . 38.74 -6.77 -7.06
O1 FMT AA . 38.20 -5.80 -6.54
O2 FMT AA . 38.79 -7.93 -6.42
C1 GOL BA . 59.53 -2.21 -25.76
O1 GOL BA . 58.35 -2.30 -26.45
C2 GOL BA . 60.07 -3.39 -25.01
O2 GOL BA . 61.15 -4.02 -25.74
C3 GOL BA . 60.56 -2.66 -23.82
O3 GOL BA . 61.09 -3.45 -22.80
S1 TD6 CA . 8.67 -34.20 -45.74
C2 TD6 CA . 9.26 -32.96 -45.10
N3 TD6 CA . 10.49 -32.59 -45.63
C4 TD6 CA . 10.79 -33.63 -46.72
C5 TD6 CA . 9.67 -34.55 -46.75
C6 TD6 CA . 9.59 -35.75 -47.70
C7 TD6 CA . 9.98 -37.08 -47.09
O7 TD6 CA . 9.98 -38.08 -48.04
PA TD6 CA . 9.62 -39.61 -47.73
PB TD6 CA . 6.79 -39.29 -48.05
N1' TD6 CA . 14.88 -32.07 -44.35
C11 TD6 CA . 8.67 -32.11 -44.02
C13 TD6 CA . 7.85 -33.52 -42.15
O1A TD6 CA . 10.46 -40.19 -46.82
O1B TD6 CA . 6.72 -37.91 -48.23
C2' TD6 CA . 14.79 -32.64 -43.12
O2A TD6 CA . 9.82 -40.25 -48.98
O2B TD6 CA . 5.70 -39.67 -47.38
N3' TD6 CA . 13.58 -32.85 -42.54
O3A TD6 CA . 8.10 -39.69 -47.27
O3B TD6 CA . 6.79 -39.89 -49.33
C4' TD6 CA . 12.50 -32.48 -43.21
N4' TD6 CA . 11.25 -32.65 -42.66
C5' TD6 CA . 12.58 -31.89 -44.46
C6' TD6 CA . 13.81 -31.70 -45.00
C7' TD6 CA . 11.31 -31.47 -45.21
OL1 TD6 CA . 8.11 -31.13 -44.72
OL2 TD6 CA . 6.13 -32.14 -41.20
OL3 TD6 CA . 6.39 -34.06 -40.43
CLB TD6 CA . 7.50 -32.76 -43.42
CLC TD6 CA . 6.72 -33.21 -41.22
CM2 TD6 CA . 16.07 -33.04 -42.42
CM4 TD6 CA . 12.02 -33.64 -47.59
MN MN DA . 8.33 -41.14 -50.36
C FMT EA . -8.22 -41.14 -15.21
O1 FMT EA . -7.51 -42.13 -15.36
O2 FMT EA . -9.19 -41.01 -14.43
C FMT FA . 18.55 -60.48 -40.95
O1 FMT FA . 19.66 -59.96 -41.03
O2 FMT FA . 17.49 -60.03 -41.40
C FMT GA . 12.77 -36.63 -19.63
O1 FMT GA . 13.93 -37.09 -19.69
O2 FMT GA . 12.48 -35.44 -19.45
S1 TD6 HA . -11.16 39.44 40.64
C2 TD6 HA . -11.84 38.57 39.61
N3 TD6 HA . -13.21 38.58 39.82
C4 TD6 HA . -13.45 39.52 41.02
C5 TD6 HA . -12.19 40.03 41.46
C6 TD6 HA . -12.02 40.99 42.62
C7 TD6 HA . -11.60 40.34 43.91
O7 TD6 HA . -11.50 41.30 44.90
PA TD6 HA . -10.44 41.28 46.06
PB TD6 HA . -8.30 42.78 44.86
N1' TD6 HA . -16.42 35.55 40.91
C11 TD6 HA . -11.24 37.75 38.50
C13 TD6 HA . -9.20 36.51 39.48
O1A TD6 HA . -10.42 40.26 46.92
O1B TD6 HA . -8.94 42.82 43.62
C2' TD6 HA . -15.59 34.56 41.28
O2A TD6 HA . -10.91 42.30 46.84
O2B TD6 HA . -7.02 42.52 44.67
N3' TD6 HA . -14.28 34.62 40.95
O3A TD6 HA . -8.94 41.53 45.57
O3B TD6 HA . -8.56 43.99 45.58
C4' TD6 HA . -13.83 35.66 40.27
N4' TD6 HA . -12.47 35.73 39.92
C5' TD6 HA . -14.70 36.66 39.88
C6' TD6 HA . -15.99 36.58 40.22
C7' TD6 HA . -14.22 37.86 39.10
OL1 TD6 HA . -11.34 38.57 37.43
OL2 TD6 HA . -7.50 36.34 37.85
OL3 TD6 HA . -6.79 36.09 39.65
CLB TD6 HA . -9.75 37.61 38.61
CLC TD6 HA . -7.76 36.32 39.00
CM2 TD6 HA . -16.12 33.39 42.06
CM4 TD6 HA . -14.79 39.84 41.61
MN MN IA . -9.68 44.16 47.36
C FMT JA . -17.07 48.16 60.50
O1 FMT JA . -17.48 48.98 59.66
O2 FMT JA . -16.82 46.98 60.24
C FMT KA . -10.81 39.84 67.69
O1 FMT KA . -9.98 38.93 67.87
O2 FMT KA . -10.61 40.97 67.25
C FMT LA . -28.28 -9.81 50.89
O1 FMT LA . -28.92 -9.11 51.61
O2 FMT LA . -28.76 -10.92 50.41
C FMT MA . -1.30 26.13 43.79
O1 FMT MA . -0.41 26.35 43.04
O2 FMT MA . -1.83 24.95 43.91
C FMT NA . -30.22 -11.58 54.85
O1 FMT NA . -29.58 -10.57 54.70
O2 FMT NA . -30.14 -12.50 53.93
C FMT OA . -31.07 15.05 54.32
O1 FMT OA . -30.90 16.15 54.82
O2 FMT OA . -32.27 14.70 53.89
S1 TD6 PA . 40.27 -40.67 -39.30
C2 TD6 PA . 39.93 -39.51 -38.39
N3 TD6 PA . 38.76 -39.79 -37.69
C4 TD6 PA . 38.31 -41.18 -38.15
C5 TD6 PA . 39.22 -41.72 -39.10
C6 TD6 PA . 39.09 -43.07 -39.78
C7 TD6 PA . 38.52 -42.97 -41.18
O7 TD6 PA . 38.27 -44.25 -41.70
PA TD6 PA . 38.50 -44.62 -43.24
PB TD6 PA . 41.38 -45.09 -42.95
N1' TD6 PA . 34.48 -38.07 -37.43
C11 TD6 PA . 40.70 -38.21 -38.21
C13 TD6 PA . 41.48 -37.69 -40.82
O1A TD6 PA . 37.76 -43.79 -44.08
O1B TD6 PA . 41.81 -44.46 -41.73
C2' TD6 PA . 34.60 -37.29 -38.53
O2A TD6 PA . 38.18 -45.93 -43.47
O2B TD6 PA . 42.43 -45.15 -43.88
N3' TD6 PA . 35.82 -37.04 -39.05
O3A TD6 PA . 40.03 -44.44 -43.59
O3B TD6 PA . 41.31 -46.47 -42.69
C4' TD6 PA . 36.87 -37.56 -38.49
N4' TD6 PA . 38.10 -37.26 -39.04
C5' TD6 PA . 36.77 -38.34 -37.36
C6' TD6 PA . 35.54 -38.59 -36.86
C7' TD6 PA . 38.05 -38.95 -36.72
OL1 TD6 PA . 41.78 -38.40 -37.36
OL2 TD6 PA . 43.28 -36.14 -40.42
OL3 TD6 PA . 43.02 -36.70 -42.41
CLB TD6 PA . 40.96 -37.29 -39.43
CLC TD6 PA . 42.66 -36.80 -41.25
CM2 TD6 PA . 33.40 -36.72 -39.22
CM4 TD6 PA . 37.06 -41.83 -37.62
MN MN QA . 39.60 -47.79 -43.60
C FMT RA . 43.49 -19.85 -52.96
O1 FMT RA . 44.64 -20.11 -53.36
O2 FMT RA . 43.05 -20.15 -51.84
C FMT SA . 11.70 -26.79 -51.84
O1 FMT SA . 11.33 -27.89 -52.16
O2 FMT SA . 12.85 -26.52 -51.30
C1 GOL TA . 19.28 -11.55 -66.20
O1 GOL TA . 20.51 -12.09 -65.80
C2 GOL TA . 18.46 -11.00 -65.04
O2 GOL TA . 17.88 -12.04 -64.29
C3 GOL TA . 19.19 -9.95 -64.18
O3 GOL TA . 19.57 -8.76 -64.87
S1 TD6 UA . -31.22 20.76 58.06
C2 TD6 UA . -31.09 20.03 56.75
N3 TD6 UA . -29.78 19.91 56.37
C4 TD6 UA . -29.00 20.60 57.49
C5 TD6 UA . -29.88 21.06 58.53
C6 TD6 UA . -29.51 21.81 59.81
C7 TD6 UA . -29.99 23.22 59.93
O7 TD6 UA . -29.41 23.80 61.06
PA TD6 UA . -29.89 25.14 61.76
PB TD6 UA . -31.88 23.76 63.27
N1' TD6 UA . -27.07 21.56 53.10
C11 TD6 UA . -32.18 19.47 55.91
C13 TD6 UA . -34.11 21.01 55.72
O1A TD6 UA . -29.90 26.26 60.97
O1B TD6 UA . -31.59 22.44 62.81
C2' TD6 UA . -27.94 22.42 52.57
O2A TD6 UA . -28.94 25.33 62.72
O2B TD6 UA . -33.23 23.98 63.43
N3' TD6 UA . -29.26 22.28 52.85
O3A TD6 UA . -31.40 24.86 62.24
O3B TD6 UA . -31.31 23.72 64.57
C4' TD6 UA . -29.68 21.34 53.62
N4' TD6 UA . -31.06 21.30 53.78
C5' TD6 UA . -28.79 20.43 54.18
C6' TD6 UA . -27.46 20.58 53.90
C7' TD6 UA . -29.27 19.31 55.12
OL1 TD6 UA . -32.01 18.16 56.23
OL2 TD6 UA . -36.16 19.90 55.17
OL3 TD6 UA . -36.30 21.73 56.19
CLB TD6 UA . -33.53 19.80 56.42
CLC TD6 UA . -35.61 20.88 55.70
CM2 TD6 UA . -27.53 23.55 51.65
CM4 TD6 UA . -27.51 20.71 57.49
MN MN VA . -29.54 25.24 65.03
C FMT WA . -13.00 37.71 34.17
O1 FMT WA . -13.12 38.25 33.08
O2 FMT WA . -13.72 38.14 35.20
#